data_6X1T
#
_entry.id   6X1T
#
_cell.length_a   89.822
_cell.length_b   199.666
_cell.length_c   204.927
_cell.angle_alpha   90.000
_cell.angle_beta   90.000
_cell.angle_gamma   90.000
#
_symmetry.space_group_name_H-M   'P 21 21 21'
#
loop_
_entity.id
_entity.type
_entity.pdbx_description
1 polymer 'SC50-3 Heavy chain'
2 polymer 'SC50-3 Light chain'
3 polymer 'NM23-1-pTza peptide'
4 branched 2-acetamido-2-deoxy-beta-D-glucopyranose-(1-4)-2-acetamido-2-deoxy-beta-D-glucopyranose
5 branched 2-acetamido-2-deoxy-beta-D-glucopyranose-(1-4)-[alpha-L-fucopyranose-(1-6)]2-acetamido-2-deoxy-beta-D-glucopyranose
6 non-polymer 'SULFATE ION'
7 non-polymer 2-acetamido-2-deoxy-beta-D-glucopyranose
8 water water
#
loop_
_entity_poly.entity_id
_entity_poly.type
_entity_poly.pdbx_seq_one_letter_code
_entity_poly.pdbx_strand_id
1 'polypeptide(L)'
;QSVKESEGGLFKPTDTLTLTCTASGFSLNGYGVIWVRQAPGKGLEWIGSAGAYGRIYYPNWARSRATITRNTNLNTVSLK
MTSLTAADTATYFCARRTNVSTSVGFDSWGPGTLVTVSSSSGQPKAPSVFPLAPCCGDTPSSTVTLGCLVKGYLPEPVTV
TWNSGTLTNGVRTFPSVRQSSGLYSLSSVVSVTSSSQPVTCNVAHPATNTKVDKTVAPSTCSHHHHHH
;
H,A,C,E,G,J
2 'polypeptide(L)'
;DMTQTPSSKSVPVGDTVTINCQASESVYSNNRLSWFQQKPGQPPKLLIYLVSTLASGVPSRFKGSGSGTQFTLTISDVVC
DDAATYYCVGYKSSTTDGLAFGGGTEVVVKGDPVAPTVLIFPPAADQVATGTVTIVCVANKYFPDVTVTWEVDGTTQTTG
IENSKTPQNSADCTYNLSSTLTLTSTQYNSHKEYTCKVTQGTTSVVQSFNRGDC
;
L,B,D,F,I,K
3 'polypeptide(L)' RNII(UKY)GSDS M,N,O,P,Q,R
#
# COMPACT_ATOMS: atom_id res chain seq x y z
N GLN A 1 31.44 21.85 -3.46
CA GLN A 1 31.55 22.78 -4.59
C GLN A 1 30.47 22.47 -5.64
N SER A 2 29.26 22.19 -5.18
CA SER A 2 28.17 21.79 -6.05
C SER A 2 26.89 22.48 -5.60
N VAL A 3 25.98 22.68 -6.56
CA VAL A 3 24.66 23.22 -6.28
C VAL A 3 23.62 22.14 -6.52
N LYS A 4 22.46 22.31 -5.88
CA LYS A 4 21.41 21.32 -5.95
C LYS A 4 20.06 22.01 -5.90
N GLU A 5 19.13 21.54 -6.73
CA GLU A 5 17.75 22.01 -6.69
C GLU A 5 16.94 21.20 -5.68
N SER A 6 15.97 21.87 -5.05
CA SER A 6 15.11 21.18 -4.11
C SER A 6 14.12 20.28 -4.87
N GLU A 7 13.28 19.59 -4.11
CA GLU A 7 12.43 18.57 -4.70
C GLU A 7 11.31 19.19 -5.55
N GLY A 8 11.08 18.57 -6.71
CA GLY A 8 9.96 18.93 -7.56
C GLY A 8 8.80 18.00 -7.27
N GLY A 9 8.39 17.21 -8.27
CA GLY A 9 7.38 16.20 -8.05
C GLY A 9 6.13 16.46 -8.86
N LEU A 10 5.00 16.04 -8.32
CA LEU A 10 3.73 15.99 -9.03
C LEU A 10 2.89 17.20 -8.68
N PHE A 11 2.39 17.89 -9.71
CA PHE A 11 1.59 19.09 -9.54
C PHE A 11 0.36 19.01 -10.43
N LYS A 12 -0.71 19.61 -9.98
CA LYS A 12 -1.87 19.77 -10.85
C LYS A 12 -1.78 21.09 -11.60
N PRO A 13 -2.43 21.19 -12.75
CA PRO A 13 -2.54 22.49 -13.42
C PRO A 13 -3.26 23.47 -12.51
N THR A 14 -2.66 24.66 -12.33
CA THR A 14 -3.08 25.83 -11.55
C THR A 14 -2.29 25.90 -10.24
N ASP A 15 -1.47 24.89 -9.97
CA ASP A 15 -0.64 24.89 -8.77
C ASP A 15 0.50 25.91 -8.90
N THR A 16 1.20 26.13 -7.78
CA THR A 16 2.38 26.96 -7.73
C THR A 16 3.61 26.10 -7.47
N LEU A 17 4.64 26.28 -8.30
CA LEU A 17 5.93 25.62 -8.13
C LEU A 17 6.89 26.50 -7.34
N THR A 18 7.51 25.92 -6.32
CA THR A 18 8.52 26.61 -5.53
C THR A 18 9.77 25.74 -5.46
N LEU A 19 10.90 26.28 -5.89
CA LEU A 19 12.18 25.57 -5.93
C LEU A 19 13.26 26.41 -5.27
N THR A 20 14.18 25.73 -4.58
CA THR A 20 15.29 26.39 -3.90
C THR A 20 16.61 25.83 -4.44
N CYS A 21 17.53 26.73 -4.77
CA CYS A 21 18.88 26.37 -5.18
C CYS A 21 19.81 26.50 -3.98
N THR A 22 20.40 25.38 -3.56
CA THR A 22 21.30 25.33 -2.41
C THR A 22 22.70 24.96 -2.85
N ALA A 23 23.69 25.51 -2.16
CA ALA A 23 25.09 25.25 -2.45
C ALA A 23 25.72 24.44 -1.32
N SER A 24 26.70 23.63 -1.68
CA SER A 24 27.49 22.86 -0.72
C SER A 24 28.94 22.89 -1.15
N GLY A 25 29.81 23.40 -0.27
CA GLY A 25 31.23 23.46 -0.53
C GLY A 25 31.72 24.80 -1.03
N PHE A 26 30.81 25.72 -1.34
CA PHE A 26 31.15 27.11 -1.64
C PHE A 26 29.88 27.93 -1.42
N SER A 27 29.95 29.22 -1.77
CA SER A 27 28.86 30.14 -1.50
C SER A 27 28.13 30.53 -2.78
N LEU A 28 26.85 30.85 -2.63
CA LEU A 28 26.08 31.48 -3.69
C LEU A 28 26.06 32.99 -3.58
N ASN A 29 26.23 33.52 -2.36
CA ASN A 29 26.29 34.96 -2.15
C ASN A 29 27.46 35.57 -2.93
N GLY A 30 27.15 36.57 -3.74
CA GLY A 30 28.16 37.25 -4.53
C GLY A 30 28.44 36.62 -5.88
N TYR A 31 27.74 35.54 -6.22
CA TYR A 31 27.92 34.86 -7.50
C TYR A 31 26.58 34.80 -8.23
N GLY A 32 26.64 34.96 -9.55
CA GLY A 32 25.44 34.85 -10.35
C GLY A 32 24.83 33.45 -10.26
N VAL A 33 23.51 33.41 -10.24
CA VAL A 33 22.75 32.16 -10.21
C VAL A 33 21.66 32.25 -11.25
N ILE A 34 21.50 31.19 -12.04
CA ILE A 34 20.54 31.17 -13.15
C ILE A 34 19.60 29.99 -12.96
N TRP A 35 18.38 30.14 -13.48
CA TRP A 35 17.37 29.08 -13.48
C TRP A 35 17.07 28.73 -14.94
N VAL A 36 17.24 27.46 -15.29
CA VAL A 36 16.96 26.97 -16.63
C VAL A 36 16.13 25.70 -16.52
N ARG A 37 15.25 25.49 -17.49
CA ARG A 37 14.43 24.28 -17.55
C ARG A 37 14.54 23.66 -18.94
N GLN A 38 14.08 22.41 -19.05
CA GLN A 38 14.19 21.67 -20.29
C GLN A 38 12.99 20.72 -20.38
N ALA A 39 12.01 21.08 -21.20
CA ALA A 39 10.89 20.18 -21.47
C ALA A 39 11.37 18.95 -22.22
N PRO A 40 10.66 17.83 -22.10
CA PRO A 40 11.11 16.59 -22.73
C PRO A 40 11.36 16.76 -24.23
N GLY A 41 12.58 16.42 -24.64
CA GLY A 41 12.97 16.53 -26.04
C GLY A 41 12.99 17.94 -26.60
N LYS A 42 13.28 18.94 -25.75
CA LYS A 42 13.34 20.32 -26.20
C LYS A 42 14.64 20.95 -25.68
N GLY A 43 14.88 22.19 -26.08
CA GLY A 43 16.10 22.88 -25.72
C GLY A 43 16.06 23.50 -24.35
N LEU A 44 17.23 23.90 -23.87
CA LEU A 44 17.32 24.64 -22.62
C LEU A 44 16.60 25.97 -22.75
N GLU A 45 15.85 26.33 -21.71
CA GLU A 45 15.05 27.56 -21.72
C GLU A 45 15.35 28.37 -20.47
N TRP A 46 15.83 29.59 -20.67
CA TRP A 46 16.10 30.51 -19.57
C TRP A 46 14.81 30.89 -18.84
N ILE A 47 14.83 30.80 -17.52
CA ILE A 47 13.71 31.23 -16.69
C ILE A 47 13.98 32.57 -16.03
N GLY A 48 15.21 32.79 -15.59
CA GLY A 48 15.57 34.05 -14.97
C GLY A 48 16.90 33.91 -14.27
N SER A 49 17.45 35.06 -13.89
CA SER A 49 18.79 35.12 -13.32
C SER A 49 18.81 35.97 -12.06
N ALA A 50 19.61 35.54 -11.09
CA ALA A 50 19.90 36.33 -9.90
C ALA A 50 21.31 36.90 -10.05
N GLY A 51 21.38 38.20 -10.33
CA GLY A 51 22.68 38.82 -10.53
C GLY A 51 23.55 38.73 -9.30
N ALA A 52 24.87 38.71 -9.52
CA ALA A 52 25.81 38.62 -8.42
C ALA A 52 25.76 39.84 -7.51
N TYR A 53 25.26 40.97 -8.01
CA TYR A 53 25.23 42.21 -7.22
C TYR A 53 23.81 42.72 -6.99
N GLY A 54 22.82 41.84 -7.02
CA GLY A 54 21.49 42.12 -6.51
C GLY A 54 20.40 42.22 -7.55
N ARG A 55 20.73 42.50 -8.81
CA ARG A 55 19.69 42.64 -9.83
C ARG A 55 19.10 41.29 -10.21
N ILE A 56 17.79 41.27 -10.37
CA ILE A 56 17.05 40.09 -10.82
C ILE A 56 16.47 40.42 -12.19
N TYR A 57 16.75 39.59 -13.18
CA TYR A 57 16.26 39.83 -14.53
C TYR A 57 15.72 38.54 -15.14
N TYR A 58 14.71 38.69 -15.99
CA TYR A 58 13.93 37.60 -16.54
C TYR A 58 13.85 37.73 -18.05
N PRO A 59 13.52 36.64 -18.76
CA PRO A 59 12.93 36.77 -20.09
C PRO A 59 11.50 37.24 -19.97
N ASN A 60 11.00 37.85 -21.06
CA ASN A 60 9.70 38.49 -21.01
C ASN A 60 8.58 37.52 -20.66
N TRP A 61 8.62 36.30 -21.23
CA TRP A 61 7.57 35.33 -20.96
C TRP A 61 7.44 35.01 -19.47
N ALA A 62 8.55 35.06 -18.73
CA ALA A 62 8.56 34.64 -17.34
C ALA A 62 8.28 35.76 -16.37
N ARG A 63 8.39 37.02 -16.80
CA ARG A 63 8.33 38.14 -15.86
C ARG A 63 6.99 38.22 -15.14
N SER A 64 5.91 37.77 -15.78
CA SER A 64 4.60 37.85 -15.14
C SER A 64 4.37 36.71 -14.15
N ARG A 65 4.84 35.51 -14.43
CA ARG A 65 4.49 34.34 -13.65
C ARG A 65 5.63 33.75 -12.83
N ALA A 66 6.86 34.25 -13.00
CA ALA A 66 8.00 33.79 -12.22
C ALA A 66 8.57 34.94 -11.41
N THR A 67 8.98 34.64 -10.18
CA THR A 67 9.71 35.57 -9.34
C THR A 67 10.88 34.84 -8.69
N ILE A 68 12.07 35.46 -8.73
CA ILE A 68 13.30 34.84 -8.25
C ILE A 68 13.85 35.70 -7.12
N THR A 69 14.21 35.05 -6.01
CA THR A 69 14.58 35.74 -4.78
C THR A 69 15.87 35.15 -4.21
N ARG A 70 16.75 36.02 -3.75
CA ARG A 70 17.98 35.62 -3.08
C ARG A 70 17.83 35.73 -1.58
N ASN A 71 18.36 34.73 -0.86
CA ASN A 71 18.43 34.74 0.60
C ASN A 71 19.91 34.63 0.98
N THR A 72 20.55 35.76 1.26
CA THR A 72 21.95 35.75 1.63
C THR A 72 22.18 35.20 3.03
N ASN A 73 21.15 35.19 3.88
CA ASN A 73 21.28 34.58 5.20
C ASN A 73 21.48 33.08 5.08
N LEU A 74 20.67 32.41 4.24
CA LEU A 74 20.71 30.98 4.09
C LEU A 74 21.56 30.52 2.90
N ASN A 75 22.11 31.47 2.14
CA ASN A 75 23.00 31.17 1.01
C ASN A 75 22.25 30.40 -0.07
N THR A 76 21.03 30.84 -0.38
CA THR A 76 20.17 30.18 -1.35
C THR A 76 19.62 31.18 -2.35
N VAL A 77 19.10 30.64 -3.46
CA VAL A 77 18.35 31.39 -4.45
C VAL A 77 17.11 30.57 -4.80
N SER A 78 15.94 31.21 -4.84
CA SER A 78 14.69 30.51 -4.99
C SER A 78 13.96 30.95 -6.24
N LEU A 79 13.08 30.07 -6.73
CA LEU A 79 12.25 30.32 -7.89
C LEU A 79 10.81 29.96 -7.56
N LYS A 80 9.88 30.87 -7.84
CA LYS A 80 8.46 30.63 -7.66
C LYS A 80 7.74 30.89 -8.98
N MET A 81 6.91 29.93 -9.40
CA MET A 81 6.17 30.02 -10.65
C MET A 81 4.70 29.70 -10.39
N THR A 82 3.81 30.55 -10.90
CA THR A 82 2.38 30.42 -10.69
C THR A 82 1.69 29.96 -11.97
N SER A 83 0.42 29.57 -11.82
CA SER A 83 -0.44 29.11 -12.91
C SER A 83 0.26 28.06 -13.77
N LEU A 84 0.57 26.93 -13.14
CA LEU A 84 1.23 25.83 -13.83
C LEU A 84 0.30 25.20 -14.86
N THR A 85 0.89 24.75 -15.97
CA THR A 85 0.21 23.93 -16.96
C THR A 85 1.06 22.70 -17.27
N ALA A 86 0.46 21.74 -17.97
CA ALA A 86 1.20 20.58 -18.45
C ALA A 86 2.46 20.98 -19.23
N ALA A 87 2.43 22.16 -19.86
CA ALA A 87 3.59 22.62 -20.61
C ALA A 87 4.77 22.96 -19.72
N ASP A 88 4.55 23.11 -18.41
CA ASP A 88 5.62 23.39 -17.47
C ASP A 88 6.32 22.12 -16.99
N THR A 89 5.84 20.95 -17.41
CA THR A 89 6.54 19.70 -17.14
C THR A 89 7.92 19.74 -17.80
N ALA A 90 8.96 19.60 -16.98
CA ALA A 90 10.33 19.73 -17.46
C ALA A 90 11.28 19.37 -16.33
N THR A 91 12.56 19.24 -16.68
CA THR A 91 13.64 19.23 -15.71
C THR A 91 14.05 20.66 -15.43
N TYR A 92 14.17 21.02 -14.16
CA TYR A 92 14.54 22.37 -13.77
C TYR A 92 15.95 22.36 -13.18
N PHE A 93 16.79 23.26 -13.67
CA PHE A 93 18.18 23.37 -13.26
C PHE A 93 18.44 24.73 -12.63
N CYS A 94 19.34 24.75 -11.66
CA CYS A 94 19.99 25.99 -11.24
C CYS A 94 21.48 25.83 -11.42
N ALA A 95 22.17 26.96 -11.63
CA ALA A 95 23.60 26.92 -11.89
C ALA A 95 24.25 28.17 -11.31
N ARG A 96 25.53 28.03 -10.98
CA ARG A 96 26.33 29.10 -10.39
C ARG A 96 27.44 29.50 -11.35
N ARG A 97 27.74 30.78 -11.39
CA ARG A 97 28.78 31.34 -12.24
C ARG A 97 29.92 31.82 -11.36
N THR A 98 31.11 31.20 -11.53
CA THR A 98 32.24 31.55 -10.68
C THR A 98 32.70 32.99 -10.89
N ASN A 99 32.78 33.44 -12.14
CA ASN A 99 33.35 34.75 -12.47
C ASN A 99 32.28 35.63 -13.09
N VAL A 100 32.07 36.81 -12.49
CA VAL A 100 31.17 37.79 -13.09
C VAL A 100 31.70 38.28 -14.43
N SER A 101 33.02 38.26 -14.61
CA SER A 101 33.63 38.78 -15.83
C SER A 101 33.24 37.96 -17.06
N THR A 102 32.73 36.75 -16.89
CA THR A 102 32.27 35.93 -18.01
C THR A 102 30.82 36.19 -18.36
N SER A 103 30.03 36.72 -17.43
CA SER A 103 28.61 37.03 -17.60
C SER A 103 27.75 35.78 -17.70
N VAL A 104 28.11 34.83 -18.57
CA VAL A 104 27.30 33.64 -18.77
C VAL A 104 28.18 32.38 -18.71
N GLY A 105 29.35 32.50 -18.12
CA GLY A 105 30.20 31.35 -17.91
C GLY A 105 29.73 30.50 -16.75
N PHE A 106 28.53 29.92 -16.87
CA PHE A 106 27.92 29.23 -15.75
C PHE A 106 28.58 27.87 -15.55
N ASP A 107 29.14 27.69 -14.36
CA ASP A 107 30.23 26.78 -14.04
C ASP A 107 29.73 25.51 -13.36
N SER A 108 28.94 25.63 -12.30
CA SER A 108 28.49 24.50 -11.50
C SER A 108 26.99 24.36 -11.67
N TRP A 109 26.56 23.23 -12.23
CA TRP A 109 25.16 22.96 -12.50
C TRP A 109 24.64 21.91 -11.54
N GLY A 110 23.39 22.07 -11.12
CA GLY A 110 22.74 21.07 -10.31
C GLY A 110 22.34 19.87 -11.17
N PRO A 111 22.03 18.75 -10.52
CA PRO A 111 21.63 17.56 -11.29
C PRO A 111 20.28 17.72 -11.95
N GLY A 112 19.49 18.71 -11.55
CA GLY A 112 18.17 18.91 -12.12
C GLY A 112 17.11 18.24 -11.28
N THR A 113 15.94 18.86 -11.20
CA THR A 113 14.82 18.30 -10.47
C THR A 113 13.64 18.17 -11.41
N LEU A 114 12.92 17.06 -11.29
CA LEU A 114 11.87 16.72 -12.24
C LEU A 114 10.54 17.25 -11.73
N VAL A 115 9.84 17.97 -12.59
CA VAL A 115 8.55 18.55 -12.25
C VAL A 115 7.55 18.00 -13.26
N THR A 116 6.55 17.29 -12.77
CA THR A 116 5.48 16.79 -13.61
C THR A 116 4.19 17.50 -13.25
N VAL A 117 3.63 18.22 -14.20
CA VAL A 117 2.32 18.83 -14.06
C VAL A 117 1.39 17.96 -14.88
N SER A 118 0.53 17.20 -14.23
CA SER A 118 -0.24 16.18 -14.92
C SER A 118 -1.65 16.68 -15.15
N SER A 119 -2.06 16.67 -16.42
CA SER A 119 -3.44 16.93 -16.80
C SER A 119 -4.33 15.75 -16.44
N SER A 120 -3.77 14.54 -16.45
CA SER A 120 -4.49 13.31 -16.14
C SER A 120 -4.05 12.75 -14.79
N SER A 121 -4.83 13.04 -13.75
CA SER A 121 -4.62 12.59 -12.37
C SER A 121 -3.44 13.27 -11.66
N GLY A 122 -3.73 13.94 -10.56
CA GLY A 122 -2.76 14.51 -9.66
C GLY A 122 -2.35 13.60 -8.51
N GLN A 123 -2.77 12.30 -8.54
CA GLN A 123 -2.49 11.43 -7.40
C GLN A 123 -1.29 10.55 -7.66
N PRO A 124 -0.36 10.45 -6.73
CA PRO A 124 0.82 9.59 -6.93
C PRO A 124 0.46 8.11 -6.98
N LYS A 125 1.37 7.33 -7.54
CA LYS A 125 1.16 5.90 -7.71
C LYS A 125 2.49 5.16 -7.61
N ALA A 126 2.53 4.14 -6.76
CA ALA A 126 3.73 3.32 -6.65
C ALA A 126 3.81 2.36 -7.84
N PRO A 127 5.02 2.03 -8.30
CA PRO A 127 5.14 1.16 -9.47
C PRO A 127 4.90 -0.30 -9.15
N SER A 128 4.35 -1.00 -10.14
CA SER A 128 4.42 -2.46 -10.21
C SER A 128 5.66 -2.86 -10.99
N VAL A 129 6.33 -3.91 -10.51
CA VAL A 129 7.57 -4.40 -11.12
C VAL A 129 7.32 -5.82 -11.60
N PHE A 130 7.54 -6.05 -12.90
CA PHE A 130 7.31 -7.34 -13.53
C PHE A 130 8.59 -7.86 -14.16
N PRO A 131 8.92 -9.13 -13.96
CA PRO A 131 10.15 -9.68 -14.56
C PRO A 131 10.07 -9.78 -16.08
N LEU A 132 11.22 -9.57 -16.72
CA LEU A 132 11.38 -9.74 -18.16
C LEU A 132 12.31 -10.94 -18.38
N ALA A 133 11.76 -12.01 -18.96
CA ALA A 133 12.50 -13.22 -19.25
C ALA A 133 12.11 -13.76 -20.61
N PRO A 134 13.03 -14.39 -21.33
CA PRO A 134 12.67 -15.00 -22.61
C PRO A 134 11.63 -16.10 -22.43
N CYS A 135 10.79 -16.27 -23.45
CA CYS A 135 9.80 -17.33 -23.49
C CYS A 135 10.38 -18.65 -23.01
N CYS A 136 9.64 -19.32 -22.12
CA CYS A 136 10.12 -20.57 -21.55
C CYS A 136 10.33 -21.64 -22.62
N GLY A 137 9.60 -21.56 -23.72
CA GLY A 137 9.76 -22.51 -24.80
C GLY A 137 11.04 -22.35 -25.60
N ASP A 138 11.73 -21.23 -25.45
CA ASP A 138 12.94 -20.98 -26.21
C ASP A 138 14.07 -21.90 -25.75
N THR A 139 14.92 -22.26 -26.69
CA THR A 139 16.11 -23.05 -26.37
C THR A 139 17.11 -22.17 -25.63
N PRO A 140 17.66 -22.62 -24.51
CA PRO A 140 18.63 -21.80 -23.78
C PRO A 140 19.94 -21.72 -24.54
N SER A 141 20.68 -20.63 -24.29
CA SER A 141 21.99 -20.41 -24.88
C SER A 141 22.99 -20.09 -23.78
N SER A 142 24.24 -19.82 -24.18
CA SER A 142 25.28 -19.48 -23.21
C SER A 142 25.07 -18.10 -22.60
N THR A 143 24.38 -17.21 -23.29
CA THR A 143 24.11 -15.87 -22.80
C THR A 143 22.61 -15.65 -22.71
N VAL A 144 22.20 -14.83 -21.76
CA VAL A 144 20.78 -14.56 -21.55
C VAL A 144 20.61 -13.13 -21.05
N THR A 145 19.59 -12.46 -21.56
CA THR A 145 19.22 -11.11 -21.14
C THR A 145 17.93 -11.17 -20.32
N LEU A 146 18.00 -10.74 -19.07
CA LEU A 146 16.84 -10.64 -18.19
C LEU A 146 16.60 -9.19 -17.84
N GLY A 147 15.42 -8.89 -17.33
CA GLY A 147 15.13 -7.52 -16.97
C GLY A 147 13.91 -7.39 -16.09
N CYS A 148 13.55 -6.13 -15.81
CA CYS A 148 12.38 -5.78 -15.02
CA CYS A 148 12.35 -5.83 -15.06
C CYS A 148 11.64 -4.64 -15.68
N LEU A 149 10.32 -4.73 -15.77
CA LEU A 149 9.46 -3.66 -16.26
C LEU A 149 8.87 -2.94 -15.06
N VAL A 150 9.14 -1.64 -14.97
CA VAL A 150 8.66 -0.82 -13.87
C VAL A 150 7.48 -0.01 -14.42
N LYS A 151 6.26 -0.47 -14.13
CA LYS A 151 5.07 0.01 -14.81
C LYS A 151 4.15 0.78 -13.88
N GLY A 152 3.58 1.87 -14.39
CA GLY A 152 2.45 2.52 -13.76
C GLY A 152 2.76 3.34 -12.53
N TYR A 153 3.82 4.15 -12.57
CA TYR A 153 4.18 4.99 -11.44
C TYR A 153 4.00 6.46 -11.78
N LEU A 154 3.85 7.27 -10.74
CA LEU A 154 3.66 8.71 -10.86
C LEU A 154 3.97 9.35 -9.51
N PRO A 155 4.76 10.44 -9.48
CA PRO A 155 5.44 11.00 -10.65
C PRO A 155 6.80 10.35 -10.89
N GLU A 156 7.60 10.96 -11.76
CA GLU A 156 8.96 10.53 -11.97
C GLU A 156 9.85 10.99 -10.81
N PRO A 157 11.02 10.37 -10.62
CA PRO A 157 11.59 9.23 -11.35
C PRO A 157 11.53 7.91 -10.58
N VAL A 158 11.97 6.83 -11.22
CA VAL A 158 12.41 5.63 -10.52
C VAL A 158 13.88 5.40 -10.87
N THR A 159 14.60 4.78 -9.94
CA THR A 159 15.98 4.35 -10.18
C THR A 159 16.06 2.83 -10.11
N VAL A 160 16.91 2.25 -10.94
CA VAL A 160 17.09 0.80 -11.02
C VAL A 160 18.56 0.46 -10.86
N THR A 161 18.86 -0.46 -9.94
CA THR A 161 20.16 -1.12 -9.87
C THR A 161 19.93 -2.63 -9.98
N TRP A 162 21.03 -3.36 -10.11
CA TRP A 162 20.98 -4.82 -10.23
C TRP A 162 21.90 -5.45 -9.21
N ASN A 163 21.35 -6.38 -8.42
CA ASN A 163 22.11 -7.09 -7.38
C ASN A 163 22.79 -6.11 -6.42
N SER A 164 22.04 -5.09 -6.00
CA SER A 164 22.50 -4.08 -5.05
C SER A 164 23.75 -3.37 -5.53
N GLY A 165 23.86 -3.17 -6.84
CA GLY A 165 24.97 -2.43 -7.40
C GLY A 165 26.21 -3.24 -7.72
N THR A 166 26.20 -4.55 -7.45
CA THR A 166 27.34 -5.39 -7.79
C THR A 166 27.34 -5.82 -9.26
N LEU A 167 26.19 -5.73 -9.93
CA LEU A 167 26.06 -6.06 -11.34
C LEU A 167 25.80 -4.76 -12.09
N THR A 168 26.77 -4.31 -12.88
CA THR A 168 26.67 -3.00 -13.50
C THR A 168 26.93 -3.04 -15.01
N ASN A 169 27.82 -3.93 -15.44
CA ASN A 169 28.19 -4.02 -16.84
C ASN A 169 27.14 -4.79 -17.63
N GLY A 170 26.90 -4.35 -18.86
CA GLY A 170 25.86 -4.96 -19.67
C GLY A 170 24.46 -4.60 -19.22
N VAL A 171 24.31 -3.51 -18.48
CA VAL A 171 23.02 -3.04 -17.99
C VAL A 171 22.56 -1.91 -18.89
N ARG A 172 21.34 -2.02 -19.41
CA ARG A 172 20.75 -1.00 -20.27
CA ARG A 172 20.74 -1.00 -20.27
C ARG A 172 19.42 -0.57 -19.65
N THR A 173 19.40 0.61 -19.05
CA THR A 173 18.21 1.17 -18.44
C THR A 173 17.68 2.29 -19.34
N PHE A 174 16.49 2.09 -19.87
CA PHE A 174 15.87 2.92 -20.88
C PHE A 174 15.13 4.11 -20.26
N PRO A 175 15.05 5.22 -21.00
CA PRO A 175 14.22 6.35 -20.56
C PRO A 175 12.76 5.96 -20.41
N SER A 176 12.07 6.66 -19.52
CA SER A 176 10.66 6.39 -19.25
C SER A 176 9.79 6.80 -20.43
N VAL A 177 8.62 6.15 -20.52
CA VAL A 177 7.54 6.53 -21.43
C VAL A 177 6.28 6.78 -20.61
N ARG A 178 5.41 7.62 -21.14
CA ARG A 178 4.14 7.95 -20.48
C ARG A 178 3.01 7.16 -21.14
N GLN A 179 2.33 6.33 -20.35
CA GLN A 179 1.19 5.59 -20.84
C GLN A 179 0.03 6.52 -21.16
N SER A 180 -1.00 5.97 -21.82
CA SER A 180 -2.18 6.76 -22.15
C SER A 180 -2.90 7.25 -20.91
N SER A 181 -2.88 6.45 -19.83
CA SER A 181 -3.49 6.86 -18.58
C SER A 181 -2.79 8.05 -17.93
N GLY A 182 -1.56 8.34 -18.32
CA GLY A 182 -0.82 9.42 -17.66
C GLY A 182 0.25 8.86 -16.76
N LEU A 183 0.21 7.55 -16.51
CA LEU A 183 1.23 6.87 -15.65
C LEU A 183 2.53 6.74 -16.45
N TYR A 184 3.67 6.64 -15.75
CA TYR A 184 4.99 6.50 -16.41
C TYR A 184 5.43 5.03 -16.35
N SER A 185 6.32 4.64 -17.28
CA SER A 185 6.83 3.24 -17.34
C SER A 185 8.31 3.23 -17.75
N LEU A 186 9.13 2.49 -17.01
CA LEU A 186 10.59 2.40 -17.31
C LEU A 186 10.98 0.91 -17.38
N SER A 187 11.97 0.58 -18.23
CA SER A 187 12.43 -0.82 -18.38
C SER A 187 13.96 -0.89 -18.27
N SER A 188 14.47 -1.97 -17.66
CA SER A 188 15.91 -2.16 -17.49
C SER A 188 16.24 -3.62 -17.76
N VAL A 189 17.27 -3.85 -18.53
CA VAL A 189 17.72 -5.22 -18.84
C VAL A 189 19.18 -5.37 -18.50
N VAL A 190 19.60 -6.60 -18.36
CA VAL A 190 21.00 -6.92 -18.08
C VAL A 190 21.34 -8.26 -18.74
N SER A 191 22.52 -8.32 -19.33
CA SER A 191 22.99 -9.52 -20.01
CA SER A 191 23.00 -9.52 -20.02
C SER A 191 24.02 -10.23 -19.15
N VAL A 192 23.80 -11.52 -18.90
CA VAL A 192 24.70 -12.35 -18.11
C VAL A 192 24.88 -13.68 -18.82
N THR A 193 25.88 -14.43 -18.38
CA THR A 193 26.05 -15.79 -18.88
C THR A 193 25.02 -16.70 -18.23
N SER A 194 24.73 -17.82 -18.90
CA SER A 194 23.70 -18.71 -18.39
C SER A 194 24.12 -19.45 -17.13
N SER A 195 25.40 -19.38 -16.77
CA SER A 195 25.85 -19.90 -15.48
C SER A 195 25.43 -19.01 -14.33
N SER A 196 24.81 -17.87 -14.60
CA SER A 196 24.51 -16.88 -13.58
C SER A 196 23.46 -17.41 -12.60
N GLN A 197 23.58 -16.97 -11.35
CA GLN A 197 22.52 -17.10 -10.38
C GLN A 197 21.36 -16.20 -10.79
N PRO A 198 20.20 -16.33 -10.16
CA PRO A 198 19.11 -15.39 -10.45
C PRO A 198 19.53 -13.95 -10.15
N VAL A 199 19.03 -13.04 -10.97
CA VAL A 199 19.37 -11.62 -10.87
C VAL A 199 18.22 -10.89 -10.20
N THR A 200 18.55 -9.87 -9.41
CA THR A 200 17.57 -9.09 -8.67
C THR A 200 17.69 -7.63 -9.04
N CYS A 201 16.59 -7.04 -9.50
CA CYS A 201 16.54 -5.63 -9.86
CA CYS A 201 16.57 -5.63 -9.85
C CYS A 201 15.99 -4.84 -8.69
N ASN A 202 16.67 -3.76 -8.33
CA ASN A 202 16.30 -2.93 -7.18
C ASN A 202 15.69 -1.64 -7.70
N VAL A 203 14.39 -1.46 -7.45
CA VAL A 203 13.64 -0.32 -7.95
C VAL A 203 13.28 0.59 -6.79
N ALA A 204 13.62 1.87 -6.91
CA ALA A 204 13.29 2.89 -5.92
C ALA A 204 12.35 3.91 -6.55
N HIS A 205 11.24 4.20 -5.86
CA HIS A 205 10.32 5.28 -6.23
C HIS A 205 10.27 6.24 -5.05
N PRO A 206 11.17 7.24 -5.00
CA PRO A 206 11.24 8.13 -3.83
C PRO A 206 9.93 8.84 -3.50
N ALA A 207 9.14 9.20 -4.52
CA ALA A 207 7.92 9.98 -4.26
C ALA A 207 6.91 9.21 -3.42
N THR A 208 6.98 7.88 -3.39
CA THR A 208 6.13 7.06 -2.54
C THR A 208 6.92 6.33 -1.46
N ASN A 209 8.20 6.67 -1.28
CA ASN A 209 9.05 6.05 -0.27
C ASN A 209 9.11 4.53 -0.46
N THR A 210 9.21 4.10 -1.72
CA THR A 210 9.08 2.70 -2.09
C THR A 210 10.39 2.15 -2.63
N LYS A 211 10.74 0.94 -2.19
CA LYS A 211 11.83 0.16 -2.77
C LYS A 211 11.32 -1.26 -3.02
N VAL A 212 11.45 -1.72 -4.25
CA VAL A 212 11.00 -3.06 -4.66
C VAL A 212 12.18 -3.85 -5.19
N ASP A 213 12.36 -5.06 -4.65
CA ASP A 213 13.32 -6.03 -5.19
C ASP A 213 12.56 -7.12 -5.92
N LYS A 214 12.97 -7.39 -7.16
CA LYS A 214 12.39 -8.46 -7.97
C LYS A 214 13.50 -9.37 -8.48
N THR A 215 13.44 -10.64 -8.11
CA THR A 215 14.41 -11.64 -8.57
C THR A 215 13.87 -12.30 -9.83
N VAL A 216 14.65 -12.23 -10.91
CA VAL A 216 14.24 -12.76 -12.21
C VAL A 216 15.03 -14.04 -12.49
N ALA A 217 14.32 -15.14 -12.75
CA ALA A 217 14.89 -16.40 -13.21
C ALA A 217 14.45 -16.73 -14.62
N PRO A 218 15.34 -17.22 -15.48
CA PRO A 218 14.92 -17.69 -16.82
C PRO A 218 13.93 -18.86 -16.72
N SER A 219 12.77 -18.69 -17.34
CA SER A 219 11.76 -19.74 -17.34
C SER A 219 12.17 -20.87 -18.27
N THR A 220 11.80 -22.09 -17.90
CA THR A 220 12.07 -23.28 -18.70
C THR A 220 10.83 -24.14 -18.78
N CYS A 221 10.59 -24.70 -19.97
CA CYS A 221 9.43 -25.55 -20.19
C CYS A 221 9.80 -26.82 -20.94
N ASP B 1 18.05 37.50 -29.31
CA ASP B 1 17.70 36.32 -30.10
C ASP B 1 18.94 35.61 -30.63
N MET B 2 19.14 34.37 -30.18
CA MET B 2 20.24 33.53 -30.65
C MET B 2 19.66 32.46 -31.57
N THR B 3 20.12 32.43 -32.81
CA THR B 3 19.74 31.41 -33.77
C THR B 3 20.91 30.44 -33.95
N GLN B 4 20.64 29.15 -33.75
CA GLN B 4 21.65 28.12 -33.92
C GLN B 4 21.31 27.27 -35.14
N THR B 5 22.26 27.14 -36.05
CA THR B 5 22.11 26.32 -37.24
C THR B 5 23.35 25.44 -37.43
N PRO B 6 23.17 24.20 -37.90
CA PRO B 6 21.85 23.59 -38.08
C PRO B 6 21.30 23.02 -36.78
N SER B 7 20.04 22.59 -36.80
CA SER B 7 19.45 21.95 -35.64
C SER B 7 20.13 20.60 -35.34
N SER B 8 20.60 19.92 -36.38
CA SER B 8 21.19 18.59 -36.21
C SER B 8 22.25 18.39 -37.29
N LYS B 9 23.30 17.67 -36.94
CA LYS B 9 24.38 17.36 -37.88
C LYS B 9 25.03 16.05 -37.49
N SER B 10 25.21 15.17 -38.48
CA SER B 10 25.96 13.93 -38.30
C SER B 10 27.40 14.09 -38.76
N VAL B 11 28.34 13.58 -37.97
CA VAL B 11 29.76 13.71 -38.26
C VAL B 11 30.47 12.38 -38.04
N PRO B 12 31.22 11.90 -39.03
CA PRO B 12 32.01 10.67 -38.82
C PRO B 12 33.04 10.83 -37.71
N VAL B 13 33.31 9.73 -37.01
CA VAL B 13 34.41 9.70 -36.05
C VAL B 13 35.69 10.18 -36.70
N GLY B 14 36.43 11.02 -36.00
CA GLY B 14 37.70 11.54 -36.48
C GLY B 14 37.59 12.80 -37.31
N ASP B 15 36.42 13.08 -37.89
CA ASP B 15 36.23 14.29 -38.67
C ASP B 15 36.09 15.51 -37.76
N THR B 16 35.94 16.68 -38.39
CA THR B 16 35.73 17.93 -37.69
C THR B 16 34.33 18.44 -37.98
N VAL B 17 33.69 19.05 -36.97
CA VAL B 17 32.35 19.59 -37.09
C VAL B 17 32.34 21.02 -36.57
N THR B 18 31.52 21.87 -37.18
CA THR B 18 31.40 23.27 -36.82
C THR B 18 29.94 23.60 -36.51
N ILE B 19 29.71 24.23 -35.37
CA ILE B 19 28.38 24.61 -34.91
C ILE B 19 28.30 26.13 -34.94
N ASN B 20 27.22 26.65 -35.52
CA ASN B 20 27.07 28.08 -35.76
C ASN B 20 26.04 28.68 -34.80
N CYS B 21 26.29 29.93 -34.41
CA CYS B 21 25.46 30.64 -33.46
C CYS B 21 25.29 32.08 -33.93
N GLN B 22 24.05 32.49 -34.21
CA GLN B 22 23.75 33.81 -34.76
C GLN B 22 23.04 34.66 -33.71
N ALA B 23 23.72 35.69 -33.23
CA ALA B 23 23.13 36.65 -32.30
C ALA B 23 22.49 37.78 -33.09
N SER B 24 21.18 37.98 -32.93
CA SER B 24 20.51 39.09 -33.59
C SER B 24 21.12 40.44 -33.21
N GLU B 25 21.68 40.54 -32.00
CA GLU B 25 22.37 41.75 -31.56
C GLU B 25 23.69 41.34 -30.92
N SER B 26 24.73 42.13 -31.19
CA SER B 26 26.05 41.87 -30.64
C SER B 26 26.01 41.74 -29.13
N VAL B 27 26.68 40.71 -28.60
CA VAL B 27 26.78 40.55 -27.16
C VAL B 27 27.64 41.68 -26.57
N TYR B 28 27.47 41.89 -25.27
CA TYR B 28 28.19 42.97 -24.60
C TYR B 28 29.69 42.79 -24.73
N SER B 29 30.38 43.90 -25.05
CA SER B 29 31.84 43.95 -25.20
C SER B 29 32.34 43.01 -26.28
N ASN B 30 31.45 42.49 -27.13
CA ASN B 30 31.75 41.60 -28.23
C ASN B 30 32.28 40.24 -27.77
N ASN B 31 32.18 39.91 -26.49
CA ASN B 31 32.77 38.68 -26.00
C ASN B 31 31.97 37.92 -24.94
N ARG B 32 30.76 38.37 -24.59
CA ARG B 32 29.98 37.68 -23.56
C ARG B 32 29.20 36.54 -24.22
N LEU B 33 29.91 35.43 -24.45
CA LEU B 33 29.37 34.30 -25.20
C LEU B 33 29.98 33.02 -24.64
N SER B 34 29.13 32.08 -24.24
CA SER B 34 29.59 30.80 -23.69
C SER B 34 29.00 29.64 -24.49
N TRP B 35 29.73 28.52 -24.49
CA TRP B 35 29.30 27.29 -25.14
C TRP B 35 29.09 26.19 -24.11
N PHE B 36 28.06 25.37 -24.32
CA PHE B 36 27.70 24.31 -23.39
C PHE B 36 27.48 23.00 -24.12
N GLN B 37 27.83 21.90 -23.45
CA GLN B 37 27.58 20.55 -23.92
C GLN B 37 26.58 19.88 -22.97
N GLN B 38 25.50 19.33 -23.53
CA GLN B 38 24.53 18.58 -22.75
C GLN B 38 24.22 17.25 -23.42
N LYS B 39 24.44 16.15 -22.69
CA LYS B 39 24.00 14.82 -23.05
C LYS B 39 22.64 14.52 -22.41
N PRO B 40 21.78 13.77 -23.09
CA PRO B 40 20.43 13.53 -22.55
C PRO B 40 20.46 12.93 -21.15
N GLY B 41 19.65 13.50 -20.27
CA GLY B 41 19.57 13.04 -18.90
C GLY B 41 20.63 13.60 -17.97
N GLN B 42 21.49 14.49 -18.44
CA GLN B 42 22.57 15.07 -17.66
C GLN B 42 22.44 16.58 -17.62
N PRO B 43 23.04 17.23 -16.64
CA PRO B 43 23.08 18.70 -16.63
C PRO B 43 24.00 19.21 -17.73
N PRO B 44 23.82 20.46 -18.14
CA PRO B 44 24.78 21.06 -19.08
C PRO B 44 26.17 21.13 -18.49
N LYS B 45 27.17 21.18 -19.38
CA LYS B 45 28.56 21.35 -18.98
C LYS B 45 29.16 22.53 -19.73
N LEU B 46 29.81 23.43 -18.99
CA LEU B 46 30.47 24.58 -19.59
C LEU B 46 31.69 24.13 -20.38
N LEU B 47 31.73 24.48 -21.66
CA LEU B 47 32.88 24.20 -22.52
C LEU B 47 33.80 25.39 -22.68
N ILE B 48 33.25 26.54 -23.06
CA ILE B 48 34.02 27.72 -23.43
C ILE B 48 33.32 28.96 -22.89
N TYR B 49 34.09 29.86 -22.30
CA TYR B 49 33.58 31.17 -21.91
C TYR B 49 34.39 32.25 -22.61
N LEU B 50 33.76 33.42 -22.74
CA LEU B 50 34.37 34.58 -23.41
C LEU B 50 34.84 34.22 -24.82
N VAL B 51 33.93 33.61 -25.58
CA VAL B 51 34.09 33.32 -27.01
C VAL B 51 35.04 32.16 -27.25
N SER B 52 36.19 32.15 -26.58
CA SER B 52 37.26 31.26 -27.00
C SER B 52 38.11 30.68 -25.86
N THR B 53 37.86 31.05 -24.60
CA THR B 53 38.64 30.51 -23.49
C THR B 53 38.04 29.19 -23.04
N LEU B 54 38.84 28.13 -23.09
CA LEU B 54 38.38 26.80 -22.71
C LEU B 54 38.23 26.70 -21.19
N ALA B 55 37.10 26.15 -20.75
CA ALA B 55 36.95 25.82 -19.34
C ALA B 55 37.97 24.74 -18.95
N SER B 56 38.30 24.70 -17.66
CA SER B 56 39.31 23.76 -17.19
C SER B 56 38.86 22.32 -17.45
N GLY B 57 39.79 21.49 -17.91
CA GLY B 57 39.52 20.11 -18.21
C GLY B 57 38.90 19.85 -19.56
N VAL B 58 38.67 20.88 -20.37
CA VAL B 58 38.08 20.72 -21.70
C VAL B 58 39.21 20.54 -22.72
N PRO B 59 39.17 19.49 -23.53
CA PRO B 59 40.27 19.24 -24.48
C PRO B 59 40.41 20.36 -25.50
N SER B 60 41.63 20.53 -26.00
CA SER B 60 41.94 21.62 -26.91
C SER B 60 41.36 21.41 -28.30
N ARG B 61 40.83 20.22 -28.60
CA ARG B 61 40.18 20.01 -29.89
C ARG B 61 38.83 20.70 -29.97
N PHE B 62 38.35 21.27 -28.88
CA PHE B 62 37.24 22.23 -28.89
C PHE B 62 37.80 23.62 -29.09
N LYS B 63 37.25 24.35 -30.07
CA LYS B 63 37.73 25.68 -30.42
C LYS B 63 36.55 26.61 -30.62
N GLY B 64 36.50 27.69 -29.85
CA GLY B 64 35.48 28.70 -29.98
C GLY B 64 36.02 29.93 -30.70
N SER B 65 35.19 30.52 -31.55
CA SER B 65 35.61 31.72 -32.29
C SER B 65 34.37 32.55 -32.61
N GLY B 66 34.62 33.77 -33.06
CA GLY B 66 33.61 34.67 -33.58
C GLY B 66 33.69 36.03 -32.93
N SER B 67 32.72 36.87 -33.27
CA SER B 67 32.62 38.23 -32.74
C SER B 67 31.38 38.87 -33.35
N GLY B 68 30.89 39.92 -32.68
CA GLY B 68 29.71 40.63 -33.14
C GLY B 68 28.44 39.82 -33.03
N THR B 69 27.92 39.40 -34.17
CA THR B 69 26.64 38.70 -34.24
C THR B 69 26.80 37.23 -34.60
N GLN B 70 28.03 36.73 -34.70
CA GLN B 70 28.25 35.43 -35.31
C GLN B 70 29.36 34.69 -34.58
N PHE B 71 29.07 33.48 -34.11
CA PHE B 71 30.03 32.69 -33.35
C PHE B 71 30.03 31.24 -33.80
N THR B 72 31.16 30.56 -33.60
CA THR B 72 31.35 29.20 -34.07
C THR B 72 32.03 28.35 -33.01
N LEU B 73 31.56 27.11 -32.85
CA LEU B 73 32.25 26.08 -32.10
C LEU B 73 32.76 25.00 -33.05
N THR B 74 34.05 24.70 -32.98
CA THR B 74 34.69 23.69 -33.82
C THR B 74 35.21 22.56 -32.95
N ILE B 75 34.77 21.34 -33.26
CA ILE B 75 35.24 20.12 -32.58
C ILE B 75 36.03 19.32 -33.61
N SER B 76 37.33 19.19 -33.38
CA SER B 76 38.20 18.38 -34.22
C SER B 76 38.39 17.00 -33.61
N ASP B 77 38.70 16.03 -34.48
CA ASP B 77 38.97 14.65 -34.07
C ASP B 77 37.82 14.10 -33.21
N VAL B 78 36.64 14.13 -33.81
CA VAL B 78 35.41 13.80 -33.09
C VAL B 78 35.43 12.34 -32.64
N VAL B 79 35.06 12.10 -31.39
CA VAL B 79 34.92 10.76 -30.84
C VAL B 79 33.46 10.57 -30.44
N CYS B 80 33.09 9.31 -30.17
CA CYS B 80 31.72 9.00 -29.76
C CYS B 80 31.34 9.74 -28.50
N ASP B 81 32.31 10.06 -27.64
CA ASP B 81 32.05 10.80 -26.41
C ASP B 81 31.54 12.21 -26.67
N ASP B 82 31.64 12.70 -27.90
CA ASP B 82 31.19 14.04 -28.24
C ASP B 82 29.74 14.08 -28.71
N ALA B 83 29.08 12.92 -28.83
CA ALA B 83 27.66 12.89 -29.13
C ALA B 83 26.88 13.60 -28.03
N ALA B 84 26.25 14.72 -28.38
CA ALA B 84 25.58 15.58 -27.42
C ALA B 84 24.89 16.70 -28.19
N THR B 85 24.14 17.51 -27.47
CA THR B 85 23.60 18.76 -27.99
C THR B 85 24.41 19.92 -27.44
N TYR B 86 24.77 20.85 -28.32
CA TYR B 86 25.64 21.97 -27.96
C TYR B 86 24.86 23.27 -28.05
N TYR B 87 25.08 24.14 -27.07
CA TYR B 87 24.32 25.38 -26.93
C TYR B 87 25.27 26.56 -26.80
N CYS B 88 24.89 27.68 -27.40
CA CYS B 88 25.53 28.96 -27.15
C CYS B 88 24.59 29.83 -26.30
N VAL B 89 25.20 30.63 -25.43
CA VAL B 89 24.47 31.58 -24.59
C VAL B 89 25.14 32.94 -24.72
N GLY B 90 24.36 33.95 -25.11
CA GLY B 90 24.86 35.31 -25.27
C GLY B 90 24.26 36.24 -24.23
N TYR B 91 25.09 37.15 -23.72
CA TYR B 91 24.68 38.11 -22.71
C TYR B 91 24.85 39.53 -23.23
N LYS B 92 23.80 40.35 -23.07
CA LYS B 92 23.86 41.77 -23.40
C LYS B 92 23.90 42.65 -22.15
N SER B 93 23.01 42.42 -21.19
CA SER B 93 22.92 43.26 -20.00
C SER B 93 22.22 42.46 -18.91
N SER B 94 22.12 43.06 -17.73
CA SER B 94 21.36 42.47 -16.63
C SER B 94 19.95 43.05 -16.58
N THR B 95 19.18 42.81 -17.64
CA THR B 95 17.87 43.41 -17.81
C THR B 95 16.92 42.37 -18.41
N THR B 96 15.70 42.81 -18.70
CA THR B 96 14.72 41.95 -19.35
C THR B 96 15.20 41.51 -20.73
N ASP B 97 15.03 40.21 -21.02
CA ASP B 97 15.42 39.63 -22.31
C ASP B 97 16.89 39.88 -22.64
N GLY B 98 17.73 40.04 -21.62
CA GLY B 98 19.08 40.52 -21.82
C GLY B 98 20.12 39.41 -21.90
N LEU B 99 19.69 38.15 -21.85
CA LEU B 99 20.53 37.05 -22.31
C LEU B 99 19.63 36.09 -23.08
N ALA B 100 20.25 35.26 -23.91
CA ALA B 100 19.47 34.35 -24.73
C ALA B 100 20.22 33.05 -24.93
N PHE B 101 19.47 31.96 -24.99
CA PHE B 101 19.99 30.64 -25.31
C PHE B 101 19.75 30.34 -26.78
N GLY B 102 20.76 29.77 -27.44
CA GLY B 102 20.52 29.16 -28.74
C GLY B 102 19.60 27.96 -28.64
N GLY B 103 18.97 27.64 -29.77
CA GLY B 103 18.08 26.48 -29.79
C GLY B 103 18.78 25.15 -29.73
N GLY B 104 20.11 25.13 -29.79
CA GLY B 104 20.87 23.90 -29.67
C GLY B 104 21.10 23.22 -30.99
N THR B 105 22.24 22.52 -31.08
CA THR B 105 22.61 21.73 -32.25
C THR B 105 22.95 20.33 -31.80
N GLU B 106 22.15 19.36 -32.25
CA GLU B 106 22.38 17.95 -31.92
C GLU B 106 23.46 17.38 -32.83
N VAL B 107 24.53 16.87 -32.23
CA VAL B 107 25.65 16.29 -32.97
C VAL B 107 25.55 14.78 -32.84
N VAL B 108 25.22 14.11 -33.95
CA VAL B 108 25.25 12.66 -34.02
C VAL B 108 26.61 12.23 -34.56
N VAL B 109 27.31 11.37 -33.83
CA VAL B 109 28.62 10.87 -34.24
C VAL B 109 28.43 9.53 -34.94
N LYS B 110 28.95 9.42 -36.16
CA LYS B 110 28.80 8.21 -36.97
C LYS B 110 30.00 7.29 -36.72
N GLY B 111 29.76 6.20 -36.00
CA GLY B 111 30.72 5.14 -35.83
C GLY B 111 30.50 4.03 -36.85
N ASP B 112 31.08 2.88 -36.57
CA ASP B 112 30.84 1.71 -37.40
C ASP B 112 29.37 1.32 -37.36
N PRO B 113 28.75 1.04 -38.50
CA PRO B 113 27.39 0.49 -38.48
C PRO B 113 27.35 -0.83 -37.73
N VAL B 114 26.33 -1.01 -36.91
CA VAL B 114 26.09 -2.26 -36.19
C VAL B 114 24.62 -2.61 -36.29
N ALA B 115 24.33 -3.85 -36.67
CA ALA B 115 22.95 -4.32 -36.72
C ALA B 115 22.47 -4.65 -35.31
N PRO B 116 21.20 -4.40 -35.01
CA PRO B 116 20.70 -4.67 -33.65
C PRO B 116 20.52 -6.15 -33.39
N THR B 117 20.77 -6.54 -32.15
CA THR B 117 20.29 -7.80 -31.60
C THR B 117 18.94 -7.55 -30.92
N VAL B 118 17.94 -8.34 -31.28
CA VAL B 118 16.56 -8.06 -30.93
C VAL B 118 16.08 -9.12 -29.95
N LEU B 119 15.45 -8.67 -28.86
CA LEU B 119 14.91 -9.54 -27.83
C LEU B 119 13.44 -9.22 -27.64
N ILE B 120 12.62 -10.24 -27.46
CA ILE B 120 11.20 -10.07 -27.15
C ILE B 120 10.92 -10.76 -25.82
N PHE B 121 10.13 -10.09 -24.98
CA PHE B 121 9.81 -10.60 -23.65
C PHE B 121 8.30 -10.72 -23.48
N PRO B 122 7.76 -11.93 -23.40
CA PRO B 122 6.32 -12.09 -23.14
C PRO B 122 5.98 -11.58 -21.75
N PRO B 123 4.72 -11.22 -21.51
CA PRO B 123 4.35 -10.68 -20.20
C PRO B 123 4.53 -11.72 -19.09
N ALA B 124 5.11 -11.26 -17.98
CA ALA B 124 5.19 -12.08 -16.78
C ALA B 124 3.83 -12.66 -16.42
N ALA B 125 3.85 -13.82 -15.75
CA ALA B 125 2.63 -14.54 -15.44
C ALA B 125 1.66 -13.71 -14.62
N ASP B 126 2.17 -12.83 -13.75
CA ASP B 126 1.32 -12.05 -12.86
C ASP B 126 0.83 -10.75 -13.48
N GLN B 127 1.14 -10.50 -14.75
CA GLN B 127 0.62 -9.33 -15.45
C GLN B 127 -0.85 -9.52 -15.82
N VAL B 128 -1.21 -10.71 -16.30
CA VAL B 128 -2.50 -10.90 -16.96
C VAL B 128 -3.66 -10.72 -15.98
N ALA B 129 -3.48 -11.10 -14.71
CA ALA B 129 -4.54 -10.91 -13.73
C ALA B 129 -4.92 -9.45 -13.56
N THR B 130 -3.98 -8.53 -13.81
CA THR B 130 -4.26 -7.11 -13.65
C THR B 130 -5.19 -6.57 -14.73
N GLY B 131 -5.51 -7.37 -15.75
CA GLY B 131 -6.36 -6.92 -16.84
C GLY B 131 -5.64 -6.26 -17.98
N THR B 132 -4.34 -5.98 -17.83
CA THR B 132 -3.54 -5.40 -18.89
C THR B 132 -2.20 -6.12 -18.95
N VAL B 133 -1.68 -6.33 -20.17
CA VAL B 133 -0.38 -6.95 -20.38
C VAL B 133 0.48 -6.01 -21.22
N THR B 134 1.77 -5.97 -20.92
CA THR B 134 2.75 -5.21 -21.69
C THR B 134 3.81 -6.15 -22.23
N ILE B 135 3.99 -6.13 -23.54
CA ILE B 135 5.03 -6.92 -24.21
C ILE B 135 6.20 -6.00 -24.53
N VAL B 136 7.41 -6.43 -24.20
CA VAL B 136 8.61 -5.62 -24.37
C VAL B 136 9.46 -6.20 -25.48
N CYS B 137 9.91 -5.33 -26.38
CA CYS B 137 10.86 -5.68 -27.44
C CYS B 137 12.06 -4.74 -27.34
N VAL B 138 13.25 -5.31 -27.23
CA VAL B 138 14.48 -4.55 -27.05
C VAL B 138 15.37 -4.74 -28.26
N ALA B 139 15.90 -3.63 -28.80
CA ALA B 139 16.91 -3.64 -29.84
C ALA B 139 18.20 -3.08 -29.26
N ASN B 140 19.20 -3.94 -29.09
CA ASN B 140 20.43 -3.59 -28.38
C ASN B 140 21.59 -3.32 -29.33
N LYS B 141 22.34 -2.25 -29.03
CA LYS B 141 23.66 -1.98 -29.59
C LYS B 141 23.61 -1.92 -31.13
N TYR B 142 23.02 -0.83 -31.61
CA TYR B 142 22.83 -0.66 -33.04
C TYR B 142 23.19 0.76 -33.45
N PHE B 143 23.50 0.90 -34.74
CA PHE B 143 23.66 2.17 -35.43
C PHE B 143 23.68 1.89 -36.92
N PRO B 144 22.95 2.65 -37.74
CA PRO B 144 22.13 3.82 -37.37
C PRO B 144 20.73 3.48 -36.85
N ASP B 145 19.85 4.47 -36.84
CA ASP B 145 18.54 4.38 -36.23
C ASP B 145 17.69 3.27 -36.85
N VAL B 146 16.71 2.80 -36.08
CA VAL B 146 15.82 1.71 -36.48
C VAL B 146 14.37 2.17 -36.37
N THR B 147 13.49 1.43 -37.06
CA THR B 147 12.04 1.53 -36.87
C THR B 147 11.50 0.18 -36.40
N VAL B 148 10.52 0.23 -35.49
CA VAL B 148 9.94 -0.97 -34.90
C VAL B 148 8.50 -1.14 -35.38
N THR B 149 8.14 -2.36 -35.74
CA THR B 149 6.78 -2.72 -36.13
C THR B 149 6.30 -3.90 -35.29
N TRP B 150 5.07 -3.79 -34.78
CA TRP B 150 4.45 -4.85 -33.99
C TRP B 150 3.36 -5.55 -34.80
N GLU B 151 3.33 -6.88 -34.71
CA GLU B 151 2.29 -7.68 -35.35
C GLU B 151 1.71 -8.68 -34.37
N VAL B 152 0.38 -8.80 -34.39
CA VAL B 152 -0.35 -9.79 -33.60
C VAL B 152 -1.13 -10.65 -34.58
N ASP B 153 -0.78 -11.94 -34.68
CA ASP B 153 -1.33 -12.84 -35.69
C ASP B 153 -1.31 -12.21 -37.08
N GLY B 154 -0.18 -11.56 -37.41
CA GLY B 154 0.02 -10.97 -38.71
C GLY B 154 -0.53 -9.57 -38.87
N THR B 155 -1.39 -9.12 -37.97
CA THR B 155 -2.02 -7.80 -38.07
C THR B 155 -1.09 -6.75 -37.45
N THR B 156 -0.71 -5.76 -38.24
CA THR B 156 0.13 -4.68 -37.76
C THR B 156 -0.60 -3.87 -36.69
N GLN B 157 0.08 -3.61 -35.58
CA GLN B 157 -0.50 -2.83 -34.49
C GLN B 157 -0.27 -1.34 -34.71
N THR B 158 -1.32 -0.55 -34.49
CA THR B 158 -1.26 0.88 -34.71
C THR B 158 -1.46 1.69 -33.43
N THR B 159 -1.75 1.05 -32.31
CA THR B 159 -2.01 1.76 -31.06
C THR B 159 -1.47 0.94 -29.89
N GLY B 160 -1.22 1.63 -28.78
CA GLY B 160 -0.71 0.98 -27.59
C GLY B 160 0.78 0.78 -27.57
N ILE B 161 1.53 1.53 -28.37
CA ILE B 161 2.97 1.33 -28.55
C ILE B 161 3.71 2.54 -28.03
N GLU B 162 4.75 2.29 -27.22
CA GLU B 162 5.64 3.32 -26.72
C GLU B 162 7.08 2.92 -27.00
N ASN B 163 7.89 3.89 -27.42
CA ASN B 163 9.29 3.63 -27.76
C ASN B 163 10.19 4.55 -26.95
N SER B 164 11.34 4.02 -26.54
CA SER B 164 12.30 4.76 -25.74
C SER B 164 13.72 4.38 -26.15
N LYS B 165 14.54 5.38 -26.51
CA LYS B 165 15.87 5.15 -27.04
C LYS B 165 16.92 5.75 -26.11
N THR B 166 17.95 4.97 -25.80
CA THR B 166 19.08 5.48 -25.03
C THR B 166 19.89 6.46 -25.87
N PRO B 167 20.69 7.32 -25.23
CA PRO B 167 21.62 8.16 -25.99
C PRO B 167 22.76 7.35 -26.56
N GLN B 168 23.46 7.95 -27.54
CA GLN B 168 24.60 7.28 -28.16
C GLN B 168 25.62 6.87 -27.11
N ASN B 169 26.05 5.61 -27.18
CA ASN B 169 27.07 5.13 -26.27
C ASN B 169 28.35 5.96 -26.44
N SER B 170 28.89 6.43 -25.32
CA SER B 170 30.05 7.31 -25.35
C SER B 170 31.32 6.60 -25.79
N ALA B 171 31.30 5.26 -25.92
CA ALA B 171 32.46 4.50 -26.38
C ALA B 171 32.34 4.05 -27.82
N ASP B 172 31.18 3.54 -28.26
CA ASP B 172 31.06 2.96 -29.59
C ASP B 172 29.91 3.55 -30.41
N CYS B 173 29.26 4.61 -29.94
CA CYS B 173 28.28 5.42 -30.67
C CYS B 173 26.92 4.74 -30.85
N THR B 174 26.72 3.54 -30.31
CA THR B 174 25.51 2.78 -30.61
C THR B 174 24.35 3.19 -29.71
N TYR B 175 23.13 2.89 -30.18
CA TYR B 175 21.89 3.12 -29.45
C TYR B 175 21.37 1.81 -28.86
N ASN B 176 20.51 1.94 -27.86
CA ASN B 176 19.60 0.87 -27.44
C ASN B 176 18.18 1.42 -27.45
N LEU B 177 17.22 0.58 -27.84
CA LEU B 177 15.82 1.00 -27.90
C LEU B 177 14.95 -0.02 -27.19
N SER B 178 13.93 0.47 -26.50
CA SER B 178 12.91 -0.35 -25.86
C SER B 178 11.55 0.00 -26.45
N SER B 179 10.85 -1.01 -26.95
CA SER B 179 9.50 -0.84 -27.49
C SER B 179 8.54 -1.68 -26.67
N THR B 180 7.40 -1.09 -26.30
CA THR B 180 6.39 -1.79 -25.51
C THR B 180 5.06 -1.77 -26.24
N LEU B 181 4.39 -2.93 -26.25
CA LEU B 181 3.03 -3.07 -26.74
C LEU B 181 2.13 -3.40 -25.55
N THR B 182 1.13 -2.57 -25.32
CA THR B 182 0.20 -2.74 -24.21
C THR B 182 -1.16 -3.17 -24.75
N LEU B 183 -1.67 -4.28 -24.22
CA LEU B 183 -2.97 -4.82 -24.60
C LEU B 183 -3.77 -5.15 -23.36
N THR B 184 -5.07 -5.31 -23.54
CA THR B 184 -5.90 -5.88 -22.48
C THR B 184 -5.58 -7.36 -22.32
N SER B 185 -5.76 -7.88 -21.11
CA SER B 185 -5.54 -9.29 -20.87
C SER B 185 -6.34 -10.19 -21.81
N THR B 186 -7.54 -9.76 -22.20
CA THR B 186 -8.34 -10.61 -23.08
C THR B 186 -7.80 -10.60 -24.51
N GLN B 187 -7.46 -9.42 -25.03
CA GLN B 187 -6.82 -9.36 -26.34
C GLN B 187 -5.61 -10.29 -26.40
N TYR B 188 -4.80 -10.26 -25.34
CA TYR B 188 -3.64 -11.14 -25.28
C TYR B 188 -4.06 -12.61 -25.35
N ASN B 189 -5.03 -13.00 -24.52
CA ASN B 189 -5.47 -14.40 -24.48
C ASN B 189 -6.25 -14.82 -25.72
N SER B 190 -6.67 -13.86 -26.55
CA SER B 190 -7.43 -14.17 -27.76
C SER B 190 -6.56 -14.41 -28.98
N HIS B 191 -5.24 -14.21 -28.87
CA HIS B 191 -4.34 -14.32 -30.00
C HIS B 191 -3.14 -15.17 -29.63
N LYS B 192 -2.41 -15.62 -30.65
CA LYS B 192 -1.35 -16.61 -30.49
C LYS B 192 0.04 -16.06 -30.74
N GLU B 193 0.28 -15.44 -31.89
CA GLU B 193 1.63 -15.06 -32.30
C GLU B 193 1.86 -13.57 -32.09
N TYR B 194 2.93 -13.23 -31.39
CA TYR B 194 3.29 -11.85 -31.10
C TYR B 194 4.68 -11.58 -31.66
N THR B 195 4.80 -10.54 -32.48
CA THR B 195 5.96 -10.31 -33.31
C THR B 195 6.42 -8.87 -33.23
N CYS B 196 7.73 -8.67 -33.12
CA CYS B 196 8.35 -7.35 -33.17
CA CYS B 196 8.32 -7.34 -33.20
C CYS B 196 9.39 -7.33 -34.29
N LYS B 197 9.27 -6.36 -35.19
CA LYS B 197 10.12 -6.27 -36.38
C LYS B 197 10.95 -5.00 -36.30
N VAL B 198 12.27 -5.18 -36.22
CA VAL B 198 13.22 -4.06 -36.13
C VAL B 198 13.90 -3.91 -37.48
N THR B 199 13.66 -2.77 -38.14
CA THR B 199 14.17 -2.51 -39.48
C THR B 199 15.24 -1.44 -39.42
N GLN B 200 16.35 -1.69 -40.13
CA GLN B 200 17.51 -0.80 -40.15
C GLN B 200 17.93 -0.62 -41.61
N GLY B 201 17.29 0.32 -42.30
CA GLY B 201 17.52 0.49 -43.72
C GLY B 201 17.04 -0.70 -44.52
N THR B 202 17.98 -1.49 -45.04
CA THR B 202 17.66 -2.67 -45.83
C THR B 202 17.72 -3.96 -45.02
N THR B 203 18.04 -3.87 -43.73
CA THR B 203 18.11 -5.03 -42.85
C THR B 203 16.93 -5.04 -41.89
N SER B 204 16.38 -6.24 -41.64
CA SER B 204 15.33 -6.42 -40.65
C SER B 204 15.65 -7.62 -39.77
N VAL B 205 15.41 -7.47 -38.46
CA VAL B 205 15.49 -8.56 -37.50
C VAL B 205 14.12 -8.72 -36.85
N VAL B 206 13.61 -9.95 -36.83
CA VAL B 206 12.25 -10.24 -36.39
C VAL B 206 12.33 -11.26 -35.26
N GLN B 207 11.72 -10.94 -34.13
CA GLN B 207 11.55 -11.88 -33.02
C GLN B 207 10.08 -12.07 -32.70
N SER B 208 9.69 -13.33 -32.50
CA SER B 208 8.31 -13.68 -32.20
C SER B 208 8.26 -14.64 -31.02
N PHE B 209 7.08 -14.73 -30.41
CA PHE B 209 6.76 -15.85 -29.53
C PHE B 209 5.29 -16.20 -29.74
N ASN B 210 4.97 -17.45 -29.43
CA ASN B 210 3.60 -17.93 -29.43
C ASN B 210 3.15 -18.05 -27.97
N ARG B 211 2.07 -17.35 -27.63
CA ARG B 211 1.59 -17.30 -26.24
C ARG B 211 1.49 -18.68 -25.62
N GLY B 212 0.98 -19.66 -26.38
CA GLY B 212 0.85 -21.01 -25.85
C GLY B 212 2.14 -21.61 -25.33
N ASP B 213 3.28 -21.15 -25.85
CA ASP B 213 4.58 -21.75 -25.56
C ASP B 213 5.32 -21.07 -24.42
N CYS B 214 4.73 -20.03 -23.82
CA CYS B 214 5.46 -19.24 -22.83
C CYS B 214 4.67 -19.10 -21.54
N GLN C 1 -38.29 10.57 -34.33
CA GLN C 1 -37.56 9.31 -34.39
C GLN C 1 -36.05 9.56 -34.39
N SER C 2 -35.54 9.94 -33.22
CA SER C 2 -34.13 10.25 -33.04
C SER C 2 -33.72 9.78 -31.66
N VAL C 3 -32.44 9.45 -31.51
CA VAL C 3 -31.91 9.10 -30.20
C VAL C 3 -30.94 10.17 -29.75
N LYS C 4 -30.74 10.25 -28.44
CA LYS C 4 -29.90 11.28 -27.84
C LYS C 4 -29.23 10.69 -26.60
N GLU C 5 -27.94 10.99 -26.44
CA GLU C 5 -27.21 10.62 -25.24
C GLU C 5 -27.37 11.72 -24.18
N SER C 6 -27.39 11.31 -22.93
CA SER C 6 -27.47 12.27 -21.85
C SER C 6 -26.13 12.97 -21.68
N GLU C 7 -26.07 13.90 -20.74
CA GLU C 7 -24.92 14.78 -20.63
C GLU C 7 -23.71 14.04 -20.07
N GLY C 8 -22.55 14.31 -20.67
CA GLY C 8 -21.29 13.80 -20.16
C GLY C 8 -20.61 14.84 -19.29
N GLY C 9 -19.44 15.32 -19.70
CA GLY C 9 -18.78 16.40 -19.00
C GLY C 9 -17.45 15.96 -18.42
N LEU C 10 -17.09 16.59 -17.30
CA LEU C 10 -15.76 16.46 -16.72
C LEU C 10 -15.78 15.45 -15.59
N PHE C 11 -14.82 14.53 -15.61
CA PHE C 11 -14.73 13.47 -14.62
C PHE C 11 -13.30 13.38 -14.12
N LYS C 12 -13.15 12.99 -12.88
CA LYS C 12 -11.84 12.72 -12.32
C LYS C 12 -11.46 11.27 -12.58
N PRO C 13 -10.16 10.94 -12.61
CA PRO C 13 -9.77 9.54 -12.68
C PRO C 13 -10.27 8.81 -11.45
N THR C 14 -10.91 7.65 -11.70
CA THR C 14 -11.49 6.68 -10.76
C THR C 14 -13.00 6.92 -10.61
N ASP C 15 -13.52 7.97 -11.24
CA ASP C 15 -14.95 8.22 -11.21
C ASP C 15 -15.70 7.18 -12.03
N THR C 16 -17.03 7.19 -11.91
CA THR C 16 -17.91 6.34 -12.70
C THR C 16 -18.70 7.19 -13.68
N LEU C 17 -18.69 6.76 -14.95
CA LEU C 17 -19.47 7.39 -16.00
C LEU C 17 -20.82 6.68 -16.14
N THR C 18 -21.90 7.46 -16.15
CA THR C 18 -23.24 6.93 -16.37
C THR C 18 -23.91 7.75 -17.47
N LEU C 19 -24.33 7.07 -18.54
CA LEU C 19 -24.97 7.72 -19.69
C LEU C 19 -26.27 6.99 -20.02
N THR C 20 -27.26 7.75 -20.47
CA THR C 20 -28.56 7.21 -20.83
C THR C 20 -28.85 7.54 -22.29
N CYS C 21 -29.28 6.54 -23.05
CA CYS C 21 -29.73 6.71 -24.43
C CYS C 21 -31.26 6.82 -24.42
N THR C 22 -31.77 7.96 -24.85
CA THR C 22 -33.20 8.20 -24.87
C THR C 22 -33.70 8.34 -26.31
N ALA C 23 -34.91 7.88 -26.55
CA ALA C 23 -35.52 7.94 -27.87
C ALA C 23 -36.68 8.93 -27.86
N SER C 24 -36.89 9.57 -29.00
CA SER C 24 -38.02 10.47 -29.20
C SER C 24 -38.56 10.23 -30.60
N GLY C 25 -39.83 9.83 -30.70
CA GLY C 25 -40.47 9.59 -31.97
C GLY C 25 -40.56 8.14 -32.40
N PHE C 26 -39.91 7.24 -31.68
CA PHE C 26 -40.10 5.80 -31.87
C PHE C 26 -39.65 5.11 -30.59
N SER C 27 -39.60 3.78 -30.62
CA SER C 27 -39.30 3.00 -29.43
C SER C 27 -37.90 2.39 -29.51
N LEU C 28 -37.31 2.20 -28.34
CA LEU C 28 -36.09 1.41 -28.21
C LEU C 28 -36.37 -0.02 -27.81
N ASN C 29 -37.51 -0.25 -27.15
CA ASN C 29 -37.92 -1.60 -26.78
C ASN C 29 -38.10 -2.45 -28.03
N GLY C 30 -37.43 -3.60 -28.06
CA GLY C 30 -37.51 -4.50 -29.19
C GLY C 30 -36.54 -4.20 -30.31
N TYR C 31 -35.69 -3.19 -30.17
CA TYR C 31 -34.71 -2.82 -31.18
C TYR C 31 -33.32 -2.84 -30.56
N GLY C 32 -32.34 -3.28 -31.34
CA GLY C 32 -30.97 -3.27 -30.88
C GLY C 32 -30.48 -1.84 -30.64
N VAL C 33 -29.68 -1.68 -29.59
CA VAL C 33 -29.07 -0.40 -29.23
C VAL C 33 -27.59 -0.64 -28.94
N ILE C 34 -26.73 0.20 -29.50
CA ILE C 34 -25.29 0.03 -29.38
C ILE C 34 -24.67 1.28 -28.76
N TRP C 35 -23.56 1.08 -28.05
CA TRP C 35 -22.76 2.17 -27.48
C TRP C 35 -21.39 2.14 -28.11
N VAL C 36 -20.98 3.26 -28.72
CA VAL C 36 -19.66 3.40 -29.31
C VAL C 36 -19.06 4.73 -28.86
N ARG C 37 -17.73 4.77 -28.78
CA ARG C 37 -17.02 5.98 -28.40
C ARG C 37 -15.94 6.28 -29.43
N GLN C 38 -15.43 7.52 -29.41
CA GLN C 38 -14.48 7.97 -30.41
C GLN C 38 -13.56 9.01 -29.79
N ALA C 39 -12.32 8.61 -29.50
CA ALA C 39 -11.32 9.56 -29.03
C ALA C 39 -10.98 10.54 -30.16
N PRO C 40 -10.52 11.75 -29.82
CA PRO C 40 -10.27 12.77 -30.85
C PRO C 40 -9.34 12.26 -31.94
N GLY C 41 -9.80 12.36 -33.18
CA GLY C 41 -9.03 11.93 -34.33
C GLY C 41 -8.73 10.44 -34.37
N LYS C 42 -9.61 9.61 -33.83
CA LYS C 42 -9.41 8.17 -33.82
C LYS C 42 -10.70 7.50 -34.31
N GLY C 43 -10.64 6.17 -34.44
CA GLY C 43 -11.75 5.42 -34.99
C GLY C 43 -12.85 5.12 -33.98
N LEU C 44 -13.99 4.70 -34.52
CA LEU C 44 -15.09 4.25 -33.69
C LEU C 44 -14.69 2.99 -32.91
N GLU C 45 -15.08 2.95 -31.64
CA GLU C 45 -14.75 1.81 -30.78
C GLU C 45 -16.03 1.30 -30.11
N TRP C 46 -16.34 0.04 -30.36
CA TRP C 46 -17.50 -0.61 -29.75
C TRP C 46 -17.33 -0.71 -28.24
N ILE C 47 -18.37 -0.32 -27.51
CA ILE C 47 -18.40 -0.46 -26.05
C ILE C 47 -19.31 -1.61 -25.62
N GLY C 48 -20.43 -1.79 -26.30
CA GLY C 48 -21.34 -2.88 -25.99
C GLY C 48 -22.67 -2.65 -26.66
N SER C 49 -23.48 -3.71 -26.66
CA SER C 49 -24.74 -3.72 -27.38
C SER C 49 -25.86 -4.26 -26.51
N ALA C 50 -27.04 -3.67 -26.66
CA ALA C 50 -28.26 -4.18 -26.02
C ALA C 50 -29.08 -4.87 -27.11
N GLY C 51 -29.10 -6.21 -27.06
CA GLY C 51 -29.81 -6.96 -28.07
C GLY C 51 -31.30 -6.66 -28.08
N ALA C 52 -31.91 -6.82 -29.25
CA ALA C 52 -33.34 -6.55 -29.41
C ALA C 52 -34.19 -7.50 -28.58
N TYR C 53 -33.67 -8.67 -28.22
CA TYR C 53 -34.43 -9.67 -27.49
C TYR C 53 -33.82 -9.98 -26.11
N GLY C 54 -33.07 -9.04 -25.54
CA GLY C 54 -32.72 -9.07 -24.13
C GLY C 54 -31.27 -9.33 -23.84
N ARG C 55 -30.53 -9.95 -24.76
CA ARG C 55 -29.13 -10.27 -24.50
C ARG C 55 -28.27 -9.02 -24.55
N ILE C 56 -27.34 -8.93 -23.61
CA ILE C 56 -26.37 -7.84 -23.53
C ILE C 56 -25.01 -8.43 -23.81
N TYR C 57 -24.30 -7.87 -24.79
CA TYR C 57 -22.98 -8.39 -25.13
C TYR C 57 -22.01 -7.23 -25.34
N TYR C 58 -20.76 -7.49 -25.00
CA TYR C 58 -19.69 -6.50 -24.93
C TYR C 58 -18.51 -7.00 -25.73
N PRO C 59 -17.59 -6.10 -26.10
CA PRO C 59 -16.23 -6.57 -26.34
C PRO C 59 -15.63 -6.88 -24.98
N ASN C 60 -14.71 -7.83 -24.96
CA ASN C 60 -14.23 -8.34 -23.68
C ASN C 60 -13.51 -7.26 -22.87
N TRP C 61 -12.77 -6.36 -23.55
CA TRP C 61 -12.08 -5.32 -22.81
C TRP C 61 -13.03 -4.54 -21.92
N ALA C 62 -14.30 -4.42 -22.35
CA ALA C 62 -15.29 -3.63 -21.62
C ALA C 62 -16.09 -4.45 -20.63
N ARG C 63 -16.08 -5.78 -20.74
CA ARG C 63 -17.00 -6.60 -19.95
C ARG C 63 -16.76 -6.45 -18.45
N SER C 64 -15.52 -6.17 -18.04
CA SER C 64 -15.21 -6.07 -16.62
C SER C 64 -15.62 -4.72 -16.04
N ARG C 65 -15.48 -3.64 -16.81
CA ARG C 65 -15.67 -2.30 -16.28
C ARG C 65 -16.89 -1.59 -16.83
N ALA C 66 -17.59 -2.16 -17.82
CA ALA C 66 -18.80 -1.58 -18.36
C ALA C 66 -19.99 -2.51 -18.14
N THR C 67 -21.14 -1.93 -17.79
CA THR C 67 -22.40 -2.67 -17.73
C THR C 67 -23.48 -1.85 -18.41
N ILE C 68 -24.27 -2.53 -19.27
CA ILE C 68 -25.29 -1.89 -20.08
C ILE C 68 -26.64 -2.47 -19.69
N THR C 69 -27.61 -1.60 -19.45
CA THR C 69 -28.90 -1.98 -18.88
C THR C 69 -30.03 -1.35 -19.69
N ARG C 70 -31.07 -2.13 -19.94
CA ARG C 70 -32.28 -1.66 -20.61
C ARG C 70 -33.37 -1.37 -19.59
N ASN C 71 -34.09 -0.28 -19.81
CA ASN C 71 -35.26 0.08 -19.02
C ASN C 71 -36.45 0.14 -19.97
N THR C 72 -37.21 -0.94 -20.06
CA THR C 72 -38.36 -0.98 -20.97
C THR C 72 -39.52 -0.13 -20.46
N ASN C 73 -39.55 0.19 -19.16
CA ASN C 73 -40.57 1.09 -18.64
C ASN C 73 -40.39 2.49 -19.19
N LEU C 74 -39.16 3.00 -19.19
CA LEU C 74 -38.86 4.35 -19.63
C LEU C 74 -38.38 4.42 -21.07
N ASN C 75 -38.24 3.26 -21.74
CA ASN C 75 -37.86 3.20 -23.15
C ASN C 75 -36.44 3.73 -23.35
N THR C 76 -35.53 3.34 -22.48
CA THR C 76 -34.16 3.83 -22.50
C THR C 76 -33.18 2.67 -22.43
N VAL C 77 -31.92 2.95 -22.78
CA VAL C 77 -30.80 2.05 -22.60
C VAL C 77 -29.65 2.85 -21.99
N SER C 78 -29.01 2.30 -20.97
CA SER C 78 -28.02 3.03 -20.19
C SER C 78 -26.66 2.35 -20.24
N LEU C 79 -25.62 3.13 -20.00
CA LEU C 79 -24.25 2.67 -19.96
C LEU C 79 -23.57 3.16 -18.70
N LYS C 80 -22.94 2.25 -17.95
CA LYS C 80 -22.17 2.58 -16.76
C LYS C 80 -20.76 2.04 -16.91
N MET C 81 -19.77 2.89 -16.68
CA MET C 81 -18.35 2.51 -16.77
C MET C 81 -17.63 2.96 -15.52
N THR C 82 -16.85 2.06 -14.92
CA THR C 82 -16.16 2.31 -13.67
C THR C 82 -14.65 2.49 -13.92
N SER C 83 -13.98 3.00 -12.89
CA SER C 83 -12.53 3.22 -12.89
C SER C 83 -12.07 3.94 -14.16
N LEU C 84 -12.57 5.17 -14.32
CA LEU C 84 -12.21 5.99 -15.47
C LEU C 84 -10.74 6.39 -15.42
N THR C 85 -10.13 6.48 -16.61
CA THR C 85 -8.82 7.07 -16.80
C THR C 85 -8.89 8.06 -17.94
N ALA C 86 -7.82 8.86 -18.08
CA ALA C 86 -7.69 9.76 -19.23
C ALA C 86 -7.90 9.05 -20.55
N ALA C 87 -7.60 7.75 -20.62
CA ALA C 87 -7.78 7.00 -21.86
C ALA C 87 -9.25 6.87 -22.25
N ASP C 88 -10.17 7.13 -21.32
CA ASP C 88 -11.60 7.07 -21.60
C ASP C 88 -12.16 8.38 -22.15
N THR C 89 -11.34 9.42 -22.24
CA THR C 89 -11.76 10.67 -22.85
C THR C 89 -12.11 10.45 -24.32
N ALA C 90 -13.36 10.76 -24.69
CA ALA C 90 -13.86 10.52 -26.04
C ALA C 90 -15.26 11.10 -26.16
N THR C 91 -15.76 11.12 -27.39
CA THR C 91 -17.17 11.34 -27.66
C THR C 91 -17.89 9.99 -27.60
N TYR C 92 -19.01 9.95 -26.89
CA TYR C 92 -19.77 8.72 -26.71
C TYR C 92 -21.08 8.80 -27.48
N PHE C 93 -21.36 7.77 -28.28
CA PHE C 93 -22.54 7.68 -29.12
C PHE C 93 -23.40 6.50 -28.69
N CYS C 94 -24.72 6.65 -28.85
CA CYS C 94 -25.63 5.51 -28.87
C CYS C 94 -26.38 5.51 -30.20
N ALA C 95 -26.81 4.32 -30.62
CA ALA C 95 -27.47 4.18 -31.91
C ALA C 95 -28.50 3.06 -31.84
N ARG C 96 -29.52 3.18 -32.68
CA ARG C 96 -30.61 2.22 -32.77
C ARG C 96 -30.61 1.53 -34.13
N ARG C 97 -30.94 0.24 -34.13
CA ARG C 97 -30.99 -0.57 -35.34
C ARG C 97 -32.45 -0.91 -35.65
N THR C 98 -32.93 -0.44 -36.80
CA THR C 98 -34.34 -0.66 -37.16
C THR C 98 -34.65 -2.14 -37.35
N ASN C 99 -33.78 -2.88 -38.04
CA ASN C 99 -34.06 -4.26 -38.43
C ASN C 99 -33.07 -5.20 -37.76
N VAL C 100 -33.59 -6.19 -37.02
CA VAL C 100 -32.74 -7.22 -36.45
C VAL C 100 -32.09 -8.05 -37.56
N SER C 101 -32.75 -8.17 -38.72
CA SER C 101 -32.23 -9.00 -39.80
C SER C 101 -30.91 -8.47 -40.37
N THR C 102 -30.58 -7.21 -40.11
CA THR C 102 -29.31 -6.65 -40.56
C THR C 102 -28.17 -6.86 -39.56
N SER C 103 -28.50 -7.09 -38.29
CA SER C 103 -27.55 -7.30 -37.20
C SER C 103 -26.76 -6.04 -36.86
N VAL C 104 -26.18 -5.38 -37.85
CA VAL C 104 -25.37 -4.19 -37.59
C VAL C 104 -25.77 -3.03 -38.47
N GLY C 105 -26.98 -3.09 -39.01
CA GLY C 105 -27.50 -1.98 -39.79
C GLY C 105 -27.99 -0.86 -38.89
N PHE C 106 -27.08 -0.25 -38.13
CA PHE C 106 -27.47 0.73 -37.14
C PHE C 106 -27.84 2.05 -37.80
N ASP C 107 -29.09 2.45 -37.59
CA ASP C 107 -29.87 3.35 -38.44
C ASP C 107 -29.91 4.78 -37.90
N SER C 108 -30.28 4.95 -36.63
CA SER C 108 -30.46 6.26 -36.02
C SER C 108 -29.38 6.48 -34.96
N TRP C 109 -28.53 7.48 -35.18
CA TRP C 109 -27.42 7.78 -34.29
C TRP C 109 -27.67 9.06 -33.52
N GLY C 110 -27.25 9.09 -32.27
CA GLY C 110 -27.30 10.30 -31.48
C GLY C 110 -26.20 11.26 -31.88
N PRO C 111 -26.33 12.52 -31.46
CA PRO C 111 -25.30 13.52 -31.82
C PRO C 111 -23.98 13.29 -31.11
N GLY C 112 -23.95 12.50 -30.04
CA GLY C 112 -22.74 12.27 -29.29
C GLY C 112 -22.62 13.17 -28.10
N THR C 113 -22.05 12.66 -27.01
CA THR C 113 -21.83 13.42 -25.80
C THR C 113 -20.36 13.37 -25.43
N LEU C 114 -19.84 14.50 -24.97
CA LEU C 114 -18.41 14.67 -24.76
C LEU C 114 -18.05 14.33 -23.32
N VAL C 115 -17.06 13.45 -23.15
CA VAL C 115 -16.59 13.01 -21.85
C VAL C 115 -15.09 13.28 -21.76
N THR C 116 -14.70 14.10 -20.79
CA THR C 116 -13.29 14.38 -20.51
C THR C 116 -12.94 13.86 -19.13
N VAL C 117 -11.94 12.98 -19.05
CA VAL C 117 -11.41 12.51 -17.77
C VAL C 117 -10.08 13.22 -17.56
N SER C 118 -10.06 14.24 -16.72
CA SER C 118 -8.91 15.10 -16.46
C SER C 118 -8.45 14.93 -15.00
N SER C 119 -7.35 15.61 -14.65
CA SER C 119 -6.82 15.48 -13.29
C SER C 119 -7.71 16.14 -12.24
N SER C 120 -8.17 17.37 -12.49
CA SER C 120 -8.95 18.03 -11.46
C SER C 120 -9.84 19.14 -12.01
N SER C 121 -9.85 19.31 -13.34
CA SER C 121 -10.66 20.33 -14.02
C SER C 121 -11.97 20.57 -13.29
N GLY C 122 -12.89 19.62 -13.43
CA GLY C 122 -14.14 19.59 -12.68
C GLY C 122 -15.06 20.79 -12.73
N GLN C 123 -14.52 21.99 -12.48
CA GLN C 123 -15.44 23.12 -12.36
C GLN C 123 -15.53 23.89 -13.68
N PRO C 124 -16.73 24.21 -14.13
CA PRO C 124 -16.91 24.93 -15.40
C PRO C 124 -16.37 26.35 -15.38
N LYS C 125 -16.24 26.89 -16.59
CA LYS C 125 -15.73 28.23 -16.82
C LYS C 125 -16.50 28.85 -17.98
N ALA C 126 -17.06 30.05 -17.76
CA ALA C 126 -17.76 30.76 -18.81
C ALA C 126 -16.77 31.41 -19.78
N PRO C 127 -17.12 31.50 -21.06
CA PRO C 127 -16.19 32.06 -22.04
C PRO C 127 -16.10 33.57 -22.00
N SER C 128 -14.90 34.07 -22.29
CA SER C 128 -14.70 35.45 -22.72
C SER C 128 -14.81 35.53 -24.23
N VAL C 129 -15.47 36.58 -24.73
CA VAL C 129 -15.69 36.77 -26.16
C VAL C 129 -14.99 38.06 -26.57
N PHE C 130 -14.08 37.96 -27.54
CA PHE C 130 -13.30 39.09 -28.00
C PHE C 130 -13.52 39.33 -29.49
N PRO C 131 -13.72 40.57 -29.92
CA PRO C 131 -13.92 40.84 -31.34
C PRO C 131 -12.66 40.61 -32.16
N LEU C 132 -12.86 40.14 -33.38
CA LEU C 132 -11.79 39.98 -34.36
C LEU C 132 -12.02 40.99 -35.48
N ALA C 133 -11.12 41.96 -35.60
CA ALA C 133 -11.21 43.00 -36.62
C ALA C 133 -9.82 43.25 -37.19
N PRO C 134 -9.73 43.61 -38.48
CA PRO C 134 -8.43 43.95 -39.05
C PRO C 134 -7.82 45.16 -38.35
N CYS C 135 -6.49 45.18 -38.32
CA CYS C 135 -5.73 46.30 -37.78
C CYS C 135 -6.31 47.63 -38.27
N CYS C 136 -6.52 48.56 -37.33
CA CYS C 136 -7.13 49.84 -37.68
C CYS C 136 -6.28 50.61 -38.68
N GLY C 137 -4.97 50.37 -38.69
CA GLY C 137 -4.09 51.04 -39.62
C GLY C 137 -4.23 50.58 -41.06
N ASP C 138 -4.92 49.47 -41.29
CA ASP C 138 -5.08 48.95 -42.64
C ASP C 138 -5.99 49.84 -43.47
N THR C 139 -5.70 49.91 -44.76
CA THR C 139 -6.58 50.62 -45.68
C THR C 139 -7.85 49.81 -45.89
N PRO C 140 -9.03 50.42 -45.78
CA PRO C 140 -10.27 49.67 -45.97
C PRO C 140 -10.45 49.28 -47.44
N SER C 141 -11.20 48.21 -47.65
CA SER C 141 -11.54 47.73 -48.98
C SER C 141 -13.06 47.57 -49.08
N SER C 142 -13.52 47.07 -50.23
CA SER C 142 -14.95 46.86 -50.43
C SER C 142 -15.48 45.70 -49.60
N THR C 143 -14.64 44.75 -49.22
CA THR C 143 -15.03 43.60 -48.42
C THR C 143 -14.23 43.57 -47.14
N VAL C 144 -14.82 43.02 -46.09
CA VAL C 144 -14.16 42.95 -44.79
C VAL C 144 -14.61 41.69 -44.07
N THR C 145 -13.66 41.03 -43.40
CA THR C 145 -13.93 39.85 -42.59
C THR C 145 -13.78 40.21 -41.12
N LEU C 146 -14.86 40.05 -40.36
CA LEU C 146 -14.87 40.27 -38.92
C LEU C 146 -15.18 38.95 -38.22
N GLY C 147 -14.91 38.90 -36.92
CA GLY C 147 -15.19 37.67 -36.20
C GLY C 147 -15.18 37.86 -34.69
N CYS C 148 -15.31 36.74 -33.99
CA CYS C 148 -15.29 36.70 -32.54
CA CYS C 148 -15.23 36.74 -32.54
C CYS C 148 -14.45 35.52 -32.07
N LEU C 149 -13.59 35.75 -31.07
CA LEU C 149 -12.81 34.70 -30.45
C LEU C 149 -13.47 34.35 -29.12
N VAL C 150 -13.85 33.09 -28.96
CA VAL C 150 -14.52 32.61 -27.76
C VAL C 150 -13.47 31.84 -26.97
N LYS C 151 -12.91 32.47 -25.95
CA LYS C 151 -11.70 31.98 -25.30
C LYS C 151 -11.96 31.56 -23.86
N GLY C 152 -11.34 30.45 -23.47
CA GLY C 152 -11.24 30.10 -22.06
C GLY C 152 -12.49 29.56 -21.42
N TYR C 153 -13.19 28.65 -22.09
CA TYR C 153 -14.41 28.06 -21.56
C TYR C 153 -14.21 26.57 -21.28
N LEU C 154 -15.06 26.05 -20.40
CA LEU C 154 -15.02 24.65 -19.99
C LEU C 154 -16.35 24.28 -19.35
N PRO C 155 -16.96 23.15 -19.71
CA PRO C 155 -16.51 22.26 -20.78
C PRO C 155 -17.05 22.66 -22.15
N GLU C 156 -16.90 21.78 -23.13
CA GLU C 156 -17.49 21.97 -24.43
C GLU C 156 -18.99 21.66 -24.38
N PRO C 157 -19.77 22.15 -25.36
CA PRO C 157 -19.41 23.04 -26.46
C PRO C 157 -19.86 24.49 -26.28
N VAL C 158 -19.49 25.35 -27.24
CA VAL C 158 -20.18 26.61 -27.45
C VAL C 158 -20.76 26.60 -28.86
N THR C 159 -21.85 27.34 -29.04
CA THR C 159 -22.43 27.57 -30.37
C THR C 159 -22.35 29.04 -30.73
N VAL C 160 -22.11 29.33 -32.00
CA VAL C 160 -21.99 30.70 -32.49
C VAL C 160 -22.95 30.89 -33.67
N THR C 161 -23.76 31.93 -33.61
CA THR C 161 -24.51 32.44 -34.75
C THR C 161 -24.13 33.90 -34.98
N TRP C 162 -24.61 34.45 -36.09
CA TRP C 162 -24.34 35.84 -36.44
C TRP C 162 -25.65 36.55 -36.73
N ASN C 163 -25.86 37.69 -36.06
CA ASN C 163 -27.07 38.49 -36.23
C ASN C 163 -28.33 37.66 -35.99
N SER C 164 -28.30 36.86 -34.93
CA SER C 164 -29.43 36.02 -34.52
C SER C 164 -29.85 35.06 -35.64
N GLY C 165 -28.90 34.58 -36.42
CA GLY C 165 -29.17 33.61 -37.47
C GLY C 165 -29.58 34.17 -38.80
N THR C 166 -29.66 35.50 -38.94
CA THR C 166 -30.01 36.10 -40.22
C THR C 166 -28.80 36.22 -41.15
N LEU C 167 -27.59 36.14 -40.62
CA LEU C 167 -26.36 36.21 -41.41
C LEU C 167 -25.71 34.83 -41.35
N THR C 168 -25.70 34.13 -42.50
CA THR C 168 -25.25 32.74 -42.51
C THR C 168 -24.21 32.47 -43.59
N ASN C 169 -24.31 33.17 -44.71
CA ASN C 169 -23.42 32.94 -45.83
C ASN C 169 -22.07 33.59 -45.60
N GLY C 170 -21.00 32.92 -46.01
CA GLY C 170 -19.67 33.41 -45.76
C GLY C 170 -19.22 33.31 -44.32
N VAL C 171 -19.86 32.43 -43.54
CA VAL C 171 -19.52 32.23 -42.13
C VAL C 171 -18.65 30.98 -42.01
N ARG C 172 -17.51 31.12 -41.34
CA ARG C 172 -16.58 30.03 -41.13
CA ARG C 172 -16.58 30.03 -41.13
C ARG C 172 -16.35 29.89 -39.63
N THR C 173 -16.95 28.86 -39.03
CA THR C 173 -16.80 28.58 -37.61
C THR C 173 -15.90 27.37 -37.44
N PHE C 174 -14.77 27.57 -36.81
CA PHE C 174 -13.69 26.60 -36.71
C PHE C 174 -13.90 25.67 -35.51
N PRO C 175 -13.42 24.43 -35.62
CA PRO C 175 -13.43 23.54 -34.46
C PRO C 175 -12.65 24.12 -33.29
N SER C 176 -13.06 23.73 -32.08
CA SER C 176 -12.41 24.23 -30.87
C SER C 176 -10.99 23.67 -30.74
N VAL C 177 -10.15 24.40 -30.03
CA VAL C 177 -8.84 23.94 -29.61
C VAL C 177 -8.76 24.00 -28.10
N ARG C 178 -7.92 23.15 -27.53
CA ARG C 178 -7.70 23.11 -26.09
C ARG C 178 -6.40 23.83 -25.77
N GLN C 179 -6.50 24.90 -24.98
CA GLN C 179 -5.35 25.67 -24.56
C GLN C 179 -4.44 24.82 -23.66
N SER C 180 -3.24 25.35 -23.40
CA SER C 180 -2.31 24.64 -22.52
C SER C 180 -2.87 24.50 -21.11
N SER C 181 -3.65 25.48 -20.65
CA SER C 181 -4.28 25.39 -19.34
C SER C 181 -5.32 24.28 -19.26
N GLY C 182 -5.81 23.79 -20.40
CA GLY C 182 -6.92 22.84 -20.43
C GLY C 182 -8.24 23.47 -20.81
N LEU C 183 -8.31 24.80 -20.87
CA LEU C 183 -9.50 25.51 -21.30
C LEU C 183 -9.62 25.48 -22.82
N TYR C 184 -10.85 25.55 -23.30
CA TYR C 184 -11.13 25.52 -24.73
C TYR C 184 -11.30 26.92 -25.30
N SER C 185 -10.98 27.05 -26.58
CA SER C 185 -11.18 28.28 -27.34
C SER C 185 -11.79 27.93 -28.70
N LEU C 186 -12.59 28.85 -29.24
CA LEU C 186 -13.11 28.69 -30.59
C LEU C 186 -13.26 30.06 -31.23
N SER C 187 -13.11 30.10 -32.56
CA SER C 187 -13.24 31.33 -33.33
C SER C 187 -14.25 31.16 -34.46
N SER C 188 -14.91 32.27 -34.80
CA SER C 188 -15.85 32.33 -35.92
C SER C 188 -15.64 33.65 -36.66
N VAL C 189 -15.59 33.59 -38.00
CA VAL C 189 -15.42 34.78 -38.82
C VAL C 189 -16.54 34.83 -39.86
N VAL C 190 -16.80 36.04 -40.36
CA VAL C 190 -17.82 36.26 -41.38
C VAL C 190 -17.35 37.37 -42.31
N SER C 191 -17.62 37.21 -43.61
CA SER C 191 -17.24 38.20 -44.63
CA SER C 191 -17.24 38.20 -44.63
C SER C 191 -18.49 38.93 -45.09
N VAL C 192 -18.42 40.27 -45.09
CA VAL C 192 -19.52 41.14 -45.50
C VAL C 192 -18.94 42.28 -46.33
N THR C 193 -19.83 43.02 -46.99
CA THR C 193 -19.39 44.22 -47.68
C THR C 193 -19.07 45.31 -46.66
N SER C 194 -18.21 46.24 -47.07
CA SER C 194 -17.70 47.24 -46.14
C SER C 194 -18.75 48.26 -45.71
N SER C 195 -19.75 48.50 -46.54
CA SER C 195 -20.79 49.46 -46.16
C SER C 195 -21.77 48.90 -45.14
N SER C 196 -21.72 47.60 -44.87
CA SER C 196 -22.77 46.92 -44.13
C SER C 196 -22.82 47.40 -42.67
N GLN C 197 -23.92 47.03 -42.01
CA GLN C 197 -24.16 47.40 -40.62
C GLN C 197 -23.20 46.63 -39.71
N PRO C 198 -23.10 47.03 -38.44
CA PRO C 198 -22.32 46.24 -37.48
C PRO C 198 -22.86 44.83 -37.35
N VAL C 199 -21.94 43.88 -37.15
CA VAL C 199 -22.28 42.47 -37.03
C VAL C 199 -22.17 42.06 -35.56
N THR C 200 -23.06 41.18 -35.14
CA THR C 200 -23.12 40.70 -33.76
C THR C 200 -23.04 39.18 -33.75
N CYS C 201 -22.08 38.65 -33.00
CA CYS C 201 -21.90 37.21 -32.86
CA CYS C 201 -21.93 37.20 -32.87
C CYS C 201 -22.58 36.75 -31.58
N ASN C 202 -23.41 35.71 -31.68
CA ASN C 202 -24.20 35.22 -30.55
C ASN C 202 -23.58 33.93 -30.06
N VAL C 203 -23.03 33.96 -28.84
CA VAL C 203 -22.29 32.85 -28.26
C VAL C 203 -23.11 32.26 -27.13
N ALA C 204 -23.35 30.94 -27.18
CA ALA C 204 -24.05 30.22 -26.14
C ALA C 204 -23.10 29.19 -25.51
N HIS C 205 -23.03 29.21 -24.17
CA HIS C 205 -22.32 28.19 -23.41
C HIS C 205 -23.33 27.52 -22.49
N PRO C 206 -23.99 26.45 -22.96
CA PRO C 206 -25.06 25.83 -22.16
C PRO C 206 -24.63 25.38 -20.77
N ALA C 207 -23.39 24.90 -20.61
CA ALA C 207 -22.96 24.37 -19.32
C ALA C 207 -22.95 25.42 -18.22
N THR C 208 -22.89 26.71 -18.57
CA THR C 208 -22.97 27.79 -17.61
C THR C 208 -24.23 28.64 -17.79
N ASN C 209 -25.17 28.20 -18.63
CA ASN C 209 -26.41 28.94 -18.88
C ASN C 209 -26.11 30.36 -19.37
N THR C 210 -25.12 30.48 -20.24
CA THR C 210 -24.61 31.76 -20.67
C THR C 210 -24.90 32.00 -22.15
N LYS C 211 -25.34 33.22 -22.47
CA LYS C 211 -25.42 33.71 -23.84
C LYS C 211 -24.78 35.08 -23.90
N VAL C 212 -23.82 35.25 -24.80
CA VAL C 212 -23.07 36.49 -24.97
C VAL C 212 -23.27 37.01 -26.38
N ASP C 213 -23.67 38.28 -26.49
CA ASP C 213 -23.70 38.99 -27.75
C ASP C 213 -22.53 39.97 -27.80
N LYS C 214 -21.76 39.93 -28.88
CA LYS C 214 -20.65 40.85 -29.09
C LYS C 214 -20.79 41.50 -30.46
N THR C 215 -20.93 42.82 -30.47
CA THR C 215 -21.01 43.58 -31.70
C THR C 215 -19.61 43.99 -32.13
N VAL C 216 -19.22 43.62 -33.35
CA VAL C 216 -17.89 43.88 -33.86
C VAL C 216 -17.96 44.99 -34.89
N ALA C 217 -17.16 46.03 -34.68
CA ALA C 217 -17.01 47.11 -35.65
C ALA C 217 -15.63 47.09 -36.28
N PRO C 218 -15.53 47.32 -37.58
CA PRO C 218 -14.20 47.47 -38.20
C PRO C 218 -13.43 48.62 -37.57
N SER C 219 -12.24 48.31 -37.07
CA SER C 219 -11.42 49.34 -36.43
C SER C 219 -10.86 50.30 -37.47
N THR C 220 -10.99 51.60 -37.20
CA THR C 220 -10.54 52.63 -38.12
C THR C 220 -9.66 53.63 -37.39
N CYS C 221 -8.56 54.01 -38.02
CA CYS C 221 -7.62 54.97 -37.45
C CYS C 221 -7.22 56.02 -38.49
N ASP D 1 -11.76 -9.46 -35.44
CA ASP D 1 -10.79 -8.53 -36.00
C ASP D 1 -11.19 -8.04 -37.38
N MET D 2 -11.48 -6.75 -37.50
CA MET D 2 -11.74 -6.12 -38.80
C MET D 2 -10.55 -5.23 -39.11
N THR D 3 -9.87 -5.51 -40.20
CA THR D 3 -8.77 -4.69 -40.70
C THR D 3 -9.24 -3.93 -41.93
N GLN D 4 -9.10 -2.61 -41.90
CA GLN D 4 -9.48 -1.75 -43.00
C GLN D 4 -8.24 -1.17 -43.66
N THR D 5 -8.15 -1.30 -44.98
CA THR D 5 -7.05 -0.74 -45.76
C THR D 5 -7.59 0.01 -46.95
N PRO D 6 -6.96 1.13 -47.33
CA PRO D 6 -5.89 1.76 -46.56
C PRO D 6 -6.44 2.64 -45.43
N SER D 7 -5.56 3.14 -44.56
CA SER D 7 -6.00 4.08 -43.54
C SER D 7 -6.47 5.40 -44.16
N SER D 8 -5.88 5.80 -45.27
CA SER D 8 -6.19 7.08 -45.90
C SER D 8 -5.98 6.94 -47.40
N LYS D 9 -6.80 7.66 -48.17
CA LYS D 9 -6.68 7.66 -49.63
C LYS D 9 -7.19 8.98 -50.17
N SER D 10 -6.41 9.59 -51.06
CA SER D 10 -6.83 10.78 -51.81
C SER D 10 -7.32 10.36 -53.18
N VAL D 11 -8.46 10.90 -53.59
CA VAL D 11 -9.08 10.52 -54.86
C VAL D 11 -9.55 11.76 -55.61
N PRO D 12 -9.15 11.92 -56.88
CA PRO D 12 -9.64 13.04 -57.68
C PRO D 12 -11.15 13.02 -57.85
N VAL D 13 -11.74 14.22 -57.93
CA VAL D 13 -13.15 14.34 -58.28
C VAL D 13 -13.43 13.56 -59.56
N GLY D 14 -14.54 12.83 -59.56
CA GLY D 14 -14.96 12.07 -60.72
C GLY D 14 -14.40 10.66 -60.80
N ASP D 15 -13.28 10.40 -60.13
CA ASP D 15 -12.67 9.08 -60.14
C ASP D 15 -13.47 8.12 -59.26
N THR D 16 -13.03 6.86 -59.25
CA THR D 16 -13.60 5.82 -58.41
C THR D 16 -12.59 5.39 -57.36
N VAL D 17 -13.08 5.10 -56.14
CA VAL D 17 -12.23 4.67 -55.05
C VAL D 17 -12.82 3.41 -54.43
N THR D 18 -11.95 2.53 -53.95
CA THR D 18 -12.34 1.26 -53.35
C THR D 18 -11.75 1.17 -51.95
N ILE D 19 -12.60 0.83 -50.98
CA ILE D 19 -12.21 0.68 -49.58
C ILE D 19 -12.32 -0.80 -49.21
N ASN D 20 -11.29 -1.33 -48.59
CA ASN D 20 -11.19 -2.76 -48.29
C ASN D 20 -11.41 -3.02 -46.80
N CYS D 21 -12.03 -4.16 -46.51
CA CYS D 21 -12.37 -4.55 -45.14
C CYS D 21 -12.10 -6.03 -44.97
N GLN D 22 -11.18 -6.38 -44.06
CA GLN D 22 -10.77 -7.76 -43.83
C GLN D 22 -11.31 -8.25 -42.49
N ALA D 23 -12.26 -9.19 -42.55
CA ALA D 23 -12.75 -9.85 -41.35
C ALA D 23 -11.87 -11.07 -41.09
N SER D 24 -11.23 -11.10 -39.91
CA SER D 24 -10.42 -12.27 -39.55
C SER D 24 -11.24 -13.55 -39.58
N GLU D 25 -12.54 -13.46 -39.30
CA GLU D 25 -13.44 -14.60 -39.37
C GLU D 25 -14.72 -14.18 -40.09
N SER D 26 -15.23 -15.08 -40.93
CA SER D 26 -16.44 -14.81 -41.72
C SER D 26 -17.60 -14.37 -40.84
N VAL D 27 -18.28 -13.31 -41.29
CA VAL D 27 -19.48 -12.84 -40.58
C VAL D 27 -20.60 -13.87 -40.71
N TYR D 28 -21.56 -13.77 -39.79
CA TYR D 28 -22.67 -14.71 -39.75
C TYR D 28 -23.45 -14.69 -41.05
N SER D 29 -23.78 -15.89 -41.55
CA SER D 29 -24.56 -16.09 -42.76
C SER D 29 -23.89 -15.48 -43.99
N ASN D 30 -22.63 -15.10 -43.88
CA ASN D 30 -21.82 -14.50 -44.94
C ASN D 30 -22.32 -13.12 -45.37
N ASN D 31 -23.23 -12.50 -44.60
CA ASN D 31 -23.80 -11.24 -45.05
C ASN D 31 -24.05 -10.20 -43.97
N ARG D 32 -23.64 -10.44 -42.72
CA ARG D 32 -23.87 -9.47 -41.64
C ARG D 32 -22.73 -8.45 -41.65
N LEU D 33 -22.82 -7.50 -42.57
CA LEU D 33 -21.75 -6.53 -42.80
C LEU D 33 -22.37 -5.22 -43.23
N SER D 34 -22.04 -4.13 -42.52
CA SER D 34 -22.58 -2.81 -42.82
C SER D 34 -21.45 -1.81 -43.05
N TRP D 35 -21.74 -0.79 -43.85
CA TRP D 35 -20.82 0.31 -44.13
C TRP D 35 -21.37 1.62 -43.60
N PHE D 36 -20.48 2.47 -43.07
CA PHE D 36 -20.87 3.74 -42.48
C PHE D 36 -20.00 4.88 -43.01
N GLN D 37 -20.61 6.05 -43.12
CA GLN D 37 -19.93 7.29 -43.48
C GLN D 37 -19.98 8.26 -42.30
N GLN D 38 -18.82 8.77 -41.91
CA GLN D 38 -18.74 9.78 -40.84
C GLN D 38 -17.91 10.96 -41.30
N LYS D 39 -18.51 12.16 -41.29
CA LYS D 39 -17.81 13.41 -41.47
C LYS D 39 -17.41 14.01 -40.12
N PRO D 40 -16.28 14.70 -40.06
CA PRO D 40 -15.79 15.21 -38.77
C PRO D 40 -16.82 16.07 -38.05
N GLY D 41 -16.99 15.80 -36.76
CA GLY D 41 -17.95 16.51 -35.94
C GLY D 41 -19.38 16.01 -36.04
N GLN D 42 -19.64 14.95 -36.79
CA GLN D 42 -20.97 14.41 -36.99
C GLN D 42 -21.03 12.95 -36.56
N PRO D 43 -22.22 12.44 -36.26
CA PRO D 43 -22.39 11.01 -36.01
C PRO D 43 -22.22 10.22 -37.29
N PRO D 44 -21.93 8.92 -37.20
CA PRO D 44 -21.91 8.07 -38.39
C PRO D 44 -23.26 8.02 -39.09
N LYS D 45 -23.21 7.71 -40.39
CA LYS D 45 -24.39 7.52 -41.22
C LYS D 45 -24.34 6.15 -41.86
N LEU D 46 -25.44 5.42 -41.78
CA LEU D 46 -25.53 4.11 -42.41
C LEU D 46 -25.58 4.27 -43.93
N LEU D 47 -24.66 3.62 -44.62
CA LEU D 47 -24.63 3.60 -46.09
C LEU D 47 -25.22 2.31 -46.66
N ILE D 48 -24.74 1.17 -46.19
CA ILE D 48 -25.07 -0.13 -46.78
C ILE D 48 -25.25 -1.13 -45.65
N TYR D 49 -26.29 -1.95 -45.74
CA TYR D 49 -26.47 -3.09 -44.85
C TYR D 49 -26.54 -4.37 -45.67
N LEU D 50 -26.22 -5.48 -45.01
CA LEU D 50 -26.22 -6.81 -45.64
C LEU D 50 -25.34 -6.83 -46.89
N VAL D 51 -24.10 -6.33 -46.72
CA VAL D 51 -23.02 -6.39 -47.71
C VAL D 51 -23.25 -5.40 -48.85
N SER D 52 -24.47 -5.36 -49.38
CA SER D 52 -24.66 -4.68 -50.66
C SER D 52 -25.99 -3.94 -50.80
N THR D 53 -26.88 -3.98 -49.82
CA THR D 53 -28.15 -3.28 -49.90
C THR D 53 -27.96 -1.83 -49.44
N LEU D 54 -28.27 -0.89 -50.33
CA LEU D 54 -28.13 0.53 -50.02
C LEU D 54 -29.22 0.98 -49.07
N ALA D 55 -28.82 1.73 -48.03
CA ALA D 55 -29.80 2.40 -47.18
C ALA D 55 -30.57 3.44 -47.99
N SER D 56 -31.77 3.77 -47.51
CA SER D 56 -32.62 4.71 -48.22
C SER D 56 -31.95 6.07 -48.33
N GLY D 57 -32.04 6.67 -49.52
CA GLY D 57 -31.46 7.96 -49.76
C GLY D 57 -29.98 7.95 -50.12
N VAL D 58 -29.35 6.79 -50.18
CA VAL D 58 -27.94 6.68 -50.52
C VAL D 58 -27.79 6.51 -52.03
N PRO D 59 -26.99 7.34 -52.70
CA PRO D 59 -26.90 7.25 -54.16
C PRO D 59 -26.33 5.92 -54.63
N SER D 60 -26.70 5.52 -55.84
CA SER D 60 -26.33 4.22 -56.38
C SER D 60 -24.87 4.13 -56.76
N ARG D 61 -24.14 5.24 -56.78
CA ARG D 61 -22.71 5.20 -57.04
C ARG D 61 -21.91 4.64 -55.87
N PHE D 62 -22.57 4.38 -54.73
CA PHE D 62 -22.02 3.57 -53.67
C PHE D 62 -22.38 2.12 -53.92
N LYS D 63 -21.38 1.23 -53.90
CA LYS D 63 -21.58 -0.19 -54.18
C LYS D 63 -20.81 -1.01 -53.16
N GLY D 64 -21.52 -1.86 -52.44
CA GLY D 64 -20.90 -2.79 -51.50
C GLY D 64 -20.84 -4.18 -52.08
N SER D 65 -19.75 -4.88 -51.80
CA SER D 65 -19.56 -6.23 -52.30
C SER D 65 -18.66 -7.00 -51.35
N GLY D 66 -18.62 -8.32 -51.54
CA GLY D 66 -17.71 -9.22 -50.87
C GLY D 66 -18.47 -10.38 -50.27
N SER D 67 -17.73 -11.20 -49.52
CA SER D 67 -18.27 -12.36 -48.83
C SER D 67 -17.14 -13.04 -48.08
N GLY D 68 -17.49 -13.84 -47.09
CA GLY D 68 -16.51 -14.53 -46.28
C GLY D 68 -15.71 -13.60 -45.39
N THR D 69 -14.45 -13.40 -45.72
CA THR D 69 -13.54 -12.62 -44.89
C THR D 69 -13.14 -11.31 -45.54
N GLN D 70 -13.74 -10.96 -46.68
CA GLN D 70 -13.24 -9.85 -47.48
C GLN D 70 -14.40 -9.08 -48.11
N PHE D 71 -14.46 -7.77 -47.85
CA PHE D 71 -15.54 -6.93 -48.33
C PHE D 71 -14.98 -5.62 -48.87
N THR D 72 -15.72 -5.02 -49.80
CA THR D 72 -15.28 -3.81 -50.48
C THR D 72 -16.41 -2.80 -50.58
N LEU D 73 -16.08 -1.53 -50.38
CA LEU D 73 -16.95 -0.40 -50.70
C LEU D 73 -16.36 0.36 -51.87
N THR D 74 -17.16 0.55 -52.93
CA THR D 74 -16.74 1.27 -54.12
C THR D 74 -17.60 2.52 -54.28
N ILE D 75 -16.93 3.66 -54.37
CA ILE D 75 -17.58 4.94 -54.64
C ILE D 75 -17.12 5.41 -56.02
N SER D 76 -18.05 5.49 -56.96
CA SER D 76 -17.78 5.99 -58.29
C SER D 76 -18.29 7.41 -58.43
N ASP D 77 -17.71 8.13 -59.39
CA ASP D 77 -18.06 9.52 -59.66
C ASP D 77 -17.96 10.37 -58.39
N VAL D 78 -16.78 10.31 -57.76
CA VAL D 78 -16.59 10.91 -56.45
C VAL D 78 -16.78 12.42 -56.53
N VAL D 79 -17.54 12.97 -55.59
CA VAL D 79 -17.74 14.40 -55.46
C VAL D 79 -17.19 14.84 -54.10
N CYS D 80 -17.05 16.15 -53.94
CA CYS D 80 -16.54 16.70 -52.68
C CYS D 80 -17.40 16.31 -51.49
N ASP D 81 -18.69 16.08 -51.72
CA ASP D 81 -19.59 15.66 -50.66
C ASP D 81 -19.23 14.28 -50.09
N ASP D 82 -18.37 13.53 -50.76
CA ASP D 82 -17.98 12.20 -50.29
C ASP D 82 -16.76 12.21 -49.39
N ALA D 83 -16.14 13.38 -49.19
CA ALA D 83 -15.04 13.50 -48.24
C ALA D 83 -15.50 13.13 -46.84
N ALA D 84 -14.96 12.04 -46.31
CA ALA D 84 -15.41 11.48 -45.03
C ALA D 84 -14.51 10.32 -44.67
N THR D 85 -14.72 9.77 -43.48
CA THR D 85 -14.12 8.50 -43.07
C THR D 85 -15.18 7.41 -43.13
N TYR D 86 -14.82 6.28 -43.70
CA TYR D 86 -15.75 5.19 -43.94
C TYR D 86 -15.39 3.97 -43.10
N TYR D 87 -16.40 3.32 -42.53
CA TYR D 87 -16.22 2.23 -41.59
C TYR D 87 -17.04 1.01 -42.02
N CYS D 88 -16.47 -0.18 -41.83
CA CYS D 88 -17.20 -1.43 -41.93
C CYS D 88 -17.43 -2.01 -40.53
N VAL D 89 -18.59 -2.67 -40.37
CA VAL D 89 -18.94 -3.34 -39.12
C VAL D 89 -19.41 -4.75 -39.44
N GLY D 90 -18.77 -5.75 -38.83
CA GLY D 90 -19.10 -7.15 -39.03
C GLY D 90 -19.69 -7.76 -37.78
N TYR D 91 -20.70 -8.61 -37.95
CA TYR D 91 -21.40 -9.27 -36.87
C TYR D 91 -21.25 -10.78 -37.00
N LYS D 92 -20.87 -11.44 -35.90
CA LYS D 92 -20.82 -12.90 -35.84
C LYS D 92 -21.95 -13.48 -35.00
N SER D 93 -22.17 -12.96 -33.80
CA SER D 93 -23.16 -13.49 -32.87
C SER D 93 -23.51 -12.41 -31.86
N SER D 94 -24.48 -12.70 -31.00
CA SER D 94 -24.82 -11.81 -29.89
C SER D 94 -24.11 -12.24 -28.60
N THR D 95 -22.78 -12.19 -28.65
CA THR D 95 -21.95 -12.70 -27.55
C THR D 95 -20.75 -11.78 -27.37
N THR D 96 -19.86 -12.17 -26.46
CA THR D 96 -18.63 -11.42 -26.23
C THR D 96 -17.77 -11.37 -27.49
N ASP D 97 -17.23 -10.17 -27.77
CA ASP D 97 -16.36 -9.94 -28.93
C ASP D 97 -17.01 -10.35 -30.25
N GLY D 98 -18.33 -10.32 -30.31
CA GLY D 98 -19.05 -10.92 -31.41
C GLY D 98 -19.46 -9.94 -32.50
N LEU D 99 -19.06 -8.67 -32.39
CA LEU D 99 -19.05 -7.78 -33.53
C LEU D 99 -17.78 -6.95 -33.46
N ALA D 100 -17.40 -6.37 -34.60
CA ALA D 100 -16.16 -5.61 -34.65
C ALA D 100 -16.29 -4.47 -35.63
N PHE D 101 -15.64 -3.35 -35.30
CA PHE D 101 -15.53 -2.19 -36.16
C PHE D 101 -14.18 -2.18 -36.89
N GLY D 102 -14.21 -1.83 -38.17
CA GLY D 102 -12.98 -1.49 -38.87
C GLY D 102 -12.36 -0.22 -38.33
N GLY D 103 -11.05 -0.07 -38.56
CA GLY D 103 -10.34 1.12 -38.13
C GLY D 103 -10.64 2.37 -38.93
N GLY D 104 -11.40 2.25 -40.01
CA GLY D 104 -11.80 3.41 -40.79
C GLY D 104 -10.80 3.75 -41.89
N THR D 105 -11.35 4.31 -42.98
CA THR D 105 -10.56 4.79 -44.11
C THR D 105 -10.95 6.22 -44.42
N GLU D 106 -10.00 7.14 -44.24
CA GLU D 106 -10.25 8.55 -44.53
C GLU D 106 -10.11 8.81 -46.03
N VAL D 107 -11.17 9.32 -46.64
CA VAL D 107 -11.18 9.63 -48.07
C VAL D 107 -11.07 11.14 -48.23
N VAL D 108 -9.92 11.59 -48.73
CA VAL D 108 -9.74 13.00 -49.11
C VAL D 108 -10.04 13.13 -50.59
N VAL D 109 -10.96 14.03 -50.94
CA VAL D 109 -11.34 14.27 -52.33
C VAL D 109 -10.53 15.44 -52.86
N LYS D 110 -9.81 15.22 -53.97
CA LYS D 110 -8.95 16.24 -54.56
C LYS D 110 -9.72 17.02 -55.61
N GLY D 111 -10.08 18.27 -55.28
CA GLY D 111 -10.67 19.18 -56.22
C GLY D 111 -9.65 20.07 -56.88
N ASP D 112 -10.13 21.15 -57.48
CA ASP D 112 -9.24 22.14 -58.07
C ASP D 112 -8.37 22.78 -56.99
N PRO D 113 -7.06 22.91 -57.21
CA PRO D 113 -6.22 23.64 -56.25
C PRO D 113 -6.68 25.09 -56.10
N VAL D 114 -6.69 25.56 -54.86
CA VAL D 114 -7.01 26.96 -54.54
C VAL D 114 -6.02 27.46 -53.51
N ALA D 115 -5.41 28.62 -53.77
CA ALA D 115 -4.53 29.27 -52.82
C ALA D 115 -5.33 29.98 -51.73
N PRO D 116 -4.83 30.00 -50.50
CA PRO D 116 -5.59 30.62 -49.41
C PRO D 116 -5.54 32.14 -49.46
N THR D 117 -6.63 32.76 -49.04
CA THR D 117 -6.63 34.15 -48.61
C THR D 117 -6.38 34.20 -47.11
N VAL D 118 -5.42 35.00 -46.69
CA VAL D 118 -4.89 34.96 -45.32
C VAL D 118 -5.26 36.26 -44.62
N LEU D 119 -5.80 36.14 -43.41
CA LEU D 119 -6.18 37.27 -42.59
C LEU D 119 -5.52 37.15 -41.23
N ILE D 120 -5.05 38.28 -40.70
CA ILE D 120 -4.47 38.33 -39.37
C ILE D 120 -5.28 39.32 -38.54
N PHE D 121 -5.55 38.95 -37.29
CA PHE D 121 -6.37 39.76 -36.40
C PHE D 121 -5.59 40.08 -35.13
N PRO D 122 -5.20 41.33 -34.90
CA PRO D 122 -4.53 41.68 -33.64
C PRO D 122 -5.48 41.51 -32.47
N PRO D 123 -4.97 41.33 -31.25
CA PRO D 123 -5.85 41.13 -30.09
C PRO D 123 -6.71 42.36 -29.84
N ALA D 124 -8.00 42.11 -29.57
CA ALA D 124 -8.90 43.17 -29.13
C ALA D 124 -8.27 43.95 -27.98
N ALA D 125 -8.67 45.22 -27.88
CA ALA D 125 -8.07 46.12 -26.90
C ALA D 125 -8.21 45.61 -25.47
N ASP D 126 -9.30 44.90 -25.17
CA ASP D 126 -9.56 44.45 -23.81
C ASP D 126 -8.90 43.11 -23.48
N GLN D 127 -8.11 42.54 -24.41
CA GLN D 127 -7.39 41.32 -24.11
C GLN D 127 -6.18 41.57 -23.22
N VAL D 128 -5.43 42.64 -23.49
CA VAL D 128 -4.11 42.82 -22.87
C VAL D 128 -4.22 43.00 -21.37
N ALA D 129 -5.28 43.65 -20.88
CA ALA D 129 -5.46 43.83 -19.45
C ALA D 129 -5.53 42.50 -18.71
N THR D 130 -5.99 41.44 -19.37
CA THR D 130 -6.09 40.13 -18.74
C THR D 130 -4.73 39.48 -18.49
N GLY D 131 -3.65 40.05 -19.01
CA GLY D 131 -2.33 39.48 -18.86
C GLY D 131 -1.94 38.49 -19.94
N THR D 132 -2.88 38.12 -20.81
CA THR D 132 -2.62 37.22 -21.92
C THR D 132 -3.30 37.77 -23.17
N VAL D 133 -2.63 37.63 -24.32
CA VAL D 133 -3.18 38.03 -25.61
C VAL D 133 -3.15 36.83 -26.55
N THR D 134 -4.18 36.72 -27.38
CA THR D 134 -4.26 35.70 -28.41
C THR D 134 -4.42 36.38 -29.77
N ILE D 135 -3.50 36.07 -30.68
CA ILE D 135 -3.53 36.59 -32.05
C ILE D 135 -4.05 35.50 -32.97
N VAL D 136 -5.00 35.86 -33.85
CA VAL D 136 -5.67 34.90 -34.73
C VAL D 136 -5.22 35.14 -36.16
N CYS D 137 -4.87 34.05 -36.85
CA CYS D 137 -4.54 34.05 -38.27
C CYS D 137 -5.43 33.04 -38.97
N VAL D 138 -6.16 33.49 -40.00
CA VAL D 138 -7.12 32.66 -40.72
C VAL D 138 -6.66 32.47 -42.16
N ALA D 139 -6.66 31.22 -42.62
CA ALA D 139 -6.43 30.88 -44.02
C ALA D 139 -7.73 30.30 -44.59
N ASN D 140 -8.37 31.04 -45.49
CA ASN D 140 -9.70 30.73 -45.99
C ASN D 140 -9.68 30.10 -47.37
N LYS D 141 -10.47 29.05 -47.55
CA LYS D 141 -10.84 28.49 -48.85
C LYS D 141 -9.60 28.10 -49.66
N TYR D 142 -8.97 27.01 -49.22
CA TYR D 142 -7.74 26.55 -49.83
C TYR D 142 -7.76 25.05 -50.01
N PHE D 143 -6.93 24.59 -50.95
CA PHE D 143 -6.60 23.18 -51.17
C PHE D 143 -5.39 23.12 -52.09
N PRO D 144 -4.38 22.29 -51.78
CA PRO D 144 -4.33 21.34 -50.67
C PRO D 144 -3.88 21.96 -49.33
N ASP D 145 -3.46 21.09 -48.40
CA ASP D 145 -3.15 21.49 -47.03
C ASP D 145 -2.04 22.54 -46.99
N VAL D 146 -2.02 23.28 -45.88
CA VAL D 146 -1.06 24.35 -45.65
C VAL D 146 -0.33 24.10 -44.34
N THR D 147 0.82 24.76 -44.19
CA THR D 147 1.55 24.86 -42.93
C THR D 147 1.65 26.32 -42.52
N VAL D 148 1.51 26.59 -41.22
CA VAL D 148 1.51 27.94 -40.68
C VAL D 148 2.78 28.17 -39.87
N THR D 149 3.40 29.33 -40.06
CA THR D 149 4.56 29.76 -39.29
C THR D 149 4.28 31.14 -38.70
N TRP D 150 4.56 31.31 -37.42
CA TRP D 150 4.41 32.58 -36.72
C TRP D 150 5.79 33.19 -36.46
N GLU D 151 5.91 34.50 -36.69
CA GLU D 151 7.14 35.23 -36.40
C GLU D 151 6.81 36.50 -35.62
N VAL D 152 7.61 36.77 -34.59
CA VAL D 152 7.52 37.98 -33.80
C VAL D 152 8.87 38.69 -33.91
N ASP D 153 8.86 39.88 -34.54
CA ASP D 153 10.09 40.60 -34.89
C ASP D 153 11.10 39.67 -35.56
N GLY D 154 10.61 38.85 -36.49
CA GLY D 154 11.46 37.96 -37.25
C GLY D 154 11.77 36.64 -36.59
N THR D 155 11.52 36.51 -35.29
CA THR D 155 11.84 35.28 -34.58
C THR D 155 10.71 34.28 -34.72
N THR D 156 11.03 33.10 -35.26
CA THR D 156 10.03 32.04 -35.42
C THR D 156 9.52 31.58 -34.06
N GLN D 157 8.21 31.47 -33.92
CA GLN D 157 7.60 31.04 -32.68
C GLN D 157 7.48 29.52 -32.64
N THR D 158 7.82 28.94 -31.49
CA THR D 158 7.82 27.50 -31.30
C THR D 158 6.83 27.02 -30.25
N THR D 159 6.16 27.92 -29.54
CA THR D 159 5.25 27.52 -28.48
C THR D 159 4.08 28.50 -28.42
N GLY D 160 2.97 28.01 -27.86
CA GLY D 160 1.78 28.84 -27.74
C GLY D 160 0.91 28.88 -28.96
N ILE D 161 1.03 27.91 -29.85
CA ILE D 161 0.35 27.91 -31.14
C ILE D 161 -0.63 26.74 -31.18
N GLU D 162 -1.87 27.03 -31.60
CA GLU D 162 -2.89 26.02 -31.80
C GLU D 162 -3.51 26.23 -33.18
N ASN D 163 -3.75 25.13 -33.88
CA ASN D 163 -4.32 25.16 -35.22
C ASN D 163 -5.59 24.34 -35.27
N SER D 164 -6.57 24.83 -36.03
CA SER D 164 -7.86 24.16 -36.16
C SER D 164 -8.32 24.29 -37.60
N LYS D 165 -8.62 23.15 -38.23
CA LYS D 165 -8.97 23.09 -39.65
C LYS D 165 -10.39 22.58 -39.80
N THR D 166 -11.18 23.27 -40.62
CA THR D 166 -12.50 22.80 -40.94
C THR D 166 -12.41 21.55 -41.83
N PRO D 167 -13.48 20.75 -41.88
CA PRO D 167 -13.51 19.65 -42.84
C PRO D 167 -13.67 20.18 -44.26
N GLN D 168 -13.39 19.30 -45.23
CA GLN D 168 -13.49 19.67 -46.63
C GLN D 168 -14.88 20.19 -46.96
N ASN D 169 -14.94 21.33 -47.63
CA ASN D 169 -16.21 21.87 -48.07
C ASN D 169 -16.90 20.87 -48.98
N SER D 170 -18.17 20.59 -48.68
CA SER D 170 -18.90 19.58 -49.43
C SER D 170 -19.23 20.00 -50.85
N ALA D 171 -18.97 21.25 -51.23
CA ALA D 171 -19.20 21.71 -52.59
C ALA D 171 -17.92 21.85 -53.41
N ASP D 172 -16.85 22.41 -52.84
CA ASP D 172 -15.64 22.68 -53.61
C ASP D 172 -14.37 22.10 -53.01
N CYS D 173 -14.49 21.26 -51.96
CA CYS D 173 -13.42 20.46 -51.39
C CYS D 173 -12.42 21.26 -50.56
N THR D 174 -12.60 22.58 -50.41
CA THR D 174 -11.59 23.42 -49.80
C THR D 174 -11.66 23.36 -48.27
N TYR D 175 -10.54 23.72 -47.65
CA TYR D 175 -10.41 23.82 -46.20
C TYR D 175 -10.44 25.27 -45.76
N ASN D 176 -10.75 25.48 -44.48
CA ASN D 176 -10.43 26.71 -43.76
C ASN D 176 -9.64 26.35 -42.52
N LEU D 177 -8.66 27.18 -42.17
CA LEU D 177 -7.82 26.93 -41.01
C LEU D 177 -7.76 28.17 -40.13
N SER D 178 -7.77 27.95 -38.82
CA SER D 178 -7.58 29.00 -37.83
C SER D 178 -6.34 28.69 -37.00
N SER D 179 -5.41 29.65 -36.95
CA SER D 179 -4.21 29.53 -36.14
C SER D 179 -4.21 30.62 -35.09
N THR D 180 -3.87 30.26 -33.85
CA THR D 180 -3.83 31.19 -32.75
C THR D 180 -2.45 31.18 -32.11
N LEU D 181 -1.91 32.37 -31.85
CA LEU D 181 -0.68 32.55 -31.09
C LEU D 181 -1.03 33.22 -29.77
N THR D 182 -0.67 32.56 -28.67
CA THR D 182 -0.95 33.06 -27.33
C THR D 182 0.34 33.53 -26.68
N LEU D 183 0.36 34.77 -26.21
CA LEU D 183 1.51 35.35 -25.54
C LEU D 183 1.06 36.03 -24.25
N THR D 184 2.03 36.27 -23.37
CA THR D 184 1.77 37.14 -22.23
C THR D 184 1.64 38.58 -22.71
N SER D 185 0.85 39.37 -21.97
CA SER D 185 0.75 40.78 -22.27
C SER D 185 2.11 41.45 -22.29
N THR D 186 3.04 40.97 -21.48
CA THR D 186 4.36 41.57 -21.42
C THR D 186 5.16 41.28 -22.68
N GLN D 187 5.15 40.03 -23.13
CA GLN D 187 5.75 39.70 -24.43
C GLN D 187 5.17 40.54 -25.54
N TYR D 188 3.84 40.64 -25.59
CA TYR D 188 3.18 41.39 -26.66
C TYR D 188 3.64 42.84 -26.69
N ASN D 189 3.64 43.50 -25.53
CA ASN D 189 4.01 44.92 -25.47
C ASN D 189 5.50 45.14 -25.69
N SER D 190 6.32 44.10 -25.63
CA SER D 190 7.76 44.22 -25.82
C SER D 190 8.20 44.10 -27.28
N HIS D 191 7.28 43.78 -28.19
CA HIS D 191 7.63 43.56 -29.58
C HIS D 191 6.67 44.32 -30.48
N LYS D 192 7.06 44.47 -31.75
CA LYS D 192 6.38 45.33 -32.69
C LYS D 192 5.67 44.59 -33.81
N GLU D 193 6.38 43.72 -34.54
CA GLU D 193 5.86 43.11 -35.75
C GLU D 193 5.40 41.69 -35.49
N TYR D 194 4.15 41.40 -35.86
CA TYR D 194 3.57 40.07 -35.69
C TYR D 194 3.15 39.54 -37.05
N THR D 195 3.62 38.35 -37.39
CA THR D 195 3.57 37.82 -38.73
C THR D 195 3.07 36.37 -38.73
N CYS D 196 2.18 36.05 -39.66
CA CYS D 196 1.71 34.70 -39.89
CA CYS D 196 1.75 34.68 -39.88
C CYS D 196 1.97 34.33 -41.34
N LYS D 197 2.72 33.25 -41.56
CA LYS D 197 3.12 32.81 -42.89
C LYS D 197 2.41 31.50 -43.22
N VAL D 198 1.58 31.51 -44.25
CA VAL D 198 0.82 30.34 -44.69
C VAL D 198 1.48 29.81 -45.96
N THR D 199 2.02 28.60 -45.89
CA THR D 199 2.78 27.99 -46.98
C THR D 199 1.98 26.84 -47.58
N GLN D 200 1.91 26.80 -48.91
CA GLN D 200 1.16 25.79 -49.65
C GLN D 200 2.07 25.27 -50.77
N GLY D 201 2.90 24.29 -50.44
CA GLY D 201 3.89 23.81 -51.37
C GLY D 201 4.94 24.85 -51.69
N THR D 202 4.89 25.40 -52.90
CA THR D 202 5.84 26.41 -53.34
C THR D 202 5.29 27.83 -53.22
N THR D 203 4.06 27.99 -52.74
CA THR D 203 3.42 29.28 -52.56
C THR D 203 3.35 29.64 -51.09
N SER D 204 3.60 30.90 -50.77
CA SER D 204 3.44 31.41 -49.41
C SER D 204 2.67 32.73 -49.45
N VAL D 205 1.74 32.88 -48.52
CA VAL D 205 1.04 34.14 -48.28
C VAL D 205 1.32 34.59 -46.86
N VAL D 206 1.77 35.84 -46.70
CA VAL D 206 2.25 36.37 -45.43
C VAL D 206 1.44 37.60 -45.09
N GLN D 207 0.85 37.61 -43.90
CA GLN D 207 0.17 38.79 -43.36
C GLN D 207 0.81 39.21 -42.05
N SER D 208 1.03 40.51 -41.89
CA SER D 208 1.66 41.06 -40.70
C SER D 208 0.86 42.25 -40.19
N PHE D 209 1.09 42.59 -38.92
CA PHE D 209 0.71 43.89 -38.40
C PHE D 209 1.78 44.34 -37.40
N ASN D 210 1.86 45.66 -37.23
CA ASN D 210 2.71 46.25 -36.19
C ASN D 210 1.81 46.74 -35.05
N ARG D 211 2.10 46.25 -33.84
CA ARG D 211 1.28 46.57 -32.67
C ARG D 211 1.00 48.06 -32.55
N GLY D 212 2.01 48.90 -32.79
CA GLY D 212 1.82 50.34 -32.69
C GLY D 212 0.71 50.87 -33.57
N ASP D 213 0.42 50.20 -34.68
CA ASP D 213 -0.48 50.71 -35.70
C ASP D 213 -1.92 50.22 -35.54
N CYS D 214 -2.20 49.42 -34.52
CA CYS D 214 -3.51 48.80 -34.41
C CYS D 214 -4.13 49.04 -33.03
N GLN E 1 17.68 -31.88 15.95
CA GLN E 1 17.15 -30.76 16.74
C GLN E 1 15.77 -30.30 16.28
N SER E 2 15.60 -30.07 14.99
CA SER E 2 14.37 -29.50 14.48
C SER E 2 14.03 -30.13 13.14
N VAL E 3 12.74 -30.19 12.83
CA VAL E 3 12.26 -30.63 11.53
C VAL E 3 11.59 -29.44 10.84
N LYS E 4 11.54 -29.50 9.52
CA LYS E 4 10.98 -28.43 8.72
C LYS E 4 10.32 -29.00 7.48
N GLU E 5 9.16 -28.47 7.13
CA GLU E 5 8.48 -28.83 5.89
C GLU E 5 8.98 -27.97 4.74
N SER E 6 9.01 -28.57 3.55
CA SER E 6 9.42 -27.86 2.36
C SER E 6 8.32 -26.90 1.89
N GLU E 7 8.59 -26.23 0.77
CA GLU E 7 7.74 -25.13 0.32
C GLU E 7 6.41 -25.64 -0.22
N GLY E 8 5.33 -24.96 0.18
CA GLY E 8 4.01 -25.22 -0.38
C GLY E 8 3.67 -24.27 -1.50
N GLY E 9 2.60 -23.49 -1.33
CA GLY E 9 2.25 -22.44 -2.27
C GLY E 9 0.90 -22.67 -2.92
N LEU E 10 0.76 -22.17 -4.15
CA LEU E 10 -0.51 -22.08 -4.85
C LEU E 10 -0.66 -23.21 -5.85
N PHE E 11 -1.82 -23.87 -5.81
CA PHE E 11 -2.10 -25.02 -6.67
C PHE E 11 -3.50 -24.88 -7.27
N LYS E 12 -3.66 -25.42 -8.48
CA LYS E 12 -5.00 -25.55 -9.04
C LYS E 12 -5.62 -26.89 -8.64
N PRO E 13 -6.94 -27.00 -8.65
CA PRO E 13 -7.54 -28.32 -8.51
C PRO E 13 -7.10 -29.20 -9.67
N THR E 14 -6.63 -30.41 -9.33
CA THR E 14 -6.14 -31.51 -10.16
C THR E 14 -4.60 -31.56 -10.10
N ASP E 15 -3.99 -30.57 -9.46
CA ASP E 15 -2.55 -30.59 -9.28
C ASP E 15 -2.15 -31.64 -8.25
N THR E 16 -0.85 -31.91 -8.17
CA THR E 16 -0.28 -32.78 -7.17
C THR E 16 0.58 -31.98 -6.19
N LEU E 17 0.32 -32.18 -4.89
CA LEU E 17 1.11 -31.58 -3.84
C LEU E 17 2.22 -32.54 -3.41
N THR E 18 3.46 -32.05 -3.34
CA THR E 18 4.58 -32.84 -2.85
C THR E 18 5.32 -32.03 -1.80
N LEU E 19 5.45 -32.60 -0.60
CA LEU E 19 6.09 -31.95 0.54
C LEU E 19 7.13 -32.88 1.13
N THR E 20 8.25 -32.32 1.58
CA THR E 20 9.33 -33.08 2.17
C THR E 20 9.58 -32.61 3.60
N CYS E 21 9.70 -33.56 4.51
CA CYS E 21 10.06 -33.29 5.90
C CYS E 21 11.56 -33.54 6.07
N THR E 22 12.30 -32.48 6.41
CA THR E 22 13.75 -32.56 6.57
C THR E 22 14.12 -32.29 8.02
N ALA E 23 15.18 -32.93 8.47
CA ALA E 23 15.67 -32.79 9.83
C ALA E 23 17.00 -32.03 9.87
N SER E 24 17.22 -31.34 10.97
CA SER E 24 18.48 -30.64 11.22
C SER E 24 18.86 -30.86 12.68
N GLY E 25 20.04 -31.47 12.90
CA GLY E 25 20.55 -31.70 14.23
C GLY E 25 20.27 -33.09 14.77
N PHE E 26 19.46 -33.89 14.07
CA PHE E 26 19.27 -35.29 14.40
C PHE E 26 18.77 -35.99 13.13
N SER E 27 18.39 -37.26 13.27
CA SER E 27 18.00 -38.08 12.13
C SER E 27 16.51 -38.37 12.15
N LEU E 28 15.97 -38.58 10.95
CA LEU E 28 14.62 -39.10 10.79
C LEU E 28 14.57 -40.61 10.60
N ASN E 29 15.66 -41.20 10.10
CA ASN E 29 15.73 -42.66 9.95
C ASN E 29 15.60 -43.34 11.30
N GLY E 30 14.67 -44.29 11.39
CA GLY E 30 14.44 -45.02 12.60
C GLY E 30 13.48 -44.38 13.58
N TYR E 31 12.92 -43.22 13.23
CA TYR E 31 11.98 -42.51 14.08
C TYR E 31 10.67 -42.31 13.34
N GLY E 32 9.56 -42.43 14.06
CA GLY E 32 8.26 -42.17 13.46
C GLY E 32 8.14 -40.73 12.99
N VAL E 33 7.47 -40.55 11.86
CA VAL E 33 7.20 -39.23 11.30
C VAL E 33 5.73 -39.19 10.89
N ILE E 34 5.05 -38.11 11.25
CA ILE E 34 3.62 -37.97 11.00
C ILE E 34 3.38 -36.72 10.18
N TRP E 35 2.33 -36.75 9.38
CA TRP E 35 1.88 -35.61 8.58
C TRP E 35 0.48 -35.22 9.06
N VAL E 36 0.32 -33.96 9.47
CA VAL E 36 -0.97 -33.43 9.88
C VAL E 36 -1.16 -32.08 9.19
N ARG E 37 -2.43 -31.75 8.92
CA ARG E 37 -2.78 -30.48 8.32
C ARG E 37 -3.86 -29.80 9.15
N GLN E 38 -4.06 -28.51 8.89
CA GLN E 38 -4.99 -27.70 9.68
C GLN E 38 -5.61 -26.65 8.77
N ALA E 39 -6.86 -26.86 8.39
CA ALA E 39 -7.60 -25.86 7.64
C ALA E 39 -7.82 -24.62 8.51
N PRO E 40 -7.99 -23.44 7.89
CA PRO E 40 -8.10 -22.20 8.68
C PRO E 40 -9.16 -22.25 9.76
N GLY E 41 -8.75 -21.99 11.01
CA GLY E 41 -9.68 -21.99 12.13
C GLY E 41 -10.32 -23.34 12.40
N LYS E 42 -9.61 -24.43 12.11
CA LYS E 42 -10.13 -25.78 12.28
C LYS E 42 -9.12 -26.62 13.06
N GLY E 43 -9.51 -27.85 13.37
CA GLY E 43 -8.66 -28.72 14.17
C GLY E 43 -7.59 -29.43 13.37
N LEU E 44 -6.63 -29.99 14.10
CA LEU E 44 -5.60 -30.81 13.49
C LEU E 44 -6.21 -32.06 12.86
N GLU E 45 -5.73 -32.41 11.66
CA GLU E 45 -6.25 -33.55 10.92
C GLU E 45 -5.08 -34.45 10.50
N TRP E 46 -5.12 -35.70 10.94
CA TRP E 46 -4.11 -36.68 10.56
C TRP E 46 -4.18 -36.98 9.07
N ILE E 47 -3.02 -36.95 8.41
CA ILE E 47 -2.93 -37.32 7.00
C ILE E 47 -2.33 -38.71 6.82
N GLY E 48 -1.33 -39.05 7.63
CA GLY E 48 -0.71 -40.35 7.55
C GLY E 48 0.59 -40.34 8.32
N SER E 49 1.12 -41.54 8.54
CA SER E 49 2.29 -41.73 9.38
C SER E 49 3.30 -42.63 8.70
N ALA E 50 4.58 -42.32 8.88
CA ALA E 50 5.68 -43.17 8.46
C ALA E 50 6.24 -43.85 9.70
N GLY E 51 5.94 -45.14 9.86
CA GLY E 51 6.38 -45.87 11.03
C GLY E 51 7.89 -45.92 11.13
N ALA E 52 8.38 -46.01 12.37
CA ALA E 52 9.82 -46.06 12.61
C ALA E 52 10.45 -47.31 12.04
N TYR E 53 9.68 -48.36 11.81
CA TYR E 53 10.22 -49.63 11.33
C TYR E 53 9.66 -50.02 9.96
N GLY E 54 9.20 -49.05 9.18
CA GLY E 54 8.93 -49.24 7.77
C GLY E 54 7.47 -49.20 7.38
N ARG E 55 6.56 -49.45 8.31
CA ARG E 55 5.15 -49.47 7.97
C ARG E 55 4.61 -48.06 7.74
N ILE E 56 3.78 -47.93 6.70
CA ILE E 56 3.11 -46.69 6.36
C ILE E 56 1.61 -46.90 6.56
N TYR E 57 0.98 -46.03 7.35
CA TYR E 57 -0.45 -46.17 7.60
C TYR E 57 -1.13 -44.81 7.53
N TYR E 58 -2.38 -44.84 7.07
CA TYR E 58 -3.17 -43.67 6.75
C TYR E 58 -4.52 -43.75 7.44
N PRO E 59 -5.23 -42.62 7.57
CA PRO E 59 -6.68 -42.68 7.74
C PRO E 59 -7.34 -43.06 6.42
N ASN E 60 -8.56 -43.59 6.53
CA ASN E 60 -9.23 -44.16 5.35
C ASN E 60 -9.41 -43.12 4.25
N TRP E 61 -9.82 -41.89 4.62
CA TRP E 61 -10.05 -40.86 3.61
C TRP E 61 -8.79 -40.58 2.79
N ALA E 62 -7.60 -40.73 3.37
CA ALA E 62 -6.36 -40.36 2.72
C ALA E 62 -5.72 -41.49 1.93
N ARG E 63 -6.16 -42.73 2.14
CA ARG E 63 -5.46 -43.88 1.58
C ARG E 63 -5.45 -43.87 0.07
N SER E 64 -6.49 -43.31 -0.56
CA SER E 64 -6.57 -43.32 -2.02
C SER E 64 -5.74 -42.20 -2.65
N ARG E 65 -5.70 -41.02 -2.02
CA ARG E 65 -5.12 -39.85 -2.65
C ARG E 65 -3.84 -39.36 -2.02
N ALA E 66 -3.39 -39.94 -0.90
CA ALA E 66 -2.13 -39.59 -0.28
C ALA E 66 -1.21 -40.80 -0.26
N THR E 67 0.08 -40.56 -0.55
CA THR E 67 1.11 -41.57 -0.40
C THR E 67 2.31 -40.96 0.29
N ILE E 68 2.84 -41.66 1.29
CA ILE E 68 3.93 -41.17 2.13
C ILE E 68 5.11 -42.10 1.97
N THR E 69 6.29 -41.53 1.73
CA THR E 69 7.48 -42.29 1.35
C THR E 69 8.67 -41.84 2.18
N ARG E 70 9.46 -42.82 2.63
CA ARG E 70 10.70 -42.54 3.35
C ARG E 70 11.89 -42.70 2.42
N ASN E 71 12.86 -41.79 2.56
CA ASN E 71 14.14 -41.86 1.86
C ASN E 71 15.24 -41.93 2.92
N THR E 72 15.71 -43.13 3.24
CA THR E 72 16.74 -43.28 4.26
C THR E 72 18.10 -42.81 3.77
N ASN E 73 18.31 -42.71 2.45
CA ASN E 73 19.55 -42.16 1.93
C ASN E 73 19.68 -40.68 2.28
N LEU E 74 18.60 -39.91 2.07
CA LEU E 74 18.61 -38.47 2.28
C LEU E 74 18.07 -38.08 3.65
N ASN E 75 17.63 -39.04 4.45
CA ASN E 75 17.15 -38.78 5.81
C ASN E 75 15.90 -37.90 5.79
N THR E 76 14.97 -38.22 4.90
CA THR E 76 13.76 -37.42 4.71
C THR E 76 12.53 -38.33 4.70
N VAL E 77 11.37 -37.69 4.88
CA VAL E 77 10.07 -38.31 4.71
C VAL E 77 9.21 -37.36 3.89
N SER E 78 8.52 -37.89 2.89
CA SER E 78 7.79 -37.07 1.94
C SER E 78 6.31 -37.40 1.94
N LEU E 79 5.52 -36.44 1.49
CA LEU E 79 4.07 -36.57 1.37
C LEU E 79 3.64 -36.15 -0.03
N LYS E 80 2.88 -37.01 -0.70
CA LYS E 80 2.34 -36.72 -2.02
C LYS E 80 0.82 -36.84 -1.97
N MET E 81 0.12 -35.83 -2.46
CA MET E 81 -1.33 -35.83 -2.50
C MET E 81 -1.79 -35.45 -3.90
N THR E 82 -2.70 -36.24 -4.45
CA THR E 82 -3.21 -36.05 -5.80
C THR E 82 -4.64 -35.54 -5.78
N SER E 83 -5.09 -35.09 -6.95
CA SER E 83 -6.45 -34.56 -7.15
C SER E 83 -6.81 -33.55 -6.06
N LEU E 84 -6.05 -32.46 -6.03
CA LEU E 84 -6.26 -31.40 -5.06
C LEU E 84 -7.60 -30.70 -5.28
N THR E 85 -8.22 -30.28 -4.17
CA THR E 85 -9.38 -29.41 -4.21
C THR E 85 -9.17 -28.27 -3.23
N ALA E 86 -10.04 -27.25 -3.34
CA ALA E 86 -10.04 -26.16 -2.37
C ALA E 86 -10.08 -26.65 -0.94
N ALA E 87 -10.66 -27.82 -0.70
CA ALA E 87 -10.73 -28.37 0.64
C ALA E 87 -9.36 -28.76 1.19
N ASP E 88 -8.36 -28.86 0.33
CA ASP E 88 -7.00 -29.18 0.76
C ASP E 88 -6.21 -27.95 1.19
N THR E 89 -6.77 -26.76 1.05
CA THR E 89 -6.13 -25.55 1.57
C THR E 89 -5.99 -25.65 3.07
N ALA E 90 -4.75 -25.56 3.56
CA ALA E 90 -4.48 -25.75 4.98
C ALA E 90 -3.01 -25.47 5.24
N THR E 91 -2.65 -25.40 6.52
CA THR E 91 -1.27 -25.46 6.97
C THR E 91 -0.89 -26.93 7.14
N TYR E 92 0.26 -27.31 6.59
CA TYR E 92 0.71 -28.69 6.67
C TYR E 92 1.92 -28.80 7.59
N PHE E 93 1.84 -29.75 8.52
CA PHE E 93 2.90 -29.99 9.51
C PHE E 93 3.47 -31.38 9.32
N CYS E 94 4.77 -31.52 9.60
CA CYS E 94 5.36 -32.82 9.86
C CYS E 94 5.98 -32.80 11.25
N ALA E 95 6.07 -33.99 11.86
CA ALA E 95 6.59 -34.09 13.22
C ALA E 95 7.34 -35.40 13.38
N ARG E 96 8.30 -35.38 14.30
CA ARG E 96 9.14 -36.53 14.61
C ARG E 96 8.88 -37.00 16.03
N ARG E 97 8.90 -38.31 16.22
CA ARG E 97 8.67 -38.92 17.53
C ARG E 97 9.98 -39.53 18.02
N THR E 98 10.48 -39.03 19.14
CA THR E 98 11.76 -39.50 19.67
C THR E 98 11.71 -40.97 20.06
N ASN E 99 10.64 -41.38 20.74
CA ASN E 99 10.54 -42.72 21.32
C ASN E 99 9.39 -43.47 20.66
N VAL E 100 9.70 -44.65 20.10
CA VAL E 100 8.64 -45.51 19.56
C VAL E 100 7.75 -46.02 20.68
N SER E 101 8.28 -46.15 21.90
CA SER E 101 7.50 -46.69 23.02
C SER E 101 6.33 -45.79 23.39
N THR E 102 6.32 -44.53 22.97
CA THR E 102 5.21 -43.62 23.24
C THR E 102 4.13 -43.70 22.18
N SER E 103 4.46 -44.20 20.98
CA SER E 103 3.55 -44.34 19.84
C SER E 103 3.13 -43.00 19.25
N VAL E 104 2.66 -42.08 20.10
CA VAL E 104 2.17 -40.79 19.59
C VAL E 104 2.79 -39.64 20.38
N GLY E 105 3.91 -39.91 21.05
CA GLY E 105 4.62 -38.84 21.73
C GLY E 105 5.43 -38.01 20.76
N PHE E 106 4.75 -37.33 19.83
CA PHE E 106 5.43 -36.62 18.76
C PHE E 106 6.08 -35.35 19.29
N ASP E 107 7.39 -35.27 19.15
CA ASP E 107 8.29 -34.47 19.96
C ASP E 107 8.70 -33.17 19.28
N SER E 108 9.17 -33.25 18.04
CA SER E 108 9.68 -32.10 17.30
C SER E 108 8.75 -31.82 16.13
N TRP E 109 8.12 -30.65 16.14
CA TRP E 109 7.17 -30.24 15.10
C TRP E 109 7.80 -29.16 14.24
N GLY E 110 7.51 -29.22 12.94
CA GLY E 110 7.92 -28.18 12.01
C GLY E 110 7.07 -26.93 12.18
N PRO E 111 7.54 -25.82 11.62
CA PRO E 111 6.75 -24.57 11.73
C PRO E 111 5.48 -24.58 10.90
N GLY E 112 5.35 -25.51 9.95
CA GLY E 112 4.17 -25.56 9.10
C GLY E 112 4.39 -24.86 7.78
N THR E 113 3.83 -25.41 6.70
CA THR E 113 3.92 -24.82 5.38
C THR E 113 2.52 -24.60 4.83
N LEU E 114 2.32 -23.46 4.18
CA LEU E 114 1.00 -23.01 3.77
C LEU E 114 0.72 -23.45 2.34
N VAL E 115 -0.43 -24.08 2.14
CA VAL E 115 -0.86 -24.58 0.84
C VAL E 115 -2.22 -23.98 0.53
N THR E 116 -2.32 -23.27 -0.59
CA THR E 116 -3.58 -22.74 -1.09
C THR E 116 -3.92 -23.42 -2.41
N VAL E 117 -5.06 -24.09 -2.45
CA VAL E 117 -5.60 -24.67 -3.67
C VAL E 117 -6.72 -23.75 -4.11
N SER E 118 -6.52 -23.04 -5.22
CA SER E 118 -7.44 -21.98 -5.60
C SER E 118 -8.40 -22.51 -6.66
N SER E 119 -9.68 -22.23 -6.45
CA SER E 119 -10.72 -22.58 -7.41
C SER E 119 -10.66 -21.73 -8.66
N SER E 120 -10.41 -20.43 -8.51
CA SER E 120 -10.42 -19.54 -9.66
C SER E 120 -9.02 -19.20 -10.12
N SER E 121 -8.46 -18.11 -9.63
CA SER E 121 -7.15 -17.64 -10.06
C SER E 121 -6.06 -18.63 -9.68
N GLY E 122 -5.39 -19.20 -10.69
CA GLY E 122 -4.26 -20.06 -10.45
C GLY E 122 -2.90 -19.39 -10.49
N GLN E 123 -2.85 -18.05 -10.68
CA GLN E 123 -1.59 -17.31 -10.78
C GLN E 123 -1.29 -16.56 -9.49
N PRO E 124 -0.07 -16.60 -8.99
CA PRO E 124 0.27 -15.81 -7.79
C PRO E 124 0.21 -14.32 -8.08
N LYS E 125 0.17 -13.55 -6.99
CA LYS E 125 0.00 -12.11 -7.04
C LYS E 125 0.87 -11.45 -5.97
N ALA E 126 1.67 -10.46 -6.38
CA ALA E 126 2.53 -9.71 -5.47
C ALA E 126 1.71 -8.71 -4.65
N PRO E 127 2.10 -8.47 -3.41
CA PRO E 127 1.35 -7.54 -2.55
C PRO E 127 1.60 -6.08 -2.88
N SER E 128 0.57 -5.26 -2.69
CA SER E 128 0.74 -3.82 -2.54
C SER E 128 0.96 -3.50 -1.07
N VAL E 129 1.90 -2.59 -0.81
CA VAL E 129 2.27 -2.21 0.55
C VAL E 129 1.98 -0.72 0.71
N PHE E 130 1.16 -0.37 1.69
CA PHE E 130 0.77 1.01 1.93
C PHE E 130 1.12 1.43 3.36
N PRO E 131 1.72 2.60 3.55
CA PRO E 131 2.05 3.05 4.91
C PRO E 131 0.81 3.38 5.72
N LEU E 132 0.89 3.11 7.02
CA LEU E 132 -0.16 3.45 7.97
C LEU E 132 0.36 4.53 8.91
N ALA E 133 -0.23 5.73 8.83
CA ALA E 133 0.16 6.85 9.65
C ALA E 133 -1.08 7.59 10.12
N PRO E 134 -1.05 8.18 11.32
CA PRO E 134 -2.19 8.97 11.78
C PRO E 134 -2.45 10.16 10.86
N CYS E 135 -3.73 10.53 10.76
CA CYS E 135 -4.14 11.71 10.01
C CYS E 135 -3.25 12.91 10.31
N CYS E 136 -2.85 13.61 9.25
CA CYS E 136 -1.93 14.74 9.41
C CYS E 136 -2.52 15.83 10.29
N GLY E 137 -3.85 15.92 10.37
CA GLY E 137 -4.49 16.92 11.21
C GLY E 137 -4.38 16.67 12.69
N ASP E 138 -3.99 15.45 13.10
CA ASP E 138 -3.91 15.12 14.51
C ASP E 138 -2.76 15.86 15.20
N THR E 139 -2.96 16.15 16.48
CA THR E 139 -1.92 16.77 17.27
C THR E 139 -0.79 15.77 17.54
N PRO E 140 0.47 16.14 17.27
CA PRO E 140 1.57 15.20 17.51
C PRO E 140 1.87 15.04 18.98
N SER E 141 2.46 13.89 19.32
CA SER E 141 2.94 13.59 20.66
C SER E 141 4.38 13.09 20.55
N SER E 142 4.96 12.75 21.70
CA SER E 142 6.32 12.21 21.73
C SER E 142 6.36 10.79 21.19
N THR E 143 5.25 10.07 21.23
CA THR E 143 5.16 8.69 20.76
C THR E 143 4.14 8.61 19.63
N VAL E 144 4.36 7.67 18.72
CA VAL E 144 3.50 7.52 17.56
C VAL E 144 3.49 6.05 17.14
N THR E 145 2.32 5.58 16.70
CA THR E 145 2.17 4.24 16.16
C THR E 145 2.05 4.33 14.64
N LEU E 146 3.00 3.71 13.93
CA LEU E 146 3.00 3.64 12.48
C LEU E 146 2.92 2.19 12.04
N GLY E 147 2.58 1.98 10.78
CA GLY E 147 2.50 0.62 10.28
C GLY E 147 2.47 0.55 8.77
N CYS E 148 2.30 -0.68 8.27
CA CYS E 148 2.20 -0.96 6.85
CA CYS E 148 2.17 -0.92 6.84
C CYS E 148 1.09 -1.96 6.60
N LEU E 149 0.31 -1.73 5.55
CA LEU E 149 -0.75 -2.64 5.13
C LEU E 149 -0.26 -3.43 3.92
N VAL E 150 -0.25 -4.75 4.05
CA VAL E 150 0.20 -5.65 2.99
C VAL E 150 -1.06 -6.24 2.35
N LYS E 151 -1.44 -5.72 1.19
CA LYS E 151 -2.74 -5.96 0.60
C LYS E 151 -2.64 -6.75 -0.69
N GLY E 152 -3.56 -7.71 -0.86
CA GLY E 152 -3.82 -8.29 -2.17
C GLY E 152 -2.77 -9.24 -2.70
N TYR E 153 -2.26 -10.14 -1.87
CA TYR E 153 -1.24 -11.08 -2.30
C TYR E 153 -1.78 -12.50 -2.29
N LEU E 154 -1.12 -13.36 -3.07
CA LEU E 154 -1.49 -14.75 -3.23
C LEU E 154 -0.31 -15.53 -3.77
N PRO E 155 0.03 -16.70 -3.19
CA PRO E 155 -0.57 -17.23 -1.97
C PRO E 155 0.14 -16.74 -0.72
N GLU E 156 -0.14 -17.37 0.40
CA GLU E 156 0.61 -17.10 1.61
C GLU E 156 1.97 -17.78 1.53
N PRO E 157 2.95 -17.33 2.34
CA PRO E 157 2.89 -16.20 3.27
C PRO E 157 3.59 -14.94 2.77
N VAL E 158 3.49 -13.89 3.57
CA VAL E 158 4.44 -12.79 3.54
C VAL E 158 5.11 -12.73 4.90
N THR E 159 6.33 -12.23 4.92
CA THR E 159 7.02 -11.93 6.17
C THR E 159 7.23 -10.43 6.28
N VAL E 160 7.08 -9.90 7.49
CA VAL E 160 7.24 -8.47 7.74
C VAL E 160 8.25 -8.29 8.85
N THR E 161 9.28 -7.49 8.59
CA THR E 161 10.19 -6.99 9.61
C THR E 161 10.18 -5.47 9.58
N TRP E 162 10.84 -4.87 10.57
CA TRP E 162 10.93 -3.42 10.67
C TRP E 162 12.40 -3.04 10.81
N ASN E 163 12.86 -2.13 9.95
CA ASN E 163 14.24 -1.66 9.96
C ASN E 163 15.21 -2.83 9.83
N SER E 164 14.91 -3.75 8.91
CA SER E 164 15.74 -4.92 8.62
C SER E 164 15.94 -5.80 9.86
N GLY E 165 14.94 -5.86 10.72
CA GLY E 165 14.97 -6.72 11.88
C GLY E 165 15.61 -6.12 13.11
N THR E 166 16.09 -4.87 13.03
CA THR E 166 16.67 -4.20 14.19
C THR E 166 15.61 -3.60 15.10
N LEU E 167 14.38 -3.43 14.60
CA LEU E 167 13.29 -2.87 15.37
C LEU E 167 12.29 -4.00 15.67
N THR E 168 12.20 -4.38 16.94
CA THR E 168 11.38 -5.52 17.33
C THR E 168 10.42 -5.16 18.46
N ASN E 169 10.78 -4.21 19.31
CA ASN E 169 9.92 -3.88 20.44
C ASN E 169 8.76 -3.01 19.99
N GLY E 170 7.59 -3.27 20.58
CA GLY E 170 6.38 -2.56 20.22
C GLY E 170 5.80 -2.92 18.87
N VAL E 171 6.17 -4.09 18.32
CA VAL E 171 5.70 -4.51 17.01
C VAL E 171 4.55 -5.49 17.18
N ARG E 172 3.45 -5.23 16.47
CA ARG E 172 2.27 -6.09 16.52
CA ARG E 172 2.25 -6.06 16.51
C ARG E 172 1.88 -6.41 15.08
N THR E 173 2.17 -7.64 14.66
CA THR E 173 1.87 -8.13 13.33
C THR E 173 0.69 -9.08 13.41
N PHE E 174 -0.41 -8.72 12.76
CA PHE E 174 -1.67 -9.43 12.86
C PHE E 174 -1.73 -10.60 11.89
N PRO E 175 -2.47 -11.65 12.24
CA PRO E 175 -2.69 -12.75 11.30
C PRO E 175 -3.35 -12.26 10.02
N SER E 176 -3.07 -12.95 8.92
CA SER E 176 -3.63 -12.59 7.64
C SER E 176 -5.13 -12.89 7.59
N VAL E 177 -5.83 -12.16 6.73
CA VAL E 177 -7.22 -12.45 6.40
C VAL E 177 -7.30 -12.66 4.89
N ARG E 178 -8.28 -13.46 4.48
CA ARG E 178 -8.53 -13.72 3.07
C ARG E 178 -9.71 -12.88 2.62
N GLN E 179 -9.48 -12.00 1.65
CA GLN E 179 -10.54 -11.16 1.12
C GLN E 179 -11.58 -12.03 0.41
N SER E 180 -12.72 -11.40 0.10
CA SER E 180 -13.77 -12.10 -0.63
C SER E 180 -13.28 -12.53 -2.00
N SER E 181 -12.40 -11.75 -2.62
CA SER E 181 -11.81 -12.12 -3.90
C SER E 181 -10.94 -13.36 -3.81
N GLY E 182 -10.50 -13.73 -2.61
CA GLY E 182 -9.55 -14.81 -2.42
C GLY E 182 -8.14 -14.35 -2.14
N LEU E 183 -7.86 -13.06 -2.30
CA LEU E 183 -6.54 -12.51 -2.00
C LEU E 183 -6.37 -12.31 -0.50
N TYR E 184 -5.12 -12.39 -0.04
CA TYR E 184 -4.80 -12.24 1.37
C TYR E 184 -4.32 -10.82 1.67
N SER E 185 -4.56 -10.37 2.90
CA SER E 185 -4.15 -9.01 3.33
C SER E 185 -3.86 -9.00 4.84
N LEU E 186 -2.63 -8.65 5.22
CA LEU E 186 -2.22 -8.59 6.65
C LEU E 186 -1.66 -7.18 6.95
N SER E 187 -1.71 -6.76 8.22
CA SER E 187 -1.20 -5.43 8.61
C SER E 187 -0.25 -5.55 9.81
N SER E 188 0.72 -4.64 9.90
CA SER E 188 1.69 -4.64 10.99
C SER E 188 1.88 -3.21 11.48
N VAL E 189 1.88 -3.03 12.80
CA VAL E 189 2.08 -1.70 13.39
C VAL E 189 3.22 -1.75 14.40
N VAL E 190 3.80 -0.59 14.65
CA VAL E 190 4.89 -0.45 15.63
C VAL E 190 4.78 0.92 16.31
N SER E 191 5.04 0.93 17.60
CA SER E 191 5.02 2.17 18.40
CA SER E 191 5.02 2.17 18.40
C SER E 191 6.46 2.62 18.63
N VAL E 192 6.77 3.84 18.19
CA VAL E 192 8.11 4.40 18.34
C VAL E 192 8.01 5.82 18.89
N THR E 193 9.15 6.31 19.37
CA THR E 193 9.28 7.70 19.79
C THR E 193 9.43 8.62 18.59
N SER E 194 10.65 8.69 18.05
CA SER E 194 11.02 9.55 16.93
C SER E 194 12.48 9.28 16.60
N SER E 195 13.19 8.63 17.53
CA SER E 195 14.58 8.27 17.28
C SER E 195 14.69 7.09 16.33
N SER E 196 13.73 6.16 16.36
CA SER E 196 13.70 5.08 15.38
C SER E 196 13.38 5.57 13.98
N GLN E 197 12.91 6.82 13.83
CA GLN E 197 12.47 7.31 12.55
C GLN E 197 13.68 7.63 11.65
N PRO E 198 13.51 7.54 10.32
CA PRO E 198 12.30 6.99 9.68
C PRO E 198 12.24 5.47 9.82
N VAL E 199 11.04 4.92 9.99
CA VAL E 199 10.87 3.48 10.13
C VAL E 199 10.52 2.90 8.77
N THR E 200 11.07 1.73 8.48
CA THR E 200 10.87 1.05 7.21
C THR E 200 10.39 -0.37 7.46
N CYS E 201 9.28 -0.74 6.83
CA CYS E 201 8.72 -2.08 6.94
CA CYS E 201 8.74 -2.08 6.95
C CYS E 201 9.18 -2.90 5.74
N ASN E 202 9.72 -4.08 6.00
CA ASN E 202 10.29 -4.95 4.97
C ASN E 202 9.36 -6.12 4.73
N VAL E 203 8.75 -6.16 3.55
CA VAL E 203 7.76 -7.17 3.19
C VAL E 203 8.37 -8.09 2.14
N ALA E 204 8.36 -9.38 2.42
CA ALA E 204 8.85 -10.39 1.49
C ALA E 204 7.69 -11.30 1.08
N HIS E 205 7.52 -11.50 -0.23
CA HIS E 205 6.55 -12.45 -0.78
C HIS E 205 7.32 -13.46 -1.63
N PRO E 206 7.81 -14.55 -1.03
CA PRO E 206 8.65 -15.50 -1.79
C PRO E 206 7.98 -16.05 -3.04
N ALA E 207 6.67 -16.27 -3.03
CA ALA E 207 6.00 -16.89 -4.17
C ALA E 207 6.10 -16.06 -5.44
N THR E 208 6.32 -14.75 -5.30
CA THR E 208 6.53 -13.87 -6.45
C THR E 208 7.95 -13.30 -6.49
N ASN E 209 8.83 -13.81 -5.63
CA ASN E 209 10.22 -13.33 -5.56
C ASN E 209 10.29 -11.82 -5.33
N THR E 210 9.42 -11.33 -4.46
CA THR E 210 9.23 -9.91 -4.24
C THR E 210 9.67 -9.52 -2.83
N LYS E 211 10.41 -8.42 -2.73
CA LYS E 211 10.70 -7.78 -1.46
C LYS E 211 10.39 -6.29 -1.60
N VAL E 212 9.55 -5.77 -0.71
CA VAL E 212 9.14 -4.37 -0.75
C VAL E 212 9.56 -3.70 0.54
N ASP E 213 10.26 -2.58 0.42
CA ASP E 213 10.56 -1.70 1.55
C ASP E 213 9.68 -0.46 1.46
N LYS E 214 9.00 -0.13 2.55
CA LYS E 214 8.17 1.06 2.62
C LYS E 214 8.59 1.87 3.84
N THR E 215 9.06 3.09 3.62
CA THR E 215 9.44 3.99 4.70
C THR E 215 8.22 4.82 5.09
N VAL E 216 7.85 4.77 6.36
CA VAL E 216 6.65 5.42 6.86
C VAL E 216 7.06 6.67 7.64
N ALA E 217 6.50 7.81 7.24
CA ALA E 217 6.67 9.05 7.98
C ALA E 217 5.35 9.49 8.60
N PRO E 218 5.36 9.97 9.83
CA PRO E 218 4.14 10.56 10.41
C PRO E 218 3.67 11.74 9.59
N SER E 219 2.41 11.69 9.16
CA SER E 219 1.85 12.76 8.33
C SER E 219 1.65 14.02 9.18
N THR E 220 2.08 15.15 8.63
CA THR E 220 1.98 16.44 9.32
C THR E 220 1.32 17.54 8.51
N CYS E 221 1.23 17.40 7.19
CA CYS E 221 0.68 18.42 6.31
C CYS E 221 1.35 19.79 6.50
N ASP F 1 -12.05 -43.05 16.78
CA ASP F 1 -12.80 -41.84 17.04
C ASP F 1 -12.54 -41.29 18.44
N MET F 2 -12.00 -40.08 18.51
CA MET F 2 -11.78 -39.38 19.77
C MET F 2 -12.79 -38.24 19.86
N THR F 3 -13.60 -38.25 20.92
CA THR F 3 -14.52 -37.16 21.20
C THR F 3 -13.94 -36.31 22.33
N GLN F 4 -13.77 -35.02 22.08
CA GLN F 4 -13.22 -34.10 23.06
C GLN F 4 -14.29 -33.13 23.53
N THR F 5 -14.44 -33.01 24.85
CA THR F 5 -15.39 -32.10 25.45
C THR F 5 -14.71 -31.29 26.56
N PRO F 6 -15.06 -30.01 26.71
CA PRO F 6 -15.93 -29.29 25.77
C PRO F 6 -15.16 -28.77 24.56
N SER F 7 -15.88 -28.26 23.56
CA SER F 7 -15.22 -27.63 22.41
C SER F 7 -14.50 -26.35 22.81
N SER F 8 -15.04 -25.62 23.80
CA SER F 8 -14.50 -24.34 24.20
C SER F 8 -14.79 -24.13 25.67
N LYS F 9 -13.86 -23.46 26.36
CA LYS F 9 -14.03 -23.15 27.78
C LYS F 9 -13.27 -21.89 28.14
N SER F 10 -13.94 -20.97 28.82
CA SER F 10 -13.30 -19.79 29.41
C SER F 10 -13.02 -20.08 30.87
N VAL F 11 -11.81 -19.76 31.32
CA VAL F 11 -11.40 -20.08 32.69
C VAL F 11 -10.71 -18.88 33.33
N PRO F 12 -11.15 -18.44 34.51
CA PRO F 12 -10.46 -17.35 35.21
C PRO F 12 -9.01 -17.72 35.54
N VAL F 13 -8.15 -16.71 35.54
CA VAL F 13 -6.79 -16.88 36.01
C VAL F 13 -6.78 -17.49 37.40
N GLY F 14 -5.91 -18.47 37.61
CA GLY F 14 -5.77 -19.12 38.89
C GLY F 14 -6.67 -20.33 39.10
N ASP F 15 -7.75 -20.44 38.34
CA ASP F 15 -8.64 -21.58 38.47
C ASP F 15 -8.02 -22.82 37.83
N THR F 16 -8.75 -23.93 37.93
CA THR F 16 -8.37 -25.19 37.33
C THR F 16 -9.37 -25.54 36.22
N VAL F 17 -8.87 -26.14 35.14
CA VAL F 17 -9.71 -26.56 34.03
C VAL F 17 -9.40 -28.02 33.70
N THR F 18 -10.43 -28.76 33.30
CA THR F 18 -10.32 -30.17 32.97
C THR F 18 -10.85 -30.41 31.57
N ILE F 19 -10.06 -31.11 30.75
CA ILE F 19 -10.42 -31.44 29.38
C ILE F 19 -10.60 -32.96 29.28
N ASN F 20 -11.70 -33.38 28.68
CA ASN F 20 -12.05 -34.80 28.58
C ASN F 20 -11.87 -35.30 27.15
N CYS F 21 -11.44 -36.55 27.03
CA CYS F 21 -11.18 -37.18 25.74
C CYS F 21 -11.70 -38.61 25.78
N GLN F 22 -12.70 -38.92 24.95
CA GLN F 22 -13.37 -40.21 24.97
C GLN F 22 -13.02 -40.97 23.68
N ALA F 23 -12.29 -42.07 23.83
CA ALA F 23 -11.91 -42.93 22.71
C ALA F 23 -12.99 -43.98 22.44
N SER F 24 -13.52 -43.99 21.21
CA SER F 24 -14.49 -45.02 20.83
C SER F 24 -13.94 -46.43 21.03
N GLU F 25 -12.63 -46.61 20.92
CA GLU F 25 -11.99 -47.89 21.20
C GLU F 25 -10.76 -47.66 22.06
N SER F 26 -10.56 -48.54 23.04
CA SER F 26 -9.42 -48.44 23.93
C SER F 26 -8.12 -48.36 23.14
N VAL F 27 -7.26 -47.41 23.54
CA VAL F 27 -5.94 -47.31 22.91
C VAL F 27 -5.09 -48.53 23.28
N TYR F 28 -4.06 -48.76 22.48
CA TYR F 28 -3.20 -49.93 22.69
C TYR F 28 -2.56 -49.87 24.06
N SER F 29 -2.56 -51.01 24.77
CA SER F 29 -1.97 -51.16 26.08
C SER F 29 -2.59 -50.22 27.11
N ASN F 30 -3.71 -49.58 26.77
CA ASN F 30 -4.46 -48.65 27.61
C ASN F 30 -3.68 -47.38 27.91
N ASN F 31 -2.57 -47.11 27.22
CA ASN F 31 -1.73 -45.98 27.57
C ASN F 31 -1.15 -45.20 26.38
N ARG F 32 -1.49 -45.54 25.14
CA ARG F 32 -0.95 -44.82 23.98
C ARG F 32 -1.81 -43.59 23.73
N LEU F 33 -1.56 -42.55 24.53
CA LEU F 33 -2.37 -41.34 24.54
C LEU F 33 -1.48 -40.16 24.87
N SER F 34 -1.48 -39.15 24.00
CA SER F 34 -0.68 -37.95 24.19
C SER F 34 -1.56 -36.70 24.18
N TRP F 35 -1.10 -35.67 24.89
CA TRP F 35 -1.78 -34.37 24.94
C TRP F 35 -0.89 -33.31 24.30
N PHE F 36 -1.53 -32.39 23.58
CA PHE F 36 -0.81 -31.35 22.85
C PHE F 36 -1.41 -29.98 23.13
N GLN F 37 -0.55 -28.98 23.14
CA GLN F 37 -0.94 -27.57 23.24
C GLN F 37 -0.57 -26.85 21.96
N GLN F 38 -1.53 -26.15 21.36
CA GLN F 38 -1.29 -25.35 20.18
C GLN F 38 -1.85 -23.95 20.37
N LYS F 39 -0.98 -22.95 20.28
CA LYS F 39 -1.35 -21.54 20.23
C LYS F 39 -1.49 -21.08 18.77
N PRO F 40 -2.40 -20.16 18.51
CA PRO F 40 -2.66 -19.74 17.12
C PRO F 40 -1.40 -19.28 16.40
N GLY F 41 -1.21 -19.78 15.18
CA GLY F 41 -0.06 -19.44 14.38
C GLY F 41 1.19 -20.23 14.68
N GLN F 42 1.12 -21.19 15.60
CA GLN F 42 2.26 -21.97 16.03
C GLN F 42 2.01 -23.46 15.80
N PRO F 43 3.06 -24.27 15.71
CA PRO F 43 2.88 -25.72 15.66
C PRO F 43 2.42 -26.26 17.01
N PRO F 44 1.82 -27.45 17.03
CA PRO F 44 1.49 -28.08 18.31
C PRO F 44 2.75 -28.32 19.15
N LYS F 45 2.55 -28.39 20.46
CA LYS F 45 3.62 -28.67 21.40
C LYS F 45 3.23 -29.84 22.27
N LEU F 46 4.13 -30.82 22.40
CA LEU F 46 3.86 -32.00 23.23
C LEU F 46 3.84 -31.62 24.70
N LEU F 47 2.74 -31.95 25.38
CA LEU F 47 2.61 -31.75 26.82
C LEU F 47 2.84 -33.02 27.60
N ILE F 48 2.13 -34.09 27.25
CA ILE F 48 2.13 -35.33 28.02
C ILE F 48 2.10 -36.50 27.05
N TYR F 49 2.93 -37.50 27.32
CA TYR F 49 2.87 -38.76 26.59
C TYR F 49 2.62 -39.90 27.56
N LEU F 50 2.07 -40.99 27.03
CA LEU F 50 1.72 -42.18 27.82
C LEU F 50 0.80 -41.82 28.98
N VAL F 51 -0.27 -41.09 28.65
CA VAL F 51 -1.38 -40.77 29.54
C VAL F 51 -0.99 -39.72 30.57
N SER F 52 0.18 -39.88 31.19
CA SER F 52 0.47 -39.09 32.38
C SER F 52 1.92 -38.66 32.54
N THR F 53 2.83 -39.04 31.65
CA THR F 53 4.22 -38.62 31.77
C THR F 53 4.40 -37.26 31.12
N LEU F 54 4.87 -36.29 31.91
CA LEU F 54 5.08 -34.94 31.41
C LEU F 54 6.31 -34.88 30.51
N ALA F 55 6.17 -34.22 29.37
CA ALA F 55 7.32 -33.93 28.53
C ALA F 55 8.26 -32.97 29.27
N SER F 56 9.53 -33.00 28.88
CA SER F 56 10.54 -32.19 29.55
C SER F 56 10.20 -30.70 29.41
N GLY F 57 10.36 -29.97 30.51
CA GLY F 57 10.08 -28.55 30.54
C GLY F 57 8.63 -28.17 30.73
N VAL F 58 7.73 -29.15 30.87
CA VAL F 58 6.32 -28.88 31.08
C VAL F 58 6.03 -28.77 32.57
N PRO F 59 5.39 -27.70 33.03
CA PRO F 59 5.17 -27.54 34.48
C PRO F 59 4.27 -28.62 35.04
N SER F 60 4.45 -28.90 36.34
CA SER F 60 3.74 -30.00 37.00
C SER F 60 2.27 -29.69 37.22
N ARG F 61 1.83 -28.44 37.01
CA ARG F 61 0.42 -28.12 37.12
C ARG F 61 -0.39 -28.66 35.96
N PHE F 62 0.26 -29.20 34.93
CA PHE F 62 -0.40 -30.02 33.92
C PHE F 62 -0.39 -31.47 34.40
N LYS F 63 -1.56 -32.10 34.41
CA LYS F 63 -1.70 -33.47 34.91
C LYS F 63 -2.57 -34.26 33.94
N GLY F 64 -2.02 -35.35 33.41
CA GLY F 64 -2.75 -36.25 32.53
C GLY F 64 -3.17 -37.50 33.28
N SER F 65 -4.38 -37.97 32.97
CA SER F 65 -4.90 -39.17 33.62
C SER F 65 -5.89 -39.87 32.70
N GLY F 66 -6.22 -41.10 33.07
CA GLY F 66 -7.25 -41.89 32.44
C GLY F 66 -6.74 -43.27 32.06
N SER F 67 -7.59 -44.01 31.36
CA SER F 67 -7.28 -45.36 30.88
C SER F 67 -8.49 -45.87 30.11
N GLY F 68 -8.23 -46.86 29.25
CA GLY F 68 -9.29 -47.46 28.45
C GLY F 68 -9.82 -46.51 27.40
N THR F 69 -11.05 -46.04 27.60
CA THR F 69 -11.74 -45.20 26.63
C THR F 69 -11.92 -43.75 27.11
N GLN F 70 -11.33 -43.39 28.25
CA GLN F 70 -11.63 -42.11 28.88
C GLN F 70 -10.35 -41.54 29.46
N PHE F 71 -10.00 -40.32 29.05
CA PHE F 71 -8.78 -39.67 29.49
C PHE F 71 -9.08 -38.21 29.83
N THR F 72 -8.26 -37.65 30.73
CA THR F 72 -8.48 -36.30 31.24
C THR F 72 -7.16 -35.55 31.31
N LEU F 73 -7.19 -34.28 30.90
CA LEU F 73 -6.12 -33.33 31.12
C LEU F 73 -6.57 -32.25 32.11
N THR F 74 -5.80 -32.05 33.17
CA THR F 74 -6.08 -31.06 34.19
C THR F 74 -4.97 -30.01 34.22
N ILE F 75 -5.34 -28.75 34.07
CA ILE F 75 -4.44 -27.62 34.21
C ILE F 75 -4.88 -26.83 35.44
N SER F 76 -4.02 -26.78 36.45
CA SER F 76 -4.28 -26.03 37.67
C SER F 76 -3.47 -24.74 37.68
N ASP F 77 -3.96 -23.76 38.45
CA ASP F 77 -3.32 -22.45 38.58
C ASP F 77 -3.10 -21.82 37.20
N VAL F 78 -4.20 -21.71 36.46
CA VAL F 78 -4.14 -21.28 35.07
C VAL F 78 -3.58 -19.86 34.98
N VAL F 79 -2.63 -19.67 34.06
CA VAL F 79 -2.08 -18.36 33.77
C VAL F 79 -2.40 -18.01 32.32
N CYS F 80 -2.18 -16.73 31.97
CA CYS F 80 -2.45 -16.27 30.62
C CYS F 80 -1.64 -17.05 29.59
N ASP F 81 -0.46 -17.55 29.97
CA ASP F 81 0.37 -18.34 29.08
C ASP F 81 -0.27 -19.66 28.67
N ASP F 82 -1.35 -20.07 29.34
CA ASP F 82 -2.02 -21.32 29.01
C ASP F 82 -3.14 -21.17 28.00
N ALA F 83 -3.43 -19.95 27.56
CA ALA F 83 -4.41 -19.74 26.50
C ALA F 83 -3.96 -20.44 25.23
N ALA F 84 -4.73 -21.44 24.80
CA ALA F 84 -4.36 -22.28 23.66
C ALA F 84 -5.50 -23.25 23.39
N THR F 85 -5.36 -24.01 22.32
CA THR F 85 -6.23 -25.13 22.02
C THR F 85 -5.48 -26.43 22.35
N TYR F 86 -6.15 -27.34 23.04
CA TYR F 86 -5.53 -28.56 23.53
C TYR F 86 -6.12 -29.77 22.84
N TYR F 87 -5.26 -30.73 22.47
CA TYR F 87 -5.63 -31.88 21.68
C TYR F 87 -5.16 -33.17 22.36
N CYS F 88 -5.98 -34.20 22.27
CA CYS F 88 -5.57 -35.57 22.60
C CYS F 88 -5.39 -36.38 21.33
N VAL F 89 -4.42 -37.29 21.35
CA VAL F 89 -4.17 -38.20 20.23
C VAL F 89 -4.06 -39.61 20.79
N GLY F 90 -4.89 -40.52 20.28
CA GLY F 90 -4.91 -41.91 20.71
C GLY F 90 -4.42 -42.82 19.61
N TYR F 91 -3.64 -43.83 19.99
CA TYR F 91 -3.06 -44.80 19.06
C TYR F 91 -3.55 -46.20 19.39
N LYS F 92 -4.03 -46.93 18.38
CA LYS F 92 -4.38 -48.33 18.51
C LYS F 92 -3.37 -49.26 17.84
N SER F 93 -2.97 -48.98 16.60
CA SER F 93 -2.08 -49.84 15.84
C SER F 93 -1.45 -49.02 14.73
N SER F 94 -0.54 -49.65 13.99
CA SER F 94 0.06 -49.02 12.82
C SER F 94 -0.67 -49.45 11.54
N THR F 95 -1.95 -49.09 11.46
CA THR F 95 -2.82 -49.53 10.37
C THR F 95 -3.74 -48.39 9.96
N THR F 96 -4.65 -48.71 9.03
CA THR F 96 -5.66 -47.75 8.59
C THR F 96 -6.54 -47.32 9.75
N ASP F 97 -6.78 -46.01 9.84
CA ASP F 97 -7.65 -45.42 10.87
C ASP F 97 -7.21 -45.82 12.28
N GLY F 98 -5.92 -46.09 12.46
CA GLY F 98 -5.44 -46.69 13.69
C GLY F 98 -4.88 -45.68 14.68
N LEU F 99 -4.96 -44.39 14.38
CA LEU F 99 -4.83 -43.36 15.40
C LEU F 99 -5.87 -42.28 15.11
N ALA F 100 -6.18 -41.49 16.12
CA ALA F 100 -7.21 -40.47 15.96
C ALA F 100 -6.87 -39.24 16.78
N PHE F 101 -7.23 -38.08 16.24
CA PHE F 101 -7.11 -36.80 16.92
C PHE F 101 -8.45 -36.39 17.52
N GLY F 102 -8.40 -35.87 18.73
CA GLY F 102 -9.55 -35.16 19.26
C GLY F 102 -9.84 -33.89 18.50
N GLY F 103 -11.09 -33.43 18.59
CA GLY F 103 -11.48 -32.20 17.91
C GLY F 103 -10.92 -30.93 18.52
N GLY F 104 -10.24 -31.04 19.66
CA GLY F 104 -9.61 -29.89 20.28
C GLY F 104 -10.53 -29.14 21.23
N THR F 105 -9.92 -28.54 22.25
CA THR F 105 -10.64 -27.72 23.24
C THR F 105 -9.96 -26.37 23.32
N GLU F 106 -10.68 -25.31 22.93
CA GLU F 106 -10.16 -23.95 23.00
C GLU F 106 -10.31 -23.40 24.42
N VAL F 107 -9.19 -23.03 25.03
CA VAL F 107 -9.16 -22.51 26.39
C VAL F 107 -8.89 -21.01 26.32
N VAL F 108 -9.90 -20.21 26.65
CA VAL F 108 -9.72 -18.77 26.82
C VAL F 108 -9.51 -18.47 28.30
N VAL F 109 -8.42 -17.79 28.61
CA VAL F 109 -8.10 -17.43 29.99
C VAL F 109 -8.63 -16.02 30.25
N LYS F 110 -9.46 -15.89 31.29
CA LYS F 110 -10.10 -14.60 31.62
C LYS F 110 -9.24 -13.86 32.63
N GLY F 111 -8.56 -12.81 32.18
CA GLY F 111 -7.83 -11.92 33.05
C GLY F 111 -8.64 -10.69 33.44
N ASP F 112 -7.92 -9.68 33.91
CA ASP F 112 -8.55 -8.40 34.24
C ASP F 112 -9.11 -7.75 32.97
N PRO F 113 -10.33 -7.22 33.00
CA PRO F 113 -10.84 -6.45 31.86
C PRO F 113 -9.95 -5.24 31.58
N VAL F 114 -9.71 -5.01 30.29
CA VAL F 114 -8.96 -3.83 29.84
C VAL F 114 -9.68 -3.25 28.62
N ALA F 115 -9.91 -1.94 28.64
CA ALA F 115 -10.51 -1.25 27.51
C ALA F 115 -9.46 -1.01 26.42
N PRO F 116 -9.83 -1.09 25.15
CA PRO F 116 -8.86 -0.90 24.07
C PRO F 116 -8.49 0.56 23.86
N THR F 117 -7.23 0.77 23.47
CA THR F 117 -6.82 2.02 22.83
C THR F 117 -6.95 1.84 21.32
N VAL F 118 -7.65 2.76 20.68
CA VAL F 118 -8.08 2.61 19.30
C VAL F 118 -7.37 3.62 18.42
N LEU F 119 -6.83 3.15 17.30
CA LEU F 119 -6.15 3.97 16.31
C LEU F 119 -6.80 3.76 14.96
N ILE F 120 -6.96 4.85 14.20
CA ILE F 120 -7.49 4.79 12.85
C ILE F 120 -6.45 5.36 11.90
N PHE F 121 -6.29 4.70 10.75
CA PHE F 121 -5.29 5.10 9.75
C PHE F 121 -5.98 5.37 8.43
N PRO F 122 -6.05 6.62 7.98
CA PRO F 122 -6.62 6.92 6.66
C PRO F 122 -5.76 6.33 5.56
N PRO F 123 -6.33 6.10 4.37
CA PRO F 123 -5.55 5.51 3.28
C PRO F 123 -4.39 6.40 2.85
N ALA F 124 -3.23 5.77 2.67
CA ALA F 124 -2.09 6.45 2.07
C ALA F 124 -2.47 7.15 0.77
N ALA F 125 -1.73 8.22 0.45
CA ALA F 125 -2.07 9.04 -0.71
C ALA F 125 -2.08 8.24 -2.01
N ASP F 126 -1.24 7.21 -2.12
CA ASP F 126 -1.12 6.46 -3.37
C ASP F 126 -2.11 5.30 -3.45
N GLN F 127 -3.02 5.16 -2.48
CA GLN F 127 -4.04 4.11 -2.57
C GLN F 127 -5.11 4.45 -3.58
N VAL F 128 -5.56 5.70 -3.62
CA VAL F 128 -6.77 6.04 -4.35
C VAL F 128 -6.59 5.84 -5.86
N ALA F 129 -5.39 6.08 -6.38
CA ALA F 129 -5.15 5.87 -7.81
C ALA F 129 -5.38 4.42 -8.23
N THR F 130 -5.22 3.47 -7.30
CA THR F 130 -5.43 2.07 -7.63
C THR F 130 -6.91 1.73 -7.83
N GLY F 131 -7.82 2.66 -7.55
CA GLY F 131 -9.24 2.42 -7.68
C GLY F 131 -9.89 1.83 -6.44
N THR F 132 -9.11 1.43 -5.45
CA THR F 132 -9.63 0.90 -4.20
C THR F 132 -8.85 1.51 -3.03
N VAL F 133 -9.54 1.78 -1.93
CA VAL F 133 -8.91 2.29 -0.71
C VAL F 133 -9.26 1.37 0.44
N THR F 134 -8.30 1.18 1.34
CA THR F 134 -8.50 0.38 2.55
C THR F 134 -8.18 1.23 3.77
N ILE F 135 -9.14 1.33 4.70
CA ILE F 135 -8.97 2.05 5.95
C ILE F 135 -8.72 1.03 7.06
N VAL F 136 -7.72 1.28 7.89
CA VAL F 136 -7.31 0.37 8.95
C VAL F 136 -7.67 0.98 10.30
N CYS F 137 -8.29 0.17 11.17
CA CYS F 137 -8.60 0.53 12.54
C CYS F 137 -8.01 -0.53 13.45
N VAL F 138 -7.19 -0.11 14.41
CA VAL F 138 -6.50 -1.03 15.33
C VAL F 138 -7.02 -0.80 16.74
N ALA F 139 -7.37 -1.89 17.42
CA ALA F 139 -7.73 -1.88 18.84
C ALA F 139 -6.66 -2.67 19.61
N ASN F 140 -5.88 -1.95 20.42
CA ASN F 140 -4.71 -2.53 21.07
C ASN F 140 -4.99 -2.84 22.54
N LYS F 141 -4.54 -4.04 22.96
CA LYS F 141 -4.42 -4.41 24.37
C LYS F 141 -5.76 -4.29 25.10
N TYR F 142 -6.64 -5.23 24.79
CA TYR F 142 -8.00 -5.23 25.35
C TYR F 142 -8.38 -6.63 25.78
N PHE F 143 -9.36 -6.70 26.69
CA PHE F 143 -10.06 -7.90 27.10
C PHE F 143 -11.30 -7.48 27.89
N PRO F 144 -12.46 -8.11 27.65
CA PRO F 144 -12.70 -9.23 26.74
C PRO F 144 -12.92 -8.82 25.28
N ASP F 145 -13.51 -9.72 24.50
CA ASP F 145 -13.66 -9.51 23.07
C ASP F 145 -14.46 -8.25 22.76
N VAL F 146 -14.24 -7.71 21.56
CA VAL F 146 -14.89 -6.48 21.12
C VAL F 146 -15.64 -6.76 19.83
N THR F 147 -16.57 -5.86 19.52
CA THR F 147 -17.22 -5.80 18.22
C THR F 147 -16.88 -4.47 17.57
N VAL F 148 -16.63 -4.49 16.27
CA VAL F 148 -16.22 -3.30 15.53
C VAL F 148 -17.35 -2.88 14.61
N THR F 149 -17.63 -1.58 14.58
CA THR F 149 -18.62 -1.00 13.68
C THR F 149 -17.96 0.10 12.88
N TRP F 150 -18.18 0.08 11.56
CA TRP F 150 -17.69 1.10 10.65
C TRP F 150 -18.83 1.99 10.21
N GLU F 151 -18.60 3.30 10.20
CA GLU F 151 -19.60 4.25 9.75
C GLU F 151 -18.97 5.21 8.74
N VAL F 152 -19.70 5.46 7.66
CA VAL F 152 -19.31 6.43 6.64
C VAL F 152 -20.42 7.47 6.57
N ASP F 153 -20.08 8.71 6.95
CA ASP F 153 -21.07 9.78 7.10
C ASP F 153 -22.28 9.31 7.92
N GLY F 154 -21.99 8.58 9.00
CA GLY F 154 -23.02 8.11 9.90
C GLY F 154 -23.68 6.81 9.51
N THR F 155 -23.51 6.36 8.27
CA THR F 155 -24.15 5.15 7.79
C THR F 155 -23.30 3.93 8.14
N THR F 156 -23.88 3.00 8.89
CA THR F 156 -23.19 1.77 9.28
C THR F 156 -22.85 0.93 8.06
N GLN F 157 -21.61 0.48 7.98
CA GLN F 157 -21.14 -0.35 6.88
C GLN F 157 -21.39 -1.82 7.18
N THR F 158 -21.87 -2.55 6.17
CA THR F 158 -22.20 -3.96 6.31
C THR F 158 -21.36 -4.88 5.42
N THR F 159 -20.52 -4.33 4.54
CA THR F 159 -19.73 -5.15 3.64
C THR F 159 -18.37 -4.50 3.42
N GLY F 160 -17.41 -5.32 3.00
CA GLY F 160 -16.07 -4.83 2.78
C GLY F 160 -15.20 -4.77 4.00
N ILE F 161 -15.55 -5.51 5.05
CA ILE F 161 -14.90 -5.43 6.36
C ILE F 161 -14.22 -6.76 6.65
N GLU F 162 -12.97 -6.69 7.07
CA GLU F 162 -12.22 -7.87 7.51
C GLU F 162 -11.59 -7.58 8.87
N ASN F 163 -11.63 -8.57 9.76
CA ASN F 163 -11.09 -8.44 11.10
C ASN F 163 -10.06 -9.54 11.36
N SER F 164 -9.00 -9.18 12.09
CA SER F 164 -7.93 -10.11 12.41
C SER F 164 -7.49 -9.85 13.85
N LYS F 165 -7.51 -10.89 14.67
CA LYS F 165 -7.24 -10.78 16.09
C LYS F 165 -5.99 -11.59 16.46
N THR F 166 -5.10 -10.98 17.22
CA THR F 166 -3.94 -11.67 17.75
C THR F 166 -4.36 -12.67 18.82
N PRO F 167 -3.53 -13.65 19.13
CA PRO F 167 -3.82 -14.53 20.26
C PRO F 167 -3.64 -13.80 21.58
N GLN F 168 -4.20 -14.39 22.64
CA GLN F 168 -4.09 -13.81 23.97
C GLN F 168 -2.64 -13.61 24.38
N ASN F 169 -2.33 -12.41 24.86
CA ASN F 169 -1.00 -12.13 25.35
C ASN F 169 -0.64 -13.08 26.50
N SER F 170 0.56 -13.67 26.42
CA SER F 170 0.97 -14.66 27.39
C SER F 170 1.22 -14.08 28.78
N ALA F 171 1.23 -12.75 28.93
CA ALA F 171 1.45 -12.12 30.22
C ALA F 171 0.17 -11.56 30.84
N ASP F 172 -0.67 -10.88 30.06
CA ASP F 172 -1.82 -10.19 30.62
C ASP F 172 -3.14 -10.56 29.94
N CYS F 173 -3.15 -11.58 29.07
CA CYS F 173 -4.36 -12.20 28.50
C CYS F 173 -5.02 -11.34 27.43
N THR F 174 -4.48 -10.17 27.11
CA THR F 174 -5.19 -9.23 26.25
C THR F 174 -5.04 -9.59 24.77
N TYR F 175 -5.98 -9.08 23.97
CA TYR F 175 -5.99 -9.22 22.53
C TYR F 175 -5.54 -7.93 21.86
N ASN F 176 -5.11 -8.06 20.61
CA ASN F 176 -5.04 -6.94 19.67
C ASN F 176 -5.84 -7.31 18.43
N LEU F 177 -6.53 -6.34 17.85
CA LEU F 177 -7.36 -6.57 16.67
C LEU F 177 -7.06 -5.53 15.61
N SER F 178 -7.08 -5.97 14.35
CA SER F 178 -6.97 -5.11 13.19
C SER F 178 -8.23 -5.24 12.35
N SER F 179 -8.88 -4.11 12.07
CA SER F 179 -10.09 -4.07 11.26
C SER F 179 -9.81 -3.22 10.02
N THR F 180 -10.22 -3.73 8.86
CA THR F 180 -10.04 -3.03 7.59
C THR F 180 -11.38 -2.83 6.92
N LEU F 181 -11.62 -1.62 6.41
CA LEU F 181 -12.76 -1.30 5.56
C LEU F 181 -12.24 -0.98 4.17
N THR F 182 -12.71 -1.73 3.17
CA THR F 182 -12.29 -1.57 1.79
C THR F 182 -13.43 -0.96 0.97
N LEU F 183 -13.14 0.14 0.29
CA LEU F 183 -14.10 0.82 -0.56
C LEU F 183 -13.49 1.11 -1.92
N THR F 184 -14.35 1.38 -2.90
CA THR F 184 -13.87 1.91 -4.16
C THR F 184 -13.41 3.35 -3.96
N SER F 185 -12.43 3.76 -4.78
CA SER F 185 -11.98 5.15 -4.74
C SER F 185 -13.12 6.14 -4.94
N THR F 186 -14.15 5.76 -5.72
CA THR F 186 -15.26 6.67 -5.95
C THR F 186 -16.10 6.83 -4.69
N GLN F 187 -16.41 5.71 -4.03
CA GLN F 187 -17.11 5.76 -2.75
C GLN F 187 -16.34 6.61 -1.75
N TYR F 188 -15.02 6.40 -1.66
CA TYR F 188 -14.22 7.16 -0.72
C TYR F 188 -14.29 8.65 -0.99
N ASN F 189 -14.10 9.06 -2.25
CA ASN F 189 -14.11 10.47 -2.60
C ASN F 189 -15.50 11.10 -2.52
N SER F 190 -16.55 10.28 -2.41
CA SER F 190 -17.92 10.79 -2.34
C SER F 190 -18.38 11.07 -0.92
N HIS F 191 -17.57 10.74 0.09
CA HIS F 191 -17.96 10.90 1.49
C HIS F 191 -16.85 11.57 2.27
N LYS F 192 -17.20 12.06 3.47
CA LYS F 192 -16.31 12.89 4.26
C LYS F 192 -15.84 12.23 5.56
N GLU F 193 -16.75 11.74 6.39
CA GLU F 193 -16.41 11.27 7.73
C GLU F 193 -16.33 9.75 7.77
N TYR F 194 -15.21 9.23 8.26
CA TYR F 194 -14.98 7.81 8.37
C TYR F 194 -14.71 7.47 9.84
N THR F 195 -15.48 6.51 10.36
CA THR F 195 -15.54 6.25 11.79
C THR F 195 -15.43 4.76 12.08
N CYS F 196 -14.59 4.41 13.05
CA CYS F 196 -14.49 3.05 13.56
CA CYS F 196 -14.53 3.04 13.55
C CYS F 196 -14.87 3.05 15.03
N LYS F 197 -15.86 2.24 15.40
CA LYS F 197 -16.41 2.18 16.75
C LYS F 197 -16.12 0.80 17.33
N VAL F 198 -15.33 0.77 18.41
CA VAL F 198 -14.96 -0.48 19.06
C VAL F 198 -15.78 -0.57 20.35
N THR F 199 -16.67 -1.56 20.41
CA THR F 199 -17.61 -1.71 21.51
C THR F 199 -17.24 -2.93 22.34
N GLN F 200 -17.23 -2.76 23.67
CA GLN F 200 -16.86 -3.82 24.61
C GLN F 200 -17.91 -3.82 25.73
N GLY F 201 -19.02 -4.51 25.48
CA GLY F 201 -20.14 -4.47 26.40
C GLY F 201 -20.78 -3.10 26.47
N THR F 202 -20.56 -2.40 27.59
CA THR F 202 -21.12 -1.07 27.79
C THR F 202 -20.11 0.02 27.49
N THR F 203 -18.89 -0.33 27.10
CA THR F 203 -17.85 0.63 26.77
C THR F 203 -17.66 0.70 25.26
N SER F 204 -17.48 1.91 24.74
CA SER F 204 -17.17 2.12 23.34
C SER F 204 -16.03 3.14 23.22
N VAL F 205 -15.09 2.87 22.32
CA VAL F 205 -14.05 3.82 21.93
C VAL F 205 -14.20 4.08 20.44
N VAL F 206 -14.27 5.36 20.07
CA VAL F 206 -14.59 5.78 18.71
C VAL F 206 -13.47 6.67 18.19
N GLN F 207 -12.92 6.31 17.03
CA GLN F 207 -11.97 7.14 16.31
C GLN F 207 -12.51 7.46 14.92
N SER F 208 -12.39 8.74 14.53
CA SER F 208 -12.86 9.20 13.24
C SER F 208 -11.80 10.04 12.56
N PHE F 209 -11.93 10.18 11.24
CA PHE F 209 -11.22 11.22 10.50
C PHE F 209 -12.14 11.72 9.38
N ASN F 210 -11.87 12.95 8.95
CA ASN F 210 -12.53 13.52 7.78
C ASN F 210 -11.55 13.52 6.61
N ARG F 211 -11.96 12.90 5.50
CA ARG F 211 -11.09 12.75 4.33
C ARG F 211 -10.38 14.05 3.95
N GLY F 212 -11.11 15.16 3.98
CA GLY F 212 -10.52 16.44 3.63
C GLY F 212 -9.29 16.81 4.45
N ASP F 213 -9.21 16.32 5.69
CA ASP F 213 -8.21 16.76 6.64
C ASP F 213 -6.95 15.90 6.66
N CYS F 214 -6.89 14.83 5.87
CA CYS F 214 -5.78 13.90 5.97
C CYS F 214 -5.15 13.63 4.60
N GLN G 1 6.66 30.46 58.53
CA GLN G 1 5.88 31.44 59.25
C GLN G 1 4.72 31.82 58.32
N SER G 2 3.53 31.98 58.87
CA SER G 2 2.34 32.06 58.04
C SER G 2 1.34 33.06 58.58
N VAL G 3 0.49 33.55 57.68
CA VAL G 3 -0.68 34.35 58.02
C VAL G 3 -1.91 33.52 57.73
N LYS G 4 -3.01 33.89 58.38
CA LYS G 4 -4.25 33.12 58.29
C LYS G 4 -5.44 34.07 58.36
N GLU G 5 -6.43 33.83 57.50
CA GLU G 5 -7.69 34.56 57.57
C GLU G 5 -8.65 33.84 58.52
N SER G 6 -9.48 34.63 59.21
CA SER G 6 -10.49 34.07 60.08
C SER G 6 -11.64 33.50 59.25
N GLU G 7 -12.64 32.95 59.93
CA GLU G 7 -13.69 32.19 59.26
C GLU G 7 -14.64 33.11 58.51
N GLY G 8 -15.03 32.68 57.32
CA GLY G 8 -16.08 33.36 56.56
C GLY G 8 -17.43 32.70 56.75
N GLY G 9 -18.03 32.19 55.67
CA GLY G 9 -19.26 31.43 55.76
C GLY G 9 -20.40 32.13 55.03
N LEU G 10 -21.62 31.89 55.52
CA LEU G 10 -22.85 32.29 54.86
C LEU G 10 -23.36 33.59 55.47
N PHE G 11 -23.70 34.56 54.62
CA PHE G 11 -24.12 35.87 55.07
C PHE G 11 -25.38 36.32 54.35
N LYS G 12 -26.13 37.16 55.03
CA LYS G 12 -27.29 37.90 54.58
C LYS G 12 -26.85 39.22 53.96
N PRO G 13 -27.64 39.80 53.04
CA PRO G 13 -27.27 41.12 52.50
C PRO G 13 -27.18 42.19 53.56
N THR G 14 -27.95 42.06 54.64
CA THR G 14 -27.95 43.01 55.74
C THR G 14 -26.89 42.73 56.79
N ASP G 15 -26.17 41.62 56.68
CA ASP G 15 -25.08 41.30 57.59
C ASP G 15 -23.87 42.18 57.36
N THR G 16 -22.93 42.12 58.29
CA THR G 16 -21.62 42.74 58.16
C THR G 16 -20.56 41.65 58.05
N LEU G 17 -19.69 41.74 57.07
CA LEU G 17 -18.57 40.80 56.95
C LEU G 17 -17.37 41.38 57.69
N THR G 18 -16.82 40.58 58.60
CA THR G 18 -15.63 40.95 59.36
C THR G 18 -14.62 39.82 59.28
N LEU G 19 -13.41 40.12 58.81
CA LEU G 19 -12.36 39.14 58.68
C LEU G 19 -11.10 39.67 59.35
N THR G 20 -10.36 38.78 60.00
CA THR G 20 -9.14 39.13 60.70
C THR G 20 -7.97 38.35 60.12
N CYS G 21 -6.87 39.05 59.85
CA CYS G 21 -5.64 38.44 59.40
C CYS G 21 -4.73 38.26 60.62
N THR G 22 -4.41 37.02 60.95
CA THR G 22 -3.59 36.70 62.09
C THR G 22 -2.27 36.08 61.61
N ALA G 23 -1.21 36.36 62.35
CA ALA G 23 0.11 35.87 62.00
C ALA G 23 0.52 34.78 62.97
N SER G 24 1.38 33.87 62.54
CA SER G 24 1.87 32.89 63.48
C SER G 24 3.39 32.91 63.40
N GLY G 25 4.13 33.29 64.44
CA GLY G 25 5.57 33.17 64.30
C GLY G 25 6.28 34.40 63.84
N PHE G 26 5.57 35.47 63.45
CA PHE G 26 6.18 36.76 63.16
C PHE G 26 5.17 37.86 63.43
N SER G 27 5.53 39.09 63.11
CA SER G 27 4.65 40.17 63.50
C SER G 27 3.97 40.76 62.27
N LEU G 28 2.76 41.27 62.48
CA LEU G 28 2.13 42.06 61.45
C LEU G 28 2.38 43.54 61.66
N ASN G 29 2.63 43.95 62.90
CA ASN G 29 2.98 45.35 63.19
C ASN G 29 4.26 45.73 62.46
N GLY G 30 4.20 46.82 61.70
CA GLY G 30 5.35 47.30 60.96
C GLY G 30 5.53 46.70 59.59
N TYR G 31 4.62 45.80 59.17
CA TYR G 31 4.69 45.18 57.85
C TYR G 31 3.40 45.45 57.10
N GLY G 32 3.53 45.69 55.79
CA GLY G 32 2.34 45.88 54.96
C GLY G 32 1.49 44.63 54.93
N VAL G 33 0.17 44.83 54.93
CA VAL G 33 -0.81 43.76 54.83
C VAL G 33 -1.85 44.16 53.81
N ILE G 34 -2.19 43.23 52.91
CA ILE G 34 -3.12 43.50 51.82
C ILE G 34 -4.29 42.52 51.92
N TRP G 35 -5.45 42.98 51.44
CA TRP G 35 -6.65 42.15 51.35
C TRP G 35 -7.04 42.05 49.87
N VAL G 36 -7.14 40.81 49.37
CA VAL G 36 -7.58 40.56 48.01
C VAL G 36 -8.62 39.45 48.05
N ARG G 37 -9.56 39.50 47.10
CA ARG G 37 -10.59 38.49 46.99
C ARG G 37 -10.64 37.97 45.55
N GLN G 38 -11.34 36.85 45.38
CA GLN G 38 -11.37 36.18 44.07
C GLN G 38 -12.74 35.50 43.93
N ALA G 39 -13.61 36.11 43.12
CA ALA G 39 -14.88 35.50 42.79
C ALA G 39 -14.66 34.23 41.98
N PRO G 40 -15.60 33.27 42.02
CA PRO G 40 -15.39 31.99 41.34
C PRO G 40 -15.02 32.14 39.87
N GLY G 41 -13.89 31.57 39.47
CA GLY G 41 -13.44 31.63 38.09
C GLY G 41 -13.12 33.03 37.61
N LYS G 42 -12.67 33.92 38.49
CA LYS G 42 -12.33 35.29 38.12
C LYS G 42 -10.95 35.63 38.67
N GLY G 43 -10.47 36.83 38.32
CA GLY G 43 -9.14 37.25 38.71
C GLY G 43 -9.08 37.80 40.12
N LEU G 44 -7.84 37.94 40.61
CA LEU G 44 -7.60 38.56 41.91
C LEU G 44 -8.05 40.01 41.88
N GLU G 45 -8.72 40.45 42.96
CA GLU G 45 -9.27 41.79 43.06
C GLU G 45 -8.78 42.43 44.35
N TRP G 46 -8.07 43.55 44.23
CA TRP G 46 -7.61 44.31 45.38
C TRP G 46 -8.78 44.88 46.15
N ILE G 47 -8.77 44.70 47.48
CA ILE G 47 -9.77 45.29 48.36
C ILE G 47 -9.21 46.48 49.11
N GLY G 48 -7.96 46.40 49.54
CA GLY G 48 -7.33 47.50 50.25
C GLY G 48 -6.07 47.01 50.93
N SER G 49 -5.28 47.98 51.39
CA SER G 49 -3.95 47.71 51.94
C SER G 49 -3.78 48.44 53.26
N ALA G 50 -3.10 47.78 54.19
CA ALA G 50 -2.69 48.37 55.46
C ALA G 50 -1.19 48.67 55.38
N GLY G 51 -0.86 49.96 55.22
CA GLY G 51 0.54 50.32 55.08
C GLY G 51 1.35 49.95 56.31
N ALA G 52 2.65 49.69 56.07
CA ALA G 52 3.55 49.31 57.17
C ALA G 52 3.72 50.42 58.19
N TYR G 53 3.46 51.68 57.81
CA TYR G 53 3.66 52.80 58.71
C TYR G 53 2.34 53.51 59.01
N GLY G 54 1.22 52.79 58.84
CA GLY G 54 -0.06 53.15 59.40
C GLY G 54 -1.12 53.56 58.39
N ARG G 55 -0.73 54.04 57.22
CA ARG G 55 -1.73 54.54 56.27
C ARG G 55 -2.52 53.40 55.62
N ILE G 56 -3.82 53.62 55.45
CA ILE G 56 -4.74 52.68 54.84
C ILE G 56 -5.21 53.26 53.51
N TYR G 57 -5.10 52.49 52.43
CA TYR G 57 -5.52 52.95 51.12
C TYR G 57 -6.30 51.84 50.41
N TYR G 58 -7.26 52.27 49.59
CA TYR G 58 -8.25 51.42 48.95
C TYR G 58 -8.28 51.67 47.45
N PRO G 59 -8.83 50.74 46.67
CA PRO G 59 -9.37 51.10 45.37
C PRO G 59 -10.65 51.89 45.53
N ASN G 60 -10.98 52.66 44.50
CA ASN G 60 -12.07 53.62 44.61
C ASN G 60 -13.40 52.93 44.91
N TRP G 61 -13.66 51.78 44.27
CA TRP G 61 -14.91 51.05 44.48
C TRP G 61 -15.11 50.65 45.94
N ALA G 62 -14.03 50.37 46.67
CA ALA G 62 -14.14 49.81 48.00
C ALA G 62 -14.19 50.86 49.10
N ARG G 63 -13.83 52.11 48.79
CA ARG G 63 -13.65 53.12 49.83
C ARG G 63 -14.95 53.41 50.59
N SER G 64 -16.11 53.26 49.93
CA SER G 64 -17.36 53.58 50.58
C SER G 64 -17.86 52.45 51.49
N ARG G 65 -17.68 51.20 51.08
CA ARG G 65 -18.30 50.08 51.78
C ARG G 65 -17.31 49.17 52.49
N ALA G 66 -16.00 49.38 52.34
CA ALA G 66 -15.00 48.60 53.05
C ALA G 66 -14.18 49.53 53.95
N THR G 67 -13.87 49.05 55.15
CA THR G 67 -12.96 49.75 56.05
C THR G 67 -11.98 48.75 56.63
N ILE G 68 -10.70 49.10 56.62
CA ILE G 68 -9.61 48.22 57.02
C ILE G 68 -8.91 48.85 58.23
N THR G 69 -8.70 48.04 59.26
CA THR G 69 -8.22 48.52 60.54
C THR G 69 -7.07 47.66 61.03
N ARG G 70 -6.05 48.32 61.58
CA ARG G 70 -4.93 47.63 62.22
C ARG G 70 -5.13 47.65 63.72
N ASN G 71 -4.82 46.54 64.37
CA ASN G 71 -4.82 46.44 65.83
C ASN G 71 -3.40 46.06 66.24
N THR G 72 -2.61 47.08 66.61
CA THR G 72 -1.23 46.82 67.02
C THR G 72 -1.13 46.18 68.39
N ASN G 73 -2.19 46.27 69.20
CA ASN G 73 -2.21 45.57 70.48
C ASN G 73 -2.24 44.06 70.26
N LEU G 74 -3.10 43.59 69.36
CA LEU G 74 -3.29 42.17 69.11
C LEU G 74 -2.48 41.65 67.94
N ASN G 75 -1.75 42.53 67.23
CA ASN G 75 -0.89 42.13 66.12
C ASN G 75 -1.71 41.56 64.96
N THR G 76 -2.81 42.22 64.64
CA THR G 76 -3.73 41.76 63.62
C THR G 76 -4.06 42.91 62.66
N VAL G 77 -4.63 42.54 61.51
CA VAL G 77 -5.19 43.48 60.56
C VAL G 77 -6.55 42.93 60.14
N SER G 78 -7.57 43.79 60.14
CA SER G 78 -8.94 43.36 59.94
C SER G 78 -9.58 44.05 58.73
N LEU G 79 -10.61 43.40 58.19
CA LEU G 79 -11.39 43.91 57.07
C LEU G 79 -12.86 43.85 57.42
N LYS G 80 -13.56 44.97 57.25
CA LYS G 80 -14.99 45.07 57.48
C LYS G 80 -15.67 45.58 56.22
N MET G 81 -16.72 44.87 55.78
CA MET G 81 -17.48 45.26 54.60
C MET G 81 -18.96 45.26 54.92
N THR G 82 -19.64 46.35 54.56
CA THR G 82 -21.05 46.55 54.84
C THR G 82 -21.87 46.43 53.57
N SER G 83 -23.19 46.33 53.75
CA SER G 83 -24.16 46.22 52.66
C SER G 83 -23.74 45.15 51.66
N LEU G 84 -23.68 43.92 52.15
CA LEU G 84 -23.26 42.78 51.34
C LEU G 84 -24.25 42.52 50.22
N THR G 85 -23.72 42.09 49.08
CA THR G 85 -24.52 41.57 47.98
C THR G 85 -23.94 40.24 47.52
N ALA G 86 -24.72 39.54 46.70
CA ALA G 86 -24.25 38.32 46.06
C ALA G 86 -22.90 38.52 45.35
N ALA G 87 -22.62 39.73 44.89
CA ALA G 87 -21.37 40.01 44.20
C ALA G 87 -20.15 39.91 45.12
N ASP G 88 -20.35 39.90 46.44
CA ASP G 88 -19.26 39.76 47.38
C ASP G 88 -18.87 38.31 47.65
N THR G 89 -19.61 37.36 47.09
CA THR G 89 -19.24 35.95 47.19
C THR G 89 -17.89 35.72 46.52
N ALA G 90 -16.92 35.24 47.28
CA ALA G 90 -15.56 35.07 46.78
C ALA G 90 -14.71 34.38 47.86
N THR G 91 -13.51 33.98 47.46
CA THR G 91 -12.46 33.62 48.40
C THR G 91 -11.70 34.88 48.78
N TYR G 92 -11.48 35.06 50.09
CA TYR G 92 -10.80 36.25 50.59
C TYR G 92 -9.43 35.87 51.14
N PHE G 93 -8.40 36.62 50.70
CA PHE G 93 -7.02 36.40 51.10
C PHE G 93 -6.50 37.60 51.84
N CYS G 94 -5.60 37.36 52.80
CA CYS G 94 -4.72 38.39 53.33
C CYS G 94 -3.28 37.95 53.11
N ALA G 95 -2.38 38.93 53.00
CA ALA G 95 -0.99 38.65 52.73
C ALA G 95 -0.12 39.70 53.41
N ARG G 96 1.09 39.30 53.76
CA ARG G 96 2.06 40.16 54.43
C ARG G 96 3.27 40.38 53.53
N ARG G 97 3.82 41.59 53.58
CA ARG G 97 4.98 41.97 52.80
C ARG G 97 6.17 42.14 53.74
N THR G 98 7.21 41.32 53.54
CA THR G 98 8.37 41.36 54.43
C THR G 98 9.10 42.70 54.34
N ASN G 99 9.31 43.21 53.13
CA ASN G 99 10.14 44.38 52.90
C ASN G 99 9.29 45.51 52.34
N VAL G 100 9.31 46.66 53.02
CA VAL G 100 8.63 47.84 52.51
C VAL G 100 9.27 48.32 51.21
N SER G 101 10.58 48.06 51.04
CA SER G 101 11.29 48.54 49.86
C SER G 101 10.77 47.92 48.56
N THR G 102 10.04 46.81 48.65
CA THR G 102 9.46 46.20 47.46
C THR G 102 8.09 46.75 47.12
N SER G 103 7.40 47.35 48.09
CA SER G 103 6.07 47.94 47.92
C SER G 103 4.99 46.89 47.72
N VAL G 104 5.17 45.97 46.77
CA VAL G 104 4.16 44.98 46.46
C VAL G 104 4.76 43.58 46.43
N GLY G 105 5.93 43.42 47.04
CA GLY G 105 6.53 42.10 47.16
C GLY G 105 5.87 41.29 48.25
N PHE G 106 4.60 40.97 48.09
CA PHE G 106 3.83 40.33 49.15
C PHE G 106 4.22 38.87 49.27
N ASP G 107 4.70 38.50 50.46
CA ASP G 107 5.57 37.37 50.72
C ASP G 107 4.82 36.16 51.28
N SER G 108 4.03 36.37 52.32
CA SER G 108 3.34 35.29 53.02
C SER G 108 1.84 35.45 52.82
N TRP G 109 1.22 34.46 52.17
CA TRP G 109 -0.19 34.48 51.84
C TRP G 109 -0.94 33.48 52.71
N GLY G 110 -2.15 33.86 53.12
CA GLY G 110 -3.03 32.97 53.82
C GLY G 110 -3.67 31.97 52.87
N PRO G 111 -4.25 30.90 53.42
CA PRO G 111 -4.88 29.90 52.56
C PRO G 111 -6.19 30.38 51.92
N GLY G 112 -6.78 31.47 52.42
CA GLY G 112 -8.02 31.96 51.89
C GLY G 112 -9.24 31.47 52.66
N THR G 113 -10.25 32.32 52.79
CA THR G 113 -11.48 31.98 53.49
C THR G 113 -12.67 32.21 52.56
N LEU G 114 -13.64 31.30 52.61
CA LEU G 114 -14.75 31.27 51.67
C LEU G 114 -15.96 32.03 52.22
N VAL G 115 -16.48 32.96 51.42
CA VAL G 115 -17.62 33.78 51.81
C VAL G 115 -18.71 33.65 50.75
N THR G 116 -19.89 33.21 51.18
CA THR G 116 -21.09 33.17 50.32
C THR G 116 -22.11 34.14 50.89
N VAL G 117 -22.51 35.13 50.09
CA VAL G 117 -23.53 36.10 50.47
C VAL G 117 -24.83 35.75 49.74
N SER G 118 -25.82 35.26 50.47
CA SER G 118 -27.07 34.82 49.88
C SER G 118 -28.20 35.79 50.22
N SER G 119 -28.91 36.24 49.20
CA SER G 119 -30.29 36.68 49.38
C SER G 119 -31.22 35.47 49.34
N SER G 120 -31.00 34.56 48.39
CA SER G 120 -31.81 33.36 48.30
C SER G 120 -31.25 32.33 49.26
N SER G 121 -32.14 31.64 49.95
CA SER G 121 -31.75 30.71 51.01
C SER G 121 -30.81 31.40 52.00
N GLY G 122 -31.34 31.84 53.13
CA GLY G 122 -30.51 32.41 54.18
C GLY G 122 -30.14 31.42 55.25
N GLN G 123 -30.57 30.19 55.08
CA GLN G 123 -30.31 29.08 55.98
C GLN G 123 -29.28 28.16 55.36
N PRO G 124 -28.28 27.73 56.12
CA PRO G 124 -27.35 26.73 55.61
C PRO G 124 -28.06 25.41 55.38
N LYS G 125 -27.40 24.53 54.63
CA LYS G 125 -28.00 23.27 54.22
C LYS G 125 -26.94 22.18 54.29
N ALA G 126 -27.26 21.09 55.00
CA ALA G 126 -26.36 19.95 55.12
C ALA G 126 -26.37 19.13 53.85
N PRO G 127 -25.24 18.53 53.50
CA PRO G 127 -25.17 17.72 52.28
C PRO G 127 -25.81 16.36 52.44
N SER G 128 -26.39 15.87 51.34
CA SER G 128 -26.69 14.46 51.20
C SER G 128 -25.47 13.76 50.60
N VAL G 129 -25.15 12.58 51.12
CA VAL G 129 -24.00 11.82 50.69
C VAL G 129 -24.50 10.48 50.13
N PHE G 130 -24.15 10.20 48.87
CA PHE G 130 -24.58 9.01 48.19
C PHE G 130 -23.37 8.21 47.71
N PRO G 131 -23.34 6.89 47.91
CA PRO G 131 -22.21 6.10 47.43
C PRO G 131 -22.17 6.02 45.91
N LEU G 132 -20.96 5.99 45.37
CA LEU G 132 -20.71 5.83 43.94
C LEU G 132 -20.04 4.47 43.72
N ALA G 133 -20.73 3.57 43.04
CA ALA G 133 -20.21 2.24 42.75
C ALA G 133 -20.54 1.87 41.31
N PRO G 134 -19.66 1.11 40.65
CA PRO G 134 -19.96 0.67 39.29
C PRO G 134 -21.21 -0.21 39.26
N CYS G 135 -21.92 -0.14 38.14
CA CYS G 135 -23.07 -1.00 37.87
C CYS G 135 -22.80 -2.44 38.27
N CYS G 136 -23.76 -3.04 38.99
CA CYS G 136 -23.59 -4.42 39.44
C CYS G 136 -23.44 -5.39 38.27
N GLY G 137 -23.96 -5.04 37.10
CA GLY G 137 -23.83 -5.88 35.94
C GLY G 137 -22.44 -5.92 35.34
N ASP G 138 -21.57 -4.98 35.71
CA ASP G 138 -20.23 -4.93 35.14
C ASP G 138 -19.39 -6.10 35.64
N THR G 139 -18.46 -6.53 34.79
CA THR G 139 -17.54 -7.59 35.16
C THR G 139 -16.53 -7.10 36.19
N PRO G 140 -16.34 -7.82 37.29
CA PRO G 140 -15.36 -7.39 38.29
C PRO G 140 -13.94 -7.61 37.82
N SER G 141 -13.03 -6.80 38.35
CA SER G 141 -11.60 -6.92 38.12
C SER G 141 -10.88 -6.89 39.46
N SER G 142 -9.54 -6.95 39.42
CA SER G 142 -8.76 -6.85 40.64
C SER G 142 -8.78 -5.45 41.23
N THR G 143 -9.07 -4.43 40.42
CA THR G 143 -9.10 -3.05 40.86
C THR G 143 -10.49 -2.47 40.62
N VAL G 144 -10.89 -1.52 41.47
CA VAL G 144 -12.21 -0.92 41.38
C VAL G 144 -12.13 0.52 41.89
N THR G 145 -12.87 1.42 41.25
CA THR G 145 -12.99 2.81 41.66
C THR G 145 -14.35 3.04 42.29
N LEU G 146 -14.36 3.45 43.55
CA LEU G 146 -15.57 3.78 44.30
C LEU G 146 -15.52 5.25 44.71
N GLY G 147 -16.67 5.78 45.10
CA GLY G 147 -16.69 7.17 45.52
C GLY G 147 -17.95 7.56 46.27
N CYS G 148 -18.04 8.85 46.58
CA CYS G 148 -19.19 9.42 47.27
CA CYS G 148 -19.20 9.42 47.27
C CYS G 148 -19.57 10.75 46.64
N LEU G 149 -20.86 10.96 46.44
CA LEU G 149 -21.40 12.21 45.91
C LEU G 149 -21.91 13.06 47.05
N VAL G 150 -21.36 14.26 47.20
CA VAL G 150 -21.74 15.19 48.26
C VAL G 150 -22.61 16.26 47.62
N LYS G 151 -23.93 16.14 47.79
CA LYS G 151 -24.89 16.91 47.02
C LYS G 151 -25.67 17.88 47.90
N GLY G 152 -25.87 19.09 47.39
CA GLY G 152 -26.87 19.99 47.92
C GLY G 152 -26.53 20.65 49.24
N TYR G 153 -25.31 21.16 49.40
CA TYR G 153 -24.91 21.81 50.63
C TYR G 153 -24.67 23.30 50.41
N LEU G 154 -24.75 24.04 51.52
CA LEU G 154 -24.58 25.49 51.53
C LEU G 154 -24.27 25.96 52.94
N PRO G 155 -23.26 26.80 53.14
CA PRO G 155 -22.31 27.24 52.13
C PRO G 155 -21.11 26.30 52.05
N GLU G 156 -20.06 26.74 51.36
CA GLU G 156 -18.81 26.01 51.37
C GLU G 156 -18.07 26.26 52.69
N PRO G 157 -17.13 25.37 53.07
CA PRO G 157 -16.74 24.15 52.37
C PRO G 157 -17.30 22.87 52.98
N VAL G 158 -17.03 21.75 52.30
CA VAL G 158 -17.05 20.43 52.91
C VAL G 158 -15.65 19.86 52.80
N THR G 159 -15.31 18.97 53.73
CA THR G 159 -14.09 18.19 53.64
C THR G 159 -14.44 16.73 53.48
N VAL G 160 -13.67 16.02 52.67
CA VAL G 160 -13.87 14.60 52.42
C VAL G 160 -12.57 13.88 52.71
N THR G 161 -12.63 12.88 53.58
CA THR G 161 -11.53 11.94 53.76
C THR G 161 -12.04 10.53 53.50
N TRP G 162 -11.11 9.58 53.47
CA TRP G 162 -11.45 8.18 53.24
C TRP G 162 -10.82 7.35 54.35
N ASN G 163 -11.64 6.54 55.01
CA ASN G 163 -11.19 5.68 56.12
C ASN G 163 -10.51 6.51 57.20
N SER G 164 -11.13 7.64 57.55
CA SER G 164 -10.65 8.54 58.60
C SER G 164 -9.23 9.05 58.32
N GLY G 165 -8.91 9.25 57.04
CA GLY G 165 -7.63 9.82 56.66
C GLY G 165 -6.51 8.82 56.49
N THR G 166 -6.78 7.52 56.70
CA THR G 166 -5.75 6.51 56.50
C THR G 166 -5.61 6.10 55.04
N LEU G 167 -6.60 6.42 54.21
CA LEU G 167 -6.57 6.11 52.78
C LEU G 167 -6.44 7.44 52.02
N THR G 168 -5.29 7.65 51.40
CA THR G 168 -5.02 8.94 50.76
C THR G 168 -4.55 8.80 49.33
N ASN G 169 -3.83 7.73 49.01
CA ASN G 169 -3.29 7.56 47.67
C ASN G 169 -4.36 7.06 46.71
N GLY G 170 -4.33 7.57 45.49
CA GLY G 170 -5.35 7.24 44.52
C GLY G 170 -6.69 7.89 44.77
N VAL G 171 -6.72 8.97 45.55
CA VAL G 171 -7.94 9.70 45.87
C VAL G 171 -8.02 10.94 44.98
N ARG G 172 -9.14 11.13 44.31
CA ARG G 172 -9.35 12.27 43.44
CA ARG G 172 -9.36 12.26 43.44
C ARG G 172 -10.64 12.97 43.87
N THR G 173 -10.49 14.13 44.49
CA THR G 173 -11.61 14.94 44.97
C THR G 173 -11.76 16.15 44.06
N PHE G 174 -12.90 16.25 43.38
CA PHE G 174 -13.12 17.26 42.36
C PHE G 174 -13.60 18.57 42.96
N PRO G 175 -13.28 19.69 42.31
CA PRO G 175 -13.82 20.99 42.76
C PRO G 175 -15.35 20.99 42.77
N SER G 176 -15.91 21.79 43.67
CA SER G 176 -17.35 21.89 43.78
C SER G 176 -17.93 22.64 42.57
N VAL G 177 -19.21 22.36 42.30
CA VAL G 177 -19.99 23.14 41.34
C VAL G 177 -21.19 23.71 42.07
N ARG G 178 -21.65 24.87 41.62
CA ARG G 178 -22.82 25.53 42.21
C ARG G 178 -24.01 25.34 41.28
N GLN G 179 -25.04 24.67 41.79
CA GLN G 179 -26.28 24.47 41.08
C GLN G 179 -27.01 25.80 40.90
N SER G 180 -28.02 25.80 40.02
CA SER G 180 -28.82 27.01 39.83
C SER G 180 -29.56 27.40 41.09
N SER G 181 -29.95 26.42 41.90
CA SER G 181 -30.61 26.72 43.18
C SER G 181 -29.70 27.47 44.13
N GLY G 182 -28.39 27.44 43.90
CA GLY G 182 -27.42 28.01 44.79
C GLY G 182 -26.71 27.00 45.67
N LEU G 183 -27.17 25.75 45.67
CA LEU G 183 -26.53 24.70 46.44
C LEU G 183 -25.29 24.18 45.73
N TYR G 184 -24.33 23.73 46.52
CA TYR G 184 -23.07 23.20 46.02
C TYR G 184 -23.09 21.68 46.00
N SER G 185 -22.34 21.09 45.07
CA SER G 185 -22.13 19.66 45.02
C SER G 185 -20.67 19.38 44.69
N LEU G 186 -20.15 18.28 45.23
CA LEU G 186 -18.84 17.78 44.82
C LEU G 186 -18.80 16.26 44.97
N SER G 187 -17.92 15.64 44.19
CA SER G 187 -17.73 14.20 44.20
C SER G 187 -16.27 13.86 44.53
N SER G 188 -16.07 12.71 45.14
CA SER G 188 -14.74 12.19 45.44
C SER G 188 -14.70 10.70 45.12
N VAL G 189 -13.64 10.27 44.44
CA VAL G 189 -13.48 8.87 44.08
C VAL G 189 -12.11 8.38 44.55
N VAL G 190 -12.01 7.05 44.72
CA VAL G 190 -10.77 6.41 45.13
C VAL G 190 -10.66 5.05 44.43
N SER G 191 -9.45 4.72 43.97
CA SER G 191 -9.17 3.45 43.31
CA SER G 191 -9.17 3.46 43.32
C SER G 191 -8.47 2.53 44.32
N VAL G 192 -9.06 1.37 44.56
CA VAL G 192 -8.54 0.39 45.51
C VAL G 192 -8.51 -0.98 44.85
N THR G 193 -7.80 -1.90 45.49
CA THR G 193 -7.79 -3.30 45.07
C THR G 193 -9.08 -3.99 45.48
N SER G 194 -9.63 -4.78 44.57
CA SER G 194 -10.90 -5.46 44.83
C SER G 194 -10.70 -6.58 45.84
N SER G 195 -11.77 -6.87 46.59
CA SER G 195 -11.79 -7.82 47.69
C SER G 195 -10.88 -7.40 48.84
N SER G 196 -10.54 -6.12 48.94
CA SER G 196 -9.86 -5.60 50.11
C SER G 196 -10.91 -5.25 51.17
N GLN G 197 -10.65 -4.25 51.96
CA GLN G 197 -11.63 -3.88 52.97
C GLN G 197 -12.64 -2.89 52.39
N PRO G 198 -13.85 -2.82 52.94
CA PRO G 198 -14.79 -1.78 52.51
C PRO G 198 -14.25 -0.39 52.83
N VAL G 199 -14.57 0.55 51.96
CA VAL G 199 -14.08 1.92 52.08
C VAL G 199 -15.19 2.81 52.61
N THR G 200 -14.82 3.77 53.46
CA THR G 200 -15.78 4.68 54.08
C THR G 200 -15.34 6.11 53.81
N CYS G 201 -16.26 6.91 53.27
CA CYS G 201 -16.00 8.31 52.96
CA CYS G 201 -16.02 8.31 52.96
C CYS G 201 -16.56 9.17 54.08
N ASN G 202 -15.72 10.08 54.59
CA ASN G 202 -16.05 10.91 55.74
C ASN G 202 -16.28 12.35 55.27
N VAL G 203 -17.52 12.82 55.36
CA VAL G 203 -17.90 14.14 54.88
C VAL G 203 -18.23 15.01 56.08
N ALA G 204 -17.55 16.17 56.18
CA ALA G 204 -17.78 17.14 57.23
C ALA G 204 -18.29 18.44 56.61
N HIS G 205 -19.39 18.96 57.15
CA HIS G 205 -19.92 20.28 56.78
C HIS G 205 -19.98 21.15 58.02
N PRO G 206 -18.91 21.91 58.30
CA PRO G 206 -18.87 22.70 59.56
C PRO G 206 -20.04 23.65 59.73
N ALA G 207 -20.56 24.26 58.66
CA ALA G 207 -21.62 25.25 58.80
C ALA G 207 -22.90 24.66 59.36
N THR G 208 -23.10 23.35 59.25
CA THR G 208 -24.23 22.67 59.86
C THR G 208 -23.80 21.71 60.96
N ASN G 209 -22.52 21.72 61.33
CA ASN G 209 -21.97 20.88 62.39
C ASN G 209 -22.25 19.40 62.15
N THR G 210 -22.16 18.98 60.89
CA THR G 210 -22.52 17.62 60.50
C THR G 210 -21.30 16.87 60.00
N LYS G 211 -21.17 15.62 60.43
CA LYS G 211 -20.20 14.68 59.87
C LYS G 211 -20.93 13.39 59.52
N VAL G 212 -20.81 12.97 58.27
CA VAL G 212 -21.50 11.78 57.77
C VAL G 212 -20.46 10.78 57.27
N ASP G 213 -20.58 9.54 57.73
CA ASP G 213 -19.78 8.43 57.23
C ASP G 213 -20.64 7.57 56.32
N LYS G 214 -20.13 7.28 55.12
CA LYS G 214 -20.83 6.42 54.16
C LYS G 214 -19.88 5.32 53.72
N THR G 215 -20.25 4.07 53.99
CA THR G 215 -19.46 2.91 53.56
C THR G 215 -19.93 2.46 52.18
N VAL G 216 -19.00 2.39 51.24
CA VAL G 216 -19.28 2.04 49.85
C VAL G 216 -18.80 0.63 49.59
N ALA G 217 -19.71 -0.23 49.11
CA ALA G 217 -19.38 -1.58 48.68
C ALA G 217 -19.56 -1.70 47.16
N PRO G 218 -18.65 -2.38 46.47
CA PRO G 218 -18.88 -2.66 45.03
C PRO G 218 -20.15 -3.48 44.84
N SER G 219 -21.06 -2.94 44.04
CA SER G 219 -22.34 -3.60 43.81
C SER G 219 -22.17 -4.83 42.93
N THR G 220 -22.75 -5.95 43.37
CA THR G 220 -22.86 -7.16 42.57
C THR G 220 -24.27 -7.70 42.73
N CYS G 221 -24.86 -8.14 41.61
CA CYS G 221 -26.23 -8.63 41.64
C CYS G 221 -26.30 -10.15 41.48
N ASP H 1 -3.86 51.37 36.56
CA ASP H 1 -4.51 50.41 35.69
C ASP H 1 -3.48 49.52 35.00
N MET H 2 -3.54 48.22 35.28
CA MET H 2 -2.66 47.22 34.68
C MET H 2 -3.45 46.41 33.65
N THR H 3 -2.96 46.39 32.42
CA THR H 3 -3.52 45.57 31.36
C THR H 3 -2.61 44.37 31.15
N GLN H 4 -3.17 43.17 31.25
CA GLN H 4 -2.42 41.93 31.07
C GLN H 4 -2.84 41.23 29.79
N THR H 5 -1.85 40.88 28.97
CA THR H 5 -2.07 40.13 27.74
C THR H 5 -1.07 39.00 27.65
N PRO H 6 -1.48 37.83 27.13
CA PRO H 6 -2.86 37.51 26.77
C PRO H 6 -3.68 37.04 27.97
N SER H 7 -5.00 36.90 27.80
CA SER H 7 -5.81 36.32 28.86
C SER H 7 -5.49 34.85 29.09
N SER H 8 -5.11 34.14 28.03
CA SER H 8 -4.84 32.70 28.11
C SER H 8 -3.82 32.35 27.05
N LYS H 9 -2.97 31.36 27.36
CA LYS H 9 -1.98 30.90 26.42
C LYS H 9 -1.66 29.44 26.69
N SER H 10 -1.71 28.61 25.65
CA SER H 10 -1.27 27.22 25.71
C SER H 10 0.15 27.14 25.18
N VAL H 11 1.03 26.43 25.89
CA VAL H 11 2.44 26.37 25.52
C VAL H 11 2.95 24.93 25.60
N PRO H 12 3.57 24.42 24.55
CA PRO H 12 4.16 23.07 24.62
C PRO H 12 5.24 22.97 25.70
N VAL H 13 5.34 21.78 26.29
CA VAL H 13 6.43 21.49 27.21
C VAL H 13 7.75 21.82 26.55
N GLY H 14 8.64 22.48 27.31
CA GLY H 14 9.95 22.85 26.84
C GLY H 14 10.04 24.18 26.13
N ASP H 15 8.92 24.70 25.62
CA ASP H 15 8.91 25.99 24.95
C ASP H 15 8.99 27.12 25.97
N THR H 16 9.03 28.34 25.46
CA THR H 16 9.07 29.56 26.26
C THR H 16 7.78 30.35 26.06
N VAL H 17 7.30 31.00 27.13
CA VAL H 17 6.11 31.82 27.08
C VAL H 17 6.42 33.17 27.70
N THR H 18 5.81 34.22 27.15
CA THR H 18 6.02 35.59 27.61
C THR H 18 4.69 36.23 27.95
N ILE H 19 4.61 36.82 29.15
CA ILE H 19 3.42 37.50 29.64
C ILE H 19 3.72 38.99 29.76
N ASN H 20 2.82 39.82 29.25
CA ASN H 20 3.01 41.27 29.18
C ASN H 20 2.10 41.99 30.18
N CYS H 21 2.60 43.09 30.74
CA CYS H 21 1.86 43.89 31.70
C CYS H 21 2.09 45.37 31.40
N GLN H 22 1.01 46.06 31.08
CA GLN H 22 1.04 47.46 30.67
C GLN H 22 0.44 48.31 31.79
N ALA H 23 1.28 49.13 32.42
CA ALA H 23 0.82 50.07 33.44
C ALA H 23 0.41 51.37 32.76
N SER H 24 -0.85 51.77 32.94
CA SER H 24 -1.31 53.03 32.37
C SER H 24 -0.47 54.20 32.82
N GLU H 25 0.11 54.13 34.03
CA GLU H 25 1.05 55.12 34.52
C GLU H 25 2.23 54.39 35.14
N SER H 26 3.43 54.93 34.90
CA SER H 26 4.66 54.32 35.40
C SER H 26 4.58 54.07 36.89
N VAL H 27 5.01 52.86 37.30
CA VAL H 27 5.08 52.54 38.72
C VAL H 27 6.15 53.38 39.39
N TYR H 28 6.03 53.50 40.71
CA TYR H 28 6.96 54.33 41.47
C TYR H 28 8.39 53.84 41.30
N SER H 29 9.31 54.79 41.08
CA SER H 29 10.73 54.53 40.90
C SER H 29 11.02 53.60 39.73
N ASN H 30 10.02 53.37 38.87
CA ASN H 30 10.09 52.52 37.69
C ASN H 30 10.33 51.05 38.01
N ASN H 31 10.17 50.65 39.28
CA ASN H 31 10.51 49.28 39.66
C ASN H 31 9.57 48.62 40.67
N ARG H 32 8.47 49.27 41.07
CA ARG H 32 7.56 48.68 42.05
C ARG H 32 6.58 47.78 41.31
N LEU H 33 7.05 46.58 40.98
CA LEU H 33 6.30 45.64 40.14
C LEU H 33 6.63 44.22 40.58
N SER H 34 5.60 43.45 40.91
CA SER H 34 5.77 42.07 41.35
C SER H 34 4.97 41.12 40.46
N TRP H 35 5.46 39.88 40.36
CA TRP H 35 4.80 38.82 39.60
C TRP H 35 4.38 37.70 40.54
N PHE H 36 3.21 37.11 40.29
CA PHE H 36 2.66 36.08 41.15
C PHE H 36 2.20 34.88 40.33
N GLN H 37 2.34 33.70 40.93
CA GLN H 37 1.83 32.45 40.38
C GLN H 37 0.73 31.91 41.28
N GLN H 38 -0.43 31.62 40.70
CA GLN H 38 -1.55 31.02 41.44
C GLN H 38 -2.06 29.80 40.69
N LYS H 39 -2.04 28.65 41.37
CA LYS H 39 -2.70 27.43 40.90
C LYS H 39 -4.10 27.32 41.49
N PRO H 40 -5.05 26.76 40.76
CA PRO H 40 -6.44 26.70 41.23
C PRO H 40 -6.57 26.08 42.60
N GLY H 41 -7.32 26.74 43.47
CA GLY H 41 -7.54 26.28 44.82
C GLY H 41 -6.43 26.61 45.80
N GLN H 42 -5.41 27.35 45.37
CA GLN H 42 -4.27 27.70 46.20
C GLN H 42 -4.12 29.21 46.30
N PRO H 43 -3.44 29.71 47.34
CA PRO H 43 -3.11 31.13 47.39
C PRO H 43 -2.06 31.49 46.35
N PRO H 44 -1.96 32.76 45.97
CA PRO H 44 -0.86 33.18 45.10
C PRO H 44 0.50 32.95 45.75
N LYS H 45 1.52 32.81 44.92
CA LYS H 45 2.89 32.69 45.38
C LYS H 45 3.73 33.75 44.69
N LEU H 46 4.54 34.45 45.48
CA LEU H 46 5.41 35.49 44.94
C LEU H 46 6.52 34.86 44.10
N LEU H 47 6.63 35.30 42.85
CA LEU H 47 7.68 34.86 41.94
C LEU H 47 8.83 35.87 41.87
N ILE H 48 8.51 37.13 41.60
CA ILE H 48 9.51 38.15 41.31
C ILE H 48 9.05 39.45 41.97
N TYR H 49 9.98 40.13 42.63
CA TYR H 49 9.75 41.48 43.13
C TYR H 49 10.77 42.43 42.53
N LEU H 50 10.39 43.71 42.49
CA LEU H 50 11.23 44.78 41.92
C LEU H 50 11.64 44.44 40.48
N VAL H 51 10.63 44.10 39.67
CA VAL H 51 10.74 43.91 38.23
C VAL H 51 11.44 42.61 37.88
N SER H 52 12.56 42.32 38.54
CA SER H 52 13.43 41.26 38.04
C SER H 52 14.13 40.44 39.12
N THR H 53 13.95 40.75 40.40
CA THR H 53 14.59 39.97 41.45
C THR H 53 13.73 38.75 41.78
N LEU H 54 14.31 37.56 41.62
CA LEU H 54 13.60 36.33 41.90
C LEU H 54 13.44 36.11 43.40
N ALA H 55 12.23 35.76 43.83
CA ALA H 55 12.02 35.33 45.19
C ALA H 55 12.78 34.03 45.46
N SER H 56 13.09 33.80 46.73
CA SER H 56 13.87 32.63 47.10
C SER H 56 13.14 31.34 46.71
N GLY H 57 13.89 30.39 46.15
CA GLY H 57 13.34 29.13 45.72
C GLY H 57 12.70 29.13 44.36
N VAL H 58 12.68 30.26 43.66
CA VAL H 58 12.08 30.34 42.33
C VAL H 58 13.14 30.04 41.28
N PRO H 59 12.89 29.11 40.37
CA PRO H 59 13.93 28.73 39.39
C PRO H 59 14.28 29.90 38.47
N SER H 60 15.52 29.86 37.96
CA SER H 60 16.04 30.95 37.15
C SER H 60 15.44 31.00 35.75
N ARG H 61 14.69 29.98 35.35
CA ARG H 61 14.00 30.01 34.06
C ARG H 61 12.81 30.96 34.08
N PHE H 62 12.45 31.50 35.24
CA PHE H 62 11.56 32.65 35.33
C PHE H 62 12.40 33.92 35.24
N LYS H 63 12.03 34.82 34.34
CA LYS H 63 12.79 36.05 34.14
C LYS H 63 11.82 37.23 34.00
N GLY H 64 11.98 38.21 34.87
CA GLY H 64 11.19 39.43 34.81
C GLY H 64 12.01 40.57 34.24
N SER H 65 11.35 41.40 33.43
CA SER H 65 12.02 42.54 32.81
C SER H 65 11.02 43.64 32.57
N GLY H 66 11.55 44.84 32.28
CA GLY H 66 10.78 45.98 31.85
C GLY H 66 11.13 47.20 32.66
N SER H 67 10.36 48.27 32.43
CA SER H 67 10.51 49.55 33.13
C SER H 67 9.45 50.49 32.58
N GLY H 68 9.13 51.51 33.37
CA GLY H 68 8.13 52.49 32.98
C GLY H 68 6.72 51.94 32.95
N THR H 69 6.18 51.76 31.75
CA THR H 69 4.81 51.31 31.54
C THR H 69 4.73 49.92 30.95
N GLN H 70 5.85 49.21 30.85
CA GLN H 70 5.96 47.95 30.12
C GLN H 70 6.80 46.96 30.90
N PHE H 71 6.20 45.82 31.22
CA PHE H 71 6.89 44.78 31.98
C PHE H 71 6.56 43.43 31.36
N THR H 72 7.49 42.49 31.50
CA THR H 72 7.37 41.18 30.87
C THR H 72 7.81 40.10 31.84
N LEU H 73 7.05 39.00 31.86
CA LEU H 73 7.46 37.77 32.52
C LEU H 73 7.73 36.70 31.47
N THR H 74 8.93 36.12 31.50
CA THR H 74 9.33 35.07 30.58
C THR H 74 9.60 33.79 31.35
N ILE H 75 8.91 32.71 30.96
CA ILE H 75 9.13 31.38 31.51
C ILE H 75 9.70 30.52 30.40
N SER H 76 10.94 30.09 30.55
CA SER H 76 11.59 29.21 29.59
C SER H 76 11.61 27.78 30.11
N ASP H 77 11.74 26.82 29.19
CA ASP H 77 11.77 25.40 29.51
C ASP H 77 10.56 25.01 30.34
N VAL H 78 9.37 25.30 29.80
CA VAL H 78 8.14 25.15 30.55
C VAL H 78 7.90 23.67 30.87
N VAL H 79 7.54 23.40 32.12
CA VAL H 79 7.18 22.06 32.56
C VAL H 79 5.72 22.09 33.02
N CYS H 80 5.15 20.89 33.20
CA CYS H 80 3.76 20.78 33.63
C CYS H 80 3.53 21.47 34.97
N ASP H 81 4.56 21.53 35.82
CA ASP H 81 4.44 22.20 37.12
C ASP H 81 4.20 23.69 36.99
N ASP H 82 4.36 24.28 35.80
CA ASP H 82 4.16 25.71 35.59
C ASP H 82 2.74 26.06 35.19
N ALA H 83 1.87 25.06 35.00
CA ALA H 83 0.47 25.33 34.74
C ALA H 83 -0.15 26.11 35.89
N ALA H 84 -0.57 27.34 35.61
CA ALA H 84 -1.07 28.25 36.64
C ALA H 84 -1.57 29.51 35.94
N THR H 85 -2.16 30.41 36.73
CA THR H 85 -2.48 31.75 36.30
C THR H 85 -1.48 32.72 36.92
N TYR H 86 -0.95 33.63 36.10
CA TYR H 86 0.10 34.54 36.52
C TYR H 86 -0.40 35.98 36.55
N TYR H 87 -0.02 36.72 37.59
CA TYR H 87 -0.50 38.07 37.85
C TYR H 87 0.68 39.01 38.07
N CYS H 88 0.56 40.23 37.55
CA CYS H 88 1.45 41.32 37.92
C CYS H 88 0.72 42.32 38.81
N VAL H 89 1.47 42.95 39.72
CA VAL H 89 0.95 43.99 40.60
C VAL H 89 1.88 45.18 40.53
N GLY H 90 1.33 46.34 40.19
CA GLY H 90 2.10 47.58 40.09
C GLY H 90 1.69 48.55 41.17
N TYR H 91 2.68 49.23 41.75
CA TYR H 91 2.47 50.17 42.85
C TYR H 91 2.93 51.56 42.44
N LYS H 92 2.09 52.57 42.67
CA LYS H 92 2.47 53.97 42.49
C LYS H 92 2.66 54.71 43.80
N SER H 93 1.72 54.57 44.73
CA SER H 93 1.76 55.29 46.00
C SER H 93 0.87 54.56 46.99
N SER H 94 0.87 55.06 48.23
CA SER H 94 -0.03 54.53 49.26
C SER H 94 -1.28 55.40 49.38
N THR H 95 -2.06 55.44 48.29
CA THR H 95 -3.23 56.30 48.18
C THR H 95 -4.35 55.56 47.47
N THR H 96 -5.44 56.27 47.21
CA THR H 96 -6.56 55.71 46.47
C THR H 96 -6.14 55.30 45.06
N ASP H 97 -6.57 54.10 44.64
CA ASP H 97 -6.29 53.56 43.31
C ASP H 97 -4.80 53.54 43.00
N GLY H 98 -3.97 53.44 44.04
CA GLY H 98 -2.54 53.63 43.88
C GLY H 98 -1.76 52.33 43.72
N LEU H 99 -2.43 51.19 43.66
CA LEU H 99 -1.85 49.98 43.13
C LEU H 99 -2.91 49.28 42.29
N ALA H 100 -2.46 48.39 41.40
CA ALA H 100 -3.38 47.72 40.51
C ALA H 100 -2.91 46.29 40.23
N PHE H 101 -3.87 45.40 40.09
CA PHE H 101 -3.64 44.01 39.68
C PHE H 101 -3.90 43.87 38.19
N GLY H 102 -3.04 43.12 37.51
CA GLY H 102 -3.37 42.64 36.18
C GLY H 102 -4.52 41.66 36.20
N GLY H 103 -5.18 41.53 35.05
CA GLY H 103 -6.29 40.61 34.92
C GLY H 103 -5.90 39.15 34.91
N GLY H 104 -4.61 38.85 34.89
CA GLY H 104 -4.14 37.47 34.95
C GLY H 104 -4.01 36.84 33.58
N THR H 105 -3.06 35.90 33.48
CA THR H 105 -2.83 35.13 32.27
C THR H 105 -2.82 33.65 32.63
N GLU H 106 -3.80 32.91 32.12
CA GLU H 106 -3.89 31.47 32.37
C GLU H 106 -2.96 30.73 31.41
N VAL H 107 -2.01 29.98 31.96
CA VAL H 107 -1.02 29.24 31.19
C VAL H 107 -1.37 27.76 31.23
N VAL H 108 -1.81 27.22 30.10
CA VAL H 108 -2.00 25.79 29.92
C VAL H 108 -0.74 25.20 29.29
N VAL H 109 -0.19 24.18 29.94
CA VAL H 109 1.01 23.50 29.43
C VAL H 109 0.57 22.28 28.62
N LYS H 110 1.02 22.21 27.37
CA LYS H 110 0.62 21.14 26.46
C LYS H 110 1.61 19.98 26.56
N GLY H 111 1.18 18.89 27.18
CA GLY H 111 1.94 17.64 27.20
C GLY H 111 1.50 16.69 26.11
N ASP H 112 1.90 15.43 26.26
CA ASP H 112 1.46 14.39 25.33
C ASP H 112 -0.04 14.20 25.43
N PRO H 113 -0.75 14.12 24.30
CA PRO H 113 -2.18 13.77 24.35
C PRO H 113 -2.39 12.41 25.00
N VAL H 114 -3.42 12.34 25.85
CA VAL H 114 -3.83 11.10 26.50
C VAL H 114 -5.35 11.00 26.45
N ALA H 115 -5.85 9.86 26.01
CA ALA H 115 -7.30 9.61 26.01
C ALA H 115 -7.79 9.30 27.41
N PRO H 116 -8.99 9.73 27.78
CA PRO H 116 -9.48 9.49 29.14
C PRO H 116 -9.94 8.05 29.32
N THR H 117 -9.76 7.55 30.55
CA THR H 117 -10.49 6.40 31.03
C THR H 117 -11.76 6.90 31.70
N VAL H 118 -12.91 6.38 31.26
CA VAL H 118 -14.21 6.94 31.60
C VAL H 118 -14.97 5.94 32.47
N LEU H 119 -15.54 6.44 33.56
CA LEU H 119 -16.34 5.66 34.49
C LEU H 119 -17.71 6.31 34.64
N ILE H 120 -18.75 5.49 34.70
CA ILE H 120 -20.11 5.98 34.92
C ILE H 120 -20.65 5.32 36.19
N PHE H 121 -21.34 6.10 37.00
CA PHE H 121 -21.89 5.64 38.27
C PHE H 121 -23.39 5.86 38.31
N PRO H 122 -24.20 4.80 38.28
CA PRO H 122 -25.65 4.97 38.41
C PRO H 122 -26.00 5.52 39.78
N PRO H 123 -27.16 6.15 39.93
CA PRO H 123 -27.54 6.71 41.23
C PRO H 123 -27.67 5.61 42.28
N ALA H 124 -27.11 5.87 43.46
CA ALA H 124 -27.32 4.99 44.61
C ALA H 124 -28.80 4.71 44.83
N ALA H 125 -29.09 3.54 45.42
CA ALA H 125 -30.47 3.10 45.57
C ALA H 125 -31.30 4.11 46.36
N ASP H 126 -30.70 4.80 47.32
CA ASP H 126 -31.43 5.73 48.17
C ASP H 126 -31.54 7.13 47.59
N GLN H 127 -31.06 7.35 46.36
CA GLN H 127 -31.25 8.64 45.70
C GLN H 127 -32.66 8.80 45.19
N VAL H 128 -33.21 7.75 44.59
CA VAL H 128 -34.46 7.87 43.84
C VAL H 128 -35.63 8.24 44.74
N ALA H 129 -35.61 7.77 45.99
CA ALA H 129 -36.68 8.12 46.92
C ALA H 129 -36.78 9.61 47.17
N THR H 130 -35.66 10.35 47.02
CA THR H 130 -35.67 11.79 47.23
C THR H 130 -36.38 12.55 46.13
N GLY H 131 -36.76 11.88 45.03
CA GLY H 131 -37.42 12.53 43.92
C GLY H 131 -36.48 13.08 42.87
N THR H 132 -35.17 13.09 43.13
CA THR H 132 -34.17 13.54 42.17
C THR H 132 -33.01 12.55 42.16
N VAL H 133 -32.45 12.30 40.99
CA VAL H 133 -31.29 11.43 40.85
C VAL H 133 -30.17 12.18 40.14
N THR H 134 -28.94 11.92 40.56
CA THR H 134 -27.75 12.48 39.92
C THR H 134 -26.87 11.34 39.44
N ILE H 135 -26.55 11.36 38.15
CA ILE H 135 -25.66 10.37 37.55
C ILE H 135 -24.29 11.00 37.37
N VAL H 136 -23.25 10.29 37.78
CA VAL H 136 -21.88 10.80 37.77
C VAL H 136 -21.09 10.09 36.68
N CYS H 137 -20.37 10.86 35.88
CA CYS H 137 -19.44 10.36 34.88
C CYS H 137 -18.08 10.98 35.11
N VAL H 138 -17.06 10.14 35.24
CA VAL H 138 -15.70 10.60 35.54
C VAL H 138 -14.80 10.28 34.35
N ALA H 139 -14.04 11.28 33.90
CA ALA H 139 -13.01 11.10 32.88
C ALA H 139 -11.66 11.36 33.53
N ASN H 140 -10.85 10.31 33.67
CA ASN H 140 -9.61 10.36 34.43
C ASN H 140 -8.40 10.46 33.50
N LYS H 141 -7.47 11.35 33.83
CA LYS H 141 -6.11 11.39 33.28
C LYS H 141 -6.15 11.53 31.76
N TYR H 142 -6.52 12.73 31.31
CA TYR H 142 -6.66 13.02 29.90
C TYR H 142 -6.02 14.36 29.57
N PHE H 143 -5.69 14.52 28.29
CA PHE H 143 -5.27 15.79 27.69
C PHE H 143 -5.31 15.63 26.18
N PRO H 144 -5.81 16.62 25.43
CA PRO H 144 -6.30 17.93 25.87
C PRO H 144 -7.74 17.91 26.37
N ASP H 145 -8.36 19.10 26.41
CA ASP H 145 -9.68 19.25 26.99
C ASP H 145 -10.69 18.38 26.26
N VAL H 146 -11.78 18.08 26.95
CA VAL H 146 -12.84 17.23 26.42
C VAL H 146 -14.15 17.99 26.47
N THR H 147 -15.10 17.52 25.66
CA THR H 147 -16.50 17.92 25.75
C THR H 147 -17.31 16.69 26.11
N VAL H 148 -18.29 16.88 26.99
CA VAL H 148 -19.10 15.78 27.50
C VAL H 148 -20.49 15.90 26.92
N THR H 149 -21.04 14.78 26.48
CA THR H 149 -22.41 14.70 25.99
C THR H 149 -23.13 13.61 26.78
N TRP H 150 -24.31 13.93 27.27
CA TRP H 150 -25.17 12.98 27.96
C TRP H 150 -26.31 12.58 27.05
N GLU H 151 -26.60 11.28 27.01
CA GLU H 151 -27.70 10.77 26.22
C GLU H 151 -28.56 9.87 27.07
N VAL H 152 -29.88 10.05 26.95
CA VAL H 152 -30.86 9.21 27.61
C VAL H 152 -31.69 8.56 26.52
N ASP H 153 -31.57 7.24 26.38
CA ASP H 153 -32.16 6.50 25.27
C ASP H 153 -31.83 7.17 23.93
N GLY H 154 -30.57 7.58 23.78
CA GLY H 154 -30.11 8.19 22.55
C GLY H 154 -30.36 9.68 22.42
N THR H 155 -31.22 10.25 23.26
CA THR H 155 -31.55 11.67 23.15
C THR H 155 -30.52 12.50 23.91
N THR H 156 -29.86 13.42 23.20
CA THR H 156 -28.89 14.31 23.82
C THR H 156 -29.54 15.22 24.85
N GLN H 157 -28.94 15.32 26.02
CA GLN H 157 -29.44 16.15 27.10
C GLN H 157 -28.91 17.58 26.96
N THR H 158 -29.79 18.56 27.19
CA THR H 158 -29.44 19.96 27.05
C THR H 158 -29.51 20.74 28.36
N THR H 159 -29.99 20.14 29.44
CA THR H 159 -30.10 20.84 30.71
C THR H 159 -29.86 19.85 31.84
N GLY H 160 -29.50 20.38 33.01
CA GLY H 160 -29.24 19.55 34.16
C GLY H 160 -27.86 18.98 34.25
N ILE H 161 -26.88 19.58 33.57
CA ILE H 161 -25.53 19.05 33.47
C ILE H 161 -24.57 20.01 34.16
N GLU H 162 -23.70 19.47 35.00
CA GLU H 162 -22.65 20.24 35.67
C GLU H 162 -21.32 19.55 35.44
N ASN H 163 -20.28 20.34 35.16
CA ASN H 163 -18.95 19.81 34.92
C ASN H 163 -17.95 20.47 35.86
N SER H 164 -16.98 19.68 36.33
CA SER H 164 -15.95 20.15 37.23
C SER H 164 -14.62 19.49 36.87
N LYS H 165 -13.60 20.30 36.62
CA LYS H 165 -12.32 19.84 36.13
C LYS H 165 -11.22 20.14 37.13
N THR H 166 -10.38 19.14 37.41
CA THR H 166 -9.21 19.34 38.24
C THR H 166 -8.16 20.18 37.50
N PRO H 167 -7.21 20.76 38.23
CA PRO H 167 -6.10 21.44 37.56
C PRO H 167 -5.15 20.45 36.91
N GLN H 168 -4.32 20.97 36.00
CA GLN H 168 -3.34 20.14 35.31
C GLN H 168 -2.41 19.45 36.30
N ASN H 169 -2.22 18.15 36.11
CA ASN H 169 -1.29 17.39 36.92
C ASN H 169 0.12 17.97 36.79
N SER H 170 0.78 18.18 37.92
CA SER H 170 2.08 18.83 37.92
C SER H 170 3.19 17.97 37.32
N ALA H 171 2.92 16.70 37.03
CA ALA H 171 3.91 15.81 36.44
C ALA H 171 3.67 15.54 34.96
N ASP H 172 2.42 15.28 34.56
CA ASP H 172 2.14 14.86 33.18
C ASP H 172 1.09 15.72 32.48
N CYS H 173 0.66 16.82 33.09
CA CYS H 173 -0.18 17.85 32.49
C CYS H 173 -1.64 17.43 32.32
N THR H 174 -2.03 16.23 32.75
CA THR H 174 -3.36 15.73 32.44
C THR H 174 -4.42 16.30 33.40
N TYR H 175 -5.66 16.27 32.94
CA TYR H 175 -6.83 16.69 33.70
C TYR H 175 -7.60 15.48 34.21
N ASN H 176 -8.43 15.72 35.22
CA ASN H 176 -9.56 14.85 35.57
C ASN H 176 -10.83 15.69 35.57
N LEU H 177 -11.93 15.09 35.11
CA LEU H 177 -13.20 15.79 35.02
C LEU H 177 -14.30 14.95 35.64
N SER H 178 -15.23 15.64 36.32
CA SER H 178 -16.44 15.02 36.85
C SER H 178 -17.64 15.68 36.19
N SER H 179 -18.51 14.88 35.57
CA SER H 179 -19.73 15.36 34.94
C SER H 179 -20.92 14.74 35.63
N THR H 180 -21.92 15.56 35.95
CA THR H 180 -23.13 15.11 36.62
C THR H 180 -24.36 15.45 35.77
N LEU H 181 -25.26 14.48 35.64
CA LEU H 181 -26.57 14.69 35.02
C LEU H 181 -27.62 14.51 36.10
N THR H 182 -28.44 15.54 36.30
CA THR H 182 -29.49 15.52 37.31
C THR H 182 -30.85 15.40 36.63
N LEU H 183 -31.64 14.41 37.05
CA LEU H 183 -32.98 14.19 36.53
C LEU H 183 -33.94 14.00 37.69
N THR H 184 -35.23 14.14 37.40
CA THR H 184 -36.25 13.72 38.35
C THR H 184 -36.31 12.20 38.41
N SER H 185 -36.73 11.68 39.56
CA SER H 185 -36.92 10.25 39.70
C SER H 185 -37.85 9.68 38.64
N THR H 186 -38.84 10.46 38.20
CA THR H 186 -39.78 9.97 37.20
C THR H 186 -39.11 9.87 35.83
N GLN H 187 -38.36 10.90 35.44
CA GLN H 187 -37.58 10.83 34.20
C GLN H 187 -36.64 9.63 34.22
N TYR H 188 -35.94 9.43 35.33
CA TYR H 188 -35.01 8.30 35.44
C TYR H 188 -35.71 6.97 35.25
N ASN H 189 -36.82 6.75 35.97
CA ASN H 189 -37.53 5.49 35.89
C ASN H 189 -38.26 5.30 34.57
N SER H 190 -38.40 6.34 33.76
CA SER H 190 -39.10 6.26 32.49
C SER H 190 -38.19 5.86 31.33
N HIS H 191 -36.88 5.77 31.56
CA HIS H 191 -35.92 5.49 30.50
C HIS H 191 -34.97 4.38 30.94
N LYS H 192 -34.26 3.82 29.96
CA LYS H 192 -33.45 2.63 30.17
C LYS H 192 -31.96 2.89 30.06
N GLU H 193 -31.48 3.47 28.97
CA GLU H 193 -30.05 3.56 28.68
C GLU H 193 -29.53 4.95 29.01
N TYR H 194 -28.48 5.01 29.82
CA TYR H 194 -27.86 6.27 30.22
C TYR H 194 -26.41 6.24 29.77
N THR H 195 -26.01 7.28 29.04
CA THR H 195 -24.77 7.30 28.30
C THR H 195 -24.04 8.61 28.52
N CYS H 196 -22.74 8.53 28.84
CA CYS H 196 -21.87 9.70 28.92
CA CYS H 196 -21.89 9.71 28.90
C CYS H 196 -20.79 9.56 27.87
N LYS H 197 -20.73 10.50 26.94
CA LYS H 197 -19.81 10.47 25.80
C LYS H 197 -18.77 11.56 25.99
N VAL H 198 -17.51 11.16 26.13
CA VAL H 198 -16.41 12.08 26.34
C VAL H 198 -15.67 12.19 25.01
N THR H 199 -15.73 13.38 24.40
CA THR H 199 -15.19 13.60 23.06
C THR H 199 -13.95 14.47 23.17
N GLN H 200 -12.89 14.06 22.45
CA GLN H 200 -11.59 14.72 22.48
C GLN H 200 -11.12 14.86 21.03
N GLY H 201 -11.59 15.91 20.36
CA GLY H 201 -11.36 16.09 18.95
C GLY H 201 -12.06 15.04 18.11
N THR H 202 -11.29 14.11 17.54
CA THR H 202 -11.83 13.04 16.72
C THR H 202 -11.97 11.74 17.49
N THR H 203 -11.61 11.73 18.78
CA THR H 203 -11.68 10.56 19.63
C THR H 203 -12.84 10.70 20.60
N SER H 204 -13.56 9.60 20.84
CA SER H 204 -14.62 9.56 21.83
C SER H 204 -14.49 8.31 22.67
N VAL H 205 -14.69 8.45 23.98
CA VAL H 205 -14.81 7.33 24.90
C VAL H 205 -16.19 7.39 25.52
N VAL H 206 -16.92 6.27 25.45
CA VAL H 206 -18.33 6.21 25.81
C VAL H 206 -18.54 5.14 26.86
N GLN H 207 -19.17 5.51 27.97
CA GLN H 207 -19.63 4.56 28.97
C GLN H 207 -21.14 4.68 29.14
N SER H 208 -21.81 3.54 29.19
CA SER H 208 -23.25 3.49 29.32
C SER H 208 -23.64 2.49 30.39
N PHE H 209 -24.86 2.64 30.88
CA PHE H 209 -25.50 1.58 31.65
C PHE H 209 -26.99 1.57 31.33
N ASN H 210 -27.62 0.42 31.54
CA ASN H 210 -29.05 0.27 31.48
C ASN H 210 -29.59 0.18 32.90
N ARG H 211 -30.51 1.10 33.24
CA ARG H 211 -31.06 1.18 34.59
C ARG H 211 -31.50 -0.19 35.12
N GLY H 212 -32.15 -0.98 34.27
CA GLY H 212 -32.61 -2.30 34.69
C GLY H 212 -31.52 -3.20 35.24
N ASP H 213 -30.28 -3.00 34.81
CA ASP H 213 -29.20 -3.94 35.12
C ASP H 213 -28.41 -3.56 36.36
N CYS H 214 -28.72 -2.44 37.01
CA CYS H 214 -27.90 -1.96 38.11
C CYS H 214 -28.73 -1.62 39.33
N GLN I 1 28.83 2.32 14.37
CA GLN I 1 30.02 3.14 14.59
C GLN I 1 31.05 2.82 13.51
N SER I 2 30.57 2.58 12.30
CA SER I 2 31.44 2.18 11.20
C SER I 2 30.98 2.87 9.93
N VAL I 3 31.92 3.10 9.03
CA VAL I 3 31.62 3.65 7.71
C VAL I 3 31.89 2.59 6.65
N LYS I 4 31.24 2.76 5.50
CA LYS I 4 31.31 1.79 4.41
C LYS I 4 31.29 2.53 3.09
N GLU I 5 32.13 2.12 2.15
CA GLU I 5 32.08 2.63 0.80
C GLU I 5 31.13 1.78 -0.04
N SER I 6 30.45 2.44 -0.98
CA SER I 6 29.56 1.73 -1.89
C SER I 6 30.37 0.95 -2.93
N GLU I 7 29.65 0.28 -3.82
CA GLU I 7 30.27 -0.66 -4.75
C GLU I 7 31.07 0.06 -5.83
N GLY I 8 32.24 -0.48 -6.15
CA GLY I 8 33.04 0.00 -7.26
C GLY I 8 32.83 -0.84 -8.52
N GLY I 9 33.91 -1.46 -9.02
CA GLY I 9 33.81 -2.39 -10.12
C GLY I 9 34.59 -1.90 -11.34
N LEU I 10 34.12 -2.31 -12.51
CA LEU I 10 34.83 -2.13 -13.78
C LEU I 10 34.26 -0.93 -14.53
N PHE I 11 35.15 -0.06 -15.00
CA PHE I 11 34.75 1.18 -15.66
C PHE I 11 35.52 1.39 -16.96
N LYS I 12 34.87 2.10 -17.89
CA LYS I 12 35.44 2.61 -19.12
C LYS I 12 36.07 3.97 -18.89
N PRO I 13 37.04 4.37 -19.72
CA PRO I 13 37.60 5.73 -19.58
C PRO I 13 36.57 6.82 -19.74
N THR I 14 35.49 6.55 -20.46
CA THR I 14 34.41 7.51 -20.66
C THR I 14 33.35 7.46 -19.57
N ASP I 15 33.44 6.50 -18.65
CA ASP I 15 32.50 6.41 -17.53
C ASP I 15 32.77 7.49 -16.48
N THR I 16 31.81 7.62 -15.57
CA THR I 16 31.96 8.45 -14.37
C THR I 16 31.98 7.52 -13.15
N LEU I 17 32.95 7.74 -12.27
CA LEU I 17 33.00 7.00 -11.02
C LEU I 17 32.23 7.77 -9.95
N THR I 18 31.29 7.10 -9.30
CA THR I 18 30.53 7.68 -8.21
C THR I 18 30.55 6.72 -7.03
N LEU I 19 31.02 7.21 -5.88
CA LEU I 19 31.12 6.41 -4.67
C LEU I 19 30.46 7.17 -3.52
N THR I 20 29.80 6.42 -2.64
CA THR I 20 29.10 6.99 -1.50
C THR I 20 29.66 6.42 -0.20
N CYS I 21 29.93 7.30 0.75
CA CYS I 21 30.35 6.90 2.09
C CYS I 21 29.13 6.92 3.00
N THR I 22 28.78 5.75 3.54
CA THR I 22 27.61 5.60 4.39
C THR I 22 28.04 5.22 5.81
N ALA I 23 27.28 5.68 6.79
CA ALA I 23 27.56 5.43 8.19
C ALA I 23 26.52 4.50 8.79
N SER I 24 26.95 3.71 9.78
CA SER I 24 26.06 2.84 10.54
C SER I 24 26.46 2.92 12.01
N GLY I 25 25.53 3.36 12.85
CA GLY I 25 25.76 3.47 14.28
C GLY I 25 26.15 4.86 14.75
N PHE I 26 26.41 5.78 13.84
CA PHE I 26 26.60 7.19 14.18
C PHE I 26 26.33 8.01 12.92
N SER I 27 26.61 9.31 12.99
CA SER I 27 26.28 10.25 11.93
C SER I 27 27.53 10.73 11.21
N LEU I 28 27.35 11.08 9.93
CA LEU I 28 28.37 11.78 9.17
C LEU I 28 28.17 13.29 9.16
N ASN I 29 26.93 13.76 9.32
CA ASN I 29 26.68 15.20 9.39
C ASN I 29 27.40 15.82 10.58
N GLY I 30 28.17 16.87 10.31
CA GLY I 30 28.92 17.55 11.34
C GLY I 30 30.28 16.98 11.63
N TYR I 31 30.69 15.94 10.92
CA TYR I 31 32.00 15.33 11.10
C TYR I 31 32.77 15.36 9.79
N GLY I 32 34.08 15.59 9.89
CA GLY I 32 34.90 15.55 8.70
C GLY I 32 34.92 14.17 8.06
N VAL I 33 34.93 14.15 6.73
CA VAL I 33 34.99 12.92 5.95
C VAL I 33 36.04 13.11 4.86
N ILE I 34 36.89 12.10 4.70
CA ILE I 34 37.99 12.18 3.75
C ILE I 34 37.89 11.02 2.76
N TRP I 35 38.36 11.25 1.54
CA TRP I 35 38.45 10.23 0.51
C TRP I 35 39.92 10.02 0.15
N VAL I 36 40.39 8.78 0.29
CA VAL I 36 41.75 8.42 -0.09
C VAL I 36 41.68 7.14 -0.92
N ARG I 37 42.64 7.00 -1.84
CA ARG I 37 42.73 5.82 -2.68
C ARG I 37 44.15 5.26 -2.60
N GLN I 38 44.30 4.03 -3.08
CA GLN I 38 45.57 3.33 -2.97
C GLN I 38 45.71 2.39 -4.17
N ALA I 39 46.55 2.79 -5.13
CA ALA I 39 46.87 1.93 -6.24
C ALA I 39 47.62 0.70 -5.75
N PRO I 40 47.53 -0.42 -6.47
CA PRO I 40 48.17 -1.67 -6.00
C PRO I 40 49.63 -1.48 -5.67
N GLY I 41 50.00 -1.84 -4.44
CA GLY I 41 51.37 -1.73 -3.98
C GLY I 41 51.92 -0.33 -3.92
N LYS I 42 51.07 0.67 -3.66
CA LYS I 42 51.50 2.05 -3.59
C LYS I 42 50.95 2.69 -2.31
N GLY I 43 51.33 3.94 -2.08
CA GLY I 43 50.95 4.63 -0.88
C GLY I 43 49.56 5.23 -0.93
N LEU I 44 49.06 5.63 0.25
CA LEU I 44 47.79 6.32 0.33
C LEU I 44 47.86 7.66 -0.39
N GLU I 45 46.81 7.98 -1.14
CA GLU I 45 46.75 9.22 -1.91
C GLU I 45 45.46 9.96 -1.57
N TRP I 46 45.61 11.18 -1.06
CA TRP I 46 44.47 12.03 -0.74
C TRP I 46 43.71 12.41 -2.01
N ILE I 47 42.39 12.26 -1.98
CA ILE I 47 41.54 12.69 -3.08
C ILE I 47 40.81 13.99 -2.75
N GLY I 48 40.37 14.13 -1.51
CA GLY I 48 39.68 15.34 -1.08
C GLY I 48 38.99 15.11 0.24
N SER I 49 38.55 16.21 0.84
CA SER I 49 37.99 16.18 2.18
C SER I 49 36.68 16.96 2.22
N ALA I 50 35.72 16.46 2.99
CA ALA I 50 34.47 17.15 3.28
C ALA I 50 34.56 17.70 4.70
N GLY I 51 34.76 19.01 4.82
CA GLY I 51 34.89 19.61 6.13
C GLY I 51 33.66 19.41 6.99
N ALA I 52 33.87 19.38 8.31
CA ALA I 52 32.77 19.20 9.25
C ALA I 52 31.79 20.36 9.21
N TYR I 53 32.20 21.53 8.75
CA TYR I 53 31.33 22.71 8.73
C TYR I 53 31.07 23.20 7.31
N GLY I 54 31.20 22.32 6.31
CA GLY I 54 30.65 22.54 4.98
C GLY I 54 31.67 22.77 3.88
N ARG I 55 32.87 23.23 4.20
CA ARG I 55 33.84 23.52 3.16
C ARG I 55 34.47 22.25 2.60
N ILE I 56 34.65 22.22 1.28
CA ILE I 56 35.22 21.09 0.55
C ILE I 56 36.57 21.52 -0.01
N TYR I 57 37.61 20.74 0.26
CA TYR I 57 38.95 21.06 -0.22
C TYR I 57 39.63 19.82 -0.80
N TYR I 58 40.45 20.05 -1.82
CA TYR I 58 41.09 19.02 -2.63
C TYR I 58 42.59 19.26 -2.72
N PRO I 59 43.35 18.24 -3.09
CA PRO I 59 44.67 18.49 -3.69
C PRO I 59 44.52 19.03 -5.11
N ASN I 60 45.56 19.70 -5.58
CA ASN I 60 45.47 20.40 -6.86
C ASN I 60 45.14 19.45 -8.00
N TRP I 61 45.76 18.27 -8.03
CA TRP I 61 45.52 17.32 -9.12
C TRP I 61 44.05 16.93 -9.23
N ALA I 62 43.33 16.89 -8.11
CA ALA I 62 41.97 16.37 -8.09
C ALA I 62 40.91 17.44 -8.31
N ARG I 63 41.27 18.72 -8.17
CA ARG I 63 40.29 19.79 -8.16
C ARG I 63 39.52 19.88 -9.48
N SER I 64 40.15 19.52 -10.60
CA SER I 64 39.49 19.65 -11.89
C SER I 64 38.58 18.47 -12.20
N ARG I 65 38.96 17.26 -11.81
CA ARG I 65 38.24 16.06 -12.23
C ARG I 65 37.49 15.35 -11.13
N ALA I 66 37.65 15.76 -9.88
CA ALA I 66 36.91 15.19 -8.76
C ALA I 66 36.06 16.25 -8.09
N THR I 67 34.84 15.88 -7.72
CA THR I 67 33.99 16.73 -6.89
C THR I 67 33.35 15.91 -5.78
N ILE I 68 33.37 16.46 -4.57
CA ILE I 68 32.91 15.77 -3.38
C ILE I 68 31.72 16.54 -2.83
N THR I 69 30.64 15.81 -2.52
CA THR I 69 29.37 16.42 -2.16
C THR I 69 28.83 15.76 -0.90
N ARG I 70 28.29 16.58 -0.01
CA ARG I 70 27.63 16.09 1.20
C ARG I 70 26.12 16.12 1.01
N ASN I 71 25.46 15.07 1.49
CA ASN I 71 24.00 14.99 1.51
C ASN I 71 23.58 14.87 2.97
N THR I 72 23.24 16.00 3.60
CA THR I 72 22.85 15.99 4.99
C THR I 72 21.46 15.39 5.20
N ASN I 73 20.66 15.33 4.14
CA ASN I 73 19.36 14.65 4.24
C ASN I 73 19.56 13.15 4.46
N LEU I 74 20.44 12.53 3.69
CA LEU I 74 20.67 11.09 3.74
C LEU I 74 21.83 10.70 4.63
N ASN I 75 22.55 11.68 5.21
CA ASN I 75 23.65 11.42 6.13
C ASN I 75 24.81 10.71 5.43
N THR I 76 25.14 11.17 4.22
CA THR I 76 26.15 10.54 3.39
C THR I 76 27.12 11.59 2.86
N VAL I 77 28.26 11.11 2.36
CA VAL I 77 29.23 11.93 1.63
C VAL I 77 29.64 11.14 0.39
N SER I 78 29.65 11.81 -0.77
CA SER I 78 29.87 11.15 -2.04
C SER I 78 31.09 11.71 -2.76
N LEU I 79 31.62 10.89 -3.67
CA LEU I 79 32.78 11.25 -4.49
C LEU I 79 32.44 10.95 -5.94
N LYS I 80 32.65 11.94 -6.82
CA LYS I 80 32.44 11.81 -8.25
C LYS I 80 33.73 12.15 -8.98
N MET I 81 34.16 11.28 -9.89
CA MET I 81 35.38 11.50 -10.66
C MET I 81 35.10 11.27 -12.14
N THR I 82 35.51 12.22 -12.97
CA THR I 82 35.28 12.20 -14.41
C THR I 82 36.59 11.94 -15.15
N SER I 83 36.46 11.66 -16.45
CA SER I 83 37.58 11.38 -17.34
C SER I 83 38.54 10.36 -16.73
N LEU I 84 38.00 9.17 -16.50
CA LEU I 84 38.76 8.09 -15.91
C LEU I 84 39.87 7.60 -16.84
N THR I 85 40.98 7.19 -16.24
CA THR I 85 42.03 6.46 -16.94
C THR I 85 42.40 5.22 -16.11
N ALA I 86 43.15 4.32 -16.73
CA ALA I 86 43.67 3.16 -16.02
C ALA I 86 44.42 3.56 -14.74
N ALA I 87 44.96 4.78 -14.71
CA ALA I 87 45.69 5.25 -13.52
C ALA I 87 44.76 5.42 -12.32
N ASP I 88 43.45 5.44 -12.52
CA ASP I 88 42.50 5.56 -11.42
C ASP I 88 42.18 4.21 -10.78
N THR I 89 42.69 3.12 -11.34
CA THR I 89 42.54 1.81 -10.72
C THR I 89 43.20 1.80 -9.35
N ALA I 90 42.41 1.50 -8.32
CA ALA I 90 42.90 1.56 -6.94
C ALA I 90 41.80 1.05 -6.01
N THR I 91 42.18 0.87 -4.74
CA THR I 91 41.23 0.72 -3.65
C THR I 91 40.85 2.09 -3.14
N TYR I 92 39.55 2.35 -2.98
CA TYR I 92 39.07 3.63 -2.54
C TYR I 92 38.52 3.53 -1.12
N PHE I 93 38.96 4.44 -0.24
CA PHE I 93 38.57 4.47 1.15
C PHE I 93 37.86 5.78 1.46
N CYS I 94 36.90 5.72 2.37
CA CYS I 94 36.41 6.90 3.06
C CYS I 94 36.61 6.73 4.56
N ALA I 95 36.74 7.85 5.26
CA ALA I 95 37.00 7.83 6.69
C ALA I 95 36.33 9.01 7.36
N ARG I 96 35.98 8.82 8.62
CA ARG I 96 35.31 9.82 9.44
C ARG I 96 36.23 10.26 10.58
N ARG I 97 36.18 11.55 10.90
CA ARG I 97 36.98 12.14 11.97
C ARG I 97 36.06 12.54 13.12
N THR I 98 36.25 11.91 14.28
CA THR I 98 35.37 12.19 15.41
C THR I 98 35.49 13.63 15.90
N ASN I 99 36.72 14.15 16.01
CA ASN I 99 36.97 15.45 16.61
C ASN I 99 37.56 16.40 15.57
N VAL I 100 36.90 17.54 15.38
CA VAL I 100 37.44 18.57 14.51
C VAL I 100 38.76 19.13 15.08
N SER I 101 38.92 19.09 16.41
CA SER I 101 40.10 19.66 17.04
C SER I 101 41.38 18.92 16.65
N THR I 102 41.27 17.69 16.13
CA THR I 102 42.44 16.95 15.68
C THR I 102 42.80 17.24 14.23
N SER I 103 41.84 17.74 13.44
CA SER I 103 42.00 18.06 12.02
C SER I 103 42.20 16.82 11.15
N VAL I 104 43.12 15.93 11.51
CA VAL I 104 43.39 14.76 10.69
C VAL I 104 43.38 13.50 11.54
N GLY I 105 42.76 13.57 12.71
CA GLY I 105 42.61 12.39 13.54
C GLY I 105 41.49 11.50 13.02
N PHE I 106 41.67 10.97 11.81
CA PHE I 106 40.59 10.23 11.16
C PHE I 106 40.44 8.85 11.80
N ASP I 107 39.24 8.61 12.32
CA ASP I 107 38.96 7.65 13.39
C ASP I 107 38.39 6.33 12.85
N SER I 108 37.34 6.40 12.03
CA SER I 108 36.64 5.23 11.54
C SER I 108 36.86 5.13 10.03
N TRP I 109 37.50 4.05 9.59
CA TRP I 109 37.82 3.82 8.20
C TRP I 109 36.94 2.72 7.63
N GLY I 110 36.52 2.89 6.38
CA GLY I 110 35.80 1.86 5.67
C GLY I 110 36.73 0.74 5.23
N PRO I 111 36.14 -0.41 4.85
CA PRO I 111 36.99 -1.53 4.41
C PRO I 111 37.64 -1.30 3.06
N GLY I 112 37.18 -0.32 2.28
CA GLY I 112 37.72 -0.06 0.97
C GLY I 112 36.92 -0.74 -0.14
N THR I 113 36.80 -0.07 -1.28
CA THR I 113 36.09 -0.61 -2.43
C THR I 113 37.01 -0.64 -3.64
N LEU I 114 36.92 -1.71 -4.42
CA LEU I 114 37.87 -1.97 -5.50
C LEU I 114 37.33 -1.42 -6.82
N VAL I 115 38.15 -0.60 -7.49
CA VAL I 115 37.79 0.04 -8.74
C VAL I 115 38.85 -0.28 -9.79
N THR I 116 38.45 -0.91 -10.88
CA THR I 116 39.32 -1.15 -12.02
C THR I 116 38.81 -0.35 -13.22
N VAL I 117 39.66 0.54 -13.73
CA VAL I 117 39.37 1.31 -14.93
C VAL I 117 40.20 0.71 -16.06
N SER I 118 39.55 0.08 -17.01
CA SER I 118 40.27 -0.62 -18.07
C SER I 118 40.24 0.24 -19.33
N SER I 119 41.43 0.46 -19.89
CA SER I 119 41.52 1.14 -21.18
C SER I 119 41.09 0.24 -22.32
N SER I 120 41.53 -1.03 -22.29
CA SER I 120 41.20 -1.98 -23.34
C SER I 120 39.85 -2.61 -23.10
N SER I 121 39.84 -3.87 -22.65
CA SER I 121 38.62 -4.63 -22.40
C SER I 121 37.63 -3.88 -21.51
N GLY I 122 36.47 -3.53 -22.06
CA GLY I 122 35.44 -2.92 -21.25
C GLY I 122 34.39 -3.84 -20.66
N GLN I 123 34.46 -5.15 -20.92
CA GLN I 123 33.49 -6.14 -20.45
C GLN I 123 34.09 -7.01 -19.34
N PRO I 124 33.32 -7.27 -18.28
CA PRO I 124 33.81 -8.14 -17.20
C PRO I 124 34.01 -9.56 -17.70
N LYS I 125 34.72 -10.35 -16.90
CA LYS I 125 35.06 -11.72 -17.27
C LYS I 125 34.93 -12.63 -16.06
N ALA I 126 34.18 -13.72 -16.24
CA ALA I 126 34.03 -14.71 -15.18
C ALA I 126 35.31 -15.54 -15.06
N PRO I 127 35.65 -15.98 -13.87
CA PRO I 127 36.90 -16.73 -13.69
C PRO I 127 36.78 -18.16 -14.20
N SER I 128 37.89 -18.67 -14.71
CA SER I 128 38.08 -20.10 -14.86
C SER I 128 38.67 -20.65 -13.56
N VAL I 129 38.16 -21.79 -13.12
CA VAL I 129 38.59 -22.41 -11.87
C VAL I 129 39.18 -23.77 -12.20
N PHE I 130 40.44 -23.97 -11.80
CA PHE I 130 41.16 -25.21 -12.08
C PHE I 130 41.64 -25.83 -10.78
N PRO I 131 41.48 -27.14 -10.60
CA PRO I 131 41.96 -27.79 -9.38
C PRO I 131 43.49 -27.81 -9.32
N LEU I 132 44.01 -27.68 -8.10
CA LEU I 132 45.43 -27.80 -7.81
C LEU I 132 45.67 -29.06 -7.00
N ALA I 133 46.38 -30.02 -7.60
CA ALA I 133 46.71 -31.28 -6.94
C ALA I 133 48.14 -31.66 -7.24
N PRO I 134 48.82 -32.31 -6.30
CA PRO I 134 50.19 -32.77 -6.56
C PRO I 134 50.24 -33.78 -7.70
N CYS I 135 51.36 -33.75 -8.42
CA CYS I 135 51.64 -34.74 -9.47
C CYS I 135 51.29 -36.15 -9.01
N CYS I 136 50.59 -36.88 -9.88
CA CYS I 136 50.17 -38.23 -9.52
C CYS I 136 51.35 -39.14 -9.23
N GLY I 137 52.52 -38.85 -9.83
CA GLY I 137 53.71 -39.64 -9.58
C GLY I 137 54.31 -39.46 -8.21
N ASP I 138 53.91 -38.43 -7.46
CA ASP I 138 54.48 -38.19 -6.15
C ASP I 138 54.03 -39.24 -5.15
N THR I 139 54.88 -39.50 -4.18
CA THR I 139 54.56 -40.45 -3.12
C THR I 139 53.48 -39.88 -2.21
N PRO I 140 52.40 -40.63 -1.94
CA PRO I 140 51.35 -40.12 -1.06
C PRO I 140 51.79 -40.11 0.40
N SER I 141 51.18 -39.22 1.17
CA SER I 141 51.39 -39.13 2.61
C SER I 141 50.05 -39.12 3.32
N SER I 142 50.09 -39.02 4.65
CA SER I 142 48.85 -38.91 5.42
C SER I 142 48.22 -37.53 5.27
N THR I 143 49.02 -36.52 4.92
CA THR I 143 48.54 -35.15 4.75
C THR I 143 48.80 -34.71 3.31
N VAL I 144 47.94 -33.85 2.80
CA VAL I 144 48.04 -33.37 1.42
C VAL I 144 47.48 -31.96 1.34
N THR I 145 48.12 -31.14 0.51
CA THR I 145 47.65 -29.79 0.23
C THR I 145 47.05 -29.75 -1.17
N LEU I 146 45.77 -29.41 -1.24
CA LEU I 146 45.04 -29.24 -2.49
C LEU I 146 44.57 -27.79 -2.60
N GLY I 147 44.19 -27.39 -3.81
CA GLY I 147 43.74 -26.03 -3.97
C GLY I 147 43.00 -25.80 -5.27
N CYS I 148 42.68 -24.52 -5.51
CA CYS I 148 42.00 -24.10 -6.72
CA CYS I 148 41.98 -24.09 -6.71
C CYS I 148 42.64 -22.83 -7.25
N LEU I 149 42.91 -22.81 -8.55
CA LEU I 149 43.43 -21.65 -9.24
C LEU I 149 42.27 -20.90 -9.87
N VAL I 150 42.08 -19.65 -9.47
CA VAL I 150 41.00 -18.81 -9.97
C VAL I 150 41.62 -17.85 -10.96
N LYS I 151 41.47 -18.14 -12.25
CA LYS I 151 42.23 -17.47 -13.30
C LYS I 151 41.33 -16.60 -14.18
N GLY I 152 41.83 -15.42 -14.52
CA GLY I 152 41.27 -14.67 -15.63
C GLY I 152 39.94 -14.01 -15.38
N TYR I 153 39.76 -13.37 -14.23
CA TYR I 153 38.52 -12.71 -13.92
C TYR I 153 38.72 -11.20 -13.88
N LEU I 154 37.62 -10.48 -14.07
CA LEU I 154 37.62 -9.02 -14.12
C LEU I 154 36.21 -8.52 -13.88
N PRO I 155 36.01 -7.53 -12.98
CA PRO I 155 37.04 -6.99 -12.09
C PRO I 155 37.12 -7.77 -10.78
N GLU I 156 37.79 -7.19 -9.80
CA GLU I 156 37.78 -7.73 -8.46
C GLU I 156 36.45 -7.38 -7.77
N PRO I 157 36.08 -8.10 -6.70
CA PRO I 157 36.75 -9.26 -6.11
C PRO I 157 36.12 -10.60 -6.46
N VAL I 158 36.75 -11.67 -6.01
CA VAL I 158 36.11 -12.96 -5.84
C VAL I 158 36.18 -13.34 -4.37
N THR I 159 35.24 -14.18 -3.94
CA THR I 159 35.30 -14.80 -2.63
C THR I 159 35.49 -16.29 -2.79
N VAL I 160 36.30 -16.88 -1.94
CA VAL I 160 36.59 -18.31 -1.98
C VAL I 160 36.31 -18.91 -0.62
N THR I 161 35.48 -19.95 -0.58
CA THR I 161 35.31 -20.79 0.58
C THR I 161 35.62 -22.24 0.21
N TRP I 162 35.66 -23.09 1.23
CA TRP I 162 35.91 -24.52 1.04
C TRP I 162 34.81 -25.30 1.73
N ASN I 163 34.19 -26.21 1.00
CA ASN I 163 33.11 -27.06 1.51
C ASN I 163 31.98 -26.20 2.09
N SER I 164 31.61 -25.16 1.34
CA SER I 164 30.52 -24.25 1.70
C SER I 164 30.76 -23.58 3.05
N GLY I 165 32.02 -23.28 3.37
CA GLY I 165 32.35 -22.56 4.58
C GLY I 165 32.53 -23.42 5.81
N THR I 166 32.37 -24.74 5.70
CA THR I 166 32.57 -25.62 6.85
C THR I 166 34.04 -25.96 7.06
N LEU I 167 34.88 -25.76 6.06
CA LEU I 167 36.32 -26.02 6.15
C LEU I 167 37.05 -24.69 6.11
N THR I 168 37.66 -24.32 7.23
CA THR I 168 38.27 -22.99 7.36
C THR I 168 39.71 -23.08 7.84
N ASN I 169 40.01 -24.07 8.67
CA ASN I 169 41.34 -24.20 9.25
C ASN I 169 42.31 -24.82 8.26
N GLY I 170 43.54 -24.32 8.26
CA GLY I 170 44.53 -24.77 7.29
C GLY I 170 44.30 -24.26 5.89
N VAL I 171 43.52 -23.19 5.74
CA VAL I 171 43.23 -22.58 4.46
C VAL I 171 44.09 -21.35 4.28
N ARG I 172 44.77 -21.25 3.14
CA ARG I 172 45.62 -20.11 2.82
CA ARG I 172 45.62 -20.11 2.82
C ARG I 172 45.18 -19.56 1.47
N THR I 173 44.53 -18.39 1.49
CA THR I 173 44.06 -17.73 0.28
C THR I 173 44.95 -16.52 0.01
N PHE I 174 45.65 -16.54 -1.12
CA PHE I 174 46.65 -15.55 -1.46
C PHE I 174 46.01 -14.32 -2.10
N PRO I 175 46.62 -13.14 -1.93
CA PRO I 175 46.16 -11.95 -2.63
C PRO I 175 46.19 -12.15 -4.14
N SER I 176 45.29 -11.44 -4.82
CA SER I 176 45.20 -11.54 -6.27
C SER I 176 46.41 -10.90 -6.94
N VAL I 177 46.70 -11.35 -8.16
CA VAL I 177 47.66 -10.71 -9.04
C VAL I 177 46.93 -10.34 -10.33
N ARG I 178 47.41 -9.28 -10.98
CA ARG I 178 46.86 -8.83 -12.24
C ARG I 178 47.79 -9.27 -13.37
N GLN I 179 47.28 -10.10 -14.28
CA GLN I 179 48.10 -10.49 -15.42
C GLN I 179 48.35 -9.28 -16.31
N SER I 180 49.29 -9.43 -17.24
CA SER I 180 49.59 -8.34 -18.16
C SER I 180 48.38 -8.00 -19.03
N SER I 181 47.56 -9.00 -19.36
CA SER I 181 46.34 -8.75 -20.12
C SER I 181 45.38 -7.84 -19.38
N GLY I 182 45.54 -7.68 -18.06
CA GLY I 182 44.61 -6.95 -17.23
C GLY I 182 43.69 -7.83 -16.41
N LEU I 183 43.66 -9.13 -16.68
CA LEU I 183 42.83 -10.05 -15.90
C LEU I 183 43.49 -10.38 -14.57
N TYR I 184 42.65 -10.66 -13.57
CA TYR I 184 43.10 -10.99 -12.24
C TYR I 184 43.12 -12.50 -12.03
N SER I 185 43.96 -12.95 -11.12
CA SER I 185 44.02 -14.39 -10.78
C SER I 185 44.27 -14.49 -9.29
N LEU I 186 43.78 -15.54 -8.68
CA LEU I 186 43.96 -15.74 -7.24
C LEU I 186 44.10 -17.23 -6.99
N SER I 187 44.90 -17.67 -6.03
CA SER I 187 44.98 -19.11 -5.72
C SER I 187 44.62 -19.35 -4.25
N SER I 188 44.02 -20.47 -3.94
CA SER I 188 43.70 -20.82 -2.56
C SER I 188 44.04 -22.29 -2.35
N VAL I 189 44.71 -22.60 -1.24
CA VAL I 189 45.09 -23.96 -0.91
C VAL I 189 44.59 -24.31 0.48
N VAL I 190 44.46 -25.62 0.72
CA VAL I 190 44.02 -26.13 2.02
C VAL I 190 44.75 -27.44 2.28
N SER I 191 45.24 -27.60 3.51
CA SER I 191 45.94 -28.81 3.93
CA SER I 191 45.94 -28.82 3.92
C SER I 191 44.98 -29.70 4.71
N VAL I 192 44.78 -30.92 4.24
CA VAL I 192 43.84 -31.85 4.87
C VAL I 192 44.50 -33.21 5.06
N THR I 193 43.86 -34.02 5.90
CA THR I 193 44.21 -35.42 6.12
C THR I 193 43.69 -36.27 4.97
N SER I 194 43.42 -37.55 5.24
CA SER I 194 43.01 -38.48 4.20
C SER I 194 41.61 -38.16 3.70
N VAL I 199 37.41 -32.43 -1.30
CA VAL I 199 37.21 -31.03 -0.94
C VAL I 199 36.70 -30.25 -2.14
N THR I 200 35.82 -29.28 -1.88
CA THR I 200 35.21 -28.46 -2.93
C THR I 200 35.45 -26.99 -2.64
N CYS I 201 36.00 -26.29 -3.62
CA CYS I 201 36.29 -24.87 -3.51
CA CYS I 201 36.30 -24.86 -3.53
C CYS I 201 35.15 -24.08 -4.15
N ASN I 202 34.61 -23.12 -3.41
CA ASN I 202 33.45 -22.35 -3.83
C ASN I 202 33.89 -20.93 -4.20
N VAL I 203 33.79 -20.60 -5.49
CA VAL I 203 34.25 -19.32 -6.02
C VAL I 203 33.03 -18.50 -6.44
N ALA I 204 32.92 -17.29 -5.90
CA ALA I 204 31.85 -16.36 -6.26
C ALA I 204 32.47 -15.13 -6.91
N HIS I 205 31.96 -14.76 -8.09
CA HIS I 205 32.33 -13.53 -8.78
C HIS I 205 31.10 -12.68 -8.98
N PRO I 206 30.77 -11.80 -8.02
CA PRO I 206 29.52 -11.01 -8.13
C PRO I 206 29.39 -10.21 -9.40
N ALA I 207 30.50 -9.68 -9.95
CA ALA I 207 30.41 -8.82 -11.12
C ALA I 207 29.86 -9.55 -12.34
N THR I 208 29.95 -10.87 -12.38
CA THR I 208 29.32 -11.67 -13.43
C THR I 208 28.20 -12.55 -12.88
N ASN I 209 27.84 -12.37 -11.62
CA ASN I 209 26.77 -13.13 -10.97
C ASN I 209 27.02 -14.63 -11.08
N THR I 210 28.28 -15.02 -10.93
CA THR I 210 28.70 -16.41 -11.13
C THR I 210 29.16 -17.02 -9.83
N LYS I 211 28.76 -18.26 -9.59
CA LYS I 211 29.26 -19.07 -8.50
C LYS I 211 29.68 -20.42 -9.05
N VAL I 212 30.95 -20.80 -8.84
CA VAL I 212 31.52 -22.03 -9.37
C VAL I 212 32.00 -22.90 -8.23
N ASP I 213 31.57 -24.17 -8.23
CA ASP I 213 32.08 -25.19 -7.32
C ASP I 213 33.02 -26.12 -8.07
N LYS I 214 34.20 -26.36 -7.53
CA LYS I 214 35.16 -27.28 -8.12
C LYS I 214 35.62 -28.27 -7.05
N THR I 215 35.37 -29.56 -7.30
CA THR I 215 35.79 -30.63 -6.39
C THR I 215 37.18 -31.12 -6.80
N VAL I 216 38.12 -31.08 -5.85
CA VAL I 216 39.52 -31.45 -6.09
C VAL I 216 39.78 -32.81 -5.47
N ALA I 217 40.29 -33.75 -6.29
CA ALA I 217 40.74 -35.04 -5.80
C ALA I 217 42.26 -35.17 -5.94
N PRO I 218 42.93 -35.74 -4.95
CA PRO I 218 44.38 -36.02 -5.09
C PRO I 218 44.65 -36.97 -6.24
N SER I 219 45.48 -36.53 -7.17
CA SER I 219 45.82 -37.36 -8.33
C SER I 219 46.76 -38.48 -7.91
N THR I 220 46.42 -39.72 -8.30
CA THR I 220 47.20 -40.89 -7.94
C THR I 220 47.47 -41.73 -9.18
N CYS I 221 48.71 -42.16 -9.35
CA CYS I 221 49.06 -43.07 -10.43
C CYS I 221 49.70 -44.34 -9.87
N ASP J 1 53.49 19.35 1.27
CA ASP J 1 54.39 18.24 1.00
C ASP J 1 54.95 17.60 2.27
N MET J 2 54.63 16.33 2.47
CA MET J 2 55.18 15.56 3.57
C MET J 2 56.18 14.57 2.98
N THR J 3 57.42 14.64 3.45
CA THR J 3 58.44 13.69 3.04
C THR J 3 58.66 12.70 4.18
N GLN J 4 58.50 11.42 3.88
CA GLN J 4 58.68 10.35 4.86
C GLN J 4 59.93 9.56 4.54
N THR J 5 60.79 9.38 5.54
CA THR J 5 62.00 8.60 5.42
C THR J 5 62.11 7.64 6.59
N PRO J 6 62.62 6.42 6.37
CA PRO J 6 62.91 5.87 5.04
C PRO J 6 61.67 5.29 4.36
N SER J 7 61.79 4.92 3.09
CA SER J 7 60.69 4.24 2.41
C SER J 7 60.44 2.85 3.00
N SER J 8 61.49 2.19 3.47
CA SER J 8 61.38 0.83 3.99
C SER J 8 62.48 0.62 5.02
N LYS J 9 62.17 -0.19 6.04
CA LYS J 9 63.13 -0.51 7.07
C LYS J 9 62.84 -1.88 7.64
N SER J 10 63.85 -2.73 7.73
CA SER J 10 63.77 -4.00 8.42
C SER J 10 64.33 -3.83 9.83
N VAL J 11 63.61 -4.35 10.82
CA VAL J 11 63.99 -4.16 12.21
C VAL J 11 63.89 -5.47 12.98
N PRO J 12 64.94 -5.89 13.68
CA PRO J 12 64.86 -7.10 14.50
C PRO J 12 63.78 -6.98 15.57
N VAL J 13 63.17 -8.14 15.89
CA VAL J 13 62.25 -8.22 17.00
C VAL J 13 62.90 -7.66 18.27
N GLY J 14 62.14 -6.86 19.01
CA GLY J 14 62.62 -6.29 20.25
C GLY J 14 63.35 -4.96 20.11
N ASP J 15 63.86 -4.65 18.93
CA ASP J 15 64.56 -3.39 18.71
C ASP J 15 63.55 -2.24 18.63
N THR J 16 64.10 -1.04 18.46
CA THR J 16 63.33 0.19 18.29
C THR J 16 63.54 0.74 16.89
N VAL J 17 62.48 1.30 16.31
CA VAL J 17 62.54 1.90 14.98
C VAL J 17 61.95 3.30 15.05
N THR J 18 62.52 4.21 14.27
CA THR J 18 62.09 5.62 14.24
C THR J 18 61.76 6.01 12.81
N ILE J 19 60.58 6.60 12.63
CA ILE J 19 60.11 7.06 11.33
C ILE J 19 60.03 8.59 11.36
N ASN J 20 60.57 9.22 10.32
CA ASN J 20 60.66 10.68 10.24
C ASN J 20 59.64 11.22 9.25
N CYS J 21 59.14 12.41 9.54
CA CYS J 21 58.10 13.04 8.72
C CYS J 21 58.44 14.52 8.56
N GLN J 22 58.66 14.94 7.31
CA GLN J 22 59.10 16.29 6.99
C GLN J 22 57.97 17.07 6.32
N ALA J 23 57.45 18.07 7.03
CA ALA J 23 56.41 18.95 6.50
C ALA J 23 57.03 20.15 5.77
N SER J 24 56.69 20.31 4.49
CA SER J 24 57.16 21.48 3.74
C SER J 24 56.76 22.79 4.41
N GLU J 25 55.63 22.81 5.10
CA GLU J 25 55.18 23.96 5.87
C GLU J 25 54.69 23.50 7.23
N SER J 26 54.99 24.29 8.26
CA SER J 26 54.54 23.96 9.61
C SER J 26 53.03 23.71 9.62
N VAL J 27 52.62 22.62 10.27
CA VAL J 27 51.20 22.33 10.40
C VAL J 27 50.54 23.37 11.29
N TYR J 28 49.21 23.48 11.16
CA TYR J 28 48.46 24.47 11.92
C TYR J 28 48.62 24.23 13.41
N SER J 29 48.86 25.32 14.15
CA SER J 29 49.02 25.30 15.60
C SER J 29 50.18 24.41 16.04
N ASN J 30 51.03 23.99 15.10
CA ASN J 30 52.20 23.15 15.32
C ASN J 30 51.85 21.75 15.81
N ASN J 31 50.58 21.34 15.72
CA ASN J 31 50.18 20.06 16.29
C ASN J 31 49.17 19.27 15.46
N ARG J 32 48.81 19.72 14.27
CA ARG J 32 47.83 19.00 13.45
C ARG J 32 48.57 17.92 12.64
N LEU J 33 48.87 16.82 13.32
CA LEU J 33 49.69 15.75 12.75
C LEU J 33 49.23 14.42 13.32
N SER J 34 48.90 13.48 12.45
CA SER J 34 48.45 12.16 12.86
C SER J 34 49.32 11.07 12.25
N TRP J 35 49.40 9.93 12.95
CA TRP J 35 50.12 8.76 12.49
C TRP J 35 49.16 7.59 12.27
N PHE J 36 49.39 6.81 11.23
CA PHE J 36 48.51 5.71 10.86
C PHE J 36 49.30 4.43 10.63
N GLN J 37 48.67 3.31 10.96
CA GLN J 37 49.20 1.97 10.68
C GLN J 37 48.29 1.26 9.68
N GLN J 38 48.87 0.75 8.60
CA GLN J 38 48.13 -0.04 7.62
C GLN J 38 48.86 -1.35 7.34
N LYS J 39 48.18 -2.48 7.58
CA LYS J 39 48.62 -3.81 7.20
C LYS J 39 48.04 -4.18 5.83
N PRO J 40 48.79 -4.95 5.03
CA PRO J 40 48.33 -5.26 3.67
C PRO J 40 46.96 -5.89 3.63
N GLY J 41 46.11 -5.37 2.75
CA GLY J 41 44.74 -5.85 2.60
C GLY J 41 43.76 -5.31 3.61
N GLN J 42 44.17 -4.41 4.48
CA GLN J 42 43.34 -3.85 5.54
C GLN J 42 43.26 -2.34 5.42
N PRO J 43 42.22 -1.73 5.99
CA PRO J 43 42.17 -0.26 6.05
C PRO J 43 43.20 0.29 7.01
N PRO J 44 43.57 1.56 6.88
CA PRO J 44 44.45 2.19 7.87
C PRO J 44 43.80 2.21 9.25
N LYS J 45 44.65 2.27 10.27
CA LYS J 45 44.20 2.42 11.64
C LYS J 45 44.91 3.60 12.28
N LEU J 46 44.15 4.46 12.95
CA LEU J 46 44.71 5.61 13.63
C LEU J 46 45.54 5.20 14.83
N LEU J 47 46.79 5.64 14.87
CA LEU J 47 47.69 5.39 16.00
C LEU J 47 47.78 6.57 16.94
N ILE J 48 48.08 7.76 16.42
CA ILE J 48 48.38 8.94 17.22
C ILE J 48 47.76 10.15 16.55
N TYR J 49 47.10 11.01 17.35
CA TYR J 49 46.63 12.29 16.88
C TYR J 49 47.26 13.40 17.71
N LEU J 50 47.31 14.60 17.11
CA LEU J 50 47.90 15.78 17.74
C LEU J 50 49.33 15.51 18.18
N VAL J 51 50.13 14.97 17.25
CA VAL J 51 51.57 14.79 17.38
C VAL J 51 51.91 13.63 18.30
N SER J 52 51.26 13.57 19.46
CA SER J 52 51.76 12.67 20.50
C SER J 52 50.68 12.01 21.35
N THR J 53 49.40 12.30 21.13
CA THR J 53 48.33 11.67 21.91
C THR J 53 47.97 10.33 21.28
N LEU J 54 48.10 9.26 22.07
CA LEU J 54 47.80 7.92 21.58
C LEU J 54 46.29 7.70 21.48
N ALA J 55 45.85 7.14 20.36
CA ALA J 55 44.46 6.70 20.25
C ALA J 55 44.19 5.57 21.25
N SER J 56 42.93 5.43 21.62
CA SER J 56 42.55 4.42 22.60
C SER J 56 42.90 3.02 22.12
N GLY J 57 43.47 2.22 23.02
CA GLY J 57 43.87 0.87 22.71
C GLY J 57 45.23 0.73 22.05
N VAL J 58 45.93 1.83 21.81
CA VAL J 58 47.25 1.78 21.19
C VAL J 58 48.31 1.67 22.29
N PRO J 59 49.21 0.69 22.21
CA PRO J 59 50.19 0.51 23.29
C PRO J 59 51.13 1.69 23.41
N SER J 60 51.65 1.89 24.63
CA SER J 60 52.49 3.04 24.94
C SER J 60 53.88 2.95 24.32
N ARG J 61 54.25 1.79 23.76
CA ARG J 61 55.54 1.67 23.07
C ARG J 61 55.53 2.39 21.73
N PHE J 62 54.38 2.88 21.28
CA PHE J 62 54.32 3.84 20.19
C PHE J 62 54.41 5.24 20.77
N LYS J 63 55.33 6.05 20.26
CA LYS J 63 55.54 7.40 20.78
C LYS J 63 55.71 8.37 19.62
N GLY J 64 54.86 9.39 19.59
CA GLY J 64 54.95 10.44 18.58
C GLY J 64 55.54 11.70 19.19
N SER J 65 56.36 12.39 18.39
CA SER J 65 56.98 13.63 18.84
C SER J 65 57.25 14.52 17.65
N GLY J 66 57.57 15.78 17.94
CA GLY J 66 58.01 16.76 16.98
C GLY J 66 57.22 18.04 17.10
N SER J 67 57.47 18.95 16.16
CA SER J 67 56.80 20.25 16.06
C SER J 67 57.36 20.97 14.84
N GLY J 68 56.60 21.95 14.36
CA GLY J 68 57.00 22.72 13.20
C GLY J 68 57.00 21.91 11.91
N THR J 69 58.19 21.62 11.39
CA THR J 69 58.34 20.93 10.11
C THR J 69 58.90 19.53 10.26
N GLN J 70 59.04 19.02 11.48
CA GLN J 70 59.75 17.77 11.73
C GLN J 70 59.01 16.98 12.79
N PHE J 71 58.62 15.75 12.45
CA PHE J 71 57.88 14.88 13.36
C PHE J 71 58.46 13.48 13.29
N THR J 72 58.33 12.74 14.39
CA THR J 72 58.92 11.42 14.51
C THR J 72 57.95 10.45 15.17
N LEU J 73 57.89 9.24 14.64
CA LEU J 73 57.22 8.11 15.27
C LEU J 73 58.26 7.09 15.72
N THR J 74 58.22 6.72 17.00
CA THR J 74 59.13 5.74 17.58
C THR J 74 58.34 4.54 18.07
N ILE J 75 58.70 3.36 17.57
CA ILE J 75 58.12 2.09 18.03
C ILE J 75 59.22 1.31 18.74
N SER J 76 59.05 1.09 20.04
CA SER J 76 59.99 0.32 20.84
C SER J 76 59.44 -1.07 21.10
N ASP J 77 60.36 -2.01 21.36
CA ASP J 77 60.02 -3.40 21.65
C ASP J 77 59.16 -3.98 20.53
N VAL J 78 59.71 -3.91 19.31
CA VAL J 78 58.96 -4.28 18.12
C VAL J 78 58.63 -5.77 18.14
N VAL J 79 57.38 -6.09 17.83
CA VAL J 79 56.93 -7.47 17.71
C VAL J 79 56.46 -7.70 16.27
N CYS J 80 56.27 -8.98 15.92
CA CYS J 80 55.82 -9.32 14.58
C CYS J 80 54.47 -8.67 14.26
N ASP J 81 53.65 -8.42 15.28
CA ASP J 81 52.35 -7.78 15.09
C ASP J 81 52.48 -6.34 14.58
N ASP J 82 53.67 -5.75 14.62
CA ASP J 82 53.89 -4.38 14.17
C ASP J 82 54.28 -4.29 12.71
N ALA J 83 54.45 -5.43 12.02
CA ALA J 83 54.70 -5.41 10.59
C ALA J 83 53.56 -4.73 9.84
N ALA J 84 53.86 -3.59 9.21
CA ALA J 84 52.86 -2.76 8.57
C ALA J 84 53.57 -1.62 7.87
N THR J 85 52.80 -0.82 7.14
CA THR J 85 53.27 0.45 6.59
C THR J 85 52.68 1.59 7.41
N TYR J 86 53.52 2.56 7.77
CA TYR J 86 53.13 3.64 8.65
C TYR J 86 53.14 4.97 7.90
N TYR J 87 52.13 5.80 8.15
CA TYR J 87 51.91 7.04 7.42
C TYR J 87 51.72 8.19 8.40
N CYS J 88 52.27 9.37 8.05
CA CYS J 88 51.93 10.62 8.72
C CYS J 88 51.06 11.47 7.83
N VAL J 89 50.14 12.23 8.45
CA VAL J 89 49.27 13.17 7.76
C VAL J 89 49.33 14.51 8.48
N GLY J 90 49.69 15.56 7.75
CA GLY J 90 49.81 16.90 8.30
C GLY J 90 48.73 17.82 7.70
N TYR J 91 48.16 18.66 8.55
CA TYR J 91 47.09 19.58 8.16
C TYR J 91 47.52 21.02 8.40
N LYS J 92 47.33 21.86 7.38
CA LYS J 92 47.54 23.30 7.50
C LYS J 92 46.24 24.09 7.54
N SER J 93 45.32 23.81 6.62
CA SER J 93 44.08 24.57 6.52
C SER J 93 43.05 23.73 5.77
N SER J 94 41.84 24.25 5.67
CA SER J 94 40.79 23.62 4.87
C SER J 94 40.72 24.24 3.47
N THR J 95 41.82 24.09 2.72
CA THR J 95 41.97 24.74 1.42
C THR J 95 42.66 23.78 0.46
N THR J 96 42.94 24.27 -0.75
CA THR J 96 43.65 23.49 -1.74
C THR J 96 45.05 23.11 -1.25
N ASP J 97 45.42 21.85 -1.46
CA ASP J 97 46.74 21.32 -1.08
C ASP J 97 47.04 21.55 0.39
N GLY J 98 46.01 21.63 1.23
CA GLY J 98 46.19 22.08 2.60
C GLY J 98 46.31 20.95 3.61
N LEU J 99 46.33 19.70 3.15
CA LEU J 99 46.85 18.60 3.95
C LEU J 99 47.65 17.70 3.03
N ALA J 100 48.52 16.88 3.63
CA ALA J 100 49.36 16.03 2.82
C ALA J 100 49.63 14.71 3.55
N PHE J 101 49.73 13.65 2.77
CA PHE J 101 50.11 12.33 3.26
C PHE J 101 51.59 12.10 3.02
N GLY J 102 52.26 11.52 4.01
CA GLY J 102 53.58 10.98 3.77
C GLY J 102 53.55 9.81 2.81
N GLY J 103 54.71 9.57 2.18
CA GLY J 103 54.81 8.45 1.25
C GLY J 103 54.81 7.09 1.90
N GLY J 104 54.81 7.02 3.22
CA GLY J 104 54.73 5.76 3.93
C GLY J 104 56.08 5.13 4.17
N THR J 105 56.17 4.39 5.28
CA THR J 105 57.38 3.64 5.64
C THR J 105 56.97 2.19 5.91
N GLU J 106 57.44 1.28 5.06
CA GLU J 106 57.16 -0.14 5.23
C GLU J 106 58.10 -0.74 6.28
N VAL J 107 57.54 -1.28 7.35
CA VAL J 107 58.31 -1.85 8.44
C VAL J 107 58.24 -3.37 8.35
N VAL J 108 59.36 -4.00 7.98
CA VAL J 108 59.50 -5.44 8.02
C VAL J 108 60.15 -5.83 9.34
N VAL J 109 59.50 -6.73 10.09
CA VAL J 109 60.02 -7.19 11.36
C VAL J 109 60.80 -8.47 11.12
N LYS J 110 62.07 -8.49 11.55
CA LYS J 110 62.96 -9.63 11.31
C LYS J 110 62.88 -10.59 12.48
N GLY J 111 62.22 -11.73 12.26
CA GLY J 111 62.22 -12.83 13.21
C GLY J 111 63.29 -13.86 12.88
N ASP J 112 63.15 -15.03 13.48
CA ASP J 112 64.05 -16.14 13.16
C ASP J 112 63.90 -16.55 11.71
N PRO J 113 65.00 -16.76 10.98
CA PRO J 113 64.90 -17.30 9.62
C PRO J 113 64.25 -18.68 9.61
N VAL J 114 63.37 -18.90 8.62
CA VAL J 114 62.72 -20.18 8.40
C VAL J 114 62.74 -20.48 6.90
N ALA J 115 63.18 -21.69 6.54
CA ALA J 115 63.17 -22.12 5.14
C ALA J 115 61.77 -22.53 4.71
N PRO J 116 61.39 -22.24 3.47
CA PRO J 116 60.04 -22.59 3.00
C PRO J 116 59.89 -24.07 2.69
N THR J 117 58.68 -24.56 2.92
CA THR J 117 58.23 -25.81 2.29
C THR J 117 57.54 -25.47 0.98
N VAL J 118 57.98 -26.10 -0.10
CA VAL J 118 57.64 -25.70 -1.46
C VAL J 118 56.80 -26.78 -2.12
N LEU J 119 55.70 -26.38 -2.75
CA LEU J 119 54.81 -27.27 -3.48
C LEU J 119 54.65 -26.78 -4.90
N ILE J 120 54.62 -27.71 -5.85
CA ILE J 120 54.40 -27.38 -7.26
C ILE J 120 53.17 -28.13 -7.76
N PHE J 121 52.35 -27.45 -8.55
CA PHE J 121 51.10 -28.01 -9.08
C PHE J 121 51.10 -27.95 -10.60
N PRO J 122 51.18 -29.07 -11.30
CA PRO J 122 51.07 -29.05 -12.76
C PRO J 122 49.68 -28.62 -13.20
N PRO J 123 49.53 -28.14 -14.43
CA PRO J 123 48.21 -27.67 -14.89
C PRO J 123 47.20 -28.81 -14.92
N ALA J 124 45.99 -28.53 -14.42
CA ALA J 124 44.87 -29.44 -14.55
C ALA J 124 44.70 -29.89 -16.01
N ALA J 125 44.14 -31.09 -16.18
CA ALA J 125 44.03 -31.67 -17.51
C ALA J 125 43.25 -30.78 -18.47
N ASP J 126 42.26 -30.05 -17.98
CA ASP J 126 41.40 -29.24 -18.83
C ASP J 126 41.96 -27.84 -19.06
N GLN J 127 43.17 -27.54 -18.58
CA GLN J 127 43.79 -26.26 -18.88
C GLN J 127 44.33 -26.23 -20.31
N VAL J 128 44.97 -27.33 -20.73
CA VAL J 128 45.74 -27.32 -21.97
C VAL J 128 44.84 -27.10 -23.17
N ALA J 129 43.60 -27.61 -23.13
CA ALA J 129 42.67 -27.41 -24.23
C ALA J 129 42.40 -25.93 -24.48
N THR J 130 42.51 -25.09 -23.45
CA THR J 130 42.28 -23.66 -23.62
C THR J 130 43.39 -22.97 -24.39
N GLY J 131 44.50 -23.67 -24.66
CA GLY J 131 45.62 -23.09 -25.37
C GLY J 131 46.64 -22.40 -24.49
N THR J 132 46.36 -22.25 -23.21
CA THR J 132 47.28 -21.66 -22.25
C THR J 132 47.28 -22.51 -20.98
N VAL J 133 48.46 -22.67 -20.38
CA VAL J 133 48.61 -23.42 -19.14
C VAL J 133 49.28 -22.53 -18.10
N THR J 134 48.83 -22.67 -16.85
CA THR J 134 49.41 -21.95 -15.71
C THR J 134 49.91 -22.96 -14.69
N ILE J 135 51.18 -22.86 -14.33
CA ILE J 135 51.79 -23.71 -13.31
C ILE J 135 51.89 -22.92 -12.02
N VAL J 136 51.48 -23.52 -10.91
CA VAL J 136 51.43 -22.87 -9.60
C VAL J 136 52.52 -23.46 -8.70
N CYS J 137 53.28 -22.59 -8.05
CA CYS J 137 54.29 -22.97 -7.07
C CYS J 137 54.04 -22.22 -5.77
N VAL J 138 53.92 -22.94 -4.66
CA VAL J 138 53.62 -22.35 -3.36
C VAL J 138 54.80 -22.55 -2.42
N ALA J 139 55.23 -21.46 -1.77
CA ALA J 139 56.25 -21.48 -0.72
C ALA J 139 55.61 -21.07 0.60
N ASN J 140 55.51 -22.00 1.54
CA ASN J 140 54.76 -21.79 2.78
C ASN J 140 55.68 -21.52 3.96
N LYS J 141 55.34 -20.49 4.75
CA LYS J 141 55.86 -20.25 6.10
C LYS J 141 57.39 -20.13 6.09
N TYR J 142 57.85 -19.00 5.56
CA TYR J 142 59.26 -18.73 5.39
C TYR J 142 59.59 -17.30 5.82
N PHE J 143 60.87 -17.08 6.12
CA PHE J 143 61.48 -15.77 6.35
C PHE J 143 62.99 -15.93 6.31
N PRO J 144 63.73 -15.01 5.66
CA PRO J 144 63.26 -13.77 5.02
C PRO J 144 62.75 -13.98 3.60
N ASP J 145 62.67 -12.88 2.84
CA ASP J 145 62.09 -12.92 1.51
C ASP J 145 62.82 -13.91 0.62
N VAL J 146 62.12 -14.37 -0.41
CA VAL J 146 62.67 -15.32 -1.36
C VAL J 146 62.58 -14.71 -2.75
N THR J 147 63.39 -15.26 -3.65
CA THR J 147 63.27 -14.99 -5.06
C THR J 147 62.92 -16.30 -5.75
N VAL J 148 62.02 -16.22 -6.72
CA VAL J 148 61.52 -17.41 -7.41
C VAL J 148 62.08 -17.40 -8.83
N THR J 149 62.57 -18.56 -9.26
CA THR J 149 63.05 -18.75 -10.62
C THR J 149 62.30 -19.91 -11.23
N TRP J 150 61.79 -19.71 -12.45
CA TRP J 150 61.13 -20.76 -13.19
C TRP J 150 62.07 -21.23 -14.28
N GLU J 151 62.19 -22.53 -14.44
CA GLU J 151 63.04 -23.10 -15.47
C GLU J 151 62.27 -24.15 -16.26
N VAL J 152 62.43 -24.11 -17.57
CA VAL J 152 61.85 -25.09 -18.47
C VAL J 152 63.00 -25.77 -19.19
N ASP J 153 63.19 -27.06 -18.92
CA ASP J 153 64.36 -27.80 -19.38
C ASP J 153 65.66 -27.05 -19.09
N GLY J 154 65.74 -26.48 -17.88
CA GLY J 154 66.91 -25.78 -17.44
C GLY J 154 66.99 -24.31 -17.84
N THR J 155 66.17 -23.87 -18.79
CA THR J 155 66.21 -22.50 -19.28
C THR J 155 65.36 -21.60 -18.38
N THR J 156 66.00 -20.56 -17.83
CA THR J 156 65.29 -19.60 -16.98
C THR J 156 64.25 -18.83 -17.79
N GLN J 157 63.04 -18.73 -17.23
CA GLN J 157 61.94 -18.03 -17.88
C GLN J 157 61.99 -16.54 -17.53
N THR J 158 61.70 -15.70 -18.52
CA THR J 158 61.78 -14.25 -18.36
C THR J 158 60.43 -13.55 -18.49
N THR J 159 59.37 -14.26 -18.83
CA THR J 159 58.07 -13.64 -19.00
C THR J 159 56.98 -14.62 -18.56
N GLY J 160 55.81 -14.06 -18.24
CA GLY J 160 54.68 -14.88 -17.84
C GLY J 160 54.64 -15.26 -16.38
N ILE J 161 55.33 -14.52 -15.51
CA ILE J 161 55.49 -14.90 -14.11
C ILE J 161 54.80 -13.85 -13.24
N GLU J 162 53.96 -14.31 -12.31
CA GLU J 162 53.31 -13.46 -11.32
C GLU J 162 53.47 -14.07 -9.93
N ASN J 163 53.74 -13.22 -8.95
CA ASN J 163 53.94 -13.63 -7.56
C ASN J 163 52.99 -12.90 -6.64
N SER J 164 52.53 -13.60 -5.60
CA SER J 164 51.61 -13.03 -4.62
C SER J 164 52.05 -13.51 -3.24
N LYS J 165 52.30 -12.55 -2.34
CA LYS J 165 52.85 -12.83 -1.03
C LYS J 165 51.87 -12.40 0.06
N THR J 166 51.63 -13.27 1.03
CA THR J 166 50.84 -12.91 2.19
C THR J 166 51.60 -11.92 3.06
N PRO J 167 50.90 -11.20 3.93
CA PRO J 167 51.59 -10.34 4.90
C PRO J 167 52.29 -11.17 5.98
N GLN J 168 53.22 -10.53 6.67
CA GLN J 168 53.95 -11.18 7.74
C GLN J 168 53.00 -11.71 8.81
N ASN J 169 53.19 -12.97 9.20
CA ASN J 169 52.41 -13.55 10.28
C ASN J 169 52.59 -12.74 11.55
N SER J 170 51.47 -12.40 12.20
CA SER J 170 51.52 -11.53 13.36
C SER J 170 52.15 -12.20 14.58
N ALA J 171 52.41 -13.50 14.53
CA ALA J 171 53.03 -14.22 15.63
C ALA J 171 54.50 -14.54 15.39
N ASP J 172 54.86 -15.02 14.19
CA ASP J 172 56.22 -15.49 13.93
C ASP J 172 56.88 -14.83 12.73
N CYS J 173 56.26 -13.81 12.14
CA CYS J 173 56.83 -12.93 11.11
C CYS J 173 56.95 -13.58 9.73
N THR J 174 56.51 -14.82 9.56
CA THR J 174 56.77 -15.54 8.32
C THR J 174 55.79 -15.15 7.21
N TYR J 175 56.23 -15.39 5.97
CA TYR J 175 55.45 -15.16 4.75
C TYR J 175 54.93 -16.47 4.17
N ASN J 176 53.91 -16.34 3.33
CA ASN J 176 53.55 -17.37 2.34
C ASN J 176 53.50 -16.72 0.96
N LEU J 177 53.96 -17.44 -0.06
CA LEU J 177 54.01 -16.92 -1.42
C LEU J 177 53.41 -17.90 -2.42
N SER J 178 52.72 -17.36 -3.41
CA SER J 178 52.21 -18.12 -4.55
C SER J 178 52.83 -17.57 -5.83
N SER J 179 53.45 -18.45 -6.62
CA SER J 179 54.07 -18.09 -7.89
C SER J 179 53.41 -18.85 -9.04
N THR J 180 53.11 -18.14 -10.12
CA THR J 180 52.49 -18.73 -11.30
C THR J 180 53.35 -18.49 -12.54
N LEU J 181 53.51 -19.54 -13.34
CA LEU J 181 54.13 -19.45 -14.66
C LEU J 181 53.08 -19.78 -15.72
N THR J 182 52.87 -18.84 -16.64
CA THR J 182 51.89 -18.99 -17.70
C THR J 182 52.58 -19.21 -19.04
N LEU J 183 52.23 -20.28 -19.73
CA LEU J 183 52.79 -20.62 -21.03
C LEU J 183 51.68 -20.96 -22.01
N THR J 184 52.01 -20.91 -23.30
CA THR J 184 51.11 -21.47 -24.30
C THR J 184 51.11 -23.00 -24.22
N SER J 185 49.98 -23.59 -24.61
CA SER J 185 49.91 -25.05 -24.71
C SER J 185 51.00 -25.61 -25.60
N THR J 186 51.42 -24.85 -26.61
CA THR J 186 52.46 -25.33 -27.53
C THR J 186 53.80 -25.41 -26.84
N GLN J 187 54.17 -24.34 -26.12
CA GLN J 187 55.39 -24.34 -25.32
C GLN J 187 55.38 -25.48 -24.30
N TYR J 188 54.26 -25.64 -23.60
CA TYR J 188 54.16 -26.68 -22.58
C TYR J 188 54.39 -28.07 -23.17
N ASN J 189 53.69 -28.40 -24.25
CA ASN J 189 53.79 -29.73 -24.85
C ASN J 189 55.13 -29.96 -25.54
N SER J 190 55.92 -28.92 -25.77
CA SER J 190 57.21 -29.06 -26.44
C SER J 190 58.36 -29.33 -25.48
N HIS J 191 58.13 -29.29 -24.18
CA HIS J 191 59.18 -29.44 -23.19
C HIS J 191 58.77 -30.43 -22.11
N LYS J 192 59.76 -30.88 -21.35
CA LYS J 192 59.59 -31.98 -20.42
C LYS J 192 59.68 -31.58 -18.95
N GLU J 193 60.74 -30.87 -18.54
CA GLU J 193 60.99 -30.60 -17.13
C GLU J 193 60.58 -29.17 -16.78
N TYR J 194 59.76 -29.04 -15.74
CA TYR J 194 59.29 -27.75 -15.25
C TYR J 194 59.68 -27.58 -13.80
N THR J 195 60.36 -26.48 -13.48
CA THR J 195 61.04 -26.31 -12.21
C THR J 195 60.74 -24.95 -11.61
N CYS J 196 60.37 -24.93 -10.33
CA CYS J 196 60.23 -23.71 -9.56
CA CYS J 196 60.25 -23.69 -9.57
C CYS J 196 61.28 -23.71 -8.45
N LYS J 197 62.19 -22.75 -8.48
CA LYS J 197 63.32 -22.68 -7.57
C LYS J 197 63.12 -21.50 -6.62
N VAL J 198 62.99 -21.80 -5.34
CA VAL J 198 62.76 -20.78 -4.31
C VAL J 198 64.10 -20.57 -3.61
N THR J 199 64.68 -19.38 -3.80
CA THR J 199 66.02 -19.08 -3.31
C THR J 199 65.92 -18.09 -2.16
N GLN J 200 66.66 -18.38 -1.08
CA GLN J 200 66.65 -17.58 0.14
C GLN J 200 68.11 -17.38 0.55
N GLY J 201 68.74 -16.36 -0.03
CA GLY J 201 70.16 -16.14 0.13
C GLY J 201 70.99 -17.24 -0.51
N THR J 202 71.62 -18.06 0.32
CA THR J 202 72.44 -19.17 -0.15
C THR J 202 71.69 -20.50 -0.10
N THR J 203 70.43 -20.48 0.33
CA THR J 203 69.60 -21.68 0.41
C THR J 203 68.60 -21.67 -0.73
N SER J 204 68.37 -22.84 -1.32
CA SER J 204 67.34 -23.01 -2.34
C SER J 204 66.53 -24.27 -2.05
N VAL J 205 65.22 -24.16 -2.24
CA VAL J 205 64.32 -25.31 -2.23
C VAL J 205 63.70 -25.40 -3.61
N VAL J 206 63.81 -26.57 -4.23
CA VAL J 206 63.47 -26.76 -5.65
C VAL J 206 62.43 -27.86 -5.77
N GLN J 207 61.32 -27.55 -6.44
CA GLN J 207 60.33 -28.55 -6.83
C GLN J 207 60.20 -28.58 -8.34
N SER J 208 60.19 -29.78 -8.90
CA SER J 208 60.09 -29.99 -10.33
C SER J 208 59.04 -31.05 -10.61
N PHE J 209 58.58 -31.06 -11.86
CA PHE J 209 57.84 -32.21 -12.36
C PHE J 209 58.19 -32.45 -13.82
N ASN J 210 57.94 -33.68 -14.25
CA ASN J 210 58.05 -34.06 -15.65
C ASN J 210 56.65 -34.13 -16.24
N ARG J 211 56.40 -33.34 -17.29
CA ARG J 211 55.09 -33.31 -17.92
C ARG J 211 54.59 -34.72 -18.22
N GLY J 212 55.48 -35.58 -18.74
CA GLY J 212 55.11 -36.95 -19.04
C GLY J 212 54.55 -37.72 -17.85
N ASP J 213 54.96 -37.35 -16.65
CA ASP J 213 54.63 -38.16 -15.47
C ASP J 213 53.38 -37.71 -14.75
N CYS J 214 52.74 -36.62 -15.18
CA CYS J 214 51.60 -36.08 -14.44
C CYS J 214 50.43 -35.79 -15.37
N GLN K 1 -48.94 -20.63 -16.12
CA GLN K 1 -49.20 -21.66 -15.12
C GLN K 1 -48.00 -22.13 -14.30
N SER K 2 -46.92 -22.52 -14.96
CA SER K 2 -45.82 -23.12 -14.24
C SER K 2 -44.48 -22.69 -14.82
N VAL K 3 -43.47 -22.63 -13.97
CA VAL K 3 -42.09 -22.42 -14.38
C VAL K 3 -41.29 -23.68 -14.04
N LYS K 4 -40.19 -23.86 -14.75
CA LYS K 4 -39.36 -25.06 -14.62
C LYS K 4 -37.91 -24.69 -14.88
N GLU K 5 -37.01 -25.23 -14.05
CA GLU K 5 -35.59 -25.10 -14.30
C GLU K 5 -35.10 -26.24 -15.19
N SER K 6 -34.13 -25.92 -16.03
CA SER K 6 -33.52 -26.92 -16.91
C SER K 6 -32.59 -27.83 -16.11
N GLU K 7 -31.94 -28.75 -16.82
CA GLU K 7 -31.17 -29.80 -16.17
C GLU K 7 -29.91 -29.24 -15.52
N GLY K 8 -29.62 -29.73 -14.31
CA GLY K 8 -28.38 -29.43 -13.64
C GLY K 8 -27.39 -30.57 -13.85
N GLY K 9 -26.97 -31.22 -12.76
CA GLY K 9 -26.15 -32.41 -12.85
C GLY K 9 -24.78 -32.23 -12.23
N LEU K 10 -23.82 -32.99 -12.75
CA LEU K 10 -22.49 -33.14 -12.16
C LEU K 10 -21.48 -32.27 -12.89
N PHE K 11 -20.68 -31.53 -12.12
CA PHE K 11 -19.71 -30.59 -12.66
C PHE K 11 -18.36 -30.74 -11.96
N LYS K 12 -17.29 -30.42 -12.71
CA LYS K 12 -15.96 -30.32 -12.12
C LYS K 12 -15.73 -28.91 -11.59
N PRO K 13 -14.84 -28.76 -10.62
CA PRO K 13 -14.38 -27.42 -10.25
C PRO K 13 -13.67 -26.80 -11.45
N THR K 14 -14.12 -25.59 -11.84
CA THR K 14 -13.67 -24.72 -12.93
C THR K 14 -14.68 -24.76 -14.07
N ASP K 15 -15.68 -25.63 -13.97
CA ASP K 15 -16.72 -25.69 -14.99
C ASP K 15 -17.63 -24.46 -14.93
N THR K 16 -18.47 -24.31 -15.95
CA THR K 16 -19.49 -23.27 -15.99
C THR K 16 -20.87 -23.91 -15.91
N LEU K 17 -21.70 -23.42 -15.00
CA LEU K 17 -23.09 -23.84 -14.87
C LEU K 17 -24.00 -22.93 -15.67
N THR K 18 -24.87 -23.55 -16.49
CA THR K 18 -25.85 -22.80 -17.26
C THR K 18 -27.23 -23.41 -17.02
N LEU K 19 -28.17 -22.58 -16.56
CA LEU K 19 -29.52 -23.01 -16.26
C LEU K 19 -30.52 -22.09 -16.93
N THR K 20 -31.63 -22.65 -17.39
CA THR K 20 -32.68 -21.89 -18.07
C THR K 20 -33.99 -22.05 -17.31
N CYS K 21 -34.69 -20.93 -17.08
CA CYS K 21 -36.02 -20.93 -16.49
C CYS K 21 -37.04 -20.79 -17.62
N THR K 22 -37.89 -21.81 -17.76
CA THR K 22 -38.89 -21.85 -18.81
C THR K 22 -40.29 -21.80 -18.22
N ALA K 23 -41.21 -21.16 -18.95
CA ALA K 23 -42.59 -21.02 -18.51
C ALA K 23 -43.52 -21.86 -19.37
N SER K 24 -44.62 -22.30 -18.76
CA SER K 24 -45.68 -23.02 -19.45
C SER K 24 -47.02 -22.52 -18.94
N GLY K 25 -47.84 -21.99 -19.84
CA GLY K 25 -49.16 -21.50 -19.51
C GLY K 25 -49.25 -20.02 -19.25
N PHE K 26 -48.12 -19.32 -19.19
CA PHE K 26 -48.09 -17.86 -19.13
C PHE K 26 -46.72 -17.40 -19.63
N SER K 27 -46.45 -16.10 -19.49
CA SER K 27 -45.24 -15.50 -20.04
C SER K 27 -44.27 -15.13 -18.94
N LEU K 28 -42.99 -15.14 -19.29
CA LEU K 28 -41.94 -14.57 -18.45
C LEU K 28 -41.59 -13.15 -18.85
N ASN K 29 -41.81 -12.79 -20.11
CA ASN K 29 -41.57 -11.44 -20.58
C ASN K 29 -42.45 -10.46 -19.83
N GLY K 30 -41.82 -9.43 -19.25
CA GLY K 30 -42.54 -8.42 -18.50
C GLY K 30 -42.78 -8.75 -17.05
N TYR K 31 -42.30 -9.90 -16.56
CA TYR K 31 -42.46 -10.30 -15.18
C TYR K 31 -41.09 -10.54 -14.56
N GLY K 32 -40.96 -10.16 -13.29
CA GLY K 32 -39.72 -10.41 -12.58
C GLY K 32 -39.44 -11.90 -12.44
N VAL K 33 -38.16 -12.27 -12.54
CA VAL K 33 -37.71 -13.64 -12.38
C VAL K 33 -36.49 -13.62 -11.46
N ILE K 34 -36.47 -14.52 -10.49
CA ILE K 34 -35.41 -14.56 -9.49
C ILE K 34 -34.75 -15.94 -9.51
N TRP K 35 -33.46 -15.96 -9.18
CA TRP K 35 -32.71 -17.20 -9.03
C TRP K 35 -32.24 -17.32 -7.58
N VAL K 36 -32.61 -18.42 -6.92
CA VAL K 36 -32.17 -18.69 -5.57
C VAL K 36 -31.71 -20.15 -5.51
N ARG K 37 -30.74 -20.41 -4.63
CA ARG K 37 -30.22 -21.75 -4.43
C ARG K 37 -30.27 -22.11 -2.96
N GLN K 38 -30.08 -23.40 -2.68
CA GLN K 38 -30.23 -23.91 -1.31
C GLN K 38 -29.25 -25.08 -1.14
N ALA K 39 -28.15 -24.83 -0.44
CA ALA K 39 -27.22 -25.90 -0.10
C ALA K 39 -27.90 -26.89 0.84
N PRO K 40 -27.44 -28.16 0.87
CA PRO K 40 -28.13 -29.17 1.69
C PRO K 40 -28.30 -28.76 3.14
N GLY K 41 -29.54 -28.76 3.61
CA GLY K 41 -29.85 -28.41 4.99
C GLY K 41 -29.53 -26.98 5.38
N LYS K 42 -29.60 -26.04 4.44
CA LYS K 42 -29.35 -24.64 4.73
C LYS K 42 -30.46 -23.78 4.15
N GLY K 43 -30.37 -22.48 4.41
CA GLY K 43 -31.40 -21.54 3.99
C GLY K 43 -31.30 -21.13 2.54
N LEU K 44 -32.38 -20.51 2.06
CA LEU K 44 -32.41 -19.95 0.71
C LEU K 44 -31.37 -18.85 0.56
N GLU K 45 -30.69 -18.85 -0.58
CA GLU K 45 -29.65 -17.87 -0.88
C GLU K 45 -29.92 -17.22 -2.23
N TRP K 46 -30.10 -15.90 -2.21
CA TRP K 46 -30.33 -15.14 -3.44
C TRP K 46 -29.11 -15.20 -4.35
N ILE K 47 -29.33 -15.48 -5.63
CA ILE K 47 -28.28 -15.46 -6.64
C ILE K 47 -28.36 -14.22 -7.51
N GLY K 48 -29.56 -13.81 -7.87
CA GLY K 48 -29.75 -12.63 -8.69
C GLY K 48 -31.15 -12.58 -9.22
N SER K 49 -31.52 -11.43 -9.77
CA SER K 49 -32.88 -11.17 -10.20
C SER K 49 -32.88 -10.55 -11.59
N ALA K 50 -33.88 -10.94 -12.39
CA ALA K 50 -34.14 -10.34 -13.70
C ALA K 50 -35.37 -9.45 -13.55
N GLY K 51 -35.15 -8.13 -13.53
CA GLY K 51 -36.25 -7.20 -13.34
C GLY K 51 -37.28 -7.29 -14.46
N ALA K 52 -38.52 -6.95 -14.11
CA ALA K 52 -39.61 -6.98 -15.08
C ALA K 52 -39.41 -5.96 -16.18
N TYR K 53 -38.60 -4.93 -15.95
CA TYR K 53 -38.39 -3.87 -16.94
C TYR K 53 -36.95 -3.80 -17.42
N GLY K 54 -36.21 -4.92 -17.33
CA GLY K 54 -34.95 -5.09 -18.02
C GLY K 54 -33.73 -5.11 -17.11
N ARG K 55 -33.85 -4.56 -15.90
CA ARG K 55 -32.70 -4.42 -15.02
C ARG K 55 -32.30 -5.76 -14.41
N ILE K 56 -30.99 -6.00 -14.34
CA ILE K 56 -30.43 -7.20 -13.73
C ILE K 56 -29.64 -6.77 -12.51
N TYR K 57 -29.95 -7.37 -11.36
CA TYR K 57 -29.24 -7.02 -10.13
C TYR K 57 -28.90 -8.28 -9.34
N TYR K 58 -27.78 -8.23 -8.65
CA TYR K 58 -27.18 -9.36 -7.97
C TYR K 58 -26.86 -8.99 -6.53
N PRO K 59 -26.65 -9.97 -5.66
CA PRO K 59 -25.86 -9.73 -4.45
C PRO K 59 -24.38 -9.59 -4.79
N ASN K 60 -23.64 -8.93 -3.90
CA ASN K 60 -22.26 -8.59 -4.20
C ASN K 60 -21.42 -9.83 -4.48
N TRP K 61 -21.60 -10.89 -3.69
CA TRP K 61 -20.80 -12.09 -3.88
C TRP K 61 -20.97 -12.68 -5.27
N ALA K 62 -22.15 -12.52 -5.88
CA ALA K 62 -22.45 -13.16 -7.15
C ALA K 62 -22.13 -12.30 -8.37
N ARG K 63 -21.90 -11.00 -8.18
CA ARG K 63 -21.79 -10.09 -9.31
C ARG K 63 -20.61 -10.43 -10.22
N SER K 64 -19.54 -11.00 -9.64
CA SER K 64 -18.36 -11.30 -10.44
C SER K 64 -18.50 -12.61 -11.21
N ARG K 65 -19.14 -13.61 -10.62
CA ARG K 65 -19.14 -14.95 -11.19
C ARG K 65 -20.50 -15.41 -11.72
N ALA K 66 -21.55 -14.64 -11.52
CA ALA K 66 -22.87 -14.97 -12.07
C ALA K 66 -23.32 -13.89 -13.04
N THR K 67 -23.93 -14.31 -14.15
CA THR K 67 -24.56 -13.40 -15.08
C THR K 67 -25.93 -13.96 -15.47
N ILE K 68 -26.94 -13.10 -15.44
CA ILE K 68 -28.33 -13.49 -15.68
C ILE K 68 -28.83 -12.75 -16.91
N THR K 69 -29.45 -13.48 -17.84
CA THR K 69 -29.82 -12.95 -19.14
C THR K 69 -31.24 -13.33 -19.48
N ARG K 70 -31.98 -12.37 -20.06
CA ARG K 70 -33.33 -12.60 -20.54
C ARG K 70 -33.35 -12.79 -22.04
N ASN K 71 -34.17 -13.74 -22.51
CA ASN K 71 -34.43 -13.96 -23.94
C ASN K 71 -35.92 -13.78 -24.18
N THR K 72 -36.31 -12.59 -24.62
CA THR K 72 -37.73 -12.31 -24.86
C THR K 72 -38.26 -13.02 -26.10
N ASN K 73 -37.37 -13.43 -27.02
CA ASN K 73 -37.81 -14.21 -28.18
C ASN K 73 -38.32 -15.58 -27.74
N LEU K 74 -37.58 -16.25 -26.86
CA LEU K 74 -37.91 -17.60 -26.43
C LEU K 74 -38.68 -17.63 -25.12
N ASN K 75 -38.91 -16.46 -24.50
CA ASN K 75 -39.71 -16.35 -23.27
C ASN K 75 -39.01 -17.08 -22.12
N THR K 76 -37.70 -16.88 -21.99
CA THR K 76 -36.90 -17.56 -20.98
C THR K 76 -36.04 -16.56 -20.23
N VAL K 77 -35.53 -17.01 -19.09
CA VAL K 77 -34.51 -16.29 -18.31
C VAL K 77 -33.46 -17.31 -17.91
N SER K 78 -32.18 -16.96 -18.09
CA SER K 78 -31.10 -17.90 -17.91
C SER K 78 -30.12 -17.43 -16.83
N LEU K 79 -29.39 -18.39 -16.27
CA LEU K 79 -28.38 -18.12 -15.25
C LEU K 79 -27.09 -18.82 -15.64
N LYS K 80 -25.99 -18.07 -15.63
CA LYS K 80 -24.66 -18.60 -15.92
C LYS K 80 -23.73 -18.30 -14.76
N MET K 81 -23.03 -19.32 -14.27
CA MET K 81 -22.09 -19.18 -13.16
C MET K 81 -20.77 -19.82 -13.53
N THR K 82 -19.68 -19.10 -13.33
CA THR K 82 -18.34 -19.55 -13.71
C THR K 82 -17.53 -19.90 -12.48
N SER K 83 -16.41 -20.58 -12.72
CA SER K 83 -15.45 -21.01 -11.69
C SER K 83 -16.18 -21.69 -10.52
N LEU K 84 -16.81 -22.81 -10.84
CA LEU K 84 -17.56 -23.58 -9.85
C LEU K 84 -16.65 -24.17 -8.78
N THR K 85 -17.18 -24.25 -7.56
CA THR K 85 -16.55 -24.96 -6.46
C THR K 85 -17.56 -25.91 -5.83
N ALA K 86 -17.05 -26.81 -4.99
CA ALA K 86 -17.93 -27.66 -4.19
C ALA K 86 -18.96 -26.86 -3.42
N ALA K 87 -18.65 -25.60 -3.08
CA ALA K 87 -19.59 -24.76 -2.35
C ALA K 87 -20.81 -24.39 -3.18
N ASP K 88 -20.76 -24.59 -4.49
CA ASP K 88 -21.91 -24.31 -5.35
C ASP K 88 -22.88 -25.48 -5.44
N THR K 89 -22.55 -26.61 -4.82
CA THR K 89 -23.49 -27.72 -4.74
C THR K 89 -24.74 -27.31 -3.97
N ALA K 90 -25.89 -27.40 -4.62
CA ALA K 90 -27.15 -26.93 -4.04
C ALA K 90 -28.29 -27.29 -4.97
N THR K 91 -29.51 -27.09 -4.47
CA THR K 91 -30.70 -27.07 -5.30
C THR K 91 -30.89 -25.65 -5.82
N TYR K 92 -31.13 -25.51 -7.12
CA TYR K 92 -31.29 -24.20 -7.74
C TYR K 92 -32.74 -24.00 -8.16
N PHE K 93 -33.30 -22.87 -7.76
CA PHE K 93 -34.70 -22.53 -8.03
C PHE K 93 -34.77 -21.29 -8.90
N CYS K 94 -35.78 -21.23 -9.76
CA CYS K 94 -36.21 -19.98 -10.38
C CYS K 94 -37.67 -19.76 -10.03
N ALA K 95 -38.08 -18.48 -10.01
CA ALA K 95 -39.44 -18.13 -9.63
C ALA K 95 -39.87 -16.90 -10.39
N ARG K 96 -41.19 -16.80 -10.61
CA ARG K 96 -41.80 -15.69 -11.33
C ARG K 96 -42.69 -14.88 -10.40
N ARG K 97 -42.67 -13.57 -10.57
CA ARG K 97 -43.47 -12.64 -9.78
C ARG K 97 -44.57 -12.02 -10.65
N THR K 98 -45.82 -12.30 -10.29
CA THR K 98 -46.96 -11.85 -11.09
C THR K 98 -47.06 -10.33 -11.12
N ASN K 99 -46.89 -9.67 -9.98
CA ASN K 99 -47.11 -8.23 -9.86
C ASN K 99 -45.82 -7.53 -9.50
N VAL K 100 -45.42 -6.55 -10.32
CA VAL K 100 -44.26 -5.73 -10.00
C VAL K 100 -44.51 -4.91 -8.75
N SER K 101 -45.77 -4.57 -8.47
CA SER K 101 -46.10 -3.72 -7.33
C SER K 101 -45.76 -4.39 -6.00
N THR K 102 -45.57 -5.70 -5.98
CA THR K 102 -45.19 -6.41 -4.76
C THR K 102 -43.68 -6.48 -4.56
N SER K 103 -42.90 -6.33 -5.63
CA SER K 103 -41.44 -6.37 -5.61
C SER K 103 -40.90 -7.77 -5.30
N VAL K 104 -41.39 -8.42 -4.24
CA VAL K 104 -40.87 -9.72 -3.86
C VAL K 104 -42.00 -10.71 -3.65
N GLY K 105 -43.17 -10.41 -4.20
CA GLY K 105 -44.28 -11.35 -4.15
C GLY K 105 -44.13 -12.45 -5.18
N PHE K 106 -43.08 -13.26 -5.03
CA PHE K 106 -42.75 -14.26 -6.04
C PHE K 106 -43.72 -15.43 -5.95
N ASP K 107 -44.43 -15.67 -7.06
CA ASP K 107 -45.70 -16.35 -7.12
C ASP K 107 -45.58 -17.81 -7.55
N SER K 108 -44.90 -18.06 -8.66
CA SER K 108 -44.79 -19.39 -9.24
C SER K 108 -43.35 -19.86 -9.15
N TRP K 109 -43.12 -20.94 -8.41
CA TRP K 109 -41.78 -21.48 -8.20
C TRP K 109 -41.64 -22.79 -8.97
N GLY K 110 -40.45 -23.01 -9.53
CA GLY K 110 -40.13 -24.27 -10.13
C GLY K 110 -39.82 -25.32 -9.08
N PRO K 111 -39.80 -26.58 -9.52
CA PRO K 111 -39.51 -27.68 -8.57
C PRO K 111 -38.08 -27.69 -8.08
N GLY K 112 -37.17 -27.00 -8.74
CA GLY K 112 -35.78 -26.99 -8.35
C GLY K 112 -34.96 -28.01 -9.11
N THR K 113 -33.71 -27.67 -9.41
CA THR K 113 -32.82 -28.57 -10.12
C THR K 113 -31.54 -28.76 -9.30
N LEU K 114 -31.05 -29.99 -9.28
CA LEU K 114 -29.95 -30.39 -8.41
C LEU K 114 -28.62 -30.27 -9.12
N VAL K 115 -27.67 -29.57 -8.50
CA VAL K 115 -26.34 -29.35 -9.05
C VAL K 115 -25.32 -29.86 -8.06
N THR K 116 -24.49 -30.81 -8.50
CA THR K 116 -23.38 -31.31 -7.70
C THR K 116 -22.07 -30.94 -8.36
N VAL K 117 -21.24 -30.19 -7.65
CA VAL K 117 -19.88 -29.88 -8.07
C VAL K 117 -18.98 -30.76 -7.24
N SER K 118 -18.32 -31.71 -7.88
CA SER K 118 -17.61 -32.76 -7.16
C SER K 118 -16.14 -32.42 -7.04
N SER K 119 -15.60 -32.63 -5.84
CA SER K 119 -14.19 -32.40 -5.57
C SER K 119 -13.31 -33.40 -6.31
N SER K 120 -13.68 -34.67 -6.30
CA SER K 120 -12.85 -35.68 -6.95
C SER K 120 -13.45 -36.13 -8.27
N SER K 121 -14.19 -37.24 -8.24
CA SER K 121 -14.74 -37.84 -9.46
C SER K 121 -15.71 -36.90 -10.17
N GLY K 122 -15.36 -36.52 -11.39
CA GLY K 122 -16.25 -35.73 -12.22
C GLY K 122 -17.14 -36.54 -13.15
N GLN K 123 -17.09 -37.90 -13.08
CA GLN K 123 -17.90 -38.76 -13.95
C GLN K 123 -19.10 -39.32 -13.20
N PRO K 124 -20.27 -39.32 -13.81
CA PRO K 124 -21.46 -39.89 -13.16
C PRO K 124 -21.34 -41.40 -12.92
N LYS K 125 -22.24 -41.90 -12.08
CA LYS K 125 -22.27 -43.29 -11.63
C LYS K 125 -23.70 -43.75 -11.54
N ALA K 126 -24.01 -44.88 -12.18
CA ALA K 126 -25.35 -45.46 -12.15
C ALA K 126 -25.62 -46.16 -10.83
N PRO K 127 -26.87 -46.13 -10.36
CA PRO K 127 -27.20 -46.77 -9.08
C PRO K 127 -27.29 -48.29 -9.18
N SER K 128 -26.91 -48.94 -8.09
CA SER K 128 -27.30 -50.32 -7.84
C SER K 128 -28.62 -50.34 -7.07
N VAL K 129 -29.51 -51.24 -7.46
CA VAL K 129 -30.84 -51.35 -6.85
C VAL K 129 -30.95 -52.72 -6.21
N PHE K 130 -31.25 -52.75 -4.91
CA PHE K 130 -31.36 -53.99 -4.17
C PHE K 130 -32.75 -54.10 -3.53
N PRO K 131 -33.42 -55.24 -3.63
CA PRO K 131 -34.74 -55.39 -3.01
C PRO K 131 -34.66 -55.40 -1.49
N LEU K 132 -35.69 -54.84 -0.86
CA LEU K 132 -35.83 -54.84 0.59
C LEU K 132 -37.02 -55.72 0.95
N ALA K 133 -36.76 -56.84 1.62
CA ALA K 133 -37.78 -57.79 2.04
C ALA K 133 -37.47 -58.28 3.44
N PRO K 134 -38.50 -58.59 4.23
CA PRO K 134 -38.25 -59.14 5.57
C PRO K 134 -37.50 -60.46 5.50
N CYS K 135 -36.68 -60.70 6.53
CA CYS K 135 -35.95 -61.95 6.69
C CYS K 135 -36.82 -63.17 6.39
N CYS K 136 -36.22 -64.13 5.68
CA CYS K 136 -36.94 -65.32 5.26
C CYS K 136 -37.50 -66.11 6.44
N GLY K 137 -36.87 -66.00 7.62
CA GLY K 137 -37.34 -66.71 8.81
C GLY K 137 -38.59 -66.15 9.48
N ASP K 138 -39.00 -64.93 9.14
CA ASP K 138 -40.11 -64.28 9.85
C ASP K 138 -41.45 -64.94 9.55
N THR K 139 -42.34 -64.90 10.56
CA THR K 139 -43.70 -65.41 10.41
C THR K 139 -44.52 -64.50 9.50
N PRO K 140 -45.21 -65.05 8.49
CA PRO K 140 -45.97 -64.21 7.56
C PRO K 140 -47.26 -63.65 8.15
N SER K 141 -47.69 -62.53 7.56
CA SER K 141 -48.98 -61.91 7.85
C SER K 141 -49.70 -61.64 6.53
N SER K 142 -50.90 -61.07 6.63
CA SER K 142 -51.66 -60.70 5.44
C SER K 142 -51.08 -59.46 4.76
N THR K 143 -50.37 -58.62 5.49
CA THR K 143 -49.77 -57.40 4.97
C THR K 143 -48.26 -57.46 5.11
N VAL K 144 -47.56 -56.82 4.18
CA VAL K 144 -46.10 -56.85 4.18
C VAL K 144 -45.58 -55.54 3.59
N THR K 145 -44.47 -55.07 4.14
CA THR K 145 -43.77 -53.88 3.65
C THR K 145 -42.52 -54.32 2.90
N LEU K 146 -42.46 -53.99 1.60
CA LEU K 146 -41.32 -54.27 0.75
C LEU K 146 -40.74 -52.97 0.24
N GLY K 147 -39.52 -53.03 -0.28
CA GLY K 147 -38.90 -51.84 -0.80
C GLY K 147 -37.70 -52.11 -1.67
N CYS K 148 -37.03 -51.03 -2.08
CA CYS K 148 -35.82 -51.08 -2.88
CA CYS K 148 -35.81 -51.12 -2.86
C CYS K 148 -34.81 -50.06 -2.38
N LEU K 149 -33.55 -50.48 -2.28
CA LEU K 149 -32.47 -49.59 -1.88
C LEU K 149 -31.72 -49.16 -3.15
N VAL K 150 -31.66 -47.86 -3.38
CA VAL K 150 -31.01 -47.28 -4.55
C VAL K 150 -29.66 -46.74 -4.09
N LYS K 151 -28.59 -47.48 -4.34
CA LYS K 151 -27.30 -47.25 -3.72
C LYS K 151 -26.25 -46.79 -4.73
N GLY K 152 -25.44 -45.81 -4.31
CA GLY K 152 -24.20 -45.50 -4.99
C GLY K 152 -24.32 -44.79 -6.33
N TYR K 153 -25.16 -43.78 -6.42
CA TYR K 153 -25.34 -43.06 -7.66
C TYR K 153 -24.83 -41.62 -7.54
N LEU K 154 -24.53 -41.03 -8.69
CA LEU K 154 -24.00 -39.68 -8.80
C LEU K 154 -24.21 -39.17 -10.22
N PRO K 155 -24.74 -37.96 -10.41
CA PRO K 155 -25.26 -37.09 -9.34
C PRO K 155 -26.73 -37.36 -9.06
N GLU K 156 -27.36 -36.47 -8.33
CA GLU K 156 -28.80 -36.51 -8.16
C GLU K 156 -29.48 -35.98 -9.41
N PRO K 157 -30.76 -36.31 -9.63
CA PRO K 157 -31.61 -37.19 -8.81
C PRO K 157 -31.81 -38.57 -9.39
N VAL K 158 -32.50 -39.42 -8.63
CA VAL K 158 -33.19 -40.59 -9.16
C VAL K 158 -34.67 -40.40 -8.89
N THR K 159 -35.50 -41.01 -9.72
CA THR K 159 -36.93 -41.10 -9.47
C THR K 159 -37.31 -42.55 -9.24
N VAL K 160 -38.23 -42.78 -8.31
CA VAL K 160 -38.69 -44.12 -7.99
C VAL K 160 -40.20 -44.15 -8.10
N THR K 161 -40.72 -45.08 -8.90
CA THR K 161 -42.14 -45.41 -8.91
C THR K 161 -42.29 -46.90 -8.59
N TRP K 162 -43.55 -47.32 -8.42
CA TRP K 162 -43.87 -48.70 -8.12
C TRP K 162 -44.92 -49.18 -9.12
N ASN K 163 -44.64 -50.31 -9.77
CA ASN K 163 -45.54 -50.90 -10.76
C ASN K 163 -45.89 -49.90 -11.86
N SER K 164 -44.86 -49.19 -12.35
CA SER K 164 -45.00 -48.21 -13.42
C SER K 164 -45.99 -47.10 -13.08
N GLY K 165 -46.04 -46.72 -11.80
CA GLY K 165 -46.88 -45.63 -11.37
C GLY K 165 -48.32 -46.00 -11.03
N THR K 166 -48.69 -47.27 -11.16
CA THR K 166 -50.03 -47.70 -10.79
C THR K 166 -50.16 -47.96 -9.29
N LEU K 167 -49.06 -48.11 -8.58
CA LEU K 167 -49.04 -48.34 -7.14
C LEU K 167 -48.52 -47.09 -6.46
N THR K 168 -49.41 -46.40 -5.74
CA THR K 168 -49.07 -45.10 -5.15
C THR K 168 -49.40 -45.07 -3.66
N ASN K 169 -50.42 -45.82 -3.24
CA ASN K 169 -50.86 -45.77 -1.86
C ASN K 169 -49.91 -46.56 -0.96
N GLY K 170 -49.64 -46.02 0.23
CA GLY K 170 -48.72 -46.66 1.15
C GLY K 170 -47.27 -46.61 0.73
N VAL K 171 -46.90 -45.68 -0.13
CA VAL K 171 -45.53 -45.56 -0.62
C VAL K 171 -44.80 -44.48 0.16
N ARG K 172 -43.63 -44.81 0.69
CA ARG K 172 -42.82 -43.87 1.47
CA ARG K 172 -42.82 -43.88 1.48
C ARG K 172 -41.41 -43.87 0.90
N THR K 173 -41.06 -42.80 0.20
CA THR K 173 -39.76 -42.63 -0.43
C THR K 173 -38.96 -41.60 0.37
N PHE K 174 -37.83 -42.03 0.92
CA PHE K 174 -37.05 -41.20 1.82
C PHE K 174 -36.10 -40.29 1.04
N PRO K 175 -35.80 -39.11 1.59
CA PRO K 175 -34.77 -38.26 0.98
C PRO K 175 -33.44 -38.97 0.91
N SER K 176 -32.64 -38.59 -0.09
CA SER K 176 -31.34 -39.20 -0.29
C SER K 176 -30.35 -38.78 0.80
N VAL K 177 -29.35 -39.63 1.00
CA VAL K 177 -28.20 -39.31 1.84
C VAL K 177 -26.95 -39.42 0.98
N ARG K 178 -25.93 -38.64 1.34
CA ARG K 178 -24.65 -38.68 0.65
C ARG K 178 -23.66 -39.46 1.50
N GLN K 179 -23.15 -40.56 0.96
CA GLN K 179 -22.18 -41.37 1.66
C GLN K 179 -20.87 -40.60 1.83
N SER K 180 -19.98 -41.16 2.65
CA SER K 180 -18.68 -40.55 2.85
C SER K 180 -17.88 -40.50 1.55
N SER K 181 -18.07 -41.50 0.68
CA SER K 181 -17.40 -41.50 -0.62
C SER K 181 -17.87 -40.36 -1.52
N GLY K 182 -19.04 -39.79 -1.20
CA GLY K 182 -19.60 -38.68 -1.98
C GLY K 182 -20.78 -39.13 -2.84
N LEU K 183 -21.03 -40.45 -2.89
CA LEU K 183 -22.15 -41.01 -3.68
C LEU K 183 -23.47 -40.79 -2.92
N TYR K 184 -24.59 -40.81 -3.65
CA TYR K 184 -25.93 -40.62 -3.03
C TYR K 184 -26.63 -41.97 -2.90
N SER K 185 -27.50 -42.10 -1.88
CA SER K 185 -28.24 -43.36 -1.64
C SER K 185 -29.71 -43.05 -1.30
N LEU K 186 -30.64 -43.76 -1.94
CA LEU K 186 -32.10 -43.56 -1.69
C LEU K 186 -32.76 -44.91 -1.45
N SER K 187 -33.83 -44.93 -0.65
CA SER K 187 -34.55 -46.20 -0.33
C SER K 187 -36.06 -45.94 -0.26
N SER K 188 -36.84 -46.65 -1.08
CA SER K 188 -38.31 -46.51 -1.11
C SER K 188 -38.97 -47.76 -0.51
N VAL K 189 -40.10 -47.58 0.20
CA VAL K 189 -40.82 -48.73 0.82
C VAL K 189 -42.32 -48.61 0.53
N VAL K 190 -43.01 -49.75 0.42
CA VAL K 190 -44.44 -49.76 0.14
C VAL K 190 -45.08 -50.90 0.94
N SER K 191 -46.27 -50.64 1.47
CA SER K 191 -47.02 -51.64 2.22
CA SER K 191 -47.02 -51.64 2.22
C SER K 191 -48.14 -52.18 1.34
N VAL K 192 -48.11 -53.50 1.11
CA VAL K 192 -49.11 -54.14 0.27
C VAL K 192 -49.67 -55.36 0.99
N THR K 193 -50.82 -55.84 0.49
CA THR K 193 -51.41 -57.09 0.95
C THR K 193 -50.67 -58.27 0.35
N SER K 194 -51.00 -58.59 -0.90
CA SER K 194 -50.48 -59.72 -1.65
C SER K 194 -51.09 -59.70 -3.04
N SER K 195 -52.17 -58.93 -3.20
CA SER K 195 -52.81 -58.75 -4.50
C SER K 195 -51.99 -57.83 -5.41
N SER K 196 -51.30 -56.85 -4.84
CA SER K 196 -50.41 -56.01 -5.62
C SER K 196 -49.18 -56.75 -6.11
N GLN K 197 -48.91 -57.94 -5.56
CA GLN K 197 -47.70 -58.68 -5.84
C GLN K 197 -47.77 -59.36 -7.22
N PRO K 198 -46.61 -59.60 -7.85
CA PRO K 198 -45.30 -59.10 -7.41
C PRO K 198 -45.16 -57.60 -7.64
N VAL K 199 -44.49 -56.90 -6.74
CA VAL K 199 -44.31 -55.46 -6.85
C VAL K 199 -42.95 -55.19 -7.50
N THR K 200 -42.91 -54.18 -8.35
CA THR K 200 -41.71 -53.81 -9.08
C THR K 200 -41.42 -52.32 -8.86
N CYS K 201 -40.21 -52.02 -8.41
CA CYS K 201 -39.77 -50.65 -8.20
CA CYS K 201 -39.78 -50.65 -8.20
C CYS K 201 -39.01 -50.17 -9.42
N ASN K 202 -39.40 -49.02 -9.96
CA ASN K 202 -38.84 -48.48 -11.19
C ASN K 202 -37.93 -47.31 -10.86
N VAL K 203 -36.63 -47.48 -11.10
CA VAL K 203 -35.62 -46.49 -10.76
C VAL K 203 -35.08 -45.89 -12.05
N ALA K 204 -35.12 -44.57 -12.16
CA ALA K 204 -34.57 -43.85 -13.30
C ALA K 204 -33.45 -42.95 -12.83
N HIS K 205 -32.29 -43.05 -13.48
CA HIS K 205 -31.16 -42.14 -13.25
C HIS K 205 -30.84 -41.45 -14.56
N PRO K 206 -31.46 -40.30 -14.84
CA PRO K 206 -31.26 -39.64 -16.15
C PRO K 206 -29.79 -39.34 -16.48
N ALA K 207 -28.97 -39.00 -15.48
CA ALA K 207 -27.59 -38.61 -15.75
C ALA K 207 -26.78 -39.72 -16.38
N THR K 208 -27.18 -40.98 -16.20
CA THR K 208 -26.52 -42.11 -16.84
C THR K 208 -27.42 -42.81 -17.84
N ASN K 209 -28.58 -42.21 -18.16
CA ASN K 209 -29.53 -42.79 -19.11
C ASN K 209 -29.94 -44.20 -18.69
N THR K 210 -30.14 -44.38 -17.39
CA THR K 210 -30.38 -45.69 -16.79
C THR K 210 -31.80 -45.78 -16.26
N LYS K 211 -32.46 -46.90 -16.54
CA LYS K 211 -33.73 -47.26 -15.91
C LYS K 211 -33.61 -48.69 -15.41
N VAL K 212 -33.86 -48.90 -14.12
CA VAL K 212 -33.75 -50.21 -13.50
C VAL K 212 -35.10 -50.61 -12.95
N ASP K 213 -35.57 -51.80 -13.31
CA ASP K 213 -36.73 -52.43 -12.71
C ASP K 213 -36.27 -53.56 -11.80
N LYS K 214 -36.76 -53.55 -10.57
CA LYS K 214 -36.46 -54.62 -9.60
C LYS K 214 -37.77 -55.15 -9.05
N THR K 215 -38.04 -56.43 -9.29
CA THR K 215 -39.23 -57.08 -8.77
C THR K 215 -38.90 -57.67 -7.40
N VAL K 216 -39.67 -57.29 -6.39
CA VAL K 216 -39.43 -57.69 -5.01
C VAL K 216 -40.45 -58.75 -4.63
N ALA K 217 -39.96 -59.89 -4.14
CA ALA K 217 -40.73 -60.98 -3.58
C ALA K 217 -40.49 -61.06 -2.08
N PRO K 218 -41.52 -61.34 -1.28
CA PRO K 218 -41.30 -61.53 0.15
C PRO K 218 -40.32 -62.68 0.38
N SER K 219 -39.22 -62.36 1.05
CA SER K 219 -38.19 -63.34 1.33
C SER K 219 -38.64 -64.32 2.40
N ASP L 1 -30.28 -6.42 4.73
CA ASP L 1 -29.69 -7.47 5.55
C ASP L 1 -30.77 -7.89 6.57
N MET L 2 -31.20 -9.14 6.48
CA MET L 2 -32.29 -9.68 7.29
C MET L 2 -31.80 -10.64 8.38
N THR L 3 -32.15 -10.34 9.62
CA THR L 3 -31.94 -11.25 10.75
C THR L 3 -33.29 -11.88 11.13
N GLN L 4 -33.33 -13.20 11.15
CA GLN L 4 -34.53 -13.96 11.51
C GLN L 4 -34.35 -14.65 12.84
N THR L 5 -35.32 -14.46 13.74
CA THR L 5 -35.31 -15.10 15.05
C THR L 5 -36.68 -15.70 15.35
N PRO L 6 -36.72 -16.87 16.00
CA PRO L 6 -35.57 -17.72 16.33
C PRO L 6 -35.18 -18.61 15.15
N SER L 7 -34.06 -19.32 15.26
CA SER L 7 -33.70 -20.27 14.21
C SER L 7 -34.68 -21.44 14.15
N SER L 8 -35.17 -21.88 15.31
CA SER L 8 -36.06 -23.04 15.38
C SER L 8 -36.95 -22.93 16.61
N LYS L 9 -38.18 -23.39 16.48
CA LYS L 9 -39.06 -23.44 17.64
C LYS L 9 -40.14 -24.51 17.43
N SER L 10 -40.38 -25.30 18.48
CA SER L 10 -41.46 -26.29 18.49
C SER L 10 -42.72 -25.71 19.11
N VAL L 11 -43.85 -25.99 18.48
CA VAL L 11 -45.14 -25.41 18.90
C VAL L 11 -46.23 -26.48 18.95
N PRO L 12 -46.94 -26.60 20.08
CA PRO L 12 -48.07 -27.55 20.15
C PRO L 12 -49.16 -27.24 19.13
N VAL L 13 -49.82 -28.30 18.68
CA VAL L 13 -51.00 -28.17 17.82
C VAL L 13 -52.03 -27.25 18.45
N GLY L 14 -52.60 -26.36 17.64
CA GLY L 14 -53.64 -25.45 18.07
C GLY L 14 -53.14 -24.12 18.61
N ASP L 15 -51.87 -24.05 19.01
CA ASP L 15 -51.30 -22.84 19.56
C ASP L 15 -51.03 -21.82 18.45
N THR L 16 -50.53 -20.66 18.86
CA THR L 16 -50.10 -19.60 17.96
C THR L 16 -48.59 -19.43 18.09
N VAL L 17 -47.92 -19.17 16.96
CA VAL L 17 -46.48 -18.97 16.95
C VAL L 17 -46.16 -17.69 16.19
N THR L 18 -45.08 -17.01 16.62
CA THR L 18 -44.68 -15.73 16.06
C THR L 18 -43.24 -15.79 15.58
N ILE L 19 -43.00 -15.37 14.35
CA ILE L 19 -41.66 -15.33 13.75
C ILE L 19 -41.27 -13.87 13.50
N ASN L 20 -40.06 -13.51 13.90
CA ASN L 20 -39.59 -12.13 13.79
C ASN L 20 -38.53 -11.97 12.69
N CYS L 21 -38.56 -10.82 12.01
CA CYS L 21 -37.63 -10.49 10.93
C CYS L 21 -37.16 -9.04 11.05
N GLN L 22 -35.87 -8.86 11.24
CA GLN L 22 -35.27 -7.54 11.44
C GLN L 22 -34.43 -7.15 10.23
N ALA L 23 -34.89 -6.13 9.51
CA ALA L 23 -34.16 -5.57 8.37
C ALA L 23 -33.21 -4.48 8.85
N SER L 24 -31.91 -4.66 8.55
CA SER L 24 -30.93 -3.62 8.90
C SER L 24 -31.28 -2.27 8.28
N GLU L 25 -31.96 -2.27 7.14
CA GLU L 25 -32.43 -1.05 6.50
C GLU L 25 -33.88 -1.22 6.10
N SER L 26 -34.67 -0.16 6.29
CA SER L 26 -36.08 -0.18 5.93
C SER L 26 -36.28 -0.56 4.47
N VAL L 27 -37.23 -1.48 4.23
CA VAL L 27 -37.57 -1.85 2.86
C VAL L 27 -38.23 -0.67 2.15
N TYR L 28 -38.21 -0.72 0.82
CA TYR L 28 -38.76 0.37 0.03
C TYR L 28 -40.24 0.57 0.34
N SER L 29 -40.63 1.83 0.52
CA SER L 29 -42.01 2.24 0.80
C SER L 29 -42.53 1.62 2.08
N ASN L 30 -41.66 1.03 2.90
CA ASN L 30 -41.97 0.40 4.17
C ASN L 30 -42.85 -0.84 4.02
N ASN L 31 -43.02 -1.37 2.80
CA ASN L 31 -43.96 -2.47 2.60
C ASN L 31 -43.49 -3.54 1.62
N ARG L 32 -42.27 -3.47 1.09
CA ARG L 32 -41.79 -4.48 0.15
C ARG L 32 -41.23 -5.66 0.95
N LEU L 33 -42.13 -6.50 1.44
CA LEU L 33 -41.78 -7.58 2.34
C LEU L 33 -42.72 -8.76 2.12
N SER L 34 -42.14 -9.93 1.85
CA SER L 34 -42.91 -11.14 1.59
C SER L 34 -42.51 -12.24 2.56
N TRP L 35 -43.46 -13.14 2.83
CA TRP L 35 -43.24 -14.32 3.68
C TRP L 35 -43.40 -15.59 2.86
N PHE L 36 -42.56 -16.59 3.13
CA PHE L 36 -42.57 -17.83 2.37
C PHE L 36 -42.57 -19.03 3.31
N GLN L 37 -43.24 -20.10 2.85
CA GLN L 37 -43.25 -21.40 3.51
C GLN L 37 -42.55 -22.42 2.64
N GLN L 38 -41.57 -23.14 3.21
CA GLN L 38 -40.88 -24.21 2.50
C GLN L 38 -40.86 -25.46 3.35
N LYS L 39 -41.41 -26.56 2.82
CA LYS L 39 -41.30 -27.89 3.41
C LYS L 39 -40.12 -28.63 2.77
N PRO L 40 -39.44 -29.47 3.55
CA PRO L 40 -38.24 -30.15 3.03
C PRO L 40 -38.52 -30.91 1.75
N GLY L 41 -37.64 -30.72 0.76
CA GLY L 41 -37.77 -31.35 -0.53
C GLY L 41 -38.72 -30.69 -1.50
N GLN L 42 -39.31 -29.56 -1.12
CA GLN L 42 -40.28 -28.84 -1.95
C GLN L 42 -39.80 -27.42 -2.21
N PRO L 43 -40.32 -26.78 -3.26
CA PRO L 43 -40.02 -25.36 -3.47
C PRO L 43 -40.70 -24.50 -2.42
N PRO L 44 -40.21 -23.28 -2.20
CA PRO L 44 -40.94 -22.34 -1.34
C PRO L 44 -42.31 -22.02 -1.91
N LYS L 45 -43.23 -21.63 -1.03
CA LYS L 45 -44.55 -21.19 -1.44
C LYS L 45 -44.83 -19.82 -0.84
N LEU L 46 -45.33 -18.91 -1.67
CA LEU L 46 -45.66 -17.57 -1.22
C LEU L 46 -46.85 -17.58 -0.27
N LEU L 47 -46.66 -17.01 0.93
CA LEU L 47 -47.71 -16.87 1.92
C LEU L 47 -48.32 -15.47 1.91
N ILE L 48 -47.48 -14.44 2.01
CA ILE L 48 -47.93 -13.07 2.20
C ILE L 48 -47.04 -12.15 1.38
N TYR L 49 -47.65 -11.20 0.68
CA TYR L 49 -46.91 -10.13 0.02
C TYR L 49 -47.37 -8.78 0.56
N LEU L 50 -46.49 -7.79 0.43
CA LEU L 50 -46.74 -6.43 0.91
C LEU L 50 -47.11 -6.42 2.39
N VAL L 51 -46.27 -7.10 3.19
CA VAL L 51 -46.31 -7.11 4.65
C VAL L 51 -47.47 -7.94 5.18
N SER L 52 -48.66 -7.76 4.61
CA SER L 52 -49.85 -8.28 5.27
C SER L 52 -50.93 -8.81 4.32
N THR L 53 -50.76 -8.72 3.01
CA THR L 53 -51.76 -9.23 2.08
C THR L 53 -51.52 -10.72 1.84
N LEU L 54 -52.53 -11.53 2.15
CA LEU L 54 -52.42 -12.97 1.98
C LEU L 54 -52.52 -13.34 0.50
N ALA L 55 -51.63 -14.23 0.06
CA ALA L 55 -51.78 -14.80 -1.27
C ALA L 55 -53.05 -15.63 -1.33
N SER L 56 -53.59 -15.78 -2.54
CA SER L 56 -54.84 -16.50 -2.71
C SER L 56 -54.71 -17.94 -2.25
N GLY L 57 -55.72 -18.42 -1.54
CA GLY L 57 -55.72 -19.78 -1.02
C GLY L 57 -54.99 -19.99 0.28
N VAL L 58 -54.40 -18.93 0.85
CA VAL L 58 -53.67 -19.04 2.12
C VAL L 58 -54.65 -18.77 3.25
N PRO L 59 -54.75 -19.66 4.25
CA PRO L 59 -55.74 -19.47 5.31
C PRO L 59 -55.48 -18.20 6.11
N SER L 60 -56.56 -17.65 6.67
CA SER L 60 -56.51 -16.37 7.38
C SER L 60 -55.81 -16.47 8.73
N ARG L 61 -55.53 -17.69 9.22
CA ARG L 61 -54.78 -17.83 10.46
C ARG L 61 -53.32 -17.49 10.28
N PHE L 62 -52.86 -17.26 9.06
CA PHE L 62 -51.57 -16.64 8.80
C PHE L 62 -51.76 -15.13 8.77
N LYS L 63 -50.97 -14.41 9.55
CA LYS L 63 -51.10 -12.95 9.64
C LYS L 63 -49.72 -12.33 9.61
N GLY L 64 -49.50 -11.46 8.62
CA GLY L 64 -48.25 -10.72 8.50
C GLY L 64 -48.42 -9.28 8.98
N SER L 65 -47.39 -8.76 9.64
CA SER L 65 -47.44 -7.40 10.15
C SER L 65 -46.03 -6.84 10.23
N GLY L 66 -45.96 -5.52 10.41
CA GLY L 66 -44.74 -4.79 10.66
C GLY L 66 -44.62 -3.59 9.75
N SER L 67 -43.46 -2.94 9.83
CA SER L 67 -43.11 -1.78 9.02
C SER L 67 -41.70 -1.34 9.40
N GLY L 68 -41.07 -0.60 8.49
CA GLY L 68 -39.72 -0.12 8.73
C GLY L 68 -38.69 -1.22 8.75
N THR L 69 -38.15 -1.51 9.94
CA THR L 69 -37.07 -2.48 10.09
C THR L 69 -37.50 -3.75 10.81
N GLN L 70 -38.79 -3.90 11.11
CA GLN L 70 -39.26 -4.97 11.99
C GLN L 70 -40.57 -5.51 11.46
N PHE L 71 -40.62 -6.82 11.21
CA PHE L 71 -41.80 -7.47 10.65
C PHE L 71 -42.07 -8.77 11.40
N THR L 72 -43.33 -9.18 11.41
CA THR L 72 -43.77 -10.35 12.17
C THR L 72 -44.69 -11.22 11.34
N LEU L 73 -44.49 -12.53 11.43
CA LEU L 73 -45.44 -13.52 10.93
C LEU L 73 -46.04 -14.27 12.10
N THR L 74 -47.37 -14.29 12.16
CA THR L 74 -48.10 -14.97 13.23
C THR L 74 -48.95 -16.08 12.61
N ILE L 75 -48.76 -17.31 13.10
CA ILE L 75 -49.59 -18.43 12.68
C ILE L 75 -50.45 -18.89 13.85
N VAL L 78 -52.36 -23.69 14.93
CA VAL L 78 -51.32 -24.44 14.23
C VAL L 78 -51.75 -25.88 14.04
N VAL L 79 -51.59 -26.39 12.82
CA VAL L 79 -51.85 -27.79 12.50
C VAL L 79 -50.55 -28.42 12.01
N CYS L 80 -50.56 -29.76 11.93
CA CYS L 80 -49.40 -30.50 11.46
C CYS L 80 -48.99 -30.07 10.05
N ASP L 81 -49.96 -29.62 9.25
CA ASP L 81 -49.67 -29.15 7.89
C ASP L 81 -48.79 -27.91 7.87
N ASP L 82 -48.59 -27.24 9.00
CA ASP L 82 -47.79 -26.04 9.07
C ASP L 82 -46.32 -26.30 9.40
N ALA L 83 -45.95 -27.56 9.65
CA ALA L 83 -44.55 -27.90 9.85
C ALA L 83 -43.75 -27.57 8.60
N ALA L 84 -42.83 -26.61 8.74
CA ALA L 84 -42.07 -26.09 7.61
C ALA L 84 -41.04 -25.10 8.13
N THR L 85 -40.20 -24.62 7.22
CA THR L 85 -39.31 -23.49 7.49
C THR L 85 -39.87 -22.26 6.80
N TYR L 86 -39.90 -21.14 7.53
CA TYR L 86 -40.51 -19.91 7.06
C TYR L 86 -39.47 -18.83 6.86
N TYR L 87 -39.60 -18.09 5.76
CA TYR L 87 -38.62 -17.09 5.32
C TYR L 87 -39.31 -15.77 5.04
N CYS L 88 -38.63 -14.68 5.40
CA CYS L 88 -38.99 -13.35 4.96
C CYS L 88 -37.99 -12.84 3.94
N VAL L 89 -38.48 -12.06 2.98
CA VAL L 89 -37.64 -11.45 1.94
C VAL L 89 -37.99 -9.96 1.86
N GLY L 90 -36.98 -9.11 2.02
CA GLY L 90 -37.15 -7.67 1.96
C GLY L 90 -36.48 -7.07 0.74
N TYR L 91 -37.13 -6.10 0.12
CA TYR L 91 -36.65 -5.44 -1.09
C TYR L 91 -36.44 -3.95 -0.79
N LYS L 92 -35.27 -3.43 -1.16
CA LYS L 92 -34.97 -2.01 -1.08
C LYS L 92 -34.96 -1.34 -2.44
N SER L 93 -34.27 -1.93 -3.42
CA SER L 93 -34.12 -1.37 -4.75
C SER L 93 -33.76 -2.53 -5.67
N SER L 94 -33.68 -2.24 -6.96
CA SER L 94 -33.21 -3.24 -7.93
C SER L 94 -31.72 -3.05 -8.24
N THR L 95 -30.88 -3.20 -7.22
CA THR L 95 -29.46 -2.90 -7.33
C THR L 95 -28.66 -3.97 -6.58
N THR L 96 -27.35 -3.77 -6.50
CA THR L 96 -26.49 -4.69 -5.77
C THR L 96 -26.90 -4.75 -4.30
N ASP L 97 -26.99 -5.97 -3.76
CA ASP L 97 -27.35 -6.21 -2.36
C ASP L 97 -28.67 -5.57 -1.98
N GLY L 98 -29.56 -5.40 -2.95
CA GLY L 98 -30.76 -4.60 -2.74
C GLY L 98 -31.99 -5.41 -2.37
N LEU L 99 -31.85 -6.72 -2.19
CA LEU L 99 -32.85 -7.50 -1.47
C LEU L 99 -32.12 -8.49 -0.59
N ALA L 100 -32.82 -9.01 0.41
CA ALA L 100 -32.19 -9.91 1.36
C ALA L 100 -33.17 -10.98 1.83
N PHE L 101 -32.65 -12.18 2.05
CA PHE L 101 -33.40 -13.28 2.63
C PHE L 101 -33.10 -13.40 4.11
N GLY L 102 -34.14 -13.65 4.90
CA GLY L 102 -33.93 -14.10 6.27
C GLY L 102 -33.30 -15.48 6.33
N GLY L 103 -32.65 -15.76 7.46
CA GLY L 103 -32.03 -17.06 7.65
C GLY L 103 -32.98 -18.21 7.84
N GLY L 104 -34.27 -17.93 7.96
CA GLY L 104 -35.29 -18.96 8.08
C GLY L 104 -35.55 -19.37 9.52
N THR L 105 -36.79 -19.78 9.77
CA THR L 105 -37.22 -20.28 11.08
C THR L 105 -37.90 -21.62 10.90
N GLU L 106 -37.30 -22.67 11.46
CA GLU L 106 -37.84 -24.02 11.39
C GLU L 106 -38.93 -24.20 12.44
N VAL L 107 -40.15 -24.54 12.00
CA VAL L 107 -41.28 -24.73 12.89
C VAL L 107 -41.57 -26.22 12.99
N VAL L 108 -41.32 -26.80 14.15
CA VAL L 108 -41.72 -28.17 14.45
C VAL L 108 -43.06 -28.14 15.19
N VAL L 109 -44.04 -28.86 14.66
CA VAL L 109 -45.37 -28.94 15.27
C VAL L 109 -45.44 -30.17 16.16
N LYS L 110 -45.80 -29.97 17.43
CA LYS L 110 -45.86 -31.05 18.41
C LYS L 110 -47.24 -31.67 18.43
N GLY L 111 -47.37 -32.87 17.87
CA GLY L 111 -48.59 -33.65 17.95
C GLY L 111 -48.55 -34.67 19.08
N ASP L 112 -49.46 -35.64 18.99
CA ASP L 112 -49.46 -36.74 19.94
C ASP L 112 -48.18 -37.57 19.81
N PRO L 113 -47.51 -37.90 20.90
CA PRO L 113 -46.38 -38.83 20.83
C PRO L 113 -46.82 -40.19 20.28
N VAL L 114 -46.01 -40.75 19.38
CA VAL L 114 -46.26 -42.07 18.82
C VAL L 114 -44.95 -42.85 18.80
N ALA L 115 -44.98 -44.10 19.28
CA ALA L 115 -43.82 -44.99 19.23
C ALA L 115 -43.67 -45.58 17.83
N PRO L 116 -42.43 -45.78 17.38
CA PRO L 116 -42.21 -46.30 16.02
C PRO L 116 -42.49 -47.78 15.90
N THR L 117 -42.98 -48.16 14.72
CA THR L 117 -42.92 -49.54 14.26
C THR L 117 -41.64 -49.72 13.44
N VAL L 118 -40.85 -50.73 13.79
CA VAL L 118 -39.48 -50.87 13.30
C VAL L 118 -39.39 -52.11 12.42
N LEU L 119 -38.78 -51.95 11.25
CA LEU L 119 -38.55 -53.04 10.30
C LEU L 119 -37.07 -53.11 9.97
N ILE L 120 -36.56 -54.32 9.86
CA ILE L 120 -35.17 -54.55 9.45
C ILE L 120 -35.17 -55.39 8.18
N PHE L 121 -34.30 -55.02 7.25
CA PHE L 121 -34.21 -55.70 5.96
C PHE L 121 -32.80 -56.23 5.77
N PRO L 122 -32.59 -57.55 5.81
CA PRO L 122 -31.26 -58.10 5.55
C PRO L 122 -30.84 -57.84 4.11
N PRO L 123 -29.55 -57.86 3.82
CA PRO L 123 -29.11 -57.57 2.44
C PRO L 123 -29.63 -58.59 1.45
N ALA L 124 -30.12 -58.10 0.32
CA ALA L 124 -30.50 -58.95 -0.79
C ALA L 124 -29.37 -59.92 -1.14
N ALA L 125 -29.75 -61.06 -1.70
CA ALA L 125 -28.79 -62.13 -1.97
C ALA L 125 -27.64 -61.66 -2.85
N ASP L 126 -27.89 -60.73 -3.77
CA ASP L 126 -26.87 -60.29 -4.72
C ASP L 126 -25.99 -59.16 -4.21
N GLN L 127 -26.15 -58.75 -2.95
CA GLN L 127 -25.29 -57.70 -2.41
C GLN L 127 -23.88 -58.18 -2.09
N VAL L 128 -23.75 -59.37 -1.50
CA VAL L 128 -22.48 -59.78 -0.90
C VAL L 128 -21.40 -59.96 -1.96
N ALA L 129 -21.77 -60.42 -3.15
CA ALA L 129 -20.79 -60.59 -4.21
C ALA L 129 -20.14 -59.27 -4.61
N THR L 130 -20.81 -58.15 -4.40
CA THR L 130 -20.24 -56.85 -4.74
C THR L 130 -19.11 -56.45 -3.79
N GLY L 131 -18.89 -57.20 -2.72
CA GLY L 131 -17.88 -56.88 -1.74
C GLY L 131 -18.33 -55.98 -0.62
N THR L 132 -19.54 -55.41 -0.72
CA THR L 132 -20.10 -54.57 0.32
C THR L 132 -21.56 -54.95 0.51
N VAL L 133 -22.02 -54.91 1.77
CA VAL L 133 -23.42 -55.18 2.10
C VAL L 133 -23.97 -53.98 2.87
N THR L 134 -25.24 -53.65 2.60
CA THR L 134 -25.96 -52.60 3.30
C THR L 134 -27.21 -53.17 3.94
N ILE L 135 -27.34 -52.99 5.25
CA ILE L 135 -28.52 -53.41 6.00
C ILE L 135 -29.39 -52.19 6.26
N VAL L 136 -30.69 -52.32 6.01
CA VAL L 136 -31.63 -51.20 6.14
C VAL L 136 -32.55 -51.44 7.33
N CYS L 137 -32.72 -50.41 8.16
CA CYS L 137 -33.65 -50.41 9.28
C CYS L 137 -34.57 -49.21 9.15
N VAL L 138 -35.88 -49.45 9.16
CA VAL L 138 -36.88 -48.41 8.97
C VAL L 138 -37.70 -48.26 10.24
N ALA L 139 -37.87 -47.01 10.70
CA ALA L 139 -38.74 -46.67 11.82
C ALA L 139 -39.88 -45.81 11.27
N ASN L 140 -41.09 -46.35 11.28
CA ASN L 140 -42.24 -45.73 10.64
C ASN L 140 -43.16 -45.05 11.65
N LYS L 141 -43.59 -43.83 11.32
CA LYS L 141 -44.71 -43.14 11.97
C LYS L 141 -44.49 -43.00 13.47
N TYR L 142 -43.56 -42.11 13.80
CA TYR L 142 -43.17 -41.88 15.19
C TYR L 142 -43.05 -40.38 15.46
N PHE L 143 -43.14 -40.05 16.75
CA PHE L 143 -42.86 -38.71 17.29
C PHE L 143 -42.74 -38.83 18.81
N PRO L 144 -41.73 -38.20 19.44
CA PRO L 144 -40.72 -37.33 18.84
C PRO L 144 -39.53 -38.08 18.25
N ASP L 145 -38.42 -37.37 18.06
CA ASP L 145 -37.25 -37.90 17.37
C ASP L 145 -36.70 -39.13 18.08
N VAL L 146 -35.98 -39.95 17.31
CA VAL L 146 -35.40 -41.20 17.80
C VAL L 146 -33.89 -41.18 17.57
N THR L 147 -33.20 -42.06 18.30
CA THR L 147 -31.80 -42.37 18.05
C THR L 147 -31.69 -43.84 17.69
N VAL L 148 -30.82 -44.16 16.74
CA VAL L 148 -30.65 -45.51 16.22
C VAL L 148 -29.31 -46.06 16.66
N THR L 149 -29.31 -47.31 17.11
CA THR L 149 -28.10 -48.02 17.47
C THR L 149 -28.03 -49.33 16.69
N TRP L 150 -26.88 -49.61 16.09
CA TRP L 150 -26.63 -50.85 15.37
C TRP L 150 -25.71 -51.74 16.19
N GLU L 151 -26.03 -53.03 16.25
CA GLU L 151 -25.20 -53.99 16.96
C GLU L 151 -24.93 -55.20 16.08
N VAL L 152 -23.68 -55.65 16.07
CA VAL L 152 -23.26 -56.86 15.37
C VAL L 152 -22.69 -57.81 16.41
N ASP L 153 -23.37 -58.93 16.61
CA ASP L 153 -23.04 -59.87 17.70
C ASP L 153 -22.89 -59.13 19.03
N GLY L 154 -23.80 -58.19 19.28
CA GLY L 154 -23.81 -57.44 20.52
C GLY L 154 -22.90 -56.23 20.54
N THR L 155 -21.98 -56.10 19.60
CA THR L 155 -21.03 -54.98 19.60
C THR L 155 -21.65 -53.77 18.90
N THR L 156 -21.75 -52.66 19.62
CA THR L 156 -22.29 -51.43 19.05
C THR L 156 -21.40 -50.92 17.91
N GLN L 157 -22.04 -50.58 16.79
CA GLN L 157 -21.33 -50.07 15.63
C GLN L 157 -21.17 -48.56 15.72
N THR L 158 -19.97 -48.08 15.36
CA THR L 158 -19.65 -46.67 15.45
C THR L 158 -19.36 -46.03 14.10
N THR L 159 -19.34 -46.81 13.02
CA THR L 159 -19.01 -46.28 11.70
C THR L 159 -19.83 -47.02 10.65
N GLY L 160 -20.00 -46.37 9.50
CA GLY L 160 -20.74 -46.96 8.40
C GLY L 160 -22.24 -46.78 8.47
N ILE L 161 -22.73 -45.79 9.21
CA ILE L 161 -24.15 -45.60 9.47
C ILE L 161 -24.61 -44.30 8.83
N GLU L 162 -25.71 -44.36 8.09
CA GLU L 162 -26.33 -43.18 7.49
C GLU L 162 -27.82 -43.18 7.80
N ASN L 163 -28.36 -42.01 8.12
CA ASN L 163 -29.76 -41.84 8.51
C ASN L 163 -30.45 -40.82 7.62
N SER L 164 -31.73 -41.07 7.32
CA SER L 164 -32.54 -40.18 6.49
C SER L 164 -33.95 -40.12 7.06
N LYS L 165 -34.42 -38.91 7.33
CA LYS L 165 -35.71 -38.70 7.98
C LYS L 165 -36.65 -37.93 7.06
N THR L 166 -37.88 -38.43 6.94
CA THR L 166 -38.93 -37.73 6.20
C THR L 166 -39.37 -36.48 6.95
N PRO L 167 -40.02 -35.54 6.26
CA PRO L 167 -40.63 -34.40 6.96
C PRO L 167 -41.86 -34.83 7.75
N GLN L 168 -42.26 -33.96 8.67
CA GLN L 168 -43.43 -34.23 9.49
C GLN L 168 -44.66 -34.49 8.64
N ASN L 169 -45.37 -35.56 8.95
CA ASN L 169 -46.61 -35.88 8.25
C ASN L 169 -47.62 -34.74 8.40
N SER L 170 -48.21 -34.33 7.28
CA SER L 170 -49.11 -33.18 7.28
C SER L 170 -50.42 -33.45 8.00
N ALA L 171 -50.70 -34.69 8.40
CA ALA L 171 -51.92 -35.02 9.12
C ALA L 171 -51.70 -35.28 10.60
N ASP L 172 -50.66 -36.02 10.96
CA ASP L 172 -50.47 -36.44 12.35
C ASP L 172 -49.09 -36.10 12.92
N CYS L 173 -48.28 -35.32 12.19
CA CYS L 173 -47.02 -34.73 12.66
C CYS L 173 -45.88 -35.73 12.77
N THR L 174 -46.09 -37.00 12.42
CA THR L 174 -45.09 -38.04 12.69
C THR L 174 -43.99 -38.05 11.62
N TYR L 175 -42.86 -38.62 12.00
CA TYR L 175 -41.70 -38.82 11.13
C TYR L 175 -41.62 -40.26 10.65
N ASN L 176 -40.89 -40.46 9.56
CA ASN L 176 -40.35 -41.76 9.18
C ASN L 176 -38.84 -41.63 8.99
N LEU L 177 -38.10 -42.66 9.40
CA LEU L 177 -36.65 -42.65 9.32
C LEU L 177 -36.14 -43.93 8.67
N SER L 178 -35.09 -43.78 7.85
CA SER L 178 -34.38 -44.91 7.27
C SER L 178 -32.93 -44.89 7.74
N SER L 179 -32.47 -45.99 8.30
CA SER L 179 -31.09 -46.14 8.75
C SER L 179 -30.42 -47.28 8.00
N THR L 180 -29.19 -47.03 7.53
CA THR L 180 -28.41 -48.02 6.80
C THR L 180 -27.09 -48.29 7.50
N LEU L 181 -26.74 -49.57 7.60
CA LEU L 181 -25.42 -50.00 8.08
C LEU L 181 -24.69 -50.66 6.92
N THR L 182 -23.52 -50.12 6.58
CA THR L 182 -22.72 -50.63 5.47
C THR L 182 -21.48 -51.33 6.01
N LEU L 183 -21.27 -52.58 5.58
CA LEU L 183 -20.12 -53.37 5.97
C LEU L 183 -19.49 -54.00 4.74
N THR L 184 -18.25 -54.45 4.90
CA THR L 184 -17.64 -55.30 3.89
C THR L 184 -18.27 -56.69 3.91
N SER L 185 -18.26 -57.34 2.74
CA SER L 185 -18.75 -58.71 2.65
C SER L 185 -18.06 -59.64 3.63
N THR L 186 -16.78 -59.39 3.92
CA THR L 186 -16.04 -60.24 4.83
C THR L 186 -16.52 -60.06 6.27
N GLN L 187 -16.68 -58.80 6.70
CA GLN L 187 -17.25 -58.51 8.00
C GLN L 187 -18.63 -59.16 8.16
N TYR L 188 -19.48 -59.02 7.14
CA TYR L 188 -20.83 -59.59 7.20
C TYR L 188 -20.78 -61.10 7.39
N ASN L 189 -19.98 -61.80 6.57
CA ASN L 189 -19.91 -63.25 6.64
C ASN L 189 -19.21 -63.75 7.90
N SER L 190 -18.52 -62.88 8.63
CA SER L 190 -17.80 -63.26 9.84
C SER L 190 -18.65 -63.20 11.09
N HIS L 191 -19.88 -62.69 11.00
CA HIS L 191 -20.73 -62.49 12.16
C HIS L 191 -22.12 -63.03 11.88
N LYS L 192 -22.90 -63.21 12.96
CA LYS L 192 -24.18 -63.91 12.89
C LYS L 192 -25.38 -63.01 13.13
N GLU L 193 -25.42 -62.28 14.25
CA GLU L 193 -26.62 -61.56 14.65
C GLU L 193 -26.48 -60.08 14.38
N TYR L 194 -27.46 -59.51 13.66
CA TYR L 194 -27.47 -58.11 13.28
C TYR L 194 -28.71 -57.43 13.84
N THR L 195 -28.51 -56.33 14.55
CA THR L 195 -29.55 -55.72 15.39
C THR L 195 -29.61 -54.22 15.15
N CYS L 196 -30.83 -53.69 15.00
CA CYS L 196 -31.07 -52.25 14.95
CA CYS L 196 -31.04 -52.25 14.98
C CYS L 196 -31.99 -51.88 16.11
N LYS L 197 -31.57 -50.92 16.93
CA LYS L 197 -32.28 -50.53 18.13
C LYS L 197 -32.70 -49.06 18.00
N VAL L 198 -34.01 -48.82 17.99
CA VAL L 198 -34.58 -47.49 17.85
C VAL L 198 -35.05 -47.04 19.23
N THR L 199 -34.42 -46.00 19.75
CA THR L 199 -34.66 -45.53 21.11
C THR L 199 -35.39 -44.19 21.07
N GLN L 200 -36.43 -44.08 21.90
CA GLN L 200 -37.27 -42.87 21.97
C GLN L 200 -37.44 -42.55 23.46
N GLY L 201 -36.48 -41.82 24.01
CA GLY L 201 -36.42 -41.58 25.44
C GLY L 201 -36.13 -42.83 26.23
N THR L 202 -37.13 -43.34 26.96
CA THR L 202 -36.98 -44.54 27.76
C THR L 202 -37.52 -45.78 27.05
N THR L 203 -38.06 -45.63 25.84
CA THR L 203 -38.62 -46.73 25.07
C THR L 203 -37.66 -47.11 23.95
N SER L 204 -37.51 -48.41 23.73
CA SER L 204 -36.71 -48.94 22.62
C SER L 204 -37.50 -50.01 21.89
N VAL L 205 -37.40 -49.99 20.57
CA VAL L 205 -37.92 -51.05 19.72
C VAL L 205 -36.74 -51.66 18.97
N VAL L 206 -36.62 -52.99 19.06
CA VAL L 206 -35.43 -53.69 18.58
C VAL L 206 -35.85 -54.75 17.57
N GLN L 207 -35.23 -54.71 16.39
CA GLN L 207 -35.39 -55.75 15.39
C GLN L 207 -34.04 -56.36 15.06
N SER L 208 -33.99 -57.69 15.00
CA SER L 208 -32.76 -58.41 14.72
C SER L 208 -33.00 -59.48 13.67
N PHE L 209 -31.91 -59.92 13.04
CA PHE L 209 -31.92 -61.15 12.27
C PHE L 209 -30.56 -61.83 12.43
N ASN L 210 -30.56 -63.15 12.22
CA ASN L 210 -29.34 -63.94 12.15
C ASN L 210 -29.06 -64.27 10.69
N ARG L 211 -27.86 -63.89 10.23
CA ARG L 211 -27.47 -64.06 8.82
C ARG L 211 -27.81 -65.43 8.28
N GLY L 212 -27.55 -66.49 9.06
CA GLY L 212 -27.84 -67.84 8.61
C GLY L 212 -29.29 -68.07 8.22
N ASP L 213 -30.21 -67.31 8.80
CA ASP L 213 -31.64 -67.57 8.67
C ASP L 213 -32.32 -66.80 7.56
N CYS L 214 -31.60 -65.95 6.83
CA CYS L 214 -32.26 -65.09 5.85
C CYS L 214 -31.58 -65.22 4.48
N ASN M 2 23.74 51.27 -14.99
CA ASN M 2 24.62 50.21 -14.49
C ASN M 2 23.98 48.84 -14.72
N ILE M 3 23.90 48.44 -15.99
CA ILE M 3 23.20 47.22 -16.37
C ILE M 3 24.15 46.07 -16.64
N ILE M 4 25.41 46.20 -16.25
CA ILE M 4 26.38 45.12 -16.43
C ILE M 4 26.77 44.55 -15.07
N GLY M 6 25.65 45.23 -12.13
CA GLY M 6 25.80 46.26 -11.11
C GLY M 6 26.91 47.28 -11.33
N SER M 7 27.63 47.17 -12.45
CA SER M 7 28.72 48.09 -12.74
C SER M 7 28.57 48.72 -14.11
N ASN N 2 -28.78 -20.42 -29.14
CA ASN N 2 -29.66 -19.32 -29.51
C ASN N 2 -28.94 -17.98 -29.39
N ILE N 3 -27.89 -17.82 -30.18
CA ILE N 3 -26.95 -16.71 -30.03
C ILE N 3 -27.10 -15.66 -31.12
N ILE N 4 -28.13 -15.77 -31.96
CA ILE N 4 -28.30 -14.80 -33.04
C ILE N 4 -29.52 -13.93 -32.76
N GLY N 6 -31.14 -14.01 -30.22
CA GLY N 6 -32.11 -14.85 -29.54
C GLY N 6 -32.76 -15.94 -30.37
N SER N 7 -32.35 -16.08 -31.63
CA SER N 7 -32.93 -17.09 -32.50
C SER N 7 -31.87 -18.05 -33.02
N ASN O 2 3.13 -57.94 12.33
CA ASN O 2 3.16 -57.43 13.69
C ASN O 2 2.71 -55.99 13.69
N ILE O 3 1.58 -55.75 14.35
CA ILE O 3 0.77 -54.56 14.10
C ILE O 3 1.16 -53.34 14.94
N ILE O 4 2.04 -53.48 15.92
CA ILE O 4 2.42 -52.35 16.76
C ILE O 4 3.83 -51.88 16.44
N GLY O 6 5.76 -52.52 14.03
CA GLY O 6 6.64 -53.60 13.65
C GLY O 6 6.79 -54.67 14.71
N SER O 7 6.34 -54.36 15.92
CA SER O 7 6.45 -55.28 17.05
C SER O 7 5.08 -55.90 17.32
N ASP O 8 5.05 -56.80 18.30
CA ASP O 8 3.77 -57.38 18.73
C ASP O 8 3.27 -56.69 19.99
N ILE P 3 -32.87 2.61 -8.16
CA ILE P 3 -34.22 2.96 -8.58
C ILE P 3 -35.14 1.74 -8.41
N ILE P 4 -36.45 1.91 -8.52
CA ILE P 4 -37.38 0.83 -8.24
C ILE P 4 -38.00 0.30 -9.53
N GLY P 6 -37.17 0.24 -12.42
CA GLY P 6 -37.16 1.22 -13.49
C GLY P 6 -38.25 2.27 -13.43
N SER P 7 -38.55 2.76 -12.23
CA SER P 7 -39.58 3.79 -12.08
C SER P 7 -39.02 5.08 -11.47
N ASN Q 2 4.54 61.83 53.63
CA ASN Q 2 5.27 60.91 52.75
C ASN Q 2 4.32 59.94 52.05
N ILE Q 3 4.25 60.04 50.73
CA ILE Q 3 3.22 59.33 49.98
C ILE Q 3 3.64 57.92 49.64
N ILE Q 4 4.90 57.56 49.88
CA ILE Q 4 5.42 56.23 49.58
C ILE Q 4 5.61 55.49 50.89
N GLY Q 6 4.26 56.09 53.80
CA GLY Q 6 4.50 57.07 54.85
C GLY Q 6 3.75 56.79 56.15
N SER Q 7 3.63 57.82 56.97
CA SER Q 7 3.06 57.72 58.31
C SER Q 7 1.63 58.23 58.33
N ASP Q 8 1.04 58.27 59.52
CA ASP Q 8 -0.31 58.78 59.72
C ASP Q 8 -0.28 60.24 60.11
N ILE R 3 40.35 29.21 6.03
CA ILE R 3 40.00 29.11 7.44
C ILE R 3 40.42 27.75 8.02
N ILE R 4 40.15 27.55 9.30
CA ILE R 4 40.47 26.30 9.98
C ILE R 4 39.17 25.56 10.29
N GLY R 6 36.42 26.18 8.74
CA GLY R 6 35.55 27.33 8.86
C GLY R 6 34.08 27.13 8.52
N SER R 7 33.66 27.64 7.36
CA SER R 7 32.26 27.56 6.96
C SER R 7 32.17 27.58 5.44
N ASP R 8 30.98 27.20 4.95
CA ASP R 8 30.68 27.17 3.53
C ASP R 8 31.05 28.47 2.83
#